data_6QZO
#
_entry.id   6QZO
#
_cell.length_a   173.989
_cell.length_b   173.989
_cell.length_c   283.003
_cell.angle_alpha   90.00
_cell.angle_beta   90.00
_cell.angle_gamma   120.00
#
_symmetry.space_group_name_H-M   'P 62'
#
loop_
_entity.id
_entity.type
_entity.pdbx_description
1 polymer Peroxidase
2 non-polymer 'PROTOPORPHYRIN IX CONTAINING FE'
3 non-polymer 'TRIETHYLENE GLYCOL'
4 water water
#
_entity_poly.entity_id   1
_entity_poly.type   'polypeptide(L)'
_entity_poly.pdbx_seq_one_letter_code
;MGAGAGARWGSRAPEAPQPARAAGPGDVVVPCHGEHQAGIVTPPPSFIALVALDLASTSDRASVERLLRVWTVDIERLTT
GRPGLADSEPELALVPAALTVTVGFGPGLLTAAGLRHRAPAWLHPLPPFGIDRLDPAWCDGDVVLQVCADDRTTLAHAVR
VLTKEAQGLASVRWVQRGFRRSPGISEPDGTSMRNLMGQVEGTANLDPRTDPDLLWHRDGEPGWLTGGTSMVVRRIAMNL
DTWDELSRGAREATIGRTLRTGAPLTGRAEHDEPDLEALDDHGRPVIDLEAHIRRARPTQREETFLRRAYNYDEAPPPGR
ASDSGLLFVTYQRDVDAQFTPVQRRLDAADLLNEWTFPVGSAVFAVPGGWSAGEYVGQRLLEG
;
_entity_poly.pdbx_strand_id   A,B,C,D,E,F,G,H
#
loop_
_chem_comp.id
_chem_comp.type
_chem_comp.name
_chem_comp.formula
HEM non-polymer 'PROTOPORPHYRIN IX CONTAINING FE' 'C34 H32 Fe N4 O4'
PGE non-polymer 'TRIETHYLENE GLYCOL' 'C6 H14 O4'
#
# COMPACT_ATOMS: atom_id res chain seq x y z
N ALA A 23 -19.87 19.15 -22.97
CA ALA A 23 -18.90 20.07 -23.62
C ALA A 23 -18.66 21.29 -22.71
N GLY A 24 -17.39 21.66 -22.50
CA GLY A 24 -16.98 22.77 -21.64
C GLY A 24 -16.02 23.72 -22.35
N PRO A 25 -15.70 24.88 -21.74
CA PRO A 25 -14.88 25.90 -22.41
C PRO A 25 -13.47 25.41 -22.75
N GLY A 26 -13.03 24.31 -22.13
CA GLY A 26 -11.72 23.68 -22.42
C GLY A 26 -11.67 23.02 -23.79
N ASP A 27 -12.82 22.56 -24.30
CA ASP A 27 -12.93 21.76 -25.55
C ASP A 27 -12.99 22.66 -26.78
N VAL A 28 -13.17 23.97 -26.60
CA VAL A 28 -13.43 24.90 -27.74
C VAL A 28 -12.15 25.00 -28.58
N VAL A 29 -12.27 24.69 -29.88
CA VAL A 29 -11.25 24.91 -30.94
C VAL A 29 -11.67 26.11 -31.79
N VAL A 30 -10.84 27.15 -31.84
CA VAL A 30 -11.01 28.29 -32.79
C VAL A 30 -10.14 28.00 -34.01
N PRO A 31 -10.71 27.90 -35.24
CA PRO A 31 -9.94 27.56 -36.41
C PRO A 31 -8.84 28.61 -36.62
N CYS A 32 -7.61 28.16 -36.89
CA CYS A 32 -6.44 29.02 -37.13
C CYS A 32 -6.33 29.37 -38.63
N HIS A 33 -7.07 28.66 -39.49
CA HIS A 33 -7.13 28.87 -40.96
C HIS A 33 -8.31 29.76 -41.35
N GLY A 34 -8.08 30.68 -42.28
CA GLY A 34 -9.14 31.48 -42.92
C GLY A 34 -8.53 32.60 -43.76
N GLU A 35 -9.38 33.42 -44.37
CA GLU A 35 -9.03 34.71 -45.04
C GLU A 35 -8.13 35.52 -44.10
N HIS A 36 -8.42 35.53 -42.79
CA HIS A 36 -7.66 36.33 -41.79
C HIS A 36 -7.06 35.42 -40.71
N GLN A 37 -6.05 35.90 -40.00
CA GLN A 37 -5.53 35.25 -38.77
C GLN A 37 -6.64 35.31 -37.71
N ALA A 38 -6.77 34.29 -36.87
CA ALA A 38 -7.69 34.29 -35.71
C ALA A 38 -7.06 35.17 -34.64
N GLY A 39 -7.82 35.56 -33.62
CA GLY A 39 -7.32 36.30 -32.45
C GLY A 39 -7.46 37.79 -32.63
N ILE A 40 -8.21 38.21 -33.66
CA ILE A 40 -8.46 39.64 -34.00
C ILE A 40 -9.95 39.91 -33.87
N VAL A 41 -10.78 39.29 -34.71
CA VAL A 41 -12.27 39.42 -34.62
C VAL A 41 -12.84 38.28 -33.78
N THR A 42 -12.03 37.25 -33.51
CA THR A 42 -12.37 36.18 -32.54
C THR A 42 -12.82 36.85 -31.24
N PRO A 43 -14.00 36.50 -30.68
CA PRO A 43 -14.44 37.05 -29.41
C PRO A 43 -13.31 36.90 -28.39
N PRO A 44 -12.90 37.97 -27.68
CA PRO A 44 -11.75 37.88 -26.78
C PRO A 44 -11.96 36.90 -25.64
N PRO A 45 -11.06 35.91 -25.47
CA PRO A 45 -11.13 34.99 -24.33
C PRO A 45 -10.45 35.61 -23.10
N SER A 46 -10.39 34.85 -22.00
CA SER A 46 -10.05 35.37 -20.65
C SER A 46 -8.61 35.89 -20.57
N PHE A 47 -7.64 35.25 -21.24
CA PHE A 47 -6.21 35.55 -21.01
C PHE A 47 -5.45 35.86 -22.31
N ILE A 48 -4.38 36.64 -22.16
CA ILE A 48 -3.46 37.09 -23.23
C ILE A 48 -2.02 37.11 -22.72
N ALA A 49 -1.09 36.68 -23.59
CA ALA A 49 0.35 36.96 -23.45
C ALA A 49 0.82 37.49 -24.80
N LEU A 50 1.25 38.74 -24.86
CA LEU A 50 1.96 39.26 -26.04
C LEU A 50 3.45 39.00 -25.83
N VAL A 51 4.04 38.14 -26.66
CA VAL A 51 5.48 37.82 -26.64
C VAL A 51 6.17 38.50 -27.83
N ALA A 52 6.90 39.58 -27.56
CA ALA A 52 7.79 40.25 -28.51
C ALA A 52 9.13 39.52 -28.52
N LEU A 53 9.62 39.21 -29.72
CA LEU A 53 10.95 38.58 -29.89
C LEU A 53 11.79 39.47 -30.80
N ASP A 54 13.10 39.43 -30.61
CA ASP A 54 14.09 40.11 -31.48
C ASP A 54 14.88 39.04 -32.26
N LEU A 55 15.01 39.21 -33.56
CA LEU A 55 15.81 38.31 -34.42
C LEU A 55 17.29 38.43 -34.02
N ALA A 56 18.06 37.36 -34.14
CA ALA A 56 19.54 37.40 -34.01
C ALA A 56 20.12 38.31 -35.10
N SER A 57 21.25 38.95 -34.86
CA SER A 57 22.00 39.81 -35.82
C SER A 57 22.35 39.00 -37.09
N THR A 58 22.53 37.69 -36.94
CA THR A 58 22.95 36.75 -38.02
C THR A 58 21.76 36.30 -38.85
N SER A 59 20.54 36.63 -38.47
CA SER A 59 19.28 36.27 -39.18
C SER A 59 19.31 36.78 -40.63
N ASP A 60 18.72 36.02 -41.55
CA ASP A 60 18.51 36.39 -42.98
C ASP A 60 17.12 35.92 -43.39
N ARG A 61 16.76 36.06 -44.66
CA ARG A 61 15.43 35.66 -45.21
C ARG A 61 15.16 34.19 -44.83
N ALA A 62 16.17 33.32 -44.90
CA ALA A 62 15.99 31.87 -44.71
C ALA A 62 15.62 31.57 -43.25
N SER A 63 16.31 32.24 -42.30
CA SER A 63 16.05 32.20 -40.84
C SER A 63 14.59 32.56 -40.58
N VAL A 64 14.17 33.71 -41.08
CA VAL A 64 12.81 34.26 -40.81
C VAL A 64 11.80 33.26 -41.35
N GLU A 65 12.03 32.77 -42.57
CA GLU A 65 11.11 31.80 -43.22
C GLU A 65 10.96 30.54 -42.36
N ARG A 66 12.10 29.93 -42.01
CA ARG A 66 12.12 28.71 -41.14
C ARG A 66 11.31 28.98 -39.86
N LEU A 67 11.57 30.09 -39.19
CA LEU A 67 10.90 30.47 -37.92
C LEU A 67 9.37 30.47 -38.12
N LEU A 68 8.89 31.18 -39.14
CA LEU A 68 7.43 31.28 -39.46
C LEU A 68 6.86 29.90 -39.79
N ARG A 69 7.66 29.04 -40.42
CA ARG A 69 7.20 27.70 -40.84
C ARG A 69 7.08 26.78 -39.62
N VAL A 70 8.07 26.76 -38.73
CA VAL A 70 8.01 25.92 -37.50
C VAL A 70 6.85 26.43 -36.62
N TRP A 71 6.65 27.75 -36.54
CA TRP A 71 5.56 28.36 -35.74
C TRP A 71 4.20 27.96 -36.34
N THR A 72 4.09 27.94 -37.66
CA THR A 72 2.82 27.55 -38.35
C THR A 72 2.43 26.14 -37.90
N VAL A 73 3.38 25.21 -37.90
CA VAL A 73 3.14 23.81 -37.43
C VAL A 73 2.60 23.87 -35.99
N ASP A 74 3.30 24.59 -35.10
CA ASP A 74 2.97 24.65 -33.64
C ASP A 74 1.60 25.30 -33.45
N ILE A 75 1.30 26.36 -34.20
CA ILE A 75 -0.03 27.04 -34.11
C ILE A 75 -1.11 26.05 -34.55
N GLU A 76 -0.91 25.35 -35.67
CA GLU A 76 -1.95 24.44 -36.23
C GLU A 76 -2.21 23.30 -35.23
N ARG A 77 -1.17 22.85 -34.54
CA ARG A 77 -1.25 21.74 -33.54
C ARG A 77 -1.85 22.24 -32.22
N LEU A 78 -1.22 23.22 -31.58
CA LEU A 78 -1.61 23.66 -30.21
C LEU A 78 -3.09 24.11 -30.22
N THR A 79 -3.52 24.83 -31.24
CA THR A 79 -4.91 25.40 -31.34
C THR A 79 -5.95 24.29 -31.53
N THR A 80 -5.54 23.08 -31.91
CA THR A 80 -6.44 21.90 -32.09
C THR A 80 -6.21 20.91 -30.95
N GLY A 81 -5.46 21.30 -29.93
CA GLY A 81 -5.22 20.48 -28.72
C GLY A 81 -4.30 19.31 -29.01
N ARG A 82 -3.39 19.47 -29.98
CA ARG A 82 -2.31 18.49 -30.26
C ARG A 82 -1.00 19.12 -29.80
N PRO A 83 -0.07 18.30 -29.26
CA PRO A 83 1.26 18.79 -28.91
C PRO A 83 1.97 19.45 -30.10
N GLY A 84 2.83 20.42 -29.84
CA GLY A 84 3.68 21.09 -30.82
C GLY A 84 4.82 20.20 -31.28
N LEU A 85 5.69 20.76 -32.13
CA LEU A 85 6.85 20.05 -32.73
C LEU A 85 7.93 19.94 -31.65
N ALA A 86 8.33 21.07 -31.04
CA ALA A 86 9.31 21.08 -29.92
C ALA A 86 8.55 21.01 -28.59
N ASP A 87 7.78 19.93 -28.35
CA ASP A 87 6.80 19.85 -27.23
C ASP A 87 7.04 18.55 -26.45
N SER A 88 7.73 18.69 -25.32
CA SER A 88 8.12 17.63 -24.37
C SER A 88 7.07 17.49 -23.25
N GLU A 89 6.02 18.33 -23.22
CA GLU A 89 4.93 18.27 -22.21
C GLU A 89 3.57 18.16 -22.93
N PRO A 90 3.35 17.08 -23.71
CA PRO A 90 2.16 16.97 -24.54
C PRO A 90 0.82 17.08 -23.78
N GLU A 91 0.76 16.56 -22.55
CA GLU A 91 -0.47 16.57 -21.73
C GLU A 91 -0.90 18.01 -21.42
N LEU A 92 0.04 18.95 -21.42
CA LEU A 92 -0.26 20.39 -21.18
C LEU A 92 -0.89 21.01 -22.43
N ALA A 93 -0.97 20.27 -23.54
CA ALA A 93 -1.48 20.76 -24.85
C ALA A 93 -2.90 20.27 -25.12
N LEU A 94 -3.37 19.23 -24.43
CA LEU A 94 -4.57 18.47 -24.82
C LEU A 94 -5.83 19.30 -24.65
N VAL A 95 -5.79 20.40 -23.90
CA VAL A 95 -6.97 21.27 -23.64
C VAL A 95 -6.76 22.57 -24.41
N PRO A 96 -7.37 22.74 -25.60
CA PRO A 96 -7.12 23.90 -26.44
C PRO A 96 -7.67 25.22 -25.84
N ALA A 97 -8.82 25.16 -25.18
CA ALA A 97 -9.39 26.32 -24.44
C ALA A 97 -9.43 27.58 -25.33
N ALA A 98 -9.92 27.45 -26.56
CA ALA A 98 -10.09 28.55 -27.54
C ALA A 98 -8.74 29.22 -27.88
N LEU A 99 -7.63 28.49 -27.77
CA LEU A 99 -6.28 29.06 -28.03
C LEU A 99 -6.26 29.71 -29.42
N THR A 100 -5.76 30.94 -29.51
CA THR A 100 -5.33 31.62 -30.76
C THR A 100 -3.90 32.13 -30.60
N VAL A 101 -3.15 32.14 -31.70
CA VAL A 101 -1.83 32.81 -31.83
C VAL A 101 -1.96 33.74 -33.02
N THR A 102 -1.72 35.03 -32.83
CA THR A 102 -1.71 36.06 -33.90
C THR A 102 -0.27 36.53 -34.06
N VAL A 103 0.27 36.44 -35.29
CA VAL A 103 1.68 36.81 -35.59
C VAL A 103 1.71 38.20 -36.22
N GLY A 104 2.53 39.08 -35.67
CA GLY A 104 2.75 40.43 -36.18
C GLY A 104 4.23 40.63 -36.45
N PHE A 105 4.55 41.39 -37.49
CA PHE A 105 5.94 41.68 -37.92
C PHE A 105 6.24 43.15 -37.65
N GLY A 106 7.34 43.39 -36.93
CA GLY A 106 7.91 44.72 -36.73
C GLY A 106 8.85 45.03 -37.89
N PRO A 107 9.25 46.30 -38.07
CA PRO A 107 10.08 46.70 -39.20
C PRO A 107 11.37 45.86 -39.31
N GLY A 108 11.97 45.54 -38.17
CA GLY A 108 13.24 44.79 -38.07
C GLY A 108 13.14 43.43 -38.71
N LEU A 109 11.96 42.81 -38.72
CA LEU A 109 11.79 41.50 -39.41
C LEU A 109 11.98 41.71 -40.91
N LEU A 110 11.36 42.75 -41.47
CA LEU A 110 11.43 43.02 -42.94
C LEU A 110 12.87 43.40 -43.29
N THR A 111 13.52 44.21 -42.46
CA THR A 111 14.95 44.57 -42.61
C THR A 111 15.78 43.30 -42.66
N ALA A 112 15.64 42.41 -41.67
CA ALA A 112 16.47 41.20 -41.52
C ALA A 112 16.27 40.27 -42.73
N ALA A 113 15.04 40.19 -43.26
CA ALA A 113 14.70 39.35 -44.44
C ALA A 113 15.11 40.01 -45.75
N GLY A 114 15.55 41.28 -45.74
CA GLY A 114 15.93 42.01 -46.96
C GLY A 114 14.69 42.45 -47.74
N LEU A 115 13.67 42.95 -47.03
CA LEU A 115 12.33 43.24 -47.60
C LEU A 115 11.85 44.61 -47.15
N ARG A 116 12.77 45.55 -46.87
CA ARG A 116 12.41 46.92 -46.43
C ARG A 116 11.44 47.55 -47.44
N HIS A 117 11.68 47.28 -48.73
CA HIS A 117 10.89 47.78 -49.89
C HIS A 117 9.45 47.26 -49.84
N ARG A 118 9.15 46.24 -49.02
CA ARG A 118 7.77 45.68 -48.87
C ARG A 118 7.09 46.24 -47.62
N ALA A 119 7.77 47.07 -46.83
CA ALA A 119 7.22 47.70 -45.60
C ALA A 119 6.13 48.67 -46.01
N PRO A 120 4.90 48.56 -45.44
CA PRO A 120 3.92 49.64 -45.59
C PRO A 120 4.44 50.94 -44.93
N ALA A 121 3.97 52.10 -45.40
CA ALA A 121 4.37 53.44 -44.93
C ALA A 121 4.14 53.58 -43.42
N TRP A 122 3.17 52.85 -42.86
CA TRP A 122 2.77 52.97 -41.43
C TRP A 122 3.55 52.01 -40.52
N LEU A 123 4.50 51.23 -41.03
CA LEU A 123 5.25 50.25 -40.19
C LEU A 123 6.48 50.94 -39.60
N HIS A 124 6.28 51.63 -38.48
CA HIS A 124 7.32 52.41 -37.75
C HIS A 124 6.78 52.71 -36.36
N PRO A 125 7.63 52.98 -35.35
CA PRO A 125 7.13 53.40 -34.04
C PRO A 125 6.19 54.59 -34.16
N LEU A 126 5.18 54.68 -33.30
CA LEU A 126 4.30 55.88 -33.27
C LEU A 126 5.20 57.10 -33.09
N PRO A 127 4.80 58.29 -33.59
CA PRO A 127 5.55 59.51 -33.29
C PRO A 127 5.50 59.77 -31.79
N PRO A 128 6.41 60.56 -31.20
CA PRO A 128 6.39 60.81 -29.77
C PRO A 128 5.24 61.77 -29.38
N PHE A 129 4.68 61.57 -28.20
CA PHE A 129 3.59 62.41 -27.62
C PHE A 129 4.08 62.97 -26.28
N GLY A 130 3.66 64.18 -25.92
CA GLY A 130 3.95 64.81 -24.62
C GLY A 130 3.64 63.89 -23.44
N ILE A 131 2.57 63.10 -23.54
CA ILE A 131 2.07 62.21 -22.44
C ILE A 131 2.95 60.95 -22.31
N ASP A 132 3.74 60.62 -23.32
CA ASP A 132 4.58 59.38 -23.36
C ASP A 132 5.53 59.35 -22.17
N ARG A 133 5.55 58.25 -21.41
CA ARG A 133 6.62 57.91 -20.44
C ARG A 133 7.22 56.57 -20.86
N LEU A 134 7.58 56.43 -22.14
CA LEU A 134 7.89 55.13 -22.77
C LEU A 134 9.18 54.55 -22.19
N ASP A 135 9.07 53.33 -21.65
CA ASP A 135 10.18 52.48 -21.17
C ASP A 135 10.61 51.54 -22.30
N PRO A 136 11.82 51.70 -22.88
CA PRO A 136 12.28 50.90 -24.00
C PRO A 136 12.05 49.38 -23.87
N ALA A 137 12.08 48.85 -22.64
CA ALA A 137 11.88 47.40 -22.33
C ALA A 137 10.45 46.96 -22.63
N TRP A 138 9.52 47.89 -22.80
CA TRP A 138 8.11 47.58 -23.16
C TRP A 138 7.80 48.08 -24.59
N CYS A 139 8.84 48.43 -25.35
CA CYS A 139 8.71 49.06 -26.69
C CYS A 139 9.24 48.13 -27.79
N ASP A 140 8.69 48.28 -28.99
CA ASP A 140 9.20 47.71 -30.27
C ASP A 140 9.22 46.18 -30.17
N GLY A 141 10.09 45.52 -30.93
CA GLY A 141 10.10 44.08 -31.20
C GLY A 141 10.09 43.83 -32.71
N ASP A 142 10.96 42.94 -33.19
CA ASP A 142 11.02 42.48 -34.60
C ASP A 142 9.78 41.65 -34.92
N VAL A 143 9.27 40.88 -33.96
CA VAL A 143 8.06 40.04 -34.19
C VAL A 143 7.31 39.89 -32.88
N VAL A 144 6.01 39.66 -32.95
CA VAL A 144 5.15 39.50 -31.75
C VAL A 144 4.23 38.30 -31.98
N LEU A 145 4.04 37.51 -30.91
CA LEU A 145 2.96 36.49 -30.84
C LEU A 145 1.93 36.98 -29.82
N GLN A 146 0.74 37.35 -30.28
CA GLN A 146 -0.40 37.54 -29.36
C GLN A 146 -0.99 36.16 -29.12
N VAL A 147 -0.79 35.63 -27.91
CA VAL A 147 -1.28 34.28 -27.49
C VAL A 147 -2.45 34.50 -26.54
N CYS A 148 -3.63 34.02 -26.94
CA CYS A 148 -4.91 34.20 -26.22
C CYS A 148 -5.54 32.84 -25.93
N ALA A 149 -6.09 32.66 -24.73
CA ALA A 149 -6.80 31.41 -24.34
C ALA A 149 -7.69 31.66 -23.10
N ASP A 150 -8.64 30.76 -22.89
CA ASP A 150 -9.57 30.77 -21.73
C ASP A 150 -8.97 29.98 -20.57
N ASP A 151 -7.69 29.59 -20.66
CA ASP A 151 -7.00 28.82 -19.60
C ASP A 151 -5.51 29.19 -19.56
N ARG A 152 -4.98 29.42 -18.35
CA ARG A 152 -3.64 29.98 -18.10
C ARG A 152 -2.56 28.90 -18.27
N THR A 153 -2.88 27.64 -17.99
CA THR A 153 -1.93 26.52 -18.19
C THR A 153 -1.75 26.29 -19.70
N THR A 154 -2.85 26.27 -20.45
CA THR A 154 -2.85 26.18 -21.94
C THR A 154 -1.97 27.30 -22.51
N LEU A 155 -2.11 28.51 -21.97
CA LEU A 155 -1.39 29.72 -22.44
C LEU A 155 0.10 29.58 -22.11
N ALA A 156 0.39 29.22 -20.86
CA ALA A 156 1.77 29.01 -20.37
C ALA A 156 2.46 27.99 -21.27
N HIS A 157 1.79 26.89 -21.59
CA HIS A 157 2.35 25.81 -22.44
C HIS A 157 2.62 26.36 -23.84
N ALA A 158 1.62 26.94 -24.49
CA ALA A 158 1.74 27.49 -25.85
C ALA A 158 2.95 28.42 -25.93
N VAL A 159 3.04 29.36 -24.97
CA VAL A 159 4.15 30.36 -24.91
C VAL A 159 5.48 29.61 -24.80
N ARG A 160 5.56 28.59 -23.94
CA ARG A 160 6.81 27.80 -23.74
C ARG A 160 7.19 27.14 -25.08
N VAL A 161 6.24 26.52 -25.76
CA VAL A 161 6.51 25.78 -27.04
C VAL A 161 6.97 26.77 -28.11
N LEU A 162 6.24 27.86 -28.31
CA LEU A 162 6.54 28.83 -29.39
C LEU A 162 7.90 29.48 -29.12
N THR A 163 8.21 29.78 -27.85
CA THR A 163 9.47 30.44 -27.44
C THR A 163 10.64 29.51 -27.72
N LYS A 164 10.54 28.25 -27.27
CA LYS A 164 11.57 27.21 -27.51
C LYS A 164 11.83 27.01 -29.00
N GLU A 165 10.77 27.04 -29.82
CA GLU A 165 10.87 26.78 -31.28
C GLU A 165 11.76 27.82 -31.94
N ALA A 166 11.78 29.05 -31.41
CA ALA A 166 12.51 30.22 -31.96
C ALA A 166 13.96 30.25 -31.45
N GLN A 167 14.34 29.32 -30.56
CA GLN A 167 15.68 29.33 -29.90
C GLN A 167 16.74 29.33 -31.02
N GLY A 168 17.64 30.32 -31.00
CA GLY A 168 18.71 30.45 -32.01
C GLY A 168 18.31 31.29 -33.23
N LEU A 169 17.01 31.57 -33.43
CA LEU A 169 16.51 32.44 -34.53
C LEU A 169 16.02 33.78 -33.97
N ALA A 170 15.37 33.74 -32.81
CA ALA A 170 14.85 34.95 -32.12
C ALA A 170 14.84 34.69 -30.63
N SER A 171 15.08 35.74 -29.84
CA SER A 171 15.03 35.69 -28.37
C SER A 171 13.95 36.64 -27.85
N VAL A 172 13.41 36.35 -26.68
CA VAL A 172 12.32 37.13 -26.03
C VAL A 172 12.85 38.53 -25.72
N ARG A 173 12.07 39.56 -26.07
CA ARG A 173 12.39 40.97 -25.76
C ARG A 173 11.54 41.39 -24.56
N TRP A 174 10.23 41.13 -24.65
CA TRP A 174 9.27 41.33 -23.53
C TRP A 174 8.09 40.39 -23.68
N VAL A 175 7.39 40.20 -22.57
CA VAL A 175 6.10 39.47 -22.45
C VAL A 175 5.17 40.33 -21.59
N GLN A 176 4.01 40.68 -22.13
CA GLN A 176 2.95 41.43 -21.43
C GLN A 176 1.78 40.47 -21.26
N ARG A 177 1.35 40.25 -20.02
CA ARG A 177 0.29 39.29 -19.65
C ARG A 177 -0.91 40.12 -19.21
N GLY A 178 -2.11 39.69 -19.58
CA GLY A 178 -3.35 40.39 -19.20
C GLY A 178 -4.50 39.42 -19.05
N PHE A 179 -5.63 39.94 -18.58
CA PHE A 179 -6.81 39.14 -18.19
C PHE A 179 -8.10 39.96 -18.30
N ARG A 180 -9.19 39.23 -18.53
CA ARG A 180 -10.59 39.67 -18.30
C ARG A 180 -11.18 38.67 -17.31
N ARG A 181 -12.50 38.60 -17.21
CA ARG A 181 -13.17 37.61 -16.33
C ARG A 181 -12.95 36.20 -16.92
N SER A 182 -13.08 35.19 -16.08
CA SER A 182 -12.86 33.76 -16.43
C SER A 182 -14.00 33.27 -17.32
N PRO A 183 -13.80 32.16 -18.07
CA PRO A 183 -14.91 31.59 -18.85
C PRO A 183 -16.11 31.26 -17.96
N GLY A 184 -17.31 31.54 -18.47
CA GLY A 184 -18.59 31.30 -17.77
C GLY A 184 -18.88 32.41 -16.78
N ILE A 185 -18.02 33.42 -16.71
CA ILE A 185 -18.19 34.59 -15.78
C ILE A 185 -18.32 35.86 -16.62
N SER A 186 -19.52 36.43 -16.59
CA SER A 186 -19.91 37.69 -17.24
C SER A 186 -19.88 38.82 -16.20
N GLU A 187 -19.60 40.03 -16.66
CA GLU A 187 -19.52 41.25 -15.81
C GLU A 187 -20.87 41.47 -15.15
N PRO A 188 -20.93 42.28 -14.07
CA PRO A 188 -22.21 42.76 -13.52
C PRO A 188 -23.10 43.41 -14.60
N ASP A 189 -24.31 42.85 -14.78
CA ASP A 189 -25.38 43.36 -15.70
C ASP A 189 -24.93 43.20 -17.16
N GLY A 190 -24.25 42.10 -17.48
CA GLY A 190 -23.88 41.68 -18.85
C GLY A 190 -23.11 42.74 -19.62
N THR A 191 -22.30 43.57 -18.95
CA THR A 191 -21.48 44.65 -19.58
C THR A 191 -20.27 44.01 -20.30
N SER A 192 -19.55 44.79 -21.11
CA SER A 192 -18.58 44.29 -22.14
C SER A 192 -17.27 43.81 -21.49
N MET A 193 -16.58 44.70 -20.77
CA MET A 193 -15.36 44.40 -19.98
C MET A 193 -15.22 45.47 -18.90
N ARG A 194 -14.78 45.07 -17.70
CA ARG A 194 -14.46 45.97 -16.58
C ARG A 194 -12.94 46.09 -16.50
N ASN A 195 -12.44 47.31 -16.46
CA ASN A 195 -10.99 47.60 -16.29
C ASN A 195 -10.74 47.87 -14.81
N LEU A 196 -9.48 48.03 -14.42
CA LEU A 196 -9.07 48.11 -13.00
C LEU A 196 -9.23 49.54 -12.48
N MET A 197 -9.70 50.46 -13.33
CA MET A 197 -10.23 51.77 -12.86
C MET A 197 -11.69 51.58 -12.45
N GLY A 198 -12.25 50.40 -12.70
CA GLY A 198 -13.65 50.04 -12.36
C GLY A 198 -14.62 50.40 -13.47
N GLN A 199 -14.11 50.79 -14.64
CA GLN A 199 -14.93 51.32 -15.77
C GLN A 199 -15.35 50.18 -16.70
N VAL A 200 -16.44 50.40 -17.44
CA VAL A 200 -16.87 49.56 -18.60
C VAL A 200 -16.03 50.03 -19.79
N GLU A 201 -15.37 49.10 -20.48
CA GLU A 201 -14.48 49.35 -21.64
C GLU A 201 -14.99 48.47 -22.80
N GLY A 202 -15.17 49.05 -24.00
CA GLY A 202 -15.42 48.31 -25.24
C GLY A 202 -16.76 48.60 -25.89
N THR A 203 -17.52 49.53 -25.32
CA THR A 203 -18.91 49.85 -25.70
C THR A 203 -18.97 50.37 -27.14
N ALA A 204 -18.28 51.47 -27.45
CA ALA A 204 -18.29 52.14 -28.78
C ALA A 204 -17.05 51.70 -29.55
N ASN A 205 -17.03 50.44 -29.99
CA ASN A 205 -15.89 49.83 -30.72
C ASN A 205 -16.22 49.80 -32.22
N LEU A 206 -15.19 49.67 -33.06
CA LEU A 206 -15.32 49.39 -34.50
C LEU A 206 -16.09 48.08 -34.67
N ASP A 207 -17.13 48.09 -35.51
CA ASP A 207 -17.85 46.87 -35.95
C ASP A 207 -17.26 46.39 -37.27
N PRO A 208 -16.42 45.34 -37.26
CA PRO A 208 -15.84 44.83 -38.51
C PRO A 208 -16.85 44.14 -39.46
N ARG A 209 -18.08 43.85 -39.00
CA ARG A 209 -19.17 43.28 -39.85
C ARG A 209 -19.74 44.39 -40.75
N THR A 210 -19.83 45.62 -40.24
CA THR A 210 -20.35 46.79 -41.00
C THR A 210 -19.19 47.48 -41.73
N ASP A 211 -18.01 47.56 -41.11
CA ASP A 211 -16.90 48.42 -41.59
C ASP A 211 -15.62 47.60 -41.76
N PRO A 212 -15.65 46.49 -42.53
CA PRO A 212 -14.48 45.63 -42.67
C PRO A 212 -13.27 46.34 -43.33
N ASP A 213 -13.51 47.36 -44.16
CA ASP A 213 -12.45 48.10 -44.90
C ASP A 213 -11.60 48.94 -43.93
N LEU A 214 -12.09 49.19 -42.71
CA LEU A 214 -11.37 49.99 -41.68
C LEU A 214 -10.48 49.11 -40.80
N LEU A 215 -10.56 47.78 -40.95
CA LEU A 215 -9.76 46.81 -40.19
C LEU A 215 -8.79 46.08 -41.11
N TRP A 216 -9.33 45.53 -42.20
CA TRP A 216 -8.65 44.56 -43.09
C TRP A 216 -8.06 45.28 -44.31
N HIS A 217 -6.80 45.02 -44.63
CA HIS A 217 -6.12 45.42 -45.88
C HIS A 217 -6.66 44.52 -47.00
N ARG A 218 -7.13 45.09 -48.12
CA ARG A 218 -7.67 44.31 -49.26
C ARG A 218 -6.76 44.50 -50.49
N ASP A 219 -6.99 45.53 -51.31
CA ASP A 219 -6.47 45.60 -52.71
C ASP A 219 -5.10 46.26 -52.72
N GLY A 220 -4.86 47.24 -51.84
CA GLY A 220 -3.75 48.20 -51.96
C GLY A 220 -2.37 47.55 -51.96
N GLU A 221 -1.35 48.36 -52.19
CA GLU A 221 0.09 48.03 -52.04
C GLU A 221 0.42 48.24 -50.56
N PRO A 222 1.21 47.36 -49.88
CA PRO A 222 1.81 46.18 -50.49
C PRO A 222 0.89 44.95 -50.49
N GLY A 223 0.99 44.14 -51.56
CA GLY A 223 0.07 43.02 -51.88
C GLY A 223 0.11 41.93 -50.83
N TRP A 224 1.23 41.75 -50.14
CA TRP A 224 1.42 40.65 -49.16
C TRP A 224 0.51 40.83 -47.92
N LEU A 225 -0.02 42.04 -47.69
CA LEU A 225 -0.88 42.33 -46.52
C LEU A 225 -2.37 42.05 -46.79
N THR A 226 -2.74 41.53 -47.96
CA THR A 226 -4.14 41.12 -48.24
C THR A 226 -4.65 40.18 -47.15
N GLY A 227 -5.80 40.51 -46.54
CA GLY A 227 -6.40 39.75 -45.42
C GLY A 227 -5.76 40.12 -44.08
N GLY A 228 -4.78 41.01 -44.11
CA GLY A 228 -3.97 41.40 -42.95
C GLY A 228 -4.41 42.73 -42.38
N THR A 229 -3.63 43.27 -41.46
CA THR A 229 -4.00 44.46 -40.67
C THR A 229 -2.73 45.00 -40.01
N SER A 230 -2.89 46.05 -39.22
CA SER A 230 -1.83 46.62 -38.37
C SER A 230 -2.25 46.44 -36.91
N MET A 231 -1.27 46.31 -36.03
CA MET A 231 -1.47 46.07 -34.59
C MET A 231 -0.67 47.13 -33.83
N VAL A 232 -1.33 47.82 -32.90
CA VAL A 232 -0.70 48.73 -31.91
C VAL A 232 -0.83 48.08 -30.53
N VAL A 233 0.26 48.05 -29.77
CA VAL A 233 0.28 47.69 -28.34
C VAL A 233 0.82 48.88 -27.55
N ARG A 234 -0.05 49.56 -26.80
CA ARG A 234 0.33 50.53 -25.75
C ARG A 234 0.11 49.87 -24.39
N ARG A 235 1.17 49.77 -23.61
CA ARG A 235 1.11 49.44 -22.16
C ARG A 235 0.79 50.75 -21.44
N ILE A 236 -0.41 50.90 -20.90
CA ILE A 236 -0.85 52.21 -20.31
C ILE A 236 -1.09 51.97 -18.82
N ALA A 237 -0.22 52.56 -17.99
CA ALA A 237 -0.25 52.45 -16.53
C ALA A 237 -1.39 53.30 -15.97
N MET A 238 -2.07 52.80 -14.94
CA MET A 238 -3.12 53.55 -14.20
C MET A 238 -2.55 53.98 -12.86
N ASN A 239 -2.61 55.28 -12.58
CA ASN A 239 -2.23 55.79 -11.24
C ASN A 239 -3.46 55.61 -10.35
N LEU A 240 -3.67 54.39 -9.83
CA LEU A 240 -4.87 54.09 -8.99
C LEU A 240 -4.79 54.89 -7.68
N ASP A 241 -3.59 55.19 -7.18
CA ASP A 241 -3.42 55.96 -5.91
C ASP A 241 -4.03 57.36 -6.05
N THR A 242 -3.75 58.10 -7.14
CA THR A 242 -4.32 59.45 -7.40
C THR A 242 -5.78 59.32 -7.89
N TRP A 243 -6.11 58.29 -8.66
CA TRP A 243 -7.51 58.00 -9.11
C TRP A 243 -8.43 57.90 -7.89
N ASP A 244 -7.93 57.35 -6.78
CA ASP A 244 -8.68 57.14 -5.52
C ASP A 244 -9.07 58.48 -4.89
N GLU A 245 -8.38 59.58 -5.23
CA GLU A 245 -8.65 60.95 -4.70
C GLU A 245 -9.90 61.56 -5.36
N LEU A 246 -10.44 60.95 -6.41
CA LEU A 246 -11.61 61.51 -7.17
C LEU A 246 -12.91 60.91 -6.62
N SER A 247 -13.91 61.76 -6.40
CA SER A 247 -15.32 61.35 -6.24
C SER A 247 -15.75 60.54 -7.46
N ARG A 248 -16.81 59.75 -7.29
CA ARG A 248 -17.54 59.04 -8.38
C ARG A 248 -17.89 60.02 -9.52
N GLY A 249 -18.41 61.20 -9.18
CA GLY A 249 -18.87 62.22 -10.15
C GLY A 249 -17.73 62.70 -11.04
N ALA A 250 -16.56 62.95 -10.44
CA ALA A 250 -15.33 63.41 -11.12
C ALA A 250 -14.78 62.29 -12.03
N ARG A 251 -14.90 61.03 -11.61
CA ARG A 251 -14.44 59.87 -12.41
C ARG A 251 -15.33 59.68 -13.64
N GLU A 252 -16.63 59.87 -13.46
CA GLU A 252 -17.62 59.74 -14.54
C GLU A 252 -17.44 60.91 -15.52
N ALA A 253 -17.20 62.11 -15.01
CA ALA A 253 -16.97 63.32 -15.84
C ALA A 253 -15.72 63.11 -16.70
N THR A 254 -14.70 62.43 -16.15
CA THR A 254 -13.38 62.19 -16.79
C THR A 254 -13.56 61.41 -18.09
N ILE A 255 -14.46 60.42 -18.08
CA ILE A 255 -14.73 59.50 -19.22
C ILE A 255 -15.88 60.04 -20.08
N GLY A 256 -16.93 60.54 -19.43
CA GLY A 256 -18.21 60.94 -20.05
C GLY A 256 -19.26 59.84 -19.96
N ARG A 257 -19.02 58.79 -19.17
CA ARG A 257 -19.98 57.68 -18.95
C ARG A 257 -20.00 57.27 -17.46
N THR A 258 -21.11 56.69 -17.00
CA THR A 258 -21.33 56.31 -15.57
C THR A 258 -20.59 55.01 -15.28
N LEU A 259 -20.23 54.77 -14.03
CA LEU A 259 -19.46 53.56 -13.64
C LEU A 259 -20.42 52.38 -13.46
N ARG A 260 -21.62 52.64 -12.94
CA ARG A 260 -22.58 51.56 -12.62
C ARG A 260 -23.04 50.93 -13.94
N THR A 261 -23.76 51.68 -14.79
CA THR A 261 -24.44 51.14 -16.00
C THR A 261 -23.50 51.17 -17.20
N GLY A 262 -22.57 52.13 -17.24
CA GLY A 262 -21.68 52.40 -18.40
C GLY A 262 -22.36 53.27 -19.44
N ALA A 263 -23.45 53.94 -19.06
CA ALA A 263 -24.26 54.84 -19.91
C ALA A 263 -23.53 56.17 -20.04
N PRO A 264 -23.75 56.92 -21.13
CA PRO A 264 -23.25 58.29 -21.22
C PRO A 264 -23.96 59.13 -20.13
N LEU A 265 -23.33 60.22 -19.70
CA LEU A 265 -23.91 61.13 -18.67
C LEU A 265 -25.30 61.61 -19.15
N THR A 266 -25.56 61.58 -20.45
CA THR A 266 -26.78 62.13 -21.11
C THR A 266 -27.85 61.04 -21.30
N GLY A 267 -27.53 59.77 -21.06
CA GLY A 267 -28.41 58.63 -21.37
C GLY A 267 -28.75 57.82 -20.13
N ARG A 268 -29.37 56.64 -20.32
CA ARG A 268 -29.86 55.74 -19.23
C ARG A 268 -29.22 54.35 -19.31
N ALA A 269 -28.86 53.88 -20.52
CA ALA A 269 -28.31 52.52 -20.76
C ALA A 269 -26.93 52.58 -21.45
N GLU A 270 -26.16 51.49 -21.34
CA GLU A 270 -24.78 51.38 -21.86
C GLU A 270 -24.72 51.85 -23.32
N HIS A 271 -25.67 51.42 -24.15
CA HIS A 271 -25.56 51.44 -25.63
C HIS A 271 -26.26 52.68 -26.21
N ASP A 272 -26.87 53.51 -25.36
CA ASP A 272 -27.37 54.86 -25.76
C ASP A 272 -26.24 55.62 -26.45
N GLU A 273 -26.59 56.41 -27.46
CA GLU A 273 -25.68 57.36 -28.16
C GLU A 273 -25.39 58.52 -27.22
N PRO A 274 -24.10 58.84 -26.95
CA PRO A 274 -23.76 60.05 -26.21
C PRO A 274 -24.31 61.29 -26.94
N ASP A 275 -24.92 62.22 -26.21
CA ASP A 275 -25.41 63.52 -26.74
C ASP A 275 -24.37 64.60 -26.40
N LEU A 276 -23.46 64.87 -27.34
CA LEU A 276 -22.31 65.80 -27.16
C LEU A 276 -22.76 67.25 -27.35
N GLU A 277 -24.03 67.48 -27.70
CA GLU A 277 -24.61 68.85 -27.86
C GLU A 277 -25.34 69.26 -26.57
N ALA A 278 -25.57 68.31 -25.65
CA ALA A 278 -26.40 68.51 -24.44
C ALA A 278 -25.72 69.45 -23.44
N LEU A 279 -26.44 70.46 -22.97
CA LEU A 279 -25.99 71.44 -21.95
C LEU A 279 -26.79 71.23 -20.65
N ASP A 280 -26.19 71.58 -19.51
CA ASP A 280 -26.85 71.56 -18.18
C ASP A 280 -27.57 72.91 -18.01
N ASP A 281 -28.26 73.12 -16.88
CA ASP A 281 -29.09 74.34 -16.66
C ASP A 281 -28.21 75.60 -16.71
N HIS A 282 -26.90 75.47 -16.46
CA HIS A 282 -25.92 76.60 -16.43
C HIS A 282 -25.22 76.79 -17.80
N GLY A 283 -25.63 76.02 -18.83
CA GLY A 283 -25.10 76.15 -20.21
C GLY A 283 -23.73 75.53 -20.39
N ARG A 284 -23.27 74.70 -19.43
CA ARG A 284 -22.03 73.90 -19.53
C ARG A 284 -22.35 72.59 -20.25
N PRO A 285 -21.44 72.06 -21.10
CA PRO A 285 -21.66 70.75 -21.72
C PRO A 285 -21.80 69.64 -20.66
N VAL A 286 -22.80 68.75 -20.81
CA VAL A 286 -23.07 67.65 -19.83
C VAL A 286 -21.87 66.70 -19.87
N ILE A 287 -21.43 66.31 -21.07
CA ILE A 287 -20.15 65.59 -21.29
C ILE A 287 -19.07 66.65 -21.49
N ASP A 288 -18.02 66.61 -20.66
CA ASP A 288 -16.98 67.66 -20.61
C ASP A 288 -16.33 67.79 -22.01
N LEU A 289 -15.85 68.98 -22.34
CA LEU A 289 -15.15 69.28 -23.62
C LEU A 289 -13.89 68.41 -23.73
N GLU A 290 -13.34 67.96 -22.60
CA GLU A 290 -12.06 67.20 -22.53
C GLU A 290 -12.31 65.78 -21.97
N ALA A 291 -13.56 65.35 -21.94
CA ALA A 291 -13.99 63.98 -21.54
C ALA A 291 -13.42 62.99 -22.55
N HIS A 292 -12.99 61.82 -22.08
CA HIS A 292 -12.28 60.80 -22.89
C HIS A 292 -13.06 60.50 -24.16
N ILE A 293 -14.36 60.26 -24.05
CA ILE A 293 -15.16 59.69 -25.18
C ILE A 293 -15.49 60.82 -26.17
N ARG A 294 -15.42 62.06 -25.74
CA ARG A 294 -15.58 63.22 -26.67
C ARG A 294 -14.29 63.33 -27.50
N ARG A 295 -13.14 63.29 -26.84
CA ARG A 295 -11.81 63.53 -27.48
C ARG A 295 -11.41 62.31 -28.33
N ALA A 296 -11.90 61.12 -27.99
CA ALA A 296 -11.50 59.83 -28.62
C ALA A 296 -12.44 59.49 -29.78
N ARG A 297 -13.62 60.09 -29.82
CA ARG A 297 -14.65 59.87 -30.86
C ARG A 297 -14.02 60.06 -32.24
N PRO A 298 -14.42 59.28 -33.28
CA PRO A 298 -14.02 59.56 -34.65
C PRO A 298 -14.42 60.98 -35.09
N THR A 299 -13.47 61.70 -35.69
CA THR A 299 -13.65 63.03 -36.34
C THR A 299 -13.96 62.81 -37.83
N GLN A 300 -13.41 61.75 -38.42
CA GLN A 300 -13.67 61.29 -39.81
C GLN A 300 -13.93 59.78 -39.76
N ARG A 301 -14.66 59.25 -40.73
CA ARG A 301 -15.04 57.82 -40.77
C ARG A 301 -13.84 56.93 -40.36
N GLU A 302 -12.64 57.23 -40.87
CA GLU A 302 -11.48 56.31 -40.78
C GLU A 302 -10.79 56.39 -39.41
N GLU A 303 -11.12 57.40 -38.58
CA GLU A 303 -10.47 57.63 -37.26
C GLU A 303 -11.12 56.72 -36.19
N THR A 304 -11.07 55.41 -36.42
CA THR A 304 -11.64 54.34 -35.57
C THR A 304 -10.75 53.10 -35.72
N PHE A 305 -10.85 52.15 -34.80
CA PHE A 305 -10.02 50.93 -34.77
C PHE A 305 -10.66 49.92 -33.82
N LEU A 306 -10.37 48.64 -34.03
CA LEU A 306 -10.83 47.54 -33.15
C LEU A 306 -9.96 47.52 -31.89
N ARG A 307 -10.47 48.06 -30.79
CA ARG A 307 -9.83 47.91 -29.47
C ARG A 307 -10.07 46.48 -29.02
N ARG A 308 -9.03 45.84 -28.50
CA ARG A 308 -9.09 44.45 -27.99
C ARG A 308 -8.22 44.39 -26.74
N ALA A 309 -8.57 45.21 -25.75
CA ALA A 309 -7.73 45.50 -24.56
C ALA A 309 -7.93 44.43 -23.46
N TYR A 310 -6.92 44.31 -22.62
CA TYR A 310 -6.85 43.38 -21.47
C TYR A 310 -6.34 44.15 -20.26
N ASN A 311 -6.72 43.72 -19.06
CA ASN A 311 -6.19 44.30 -17.78
C ASN A 311 -4.79 43.71 -17.54
N TYR A 312 -3.87 44.51 -17.00
CA TYR A 312 -2.62 43.99 -16.43
C TYR A 312 -2.54 44.43 -14.97
N ASP A 313 -2.00 43.54 -14.16
CA ASP A 313 -1.87 43.67 -12.69
C ASP A 313 -0.61 42.91 -12.30
N GLU A 314 0.49 43.62 -12.05
CA GLU A 314 1.82 42.99 -11.78
C GLU A 314 2.11 43.02 -10.30
N ALA A 315 2.98 42.13 -9.82
CA ALA A 315 3.64 42.27 -8.52
C ALA A 315 4.19 43.68 -8.47
N PRO A 316 3.79 44.52 -7.48
CA PRO A 316 4.20 45.92 -7.47
C PRO A 316 5.68 46.15 -7.19
N PRO A 317 6.26 47.27 -7.64
CA PRO A 317 7.66 47.60 -7.35
C PRO A 317 7.79 47.97 -5.88
N PRO A 318 9.03 48.02 -5.34
CA PRO A 318 9.24 48.15 -3.89
C PRO A 318 8.33 49.12 -3.11
N GLY A 319 8.09 50.36 -3.55
CA GLY A 319 7.46 51.37 -2.69
C GLY A 319 5.92 51.36 -2.74
N ARG A 320 5.31 50.57 -3.62
CA ARG A 320 3.93 50.81 -4.13
C ARG A 320 2.99 49.66 -3.77
N ALA A 321 1.70 49.96 -3.69
CA ALA A 321 0.60 49.00 -3.41
C ALA A 321 0.31 48.15 -4.66
N SER A 322 0.29 48.78 -5.83
CA SER A 322 -0.21 48.15 -7.09
C SER A 322 0.66 48.59 -8.28
N ASP A 323 0.75 47.72 -9.29
CA ASP A 323 1.22 48.04 -10.65
C ASP A 323 0.15 47.51 -11.60
N SER A 324 -0.88 48.34 -11.82
CA SER A 324 -2.07 47.99 -12.61
C SER A 324 -2.16 48.90 -13.83
N GLY A 325 -2.80 48.41 -14.90
CA GLY A 325 -3.02 49.23 -16.09
C GLY A 325 -3.79 48.49 -17.17
N LEU A 326 -3.73 49.01 -18.39
CA LEU A 326 -4.44 48.48 -19.58
C LEU A 326 -3.39 48.02 -20.60
N LEU A 327 -3.49 46.77 -21.04
CA LEU A 327 -2.83 46.27 -22.27
C LEU A 327 -3.69 46.74 -23.41
N PHE A 328 -3.40 47.92 -23.92
CA PHE A 328 -4.22 48.56 -24.99
C PHE A 328 -3.72 48.04 -26.33
N VAL A 329 -4.41 47.02 -26.85
CA VAL A 329 -4.11 46.40 -28.17
C VAL A 329 -5.18 46.89 -29.14
N THR A 330 -4.80 47.51 -30.27
CA THR A 330 -5.74 47.96 -31.34
C THR A 330 -5.33 47.36 -32.68
N TYR A 331 -6.31 47.09 -33.53
CA TYR A 331 -6.15 46.60 -34.92
C TYR A 331 -6.88 47.56 -35.88
N GLN A 332 -6.23 47.91 -36.98
CA GLN A 332 -6.75 48.87 -37.99
C GLN A 332 -5.99 48.65 -39.33
N ARG A 333 -6.59 49.03 -40.46
CA ARG A 333 -5.95 48.89 -41.80
C ARG A 333 -4.62 49.67 -41.80
N ASP A 334 -4.63 50.91 -41.28
CA ASP A 334 -3.51 51.88 -41.44
C ASP A 334 -3.35 52.67 -40.13
N VAL A 335 -2.24 52.48 -39.42
CA VAL A 335 -1.95 53.10 -38.09
C VAL A 335 -1.99 54.63 -38.23
N ASP A 336 -1.28 55.15 -39.22
CA ASP A 336 -1.06 56.62 -39.44
C ASP A 336 -2.38 57.33 -39.73
N ALA A 337 -3.27 56.69 -40.51
CA ALA A 337 -4.54 57.29 -40.97
C ALA A 337 -5.64 57.15 -39.89
N GLN A 338 -5.56 56.13 -39.03
CA GLN A 338 -6.70 55.66 -38.20
C GLN A 338 -6.40 55.84 -36.70
N PHE A 339 -5.31 55.28 -36.20
CA PHE A 339 -4.97 55.31 -34.75
C PHE A 339 -4.32 56.65 -34.38
N THR A 340 -3.22 56.98 -35.03
CA THR A 340 -2.31 58.10 -34.64
C THR A 340 -3.06 59.42 -34.54
N PRO A 341 -3.99 59.76 -35.45
CA PRO A 341 -4.76 61.00 -35.31
C PRO A 341 -5.61 61.04 -34.03
N VAL A 342 -6.09 59.88 -33.57
CA VAL A 342 -6.88 59.79 -32.30
C VAL A 342 -5.92 59.96 -31.13
N GLN A 343 -4.82 59.19 -31.12
CA GLN A 343 -3.76 59.31 -30.08
C GLN A 343 -3.29 60.77 -30.02
N ARG A 344 -3.13 61.44 -31.15
CA ARG A 344 -2.65 62.84 -31.23
C ARG A 344 -3.68 63.78 -30.59
N ARG A 345 -4.97 63.51 -30.79
CA ARG A 345 -6.07 64.34 -30.24
C ARG A 345 -6.13 64.16 -28.70
N LEU A 346 -5.91 62.95 -28.19
CA LEU A 346 -5.88 62.67 -26.74
C LEU A 346 -4.63 63.33 -26.11
N ASP A 347 -3.50 63.30 -26.81
CA ASP A 347 -2.27 63.97 -26.31
C ASP A 347 -2.57 65.45 -26.10
N ALA A 348 -3.29 66.09 -27.04
CA ALA A 348 -3.57 67.54 -27.04
C ALA A 348 -4.47 67.90 -25.85
N ALA A 349 -5.49 67.08 -25.54
CA ALA A 349 -6.39 67.26 -24.39
C ALA A 349 -7.21 66.00 -24.12
N ASP A 350 -7.15 65.51 -22.88
CA ASP A 350 -7.99 64.40 -22.35
C ASP A 350 -7.86 64.42 -20.81
N LEU A 351 -8.98 64.54 -20.09
CA LEU A 351 -8.98 64.57 -18.60
C LEU A 351 -8.30 63.31 -18.05
N LEU A 352 -8.49 62.17 -18.73
CA LEU A 352 -7.99 60.83 -18.34
C LEU A 352 -6.45 60.82 -18.28
N ASN A 353 -5.78 61.67 -19.05
CA ASN A 353 -4.28 61.76 -19.09
C ASN A 353 -3.73 62.08 -17.70
N GLU A 354 -4.55 62.62 -16.77
CA GLU A 354 -4.07 63.00 -15.41
C GLU A 354 -3.86 61.74 -14.55
N TRP A 355 -4.46 60.61 -14.92
CA TRP A 355 -4.47 59.36 -14.09
C TRP A 355 -4.01 58.13 -14.88
N THR A 356 -3.56 58.32 -16.11
CA THR A 356 -3.00 57.27 -16.99
C THR A 356 -1.71 57.82 -17.63
N PHE A 357 -0.81 56.93 -18.06
CA PHE A 357 0.39 57.32 -18.83
C PHE A 357 0.92 56.13 -19.60
N PRO A 358 1.29 56.31 -20.90
CA PRO A 358 1.83 55.21 -21.69
C PRO A 358 3.28 54.91 -21.26
N VAL A 359 3.58 53.65 -20.99
CA VAL A 359 4.95 53.20 -20.58
C VAL A 359 5.52 52.23 -21.64
N GLY A 360 4.75 51.87 -22.66
CA GLY A 360 5.21 50.99 -23.74
C GLY A 360 4.45 51.24 -25.03
N SER A 361 5.14 51.16 -26.17
CA SER A 361 4.56 51.37 -27.52
C SER A 361 5.22 50.43 -28.53
N ALA A 362 4.40 49.68 -29.28
CA ALA A 362 4.89 48.80 -30.36
C ALA A 362 3.89 48.81 -31.51
N VAL A 363 4.41 48.86 -32.74
CA VAL A 363 3.60 48.78 -33.98
C VAL A 363 4.05 47.56 -34.76
N PHE A 364 3.10 46.79 -35.29
CA PHE A 364 3.35 45.55 -36.06
C PHE A 364 2.41 45.50 -37.27
N ALA A 365 2.92 44.91 -38.35
CA ALA A 365 2.15 44.55 -39.56
C ALA A 365 1.72 43.10 -39.39
N VAL A 366 0.44 42.82 -39.58
CA VAL A 366 -0.16 41.49 -39.33
C VAL A 366 -0.50 40.88 -40.68
N PRO A 367 0.21 39.81 -41.10
CA PRO A 367 -0.13 39.10 -42.32
C PRO A 367 -1.61 38.67 -42.32
N GLY A 368 -2.12 38.38 -43.51
CA GLY A 368 -3.43 37.77 -43.71
C GLY A 368 -3.39 36.35 -43.19
N GLY A 369 -4.52 35.65 -43.25
CA GLY A 369 -4.63 34.24 -42.86
C GLY A 369 -3.98 33.33 -43.89
N TRP A 370 -4.14 32.01 -43.67
CA TRP A 370 -3.55 30.94 -44.49
C TRP A 370 -4.43 29.70 -44.37
N SER A 371 -4.25 28.77 -45.32
CA SER A 371 -5.00 27.50 -45.45
C SER A 371 -4.04 26.33 -45.26
N ALA A 372 -4.59 25.14 -45.02
CA ALA A 372 -3.83 23.89 -44.86
C ALA A 372 -2.74 23.84 -45.93
N GLY A 373 -1.46 23.76 -45.55
CA GLY A 373 -0.32 23.63 -46.47
C GLY A 373 0.39 24.94 -46.77
N GLU A 374 -0.15 26.06 -46.32
CA GLU A 374 0.53 27.39 -46.38
C GLU A 374 1.20 27.64 -45.03
N TYR A 375 1.89 28.76 -44.88
CA TYR A 375 2.49 29.22 -43.60
C TYR A 375 2.29 30.73 -43.43
N VAL A 376 2.19 31.17 -42.18
CA VAL A 376 1.87 32.59 -41.85
C VAL A 376 3.01 33.47 -42.38
N GLY A 377 2.64 34.50 -43.17
CA GLY A 377 3.59 35.51 -43.69
C GLY A 377 4.23 35.07 -44.99
N GLN A 378 3.75 33.97 -45.56
CA GLN A 378 4.29 33.36 -46.80
C GLN A 378 4.30 34.39 -47.94
N ARG A 379 3.22 35.15 -48.14
CA ARG A 379 3.10 36.16 -49.24
C ARG A 379 4.20 37.23 -49.11
N LEU A 380 4.65 37.54 -47.89
CA LEU A 380 5.79 38.48 -47.70
C LEU A 380 7.09 37.82 -48.16
N LEU A 381 7.41 36.62 -47.66
CA LEU A 381 8.76 36.01 -47.78
C LEU A 381 9.00 35.42 -49.19
N GLU A 382 7.99 35.44 -50.07
CA GLU A 382 8.06 35.23 -51.54
C GLU A 382 9.17 36.12 -52.17
N GLY A 383 9.31 37.37 -51.73
CA GLY A 383 10.37 38.29 -52.19
C GLY A 383 9.91 39.74 -52.18
N ALA B 23 -25.82 30.82 -10.47
CA ALA B 23 -25.96 29.73 -11.49
C ALA B 23 -24.61 29.34 -12.11
N GLY B 24 -23.59 30.21 -11.99
CA GLY B 24 -22.25 29.98 -12.56
C GLY B 24 -21.14 30.20 -11.54
N PRO B 25 -19.88 29.90 -11.90
CA PRO B 25 -18.79 29.90 -10.91
C PRO B 25 -18.52 31.28 -10.31
N GLY B 26 -19.02 32.34 -10.95
CA GLY B 26 -18.91 33.73 -10.44
C GLY B 26 -19.78 33.97 -9.21
N ASP B 27 -20.89 33.23 -9.07
CA ASP B 27 -21.91 33.44 -8.01
C ASP B 27 -21.51 32.74 -6.71
N VAL B 28 -20.49 31.88 -6.75
CA VAL B 28 -20.15 31.01 -5.59
C VAL B 28 -19.62 31.89 -4.45
N VAL B 29 -20.25 31.80 -3.29
CA VAL B 29 -19.79 32.36 -1.99
C VAL B 29 -19.26 31.22 -1.12
N VAL B 30 -17.99 31.28 -0.72
CA VAL B 30 -17.39 30.38 0.30
C VAL B 30 -17.48 31.08 1.65
N PRO B 31 -18.16 30.48 2.67
CA PRO B 31 -18.29 31.13 3.97
C PRO B 31 -16.90 31.41 4.57
N CYS B 32 -16.70 32.63 5.07
CA CYS B 32 -15.43 33.08 5.68
C CYS B 32 -15.45 32.79 7.19
N HIS B 33 -16.62 32.49 7.75
CA HIS B 33 -16.84 32.13 9.18
C HIS B 33 -16.84 30.62 9.39
N GLY B 34 -16.19 30.17 10.45
CA GLY B 34 -16.24 28.78 10.90
C GLY B 34 -15.21 28.52 11.99
N GLU B 35 -15.13 27.27 12.44
CA GLU B 35 -14.07 26.76 13.34
C GLU B 35 -12.70 27.16 12.78
N HIS B 36 -12.52 27.09 11.47
CA HIS B 36 -11.24 27.38 10.78
C HIS B 36 -11.41 28.51 9.77
N GLN B 37 -10.30 29.15 9.39
CA GLN B 37 -10.27 30.11 8.25
C GLN B 37 -10.55 29.30 6.97
N ALA B 38 -11.25 29.89 6.01
CA ALA B 38 -11.43 29.31 4.66
C ALA B 38 -10.12 29.46 3.90
N GLY B 39 -9.97 28.75 2.79
CA GLY B 39 -8.82 28.87 1.88
C GLY B 39 -7.74 27.86 2.22
N ILE B 40 -8.05 26.89 3.09
CA ILE B 40 -7.11 25.83 3.53
C ILE B 40 -7.66 24.47 3.10
N VAL B 41 -8.81 24.04 3.64
CA VAL B 41 -9.47 22.77 3.20
C VAL B 41 -10.51 23.09 2.11
N THR B 42 -10.83 24.37 1.92
CA THR B 42 -11.64 24.84 0.77
C THR B 42 -11.02 24.27 -0.51
N PRO B 43 -11.82 23.59 -1.38
CA PRO B 43 -11.31 23.09 -2.65
C PRO B 43 -10.57 24.23 -3.35
N PRO B 44 -9.31 24.02 -3.82
CA PRO B 44 -8.55 25.12 -4.42
C PRO B 44 -9.18 25.66 -5.70
N PRO B 45 -9.47 26.98 -5.77
CA PRO B 45 -9.97 27.59 -6.99
C PRO B 45 -8.81 27.93 -7.93
N SER B 46 -9.13 28.54 -9.09
CA SER B 46 -8.19 28.69 -10.23
C SER B 46 -6.99 29.59 -9.89
N PHE B 47 -7.16 30.65 -9.09
CA PHE B 47 -6.09 31.68 -8.94
C PHE B 47 -5.77 31.96 -7.47
N ILE B 48 -4.52 32.42 -7.25
CA ILE B 48 -3.93 32.76 -5.94
C ILE B 48 -3.02 33.99 -6.09
N ALA B 49 -3.07 34.87 -5.09
CA ALA B 49 -2.04 35.90 -4.84
C ALA B 49 -1.68 35.82 -3.37
N LEU B 50 -0.44 35.46 -3.07
CA LEU B 50 0.09 35.50 -1.68
C LEU B 50 0.74 36.87 -1.53
N VAL B 51 0.17 37.71 -0.67
CA VAL B 51 0.67 39.08 -0.40
C VAL B 51 1.28 39.08 1.00
N ALA B 52 2.61 39.11 1.06
CA ALA B 52 3.40 39.34 2.28
C ALA B 52 3.49 40.84 2.52
N LEU B 53 3.22 41.27 3.73
CA LEU B 53 3.36 42.68 4.14
C LEU B 53 4.30 42.76 5.33
N ASP B 54 5.00 43.88 5.47
CA ASP B 54 5.86 44.19 6.63
C ASP B 54 5.22 45.33 7.42
N LEU B 55 5.15 45.19 8.74
CA LEU B 55 4.55 46.23 9.62
C LEU B 55 5.39 47.50 9.56
N ALA B 56 4.76 48.66 9.71
CA ALA B 56 5.42 49.98 9.85
C ALA B 56 6.32 49.95 11.10
N SER B 57 7.40 50.73 11.06
CA SER B 57 8.38 50.94 12.15
C SER B 57 7.67 51.40 13.43
N THR B 58 6.54 52.09 13.31
CA THR B 58 5.77 52.69 14.43
C THR B 58 4.84 51.66 15.08
N SER B 59 4.69 50.48 14.48
CA SER B 59 3.63 49.49 14.84
C SER B 59 3.74 49.06 16.32
N ASP B 60 2.58 48.87 16.96
CA ASP B 60 2.44 48.31 18.33
C ASP B 60 1.22 47.39 18.31
N ARG B 61 0.86 46.84 19.48
CA ARG B 61 -0.31 45.92 19.61
C ARG B 61 -1.57 46.56 19.02
N ALA B 62 -1.76 47.86 19.24
CA ALA B 62 -2.99 48.58 18.85
C ALA B 62 -3.07 48.68 17.32
N SER B 63 -1.95 49.00 16.67
CA SER B 63 -1.78 49.03 15.19
C SER B 63 -2.18 47.70 14.60
N VAL B 64 -1.57 46.62 15.10
CA VAL B 64 -1.78 45.25 14.55
C VAL B 64 -3.27 44.91 14.70
N GLU B 65 -3.83 45.20 15.87
CA GLU B 65 -5.26 44.92 16.16
C GLU B 65 -6.15 45.65 15.14
N ARG B 66 -5.97 46.95 15.01
CA ARG B 66 -6.74 47.80 14.05
C ARG B 66 -6.66 47.17 12.64
N LEU B 67 -5.45 46.83 12.19
CA LEU B 67 -5.21 46.23 10.86
C LEU B 67 -6.06 44.97 10.67
N LEU B 68 -5.99 44.05 11.62
CA LEU B 68 -6.74 42.76 11.59
C LEU B 68 -8.25 43.03 11.59
N ARG B 69 -8.68 44.07 12.30
CA ARG B 69 -10.12 44.40 12.42
C ARG B 69 -10.64 44.97 11.10
N VAL B 70 -9.91 45.91 10.47
CA VAL B 70 -10.35 46.51 9.19
C VAL B 70 -10.33 45.42 8.12
N TRP B 71 -9.34 44.53 8.14
CA TRP B 71 -9.24 43.39 7.18
C TRP B 71 -10.42 42.44 7.36
N THR B 72 -10.82 42.18 8.60
CA THR B 72 -11.96 41.28 8.89
C THR B 72 -13.21 41.82 8.19
N VAL B 73 -13.47 43.12 8.32
CA VAL B 73 -14.62 43.77 7.63
C VAL B 73 -14.52 43.50 6.12
N ASP B 74 -13.36 43.78 5.53
CA ASP B 74 -13.13 43.67 4.07
C ASP B 74 -13.27 42.21 3.61
N ILE B 75 -12.74 41.27 4.38
CA ILE B 75 -12.87 39.82 4.07
C ILE B 75 -14.37 39.45 4.09
N GLU B 76 -15.10 39.86 5.13
CA GLU B 76 -16.52 39.46 5.28
C GLU B 76 -17.34 40.03 4.12
N ARG B 77 -16.99 41.23 3.65
CA ARG B 77 -17.69 41.92 2.54
C ARG B 77 -17.29 41.34 1.18
N LEU B 78 -15.99 41.37 0.85
CA LEU B 78 -15.51 40.99 -0.51
C LEU B 78 -15.94 39.53 -0.81
N THR B 79 -15.85 38.63 0.18
CA THR B 79 -16.12 37.17 -0.01
C THR B 79 -17.62 36.93 -0.25
N THR B 80 -18.48 37.90 0.06
CA THR B 80 -19.96 37.80 -0.14
C THR B 80 -20.37 38.71 -1.30
N GLY B 81 -19.39 39.25 -2.04
CA GLY B 81 -19.64 40.08 -3.25
C GLY B 81 -20.17 41.45 -2.88
N ARG B 82 -19.80 41.96 -1.70
CA ARG B 82 -20.08 43.36 -1.30
C ARG B 82 -18.78 44.12 -1.33
N PRO B 83 -18.79 45.41 -1.73
CA PRO B 83 -17.60 46.25 -1.68
C PRO B 83 -16.99 46.29 -0.28
N GLY B 84 -15.66 46.47 -0.23
CA GLY B 84 -14.88 46.65 1.00
C GLY B 84 -15.13 48.01 1.61
N LEU B 85 -14.44 48.31 2.71
CA LEU B 85 -14.55 49.56 3.48
C LEU B 85 -13.80 50.66 2.72
N ALA B 86 -12.52 50.42 2.41
CA ALA B 86 -11.69 51.30 1.54
C ALA B 86 -11.81 50.83 0.08
N ASP B 87 -13.01 50.92 -0.49
CA ASP B 87 -13.35 50.34 -1.82
C ASP B 87 -14.05 51.40 -2.67
N SER B 88 -13.29 52.00 -3.59
CA SER B 88 -13.74 53.05 -4.53
C SER B 88 -14.20 52.44 -5.87
N GLU B 89 -14.08 51.11 -6.05
CA GLU B 89 -14.50 50.41 -7.30
C GLU B 89 -15.46 49.28 -6.93
N PRO B 90 -16.65 49.62 -6.38
CA PRO B 90 -17.58 48.60 -5.88
C PRO B 90 -18.02 47.56 -6.92
N GLU B 91 -18.17 47.97 -8.18
CA GLU B 91 -18.60 47.10 -9.30
C GLU B 91 -17.58 45.97 -9.52
N LEU B 92 -16.33 46.18 -9.16
CA LEU B 92 -15.27 45.14 -9.30
C LEU B 92 -15.39 44.10 -8.17
N ALA B 93 -16.30 44.32 -7.22
CA ALA B 93 -16.50 43.45 -6.03
C ALA B 93 -17.72 42.53 -6.20
N LEU B 94 -18.62 42.83 -7.10
CA LEU B 94 -19.99 42.26 -7.13
C LEU B 94 -19.97 40.77 -7.47
N VAL B 95 -18.86 40.27 -8.05
CA VAL B 95 -18.73 38.85 -8.48
C VAL B 95 -17.74 38.19 -7.53
N PRO B 96 -18.21 37.45 -6.50
CA PRO B 96 -17.33 36.90 -5.48
C PRO B 96 -16.40 35.80 -5.99
N ALA B 97 -16.89 34.95 -6.90
CA ALA B 97 -16.06 33.91 -7.59
C ALA B 97 -15.28 33.08 -6.57
N ALA B 98 -15.95 32.62 -5.51
CA ALA B 98 -15.40 31.71 -4.46
C ALA B 98 -14.22 32.37 -3.75
N LEU B 99 -14.19 33.71 -3.67
CA LEU B 99 -13.06 34.44 -3.03
C LEU B 99 -12.87 33.90 -1.61
N THR B 100 -11.61 33.60 -1.24
CA THR B 100 -11.14 33.37 0.15
C THR B 100 -9.91 34.26 0.40
N VAL B 101 -9.77 34.71 1.65
CA VAL B 101 -8.55 35.38 2.18
C VAL B 101 -8.15 34.58 3.41
N THR B 102 -6.92 34.07 3.46
CA THR B 102 -6.35 33.35 4.62
C THR B 102 -5.23 34.22 5.18
N VAL B 103 -5.32 34.57 6.46
CA VAL B 103 -4.35 35.47 7.15
C VAL B 103 -3.36 34.62 7.96
N GLY B 104 -2.08 34.88 7.77
CA GLY B 104 -0.99 34.24 8.51
C GLY B 104 -0.09 35.27 9.14
N PHE B 105 0.46 34.95 10.29
CA PHE B 105 1.34 35.85 11.09
C PHE B 105 2.76 35.29 11.07
N GLY B 106 3.71 36.13 10.69
CA GLY B 106 5.15 35.87 10.82
C GLY B 106 5.63 36.29 12.20
N PRO B 107 6.83 35.85 12.62
CA PRO B 107 7.34 36.15 13.95
C PRO B 107 7.37 37.66 14.26
N GLY B 108 7.70 38.47 13.24
CA GLY B 108 7.81 39.95 13.35
C GLY B 108 6.51 40.57 13.81
N LEU B 109 5.36 39.97 13.45
CA LEU B 109 4.04 40.49 13.92
C LEU B 109 3.97 40.34 15.43
N LEU B 110 4.33 39.18 15.96
CA LEU B 110 4.25 38.89 17.43
C LEU B 110 5.23 39.80 18.17
N THR B 111 6.44 39.96 17.62
CA THR B 111 7.46 40.90 18.15
C THR B 111 6.84 42.31 18.24
N ALA B 112 6.29 42.81 17.14
CA ALA B 112 5.80 44.21 17.04
C ALA B 112 4.63 44.41 18.03
N ALA B 113 3.79 43.40 18.22
CA ALA B 113 2.63 43.44 19.15
C ALA B 113 3.07 43.25 20.61
N GLY B 114 4.33 42.87 20.88
CA GLY B 114 4.81 42.57 22.25
C GLY B 114 4.25 41.25 22.74
N LEU B 115 4.28 40.22 21.88
CA LEU B 115 3.62 38.92 22.10
C LEU B 115 4.57 37.77 21.78
N ARG B 116 5.88 37.99 21.90
CA ARG B 116 6.91 36.95 21.64
C ARG B 116 6.61 35.73 22.52
N HIS B 117 6.14 35.96 23.76
CA HIS B 117 5.81 34.88 24.74
C HIS B 117 4.66 33.99 24.22
N ARG B 118 3.92 34.43 23.20
CA ARG B 118 2.80 33.65 22.62
C ARG B 118 3.24 32.93 21.33
N ALA B 119 4.48 33.11 20.89
CA ALA B 119 5.05 32.47 19.68
C ALA B 119 5.11 30.95 19.88
N PRO B 120 4.52 30.12 18.99
CA PRO B 120 4.82 28.70 19.02
C PRO B 120 6.31 28.45 18.71
N ALA B 121 6.86 27.32 19.21
CA ALA B 121 8.26 26.90 19.01
C ALA B 121 8.62 26.85 17.51
N TRP B 122 7.66 26.59 16.64
CA TRP B 122 7.91 26.36 15.18
C TRP B 122 7.78 27.67 14.37
N LEU B 123 7.53 28.82 15.00
CA LEU B 123 7.36 30.09 14.23
C LEU B 123 8.72 30.76 14.02
N HIS B 124 9.45 30.33 12.99
CA HIS B 124 10.81 30.80 12.64
C HIS B 124 11.10 30.37 11.20
N PRO B 125 12.00 31.03 10.47
CA PRO B 125 12.42 30.56 9.15
C PRO B 125 12.82 29.06 9.18
N LEU B 126 12.56 28.33 8.10
CA LEU B 126 13.07 26.95 7.98
C LEU B 126 14.58 27.01 8.15
N PRO B 127 15.25 25.95 8.66
CA PRO B 127 16.71 25.92 8.66
C PRO B 127 17.21 25.97 7.22
N PRO B 128 18.46 26.41 6.96
CA PRO B 128 18.99 26.44 5.60
C PRO B 128 19.30 25.02 5.11
N PHE B 129 19.13 24.78 3.80
CA PHE B 129 19.40 23.48 3.14
C PHE B 129 20.41 23.71 2.01
N GLY B 130 21.25 22.71 1.74
CA GLY B 130 22.23 22.76 0.63
C GLY B 130 21.59 23.13 -0.71
N ILE B 131 20.35 22.70 -0.95
CA ILE B 131 19.62 22.92 -2.24
C ILE B 131 19.10 24.36 -2.35
N ASP B 132 19.03 25.10 -1.24
CA ASP B 132 18.45 26.47 -1.17
C ASP B 132 19.21 27.40 -2.11
N ARG B 133 18.50 28.13 -2.97
CA ARG B 133 19.04 29.32 -3.69
C ARG B 133 18.18 30.53 -3.29
N LEU B 134 17.99 30.74 -1.99
CA LEU B 134 16.93 31.66 -1.48
C LEU B 134 17.29 33.10 -1.83
N ASP B 135 16.34 33.78 -2.48
CA ASP B 135 16.33 35.24 -2.73
C ASP B 135 15.53 35.93 -1.62
N PRO B 136 16.18 36.73 -0.75
CA PRO B 136 15.49 37.39 0.37
C PRO B 136 14.20 38.13 0.00
N ALA B 137 14.07 38.63 -1.23
CA ALA B 137 12.88 39.35 -1.75
C ALA B 137 11.69 38.40 -1.91
N TRP B 138 11.89 37.08 -1.85
CA TRP B 138 10.79 36.09 -1.87
C TRP B 138 10.68 35.38 -0.51
N CYS B 139 11.34 35.92 0.53
CA CYS B 139 11.45 35.28 1.87
C CYS B 139 10.73 36.10 2.93
N ASP B 140 10.23 35.40 3.95
CA ASP B 140 9.72 35.94 5.24
C ASP B 140 8.53 36.90 4.96
N GLY B 141 8.31 37.88 5.84
CA GLY B 141 7.10 38.71 5.91
C GLY B 141 6.50 38.65 7.31
N ASP B 142 6.12 39.82 7.87
CA ASP B 142 5.45 39.94 9.19
C ASP B 142 4.05 39.35 9.11
N VAL B 143 3.37 39.50 7.98
CA VAL B 143 1.99 38.97 7.80
C VAL B 143 1.78 38.64 6.32
N VAL B 144 0.88 37.70 6.06
CA VAL B 144 0.57 37.23 4.69
C VAL B 144 -0.93 37.15 4.52
N LEU B 145 -1.41 37.56 3.34
CA LEU B 145 -2.79 37.28 2.87
C LEU B 145 -2.68 36.29 1.71
N GLN B 146 -3.15 35.05 1.91
CA GLN B 146 -3.38 34.15 0.76
C GLN B 146 -4.76 34.49 0.21
N VAL B 147 -4.78 35.12 -0.98
CA VAL B 147 -6.03 35.55 -1.65
C VAL B 147 -6.25 34.62 -2.85
N CYS B 148 -7.36 33.89 -2.82
CA CYS B 148 -7.73 32.86 -3.82
C CYS B 148 -9.11 33.16 -4.40
N ALA B 149 -9.28 32.98 -5.70
CA ALA B 149 -10.56 33.15 -6.41
C ALA B 149 -10.54 32.45 -7.78
N ASP B 150 -11.73 32.20 -8.33
CA ASP B 150 -11.93 31.59 -9.67
C ASP B 150 -11.96 32.66 -10.76
N ASP B 151 -11.60 33.91 -10.42
CA ASP B 151 -11.62 35.06 -11.36
C ASP B 151 -10.52 36.04 -11.01
N ARG B 152 -9.76 36.49 -12.03
CA ARG B 152 -8.52 37.30 -11.87
C ARG B 152 -8.86 38.76 -11.56
N THR B 153 -9.99 39.27 -12.06
CA THR B 153 -10.45 40.65 -11.81
C THR B 153 -10.89 40.74 -10.35
N THR B 154 -11.68 39.78 -9.88
CA THR B 154 -12.12 39.65 -8.47
C THR B 154 -10.89 39.64 -7.55
N LEU B 155 -9.86 38.88 -7.94
CA LEU B 155 -8.62 38.71 -7.15
C LEU B 155 -7.85 40.03 -7.13
N ALA B 156 -7.68 40.65 -8.31
CA ALA B 156 -6.97 41.94 -8.46
C ALA B 156 -7.64 42.97 -7.55
N HIS B 157 -8.97 43.02 -7.57
CA HIS B 157 -9.74 43.99 -6.76
C HIS B 157 -9.51 43.71 -5.26
N ALA B 158 -9.75 42.48 -4.82
CA ALA B 158 -9.58 42.08 -3.41
C ALA B 158 -8.21 42.51 -2.91
N VAL B 159 -7.16 42.16 -3.66
CA VAL B 159 -5.75 42.50 -3.32
C VAL B 159 -5.62 44.03 -3.19
N ARG B 160 -6.19 44.78 -4.13
CA ARG B 160 -6.12 46.27 -4.13
C ARG B 160 -6.79 46.79 -2.84
N VAL B 161 -7.96 46.26 -2.49
CA VAL B 161 -8.75 46.74 -1.30
C VAL B 161 -7.98 46.41 -0.04
N LEU B 162 -7.52 45.17 0.12
CA LEU B 162 -6.83 44.73 1.37
C LEU B 162 -5.52 45.50 1.53
N THR B 163 -4.82 45.76 0.43
CA THR B 163 -3.50 46.47 0.43
C THR B 163 -3.73 47.92 0.86
N LYS B 164 -4.70 48.60 0.25
CA LYS B 164 -5.07 49.99 0.61
C LYS B 164 -5.47 50.09 2.08
N GLU B 165 -6.20 49.12 2.61
CA GLU B 165 -6.70 49.13 4.00
C GLU B 165 -5.53 49.16 5.00
N ALA B 166 -4.40 48.55 4.63
CA ALA B 166 -3.20 48.42 5.48
C ALA B 166 -2.29 49.65 5.34
N GLN B 167 -2.64 50.62 4.48
CA GLN B 167 -1.80 51.82 4.21
C GLN B 167 -1.49 52.49 5.55
N GLY B 168 -0.20 52.67 5.88
CA GLY B 168 0.24 53.27 7.16
C GLY B 168 0.42 52.26 8.30
N LEU B 169 -0.10 51.04 8.17
CA LEU B 169 0.00 49.96 9.19
C LEU B 169 0.96 48.86 8.73
N ALA B 170 0.92 48.56 7.44
CA ALA B 170 1.82 47.56 6.79
C ALA B 170 1.97 47.91 5.31
N SER B 171 3.12 47.63 4.75
CA SER B 171 3.42 47.83 3.30
C SER B 171 3.78 46.49 2.67
N VAL B 172 3.57 46.36 1.36
CA VAL B 172 3.80 45.11 0.59
C VAL B 172 5.30 44.80 0.60
N ARG B 173 5.65 43.55 0.89
CA ARG B 173 7.05 43.04 0.84
C ARG B 173 7.23 42.27 -0.46
N TRP B 174 6.31 41.33 -0.74
CA TRP B 174 6.25 40.59 -2.01
C TRP B 174 4.82 40.13 -2.29
N VAL B 175 4.58 39.81 -3.56
CA VAL B 175 3.33 39.20 -4.07
C VAL B 175 3.73 38.07 -5.02
N GLN B 176 3.29 36.86 -4.73
CA GLN B 176 3.48 35.66 -5.59
C GLN B 176 2.10 35.30 -6.16
N ARG B 177 2.00 35.24 -7.49
CA ARG B 177 0.74 35.01 -8.24
C ARG B 177 0.86 33.61 -8.84
N GLY B 178 -0.22 32.84 -8.80
CA GLY B 178 -0.22 31.48 -9.37
C GLY B 178 -1.59 31.11 -9.91
N PHE B 179 -1.65 29.95 -10.57
CA PHE B 179 -2.83 29.50 -11.34
C PHE B 179 -2.87 27.97 -11.43
N ARG B 180 -4.09 27.48 -11.58
CA ARG B 180 -4.40 26.11 -12.08
C ARG B 180 -5.29 26.33 -13.31
N ARG B 181 -6.03 25.29 -13.73
CA ARG B 181 -6.97 25.43 -14.86
C ARG B 181 -8.14 26.34 -14.42
N SER B 182 -8.84 26.92 -15.40
CA SER B 182 -9.97 27.85 -15.16
C SER B 182 -11.18 27.06 -14.64
N PRO B 183 -12.17 27.74 -14.00
CA PRO B 183 -13.40 27.06 -13.63
C PRO B 183 -14.09 26.43 -14.85
N GLY B 184 -14.63 25.22 -14.66
CA GLY B 184 -15.31 24.43 -15.69
C GLY B 184 -14.31 23.72 -16.58
N ILE B 185 -13.01 23.83 -16.27
CA ILE B 185 -11.93 23.17 -17.04
C ILE B 185 -11.20 22.21 -16.10
N SER B 186 -11.39 20.92 -16.35
CA SER B 186 -10.77 19.77 -15.64
C SER B 186 -9.57 19.29 -16.46
N GLU B 187 -8.56 18.76 -15.77
CA GLU B 187 -7.31 18.27 -16.42
C GLU B 187 -7.66 17.13 -17.37
N PRO B 188 -6.74 16.76 -18.30
CA PRO B 188 -6.87 15.50 -19.04
C PRO B 188 -7.09 14.28 -18.12
N ASP B 189 -8.21 13.57 -18.32
CA ASP B 189 -8.61 12.31 -17.62
C ASP B 189 -8.90 12.62 -16.13
N GLY B 190 -9.53 13.76 -15.86
CA GLY B 190 -10.04 14.16 -14.52
C GLY B 190 -8.97 14.14 -13.43
N THR B 191 -7.70 14.39 -13.75
CA THR B 191 -6.56 14.37 -12.80
C THR B 191 -6.61 15.62 -11.90
N SER B 192 -5.80 15.66 -10.83
CA SER B 192 -5.91 16.60 -9.70
C SER B 192 -5.42 18.01 -10.08
N MET B 193 -4.16 18.13 -10.49
CA MET B 193 -3.55 19.39 -11.01
C MET B 193 -2.35 19.02 -11.87
N ARG B 194 -2.15 19.75 -12.97
CA ARG B 194 -0.97 19.64 -13.87
C ARG B 194 -0.05 20.81 -13.56
N ASN B 195 1.23 20.53 -13.34
CA ASN B 195 2.26 21.55 -13.11
C ASN B 195 2.98 21.76 -14.45
N LEU B 196 3.87 22.74 -14.50
CA LEU B 196 4.51 23.21 -15.75
C LEU B 196 5.71 22.32 -16.10
N MET B 197 6.00 21.31 -15.27
CA MET B 197 6.89 20.20 -15.68
C MET B 197 6.05 19.16 -16.45
N GLY B 198 4.73 19.35 -16.51
CA GLY B 198 3.78 18.49 -17.21
C GLY B 198 3.28 17.35 -16.32
N GLN B 199 3.58 17.40 -15.03
CA GLN B 199 3.30 16.28 -14.07
C GLN B 199 1.93 16.48 -13.41
N VAL B 200 1.35 15.39 -12.92
CA VAL B 200 0.16 15.40 -12.02
C VAL B 200 0.69 15.67 -10.60
N GLU B 201 0.12 16.66 -9.91
CA GLU B 201 0.50 17.10 -8.54
C GLU B 201 -0.76 17.04 -7.67
N GLY B 202 -0.68 16.42 -6.50
CA GLY B 202 -1.72 16.47 -5.44
C GLY B 202 -2.32 15.12 -5.11
N THR B 203 -1.82 14.04 -5.74
CA THR B 203 -2.42 12.69 -5.68
C THR B 203 -2.42 12.14 -4.25
N ALA B 204 -1.24 12.01 -3.64
CA ALA B 204 -1.02 11.44 -2.29
C ALA B 204 -0.91 12.58 -1.28
N ASN B 205 -2.03 13.25 -1.00
CA ASN B 205 -2.08 14.43 -0.10
C ASN B 205 -2.59 14.00 1.28
N LEU B 206 -2.36 14.81 2.31
CA LEU B 206 -3.00 14.69 3.64
C LEU B 206 -4.51 14.75 3.45
N ASP B 207 -5.24 13.79 4.03
CA ASP B 207 -6.74 13.86 4.12
C ASP B 207 -7.13 14.44 5.47
N PRO B 208 -7.52 15.73 5.53
CA PRO B 208 -7.92 16.34 6.80
C PRO B 208 -9.26 15.81 7.38
N ARG B 209 -10.03 15.03 6.62
CA ARG B 209 -11.29 14.38 7.10
C ARG B 209 -10.92 13.17 7.97
N THR B 210 -9.85 12.46 7.62
CA THR B 210 -9.36 11.27 8.38
C THR B 210 -8.37 11.72 9.45
N ASP B 211 -7.51 12.71 9.14
CA ASP B 211 -6.33 13.05 9.98
C ASP B 211 -6.35 14.54 10.35
N PRO B 212 -7.46 15.04 10.94
CA PRO B 212 -7.57 16.47 11.26
C PRO B 212 -6.51 16.96 12.26
N ASP B 213 -6.02 16.08 13.15
CA ASP B 213 -5.02 16.44 14.20
C ASP B 213 -3.65 16.75 13.59
N LEU B 214 -3.42 16.37 12.32
CA LEU B 214 -2.13 16.62 11.61
C LEU B 214 -2.16 17.95 10.85
N LEU B 215 -3.31 18.63 10.81
CA LEU B 215 -3.48 19.93 10.13
C LEU B 215 -3.78 21.03 11.14
N TRP B 216 -4.77 20.76 12.01
CA TRP B 216 -5.42 21.74 12.89
C TRP B 216 -4.82 21.66 14.30
N HIS B 217 -4.45 22.79 14.87
CA HIS B 217 -4.09 22.95 16.31
C HIS B 217 -5.39 22.87 17.13
N ARG B 218 -5.46 22.03 18.15
CA ARG B 218 -6.66 21.91 19.03
C ARG B 218 -6.29 22.37 20.45
N ASP B 219 -5.75 21.46 21.28
CA ASP B 219 -5.68 21.62 22.75
C ASP B 219 -4.38 22.36 23.14
N GLY B 220 -3.29 22.12 22.42
CA GLY B 220 -1.92 22.43 22.86
C GLY B 220 -1.71 23.90 23.19
N GLU B 221 -0.54 24.20 23.75
CA GLU B 221 -0.04 25.59 23.93
C GLU B 221 0.66 26.00 22.64
N PRO B 222 0.52 27.25 22.12
CA PRO B 222 -0.29 28.31 22.73
C PRO B 222 -1.78 28.26 22.36
N GLY B 223 -2.64 28.63 23.30
CA GLY B 223 -4.11 28.51 23.22
C GLY B 223 -4.72 29.33 22.09
N TRP B 224 -4.08 30.43 21.68
CA TRP B 224 -4.64 31.34 20.64
C TRP B 224 -4.70 30.66 19.26
N LEU B 225 -3.95 29.57 19.06
CA LEU B 225 -3.91 28.86 17.75
C LEU B 225 -5.00 27.79 17.62
N THR B 226 -5.91 27.64 18.58
CA THR B 226 -7.05 26.69 18.47
C THR B 226 -7.82 26.96 17.18
N GLY B 227 -8.02 25.92 16.36
CA GLY B 227 -8.68 25.99 15.03
C GLY B 227 -7.72 26.47 13.94
N GLY B 228 -6.47 26.76 14.33
CA GLY B 228 -5.44 27.34 13.47
C GLY B 228 -4.47 26.31 12.96
N THR B 229 -3.39 26.76 12.34
CA THR B 229 -2.42 25.88 11.65
C THR B 229 -1.14 26.67 11.41
N SER B 230 -0.19 26.06 10.73
CA SER B 230 1.06 26.69 10.25
C SER B 230 1.03 26.64 8.72
N MET B 231 1.67 27.61 8.09
CA MET B 231 1.71 27.77 6.62
C MET B 231 3.18 27.90 6.21
N VAL B 232 3.59 27.10 5.24
CA VAL B 232 4.91 27.21 4.56
C VAL B 232 4.64 27.64 3.12
N VAL B 233 5.41 28.63 2.65
CA VAL B 233 5.47 29.05 1.22
C VAL B 233 6.90 28.89 0.76
N ARG B 234 7.17 27.90 -0.09
CA ARG B 234 8.41 27.78 -0.88
C ARG B 234 8.09 28.15 -2.34
N ARG B 235 8.74 29.19 -2.85
CA ARG B 235 8.79 29.50 -4.29
C ARG B 235 9.87 28.59 -4.90
N ILE B 236 9.47 27.60 -5.68
CA ILE B 236 10.43 26.57 -6.19
C ILE B 236 10.46 26.68 -7.71
N ALA B 237 11.61 27.13 -8.24
CA ALA B 237 11.84 27.35 -9.68
C ALA B 237 12.05 25.99 -10.36
N MET B 238 11.51 25.85 -11.58
CA MET B 238 11.75 24.68 -12.47
C MET B 238 12.74 25.09 -13.54
N ASN B 239 13.84 24.35 -13.66
CA ASN B 239 14.79 24.54 -14.79
C ASN B 239 14.22 23.78 -15.98
N LEU B 240 13.25 24.34 -16.69
CA LEU B 240 12.59 23.67 -17.84
C LEU B 240 13.61 23.46 -18.97
N ASP B 241 14.62 24.30 -19.10
CA ASP B 241 15.65 24.20 -20.17
C ASP B 241 16.44 22.88 -19.98
N THR B 242 16.90 22.55 -18.78
CA THR B 242 17.62 21.26 -18.49
C THR B 242 16.62 20.10 -18.40
N TRP B 243 15.42 20.33 -17.87
CA TRP B 243 14.33 19.30 -17.82
C TRP B 243 14.05 18.77 -19.24
N ASP B 244 14.17 19.63 -20.25
CA ASP B 244 13.92 19.29 -21.68
C ASP B 244 14.97 18.29 -22.19
N GLU B 245 16.13 18.18 -21.54
CA GLU B 245 17.23 17.27 -21.94
C GLU B 245 16.91 15.81 -21.52
N LEU B 246 15.86 15.59 -20.71
CA LEU B 246 15.51 14.22 -20.21
C LEU B 246 14.48 13.59 -21.15
N SER B 247 14.68 12.32 -21.50
CA SER B 247 13.62 11.43 -22.02
C SER B 247 12.43 11.41 -21.04
N ARG B 248 11.26 11.06 -21.56
CA ARG B 248 10.04 10.74 -20.79
C ARG B 248 10.36 9.75 -19.65
N GLY B 249 11.10 8.69 -19.94
CA GLY B 249 11.43 7.61 -18.99
C GLY B 249 12.22 8.13 -17.80
N ALA B 250 13.19 9.00 -18.06
CA ALA B 250 14.06 9.64 -17.04
C ALA B 250 13.23 10.61 -16.18
N ARG B 251 12.25 11.30 -16.78
CA ARG B 251 11.37 12.25 -16.05
C ARG B 251 10.45 11.48 -15.11
N GLU B 252 9.93 10.34 -15.58
CA GLU B 252 9.02 9.48 -14.79
C GLU B 252 9.81 8.83 -13.67
N ALA B 253 11.04 8.37 -13.93
CA ALA B 253 11.92 7.76 -12.92
C ALA B 253 12.20 8.78 -11.81
N THR B 254 12.36 10.06 -12.17
CA THR B 254 12.71 11.20 -11.27
C THR B 254 11.65 11.33 -10.18
N ILE B 255 10.38 11.19 -10.54
CA ILE B 255 9.20 11.33 -9.63
C ILE B 255 8.83 9.99 -9.03
N GLY B 256 8.81 8.92 -9.84
CA GLY B 256 8.28 7.59 -9.52
C GLY B 256 6.85 7.39 -10.02
N ARG B 257 6.32 8.30 -10.84
CA ARG B 257 4.96 8.21 -11.45
C ARG B 257 5.00 8.62 -12.93
N THR B 258 4.05 8.12 -13.73
CA THR B 258 4.00 8.36 -15.21
C THR B 258 3.40 9.73 -15.46
N LEU B 259 3.72 10.33 -16.60
CA LEU B 259 3.23 11.70 -16.95
C LEU B 259 1.81 11.60 -17.53
N ARG B 260 1.53 10.54 -18.27
CA ARG B 260 0.22 10.39 -18.98
C ARG B 260 -0.89 10.24 -17.94
N THR B 261 -0.90 9.13 -17.19
CA THR B 261 -1.99 8.76 -16.24
C THR B 261 -1.74 9.37 -14.85
N GLY B 262 -0.47 9.55 -14.47
CA GLY B 262 -0.08 9.96 -13.10
C GLY B 262 -0.02 8.77 -12.15
N ALA B 263 0.05 7.56 -12.71
CA ALA B 263 0.12 6.28 -11.99
C ALA B 263 1.54 6.08 -11.53
N PRO B 264 1.77 5.31 -10.44
CA PRO B 264 3.12 4.91 -10.08
C PRO B 264 3.70 4.04 -11.19
N LEU B 265 5.02 3.97 -11.31
CA LEU B 265 5.71 3.11 -12.31
C LEU B 265 5.24 1.67 -12.19
N THR B 266 4.76 1.28 -10.99
CA THR B 266 4.38 -0.10 -10.61
C THR B 266 2.88 -0.36 -10.83
N GLY B 267 2.09 0.66 -11.13
CA GLY B 267 0.61 0.58 -11.20
C GLY B 267 0.07 0.94 -12.58
N ARG B 268 -1.25 1.07 -12.71
CA ARG B 268 -1.98 1.38 -13.98
C ARG B 268 -2.79 2.67 -13.89
N ALA B 269 -3.28 3.05 -12.71
CA ALA B 269 -4.14 4.24 -12.48
C ALA B 269 -3.52 5.22 -11.47
N GLU B 270 -3.97 6.48 -11.51
CA GLU B 270 -3.44 7.58 -10.66
C GLU B 270 -3.40 7.15 -9.19
N HIS B 271 -4.46 6.51 -8.70
CA HIS B 271 -4.74 6.35 -7.25
C HIS B 271 -4.25 5.00 -6.72
N ASP B 272 -3.70 4.15 -7.59
CA ASP B 272 -2.98 2.92 -7.18
C ASP B 272 -1.92 3.30 -6.15
N GLU B 273 -1.70 2.42 -5.18
CA GLU B 273 -0.64 2.55 -4.16
C GLU B 273 0.70 2.25 -4.83
N PRO B 274 1.70 3.15 -4.73
CA PRO B 274 3.04 2.84 -5.20
C PRO B 274 3.58 1.59 -4.49
N ASP B 275 4.20 0.69 -5.24
CA ASP B 275 4.86 -0.52 -4.68
C ASP B 275 6.37 -0.26 -4.62
N LEU B 276 6.83 0.22 -3.47
CA LEU B 276 8.23 0.61 -3.19
C LEU B 276 9.09 -0.62 -2.90
N GLU B 277 8.50 -1.82 -2.85
CA GLU B 277 9.23 -3.09 -2.65
C GLU B 277 9.50 -3.77 -4.01
N ALA B 278 8.88 -3.28 -5.08
CA ALA B 278 8.89 -3.91 -6.43
C ALA B 278 10.28 -3.80 -7.06
N LEU B 279 10.83 -4.92 -7.54
CA LEU B 279 12.14 -4.99 -8.22
C LEU B 279 11.92 -5.34 -9.70
N ASP B 280 12.86 -4.92 -10.56
CA ASP B 280 12.91 -5.28 -12.00
C ASP B 280 13.64 -6.63 -12.10
N ASP B 281 13.77 -7.17 -13.32
CA ASP B 281 14.36 -8.52 -13.56
C ASP B 281 15.81 -8.57 -13.05
N HIS B 282 16.47 -7.42 -12.93
CA HIS B 282 17.90 -7.30 -12.49
C HIS B 282 18.00 -7.02 -10.98
N GLY B 283 16.88 -7.00 -10.25
CA GLY B 283 16.85 -6.83 -8.78
C GLY B 283 17.01 -5.38 -8.34
N ARG B 284 16.90 -4.42 -9.26
CA ARG B 284 16.91 -2.96 -8.98
C ARG B 284 15.48 -2.51 -8.65
N PRO B 285 15.29 -1.57 -7.70
CA PRO B 285 13.96 -1.04 -7.41
C PRO B 285 13.28 -0.41 -8.64
N VAL B 286 12.01 -0.72 -8.90
CA VAL B 286 11.24 -0.17 -10.06
C VAL B 286 11.11 1.35 -9.87
N ILE B 287 10.71 1.77 -8.66
CA ILE B 287 10.74 3.19 -8.24
C ILE B 287 12.12 3.43 -7.62
N ASP B 288 12.86 4.40 -8.16
CA ASP B 288 14.28 4.65 -7.80
C ASP B 288 14.38 4.91 -6.29
N LEU B 289 15.52 4.57 -5.70
CA LEU B 289 15.82 4.82 -4.26
C LEU B 289 15.76 6.32 -3.96
N GLU B 290 15.97 7.17 -4.96
CA GLU B 290 16.06 8.64 -4.85
C GLU B 290 14.91 9.32 -5.60
N ALA B 291 13.91 8.56 -6.00
CA ALA B 291 12.67 9.05 -6.64
C ALA B 291 11.92 9.95 -5.66
N HIS B 292 11.32 11.03 -6.17
CA HIS B 292 10.67 12.09 -5.35
C HIS B 292 9.70 11.45 -4.36
N ILE B 293 8.84 10.55 -4.81
CA ILE B 293 7.69 10.08 -3.99
C ILE B 293 8.19 9.04 -2.98
N ARG B 294 9.35 8.44 -3.21
CA ARG B 294 9.98 7.55 -2.20
C ARG B 294 10.54 8.42 -1.07
N ARG B 295 11.28 9.47 -1.43
CA ARG B 295 12.03 10.31 -0.48
C ARG B 295 11.06 11.23 0.28
N ALA B 296 9.90 11.55 -0.31
CA ALA B 296 8.93 12.54 0.22
C ALA B 296 7.86 11.84 1.05
N ARG B 297 7.70 10.53 0.87
CA ARG B 297 6.71 9.69 1.60
C ARG B 297 6.82 9.93 3.10
N PRO B 298 5.71 9.93 3.87
CA PRO B 298 5.79 9.90 5.33
C PRO B 298 6.59 8.70 5.86
N THR B 299 7.55 8.97 6.74
CA THR B 299 8.37 7.98 7.48
C THR B 299 7.70 7.68 8.83
N GLN B 300 7.00 8.66 9.38
CA GLN B 300 6.16 8.54 10.60
C GLN B 300 4.81 9.18 10.29
N ARG B 301 3.75 8.77 10.98
CA ARG B 301 2.38 9.28 10.76
C ARG B 301 2.40 10.81 10.55
N GLU B 302 3.18 11.53 11.35
CA GLU B 302 3.09 13.02 11.46
C GLU B 302 3.85 13.70 10.31
N GLU B 303 4.67 12.97 9.55
CA GLU B 303 5.54 13.53 8.48
C GLU B 303 4.74 13.69 7.19
N THR B 304 3.64 14.46 7.27
CA THR B 304 2.67 14.70 6.18
C THR B 304 2.13 16.12 6.36
N PHE B 305 1.54 16.68 5.31
CA PHE B 305 1.02 18.07 5.31
C PHE B 305 0.08 18.23 4.13
N LEU B 306 -0.85 19.18 4.24
CA LEU B 306 -1.78 19.56 3.14
C LEU B 306 -1.03 20.42 2.15
N ARG B 307 -0.60 19.83 1.03
CA ARG B 307 -0.04 20.59 -0.11
C ARG B 307 -1.23 21.26 -0.80
N ARG B 308 -1.07 22.55 -1.13
CA ARG B 308 -2.10 23.36 -1.80
C ARG B 308 -1.38 24.27 -2.81
N ALA B 309 -0.66 23.64 -3.74
CA ALA B 309 0.31 24.30 -4.64
C ALA B 309 -0.39 24.91 -5.88
N TYR B 310 0.26 25.91 -6.44
CA TYR B 310 -0.19 26.66 -7.63
C TYR B 310 1.01 26.79 -8.59
N ASN B 311 0.74 26.88 -9.90
CA ASN B 311 1.79 27.16 -10.92
C ASN B 311 2.11 28.64 -10.89
N TYR B 312 3.37 29.00 -11.07
CA TYR B 312 3.77 30.38 -11.41
C TYR B 312 4.52 30.34 -12.75
N ASP B 313 4.32 31.41 -13.52
CA ASP B 313 4.88 31.58 -14.89
C ASP B 313 5.05 33.08 -15.09
N GLU B 314 6.28 33.59 -14.97
CA GLU B 314 6.56 35.05 -14.98
C GLU B 314 7.14 35.44 -16.35
N ALA B 315 7.07 36.72 -16.70
CA ALA B 315 7.91 37.32 -17.75
C ALA B 315 9.33 36.85 -17.49
N PRO B 316 10.00 36.18 -18.46
CA PRO B 316 11.32 35.62 -18.21
C PRO B 316 12.43 36.66 -18.07
N PRO B 317 13.53 36.33 -17.34
CA PRO B 317 14.61 37.27 -17.15
C PRO B 317 15.39 37.43 -18.45
N PRO B 318 16.25 38.47 -18.55
CA PRO B 318 17.14 38.62 -19.68
C PRO B 318 17.84 37.28 -20.07
N GLY B 319 17.55 36.88 -21.30
CA GLY B 319 18.29 35.82 -22.00
C GLY B 319 17.73 34.44 -21.82
N ARG B 320 16.60 34.30 -21.13
CA ARG B 320 15.93 32.98 -20.91
C ARG B 320 14.55 32.96 -21.56
N ALA B 321 14.08 31.75 -21.91
CA ALA B 321 12.76 31.49 -22.54
C ALA B 321 11.65 31.59 -21.50
N SER B 322 11.87 31.08 -20.29
CA SER B 322 10.82 30.88 -19.26
C SER B 322 11.31 31.26 -17.86
N ASP B 323 10.40 31.72 -17.02
CA ASP B 323 10.55 31.76 -15.54
C ASP B 323 9.32 31.10 -14.96
N SER B 324 9.34 29.77 -14.88
CA SER B 324 8.20 28.92 -14.45
C SER B 324 8.60 28.19 -13.17
N GLY B 325 7.61 27.84 -12.36
CA GLY B 325 7.86 27.03 -11.16
C GLY B 325 6.59 26.72 -10.40
N LEU B 326 6.77 26.32 -9.14
CA LEU B 326 5.68 25.90 -8.22
C LEU B 326 5.63 26.90 -7.05
N LEU B 327 4.46 27.47 -6.80
CA LEU B 327 4.13 28.14 -5.51
C LEU B 327 3.76 27.00 -4.57
N PHE B 328 4.75 26.48 -3.88
CA PHE B 328 4.57 25.32 -2.97
C PHE B 328 4.10 25.85 -1.61
N VAL B 329 2.78 25.81 -1.40
CA VAL B 329 2.10 26.23 -0.15
C VAL B 329 1.69 24.95 0.58
N THR B 330 2.12 24.79 1.84
CA THR B 330 1.73 23.63 2.70
C THR B 330 1.16 24.14 4.01
N TYR B 331 0.19 23.39 4.56
CA TYR B 331 -0.44 23.62 5.88
C TYR B 331 -0.29 22.38 6.74
N GLN B 332 0.07 22.57 8.02
CA GLN B 332 0.32 21.48 8.99
C GLN B 332 0.23 22.05 10.42
N ARG B 333 -0.05 21.21 11.42
CA ARG B 333 -0.15 21.64 12.84
C ARG B 333 1.20 22.26 13.27
N ASP B 334 2.32 21.61 12.94
CA ASP B 334 3.67 21.94 13.47
C ASP B 334 4.71 21.78 12.35
N VAL B 335 5.31 22.89 11.92
CA VAL B 335 6.30 22.94 10.78
C VAL B 335 7.47 22.00 11.09
N ASP B 336 8.06 22.15 12.29
CA ASP B 336 9.29 21.45 12.74
C ASP B 336 9.08 19.94 12.79
N ALA B 337 7.90 19.48 13.24
CA ALA B 337 7.58 18.05 13.45
C ALA B 337 7.14 17.39 12.13
N GLN B 338 6.57 18.15 11.20
CA GLN B 338 5.78 17.60 10.05
C GLN B 338 6.46 17.92 8.72
N PHE B 339 6.71 19.19 8.42
CA PHE B 339 7.27 19.63 7.11
C PHE B 339 8.79 19.44 7.08
N THR B 340 9.49 20.06 8.02
CA THR B 340 10.97 20.21 8.03
C THR B 340 11.68 18.85 7.93
N PRO B 341 11.21 17.79 8.62
CA PRO B 341 11.84 16.47 8.47
C PRO B 341 11.77 15.93 7.03
N VAL B 342 10.68 16.25 6.32
CA VAL B 342 10.50 15.81 4.90
C VAL B 342 11.45 16.66 4.03
N GLN B 343 11.40 17.99 4.18
CA GLN B 343 12.31 18.91 3.46
C GLN B 343 13.75 18.50 3.69
N ARG B 344 14.11 18.10 4.93
CA ARG B 344 15.49 17.68 5.28
C ARG B 344 15.85 16.38 4.54
N ARG B 345 14.92 15.46 4.40
CA ARG B 345 15.13 14.16 3.71
C ARG B 345 15.31 14.42 2.18
N LEU B 346 14.57 15.35 1.59
CA LEU B 346 14.70 15.71 0.17
C LEU B 346 16.03 16.44 -0.06
N ASP B 347 16.47 17.28 0.87
CA ASP B 347 17.78 17.97 0.76
C ASP B 347 18.87 16.90 0.66
N ALA B 348 18.78 15.84 1.48
CA ALA B 348 19.82 14.79 1.59
C ALA B 348 19.91 14.01 0.27
N ALA B 349 18.76 13.66 -0.35
CA ALA B 349 18.70 12.97 -1.65
C ALA B 349 17.29 13.07 -2.26
N ASP B 350 17.22 13.53 -3.50
CA ASP B 350 16.01 13.56 -4.37
C ASP B 350 16.48 13.84 -5.80
N LEU B 351 16.18 12.96 -6.75
CA LEU B 351 16.57 13.13 -8.18
C LEU B 351 16.03 14.47 -8.71
N LEU B 352 14.84 14.88 -8.26
CA LEU B 352 14.11 16.10 -8.68
C LEU B 352 14.94 17.36 -8.38
N ASN B 353 15.80 17.32 -7.36
CA ASN B 353 16.66 18.48 -6.96
C ASN B 353 17.55 18.92 -8.11
N GLU B 354 17.77 18.07 -9.12
CA GLU B 354 18.67 18.41 -10.27
C GLU B 354 17.98 19.40 -11.22
N TRP B 355 16.64 19.53 -11.16
CA TRP B 355 15.83 20.31 -12.11
C TRP B 355 14.88 21.29 -11.41
N THR B 356 14.97 21.39 -10.10
CA THR B 356 14.19 22.34 -9.25
C THR B 356 15.16 23.00 -8.28
N PHE B 357 14.82 24.19 -7.78
CA PHE B 357 15.61 24.85 -6.71
C PHE B 357 14.73 25.86 -5.99
N PRO B 358 14.75 25.89 -4.63
CA PRO B 358 13.97 26.87 -3.88
C PRO B 358 14.61 28.25 -3.99
N VAL B 359 13.80 29.25 -4.34
CA VAL B 359 14.27 30.67 -4.48
C VAL B 359 13.55 31.55 -3.44
N GLY B 360 12.61 31.00 -2.66
CA GLY B 360 11.88 31.72 -1.61
C GLY B 360 11.37 30.78 -0.54
N SER B 361 11.40 31.22 0.73
CA SER B 361 10.96 30.47 1.92
C SER B 361 10.28 31.41 2.92
N ALA B 362 9.09 31.06 3.38
CA ALA B 362 8.33 31.84 4.40
C ALA B 362 7.52 30.91 5.28
N VAL B 363 7.56 31.15 6.60
CA VAL B 363 6.78 30.38 7.61
C VAL B 363 5.84 31.35 8.32
N PHE B 364 4.58 30.96 8.50
CA PHE B 364 3.53 31.77 9.15
C PHE B 364 2.69 30.90 10.08
N ALA B 365 2.23 31.51 11.17
CA ALA B 365 1.22 30.92 12.08
C ALA B 365 -0.14 31.44 11.62
N VAL B 366 -1.09 30.53 11.45
CA VAL B 366 -2.43 30.83 10.90
C VAL B 366 -3.44 30.74 12.04
N PRO B 367 -4.04 31.87 12.47
CA PRO B 367 -5.11 31.83 13.47
C PRO B 367 -6.23 30.89 13.05
N GLY B 368 -7.03 30.50 14.03
CA GLY B 368 -8.28 29.75 13.83
C GLY B 368 -9.29 30.65 13.15
N GLY B 369 -10.47 30.11 12.85
CA GLY B 369 -11.58 30.88 12.27
C GLY B 369 -12.23 31.77 13.32
N TRP B 370 -13.31 32.43 12.91
CA TRP B 370 -14.08 33.41 13.70
C TRP B 370 -15.52 33.41 13.21
N SER B 371 -16.41 33.97 14.04
CA SER B 371 -17.87 34.09 13.80
C SER B 371 -18.25 35.56 13.72
N ALA B 372 -19.44 35.85 13.20
CA ALA B 372 -19.97 37.21 13.06
C ALA B 372 -19.73 37.97 14.37
N GLY B 373 -19.01 39.08 14.35
CA GLY B 373 -18.74 39.92 15.53
C GLY B 373 -17.35 39.73 16.10
N GLU B 374 -16.62 38.70 15.66
CA GLU B 374 -15.20 38.48 16.06
C GLU B 374 -14.30 39.05 14.94
N TYR B 375 -12.99 38.99 15.12
CA TYR B 375 -12.00 39.40 14.08
C TYR B 375 -10.84 38.40 14.08
N VAL B 376 -10.23 38.22 12.90
CA VAL B 376 -9.16 37.21 12.68
C VAL B 376 -7.97 37.56 13.58
N GLY B 377 -7.52 36.59 14.38
CA GLY B 377 -6.31 36.71 15.24
C GLY B 377 -6.63 37.32 16.59
N GLN B 378 -7.91 37.49 16.87
CA GLN B 378 -8.42 38.12 18.11
C GLN B 378 -7.83 37.42 19.36
N ARG B 379 -7.83 36.09 19.39
CA ARG B 379 -7.37 35.29 20.56
C ARG B 379 -5.88 35.58 20.83
N LEU B 380 -5.09 35.91 19.79
CA LEU B 380 -3.67 36.32 19.99
C LEU B 380 -3.60 37.71 20.63
N LEU B 381 -4.30 38.70 20.07
CA LEU B 381 -4.08 40.14 20.39
C LEU B 381 -4.75 40.54 21.73
N GLU B 382 -5.48 39.61 22.36
CA GLU B 382 -5.98 39.72 23.77
C GLU B 382 -4.83 39.95 24.76
N GLY B 383 -3.65 39.39 24.51
CA GLY B 383 -2.44 39.64 25.32
C GLY B 383 -1.55 38.42 25.36
N ALA C 23 -31.71 -27.51 6.05
CA ALA C 23 -30.41 -27.54 5.28
C ALA C 23 -29.23 -27.33 6.25
N GLY C 24 -28.25 -28.22 6.21
CA GLY C 24 -27.08 -28.21 7.11
C GLY C 24 -25.78 -28.40 6.33
N PRO C 25 -24.62 -28.21 6.97
CA PRO C 25 -23.34 -28.28 6.27
C PRO C 25 -23.04 -29.66 5.68
N GLY C 26 -23.75 -30.69 6.15
CA GLY C 26 -23.63 -32.07 5.65
C GLY C 26 -24.20 -32.23 4.26
N ASP C 27 -25.19 -31.40 3.88
CA ASP C 27 -25.97 -31.55 2.62
C ASP C 27 -25.24 -30.88 1.45
N VAL C 28 -24.21 -30.07 1.74
CA VAL C 28 -23.56 -29.23 0.70
C VAL C 28 -22.83 -30.16 -0.28
N VAL C 29 -23.18 -30.01 -1.58
CA VAL C 29 -22.48 -30.61 -2.75
C VAL C 29 -21.70 -29.49 -3.44
N VAL C 30 -20.38 -29.65 -3.55
CA VAL C 30 -19.50 -28.80 -4.39
C VAL C 30 -19.34 -29.50 -5.74
N PRO C 31 -19.72 -28.85 -6.87
CA PRO C 31 -19.62 -29.49 -8.18
C PRO C 31 -18.17 -29.88 -8.45
N CYS C 32 -17.95 -31.10 -8.94
CA CYS C 32 -16.62 -31.65 -9.28
C CYS C 32 -16.29 -31.34 -10.76
N HIS C 33 -17.30 -30.94 -11.54
CA HIS C 33 -17.17 -30.56 -12.97
C HIS C 33 -17.00 -29.05 -13.12
N GLY C 34 -16.10 -28.65 -14.02
CA GLY C 34 -15.97 -27.25 -14.46
C GLY C 34 -14.72 -27.06 -15.29
N GLU C 35 -14.45 -25.81 -15.70
CA GLU C 35 -13.18 -25.38 -16.34
C GLU C 35 -11.99 -25.88 -15.49
N HIS C 36 -12.12 -25.82 -14.16
CA HIS C 36 -11.02 -26.19 -13.22
C HIS C 36 -11.48 -27.32 -12.29
N GLN C 37 -10.53 -28.04 -11.70
CA GLN C 37 -10.79 -28.99 -10.59
C GLN C 37 -11.31 -28.18 -9.39
N ALA C 38 -12.25 -28.74 -8.62
CA ALA C 38 -12.69 -28.15 -7.34
C ALA C 38 -11.59 -28.39 -6.31
N GLY C 39 -11.65 -27.70 -5.18
CA GLY C 39 -10.73 -27.92 -4.04
C GLY C 39 -9.52 -27.02 -4.11
N ILE C 40 -9.56 -26.01 -4.99
CA ILE C 40 -8.47 -25.02 -5.20
C ILE C 40 -9.00 -23.63 -4.86
N VAL C 41 -9.97 -23.11 -5.62
CA VAL C 41 -10.60 -21.79 -5.30
C VAL C 41 -11.87 -22.03 -4.49
N THR C 42 -12.34 -23.27 -4.40
CA THR C 42 -13.42 -23.68 -3.45
C THR C 42 -13.04 -23.17 -2.07
N PRO C 43 -13.95 -22.45 -1.37
CA PRO C 43 -13.69 -22.00 0.00
C PRO C 43 -13.21 -23.19 0.81
N PRO C 44 -12.07 -23.10 1.52
CA PRO C 44 -11.54 -24.25 2.25
C PRO C 44 -12.47 -24.74 3.35
N PRO C 45 -12.85 -26.04 3.33
CA PRO C 45 -13.65 -26.62 4.41
C PRO C 45 -12.76 -27.06 5.56
N SER C 46 -13.35 -27.65 6.60
CA SER C 46 -12.72 -27.88 7.92
C SER C 46 -11.54 -28.85 7.84
N PHE C 47 -11.60 -29.89 7.00
CA PHE C 47 -10.60 -31.00 7.06
C PHE C 47 -9.99 -31.29 5.69
N ILE C 48 -8.76 -31.83 5.75
CA ILE C 48 -7.92 -32.23 4.58
C ILE C 48 -7.17 -33.54 4.90
N ALA C 49 -7.06 -34.40 3.90
CA ALA C 49 -6.07 -35.50 3.85
C ALA C 49 -5.41 -35.42 2.49
N LEU C 50 -4.12 -35.19 2.46
CA LEU C 50 -3.32 -35.27 1.21
C LEU C 50 -2.76 -36.69 1.18
N VAL C 51 -3.19 -37.48 0.21
CA VAL C 51 -2.73 -38.89 0.02
C VAL C 51 -1.82 -38.93 -1.21
N ALA C 52 -0.52 -39.04 -0.97
CA ALA C 52 0.50 -39.29 -2.00
C ALA C 52 0.56 -40.81 -2.23
N LEU C 53 0.55 -41.20 -3.50
CA LEU C 53 0.67 -42.63 -3.90
C LEU C 53 1.83 -42.75 -4.86
N ASP C 54 2.47 -43.92 -4.86
CA ASP C 54 3.55 -44.27 -5.80
C ASP C 54 3.03 -45.36 -6.75
N LEU C 55 3.20 -45.18 -8.05
CA LEU C 55 2.85 -46.19 -9.06
C LEU C 55 3.85 -47.35 -8.89
N ALA C 56 3.44 -48.59 -9.16
CA ALA C 56 4.37 -49.74 -9.19
C ALA C 56 5.33 -49.55 -10.37
N SER C 57 6.52 -50.14 -10.28
CA SER C 57 7.56 -50.21 -11.35
C SER C 57 6.98 -50.79 -12.64
N THR C 58 5.97 -51.65 -12.53
CA THR C 58 5.33 -52.37 -13.67
C THR C 58 4.27 -51.49 -14.37
N SER C 59 3.93 -50.34 -13.79
CA SER C 59 2.92 -49.39 -14.33
C SER C 59 3.31 -48.92 -15.74
N ASP C 60 2.32 -48.68 -16.61
CA ASP C 60 2.49 -48.10 -17.97
C ASP C 60 1.36 -47.10 -18.21
N ARG C 61 1.27 -46.55 -19.42
CA ARG C 61 0.23 -45.55 -19.80
C ARG C 61 -1.15 -46.13 -19.47
N ALA C 62 -1.38 -47.41 -19.74
CA ALA C 62 -2.70 -48.06 -19.62
C ALA C 62 -3.12 -48.11 -18.14
N SER C 63 -2.18 -48.49 -17.26
CA SER C 63 -2.32 -48.50 -15.78
C SER C 63 -2.78 -47.13 -15.30
N VAL C 64 -2.03 -46.10 -15.66
CA VAL C 64 -2.27 -44.72 -15.19
C VAL C 64 -3.66 -44.30 -15.66
N GLU C 65 -3.98 -44.58 -16.92
CA GLU C 65 -5.29 -44.20 -17.50
C GLU C 65 -6.43 -44.86 -16.71
N ARG C 66 -6.36 -46.18 -16.56
CA ARG C 66 -7.36 -46.97 -15.78
C ARG C 66 -7.56 -46.32 -14.41
N LEU C 67 -6.46 -46.08 -13.69
CA LEU C 67 -6.48 -45.50 -12.32
C LEU C 67 -7.27 -44.18 -12.32
N LEU C 68 -6.94 -43.26 -13.22
CA LEU C 68 -7.59 -41.93 -13.33
C LEU C 68 -9.07 -42.09 -13.67
N ARG C 69 -9.40 -43.10 -14.47
CA ARG C 69 -10.79 -43.33 -14.90
C ARG C 69 -11.63 -43.88 -13.76
N VAL C 70 -11.13 -44.87 -13.01
CA VAL C 70 -11.88 -45.43 -11.85
C VAL C 70 -12.01 -44.33 -10.78
N TRP C 71 -10.99 -43.52 -10.57
CA TRP C 71 -11.02 -42.40 -9.59
C TRP C 71 -12.06 -41.36 -10.01
N THR C 72 -12.16 -41.07 -11.31
CA THR C 72 -13.13 -40.08 -11.83
C THR C 72 -14.54 -40.53 -11.43
N VAL C 73 -14.86 -41.81 -11.64
CA VAL C 73 -16.18 -42.37 -11.23
C VAL C 73 -16.39 -42.11 -9.73
N ASP C 74 -15.42 -42.48 -8.90
CA ASP C 74 -15.51 -42.41 -7.41
C ASP C 74 -15.64 -40.94 -6.99
N ILE C 75 -14.89 -40.03 -7.60
CA ILE C 75 -14.96 -38.57 -7.28
C ILE C 75 -16.37 -38.09 -7.63
N GLU C 76 -16.88 -38.43 -8.81
CA GLU C 76 -18.19 -37.91 -9.28
C GLU C 76 -19.29 -38.41 -8.34
N ARG C 77 -19.15 -39.64 -7.83
CA ARG C 77 -20.13 -40.27 -6.91
C ARG C 77 -20.00 -39.72 -5.49
N LEU C 78 -18.82 -39.86 -4.87
CA LEU C 78 -18.62 -39.52 -3.43
C LEU C 78 -19.01 -38.04 -3.20
N THR C 79 -18.61 -37.14 -4.11
CA THR C 79 -18.81 -35.67 -3.97
C THR C 79 -20.29 -35.31 -4.08
N THR C 80 -21.14 -36.21 -4.60
CA THR C 80 -22.61 -36.00 -4.74
C THR C 80 -23.35 -36.86 -3.73
N GLY C 81 -22.61 -37.47 -2.79
CA GLY C 81 -23.18 -38.27 -1.68
C GLY C 81 -23.72 -39.60 -2.17
N ARG C 82 -23.12 -40.15 -3.24
CA ARG C 82 -23.42 -41.52 -3.73
C ARG C 82 -22.21 -42.38 -3.42
N PRO C 83 -22.41 -43.67 -3.06
CA PRO C 83 -21.30 -44.60 -2.86
C PRO C 83 -20.40 -44.69 -4.09
N GLY C 84 -19.12 -44.95 -3.88
CA GLY C 84 -18.13 -45.21 -4.94
C GLY C 84 -18.34 -46.56 -5.60
N LEU C 85 -17.46 -46.90 -6.53
CA LEU C 85 -17.53 -48.14 -7.35
C LEU C 85 -17.04 -49.30 -6.46
N ALA C 86 -15.83 -49.18 -5.89
CA ALA C 86 -15.30 -50.16 -4.89
C ALA C 86 -15.67 -49.69 -3.48
N ASP C 87 -16.96 -49.64 -3.17
CA ASP C 87 -17.52 -49.02 -1.92
C ASP C 87 -18.47 -50.02 -1.25
N SER C 88 -17.95 -50.69 -0.23
CA SER C 88 -18.66 -51.72 0.58
C SER C 88 -19.33 -51.08 1.81
N GLU C 89 -19.16 -49.78 2.05
CA GLU C 89 -19.77 -49.03 3.19
C GLU C 89 -20.56 -47.84 2.66
N PRO C 90 -21.62 -48.08 1.84
CA PRO C 90 -22.33 -47.00 1.17
C PRO C 90 -22.93 -45.93 2.11
N GLU C 91 -23.38 -46.34 3.29
CA GLU C 91 -24.00 -45.42 4.28
C GLU C 91 -23.00 -44.37 4.75
N LEU C 92 -21.70 -44.68 4.68
CA LEU C 92 -20.63 -43.73 5.08
C LEU C 92 -20.44 -42.67 3.99
N ALA C 93 -21.10 -42.81 2.84
CA ALA C 93 -20.96 -41.92 1.67
C ALA C 93 -22.12 -40.91 1.57
N LEU C 94 -23.25 -41.15 2.26
CA LEU C 94 -24.52 -40.46 1.99
C LEU C 94 -24.46 -38.99 2.37
N VAL C 95 -23.49 -38.58 3.19
CA VAL C 95 -23.36 -37.17 3.66
C VAL C 95 -22.13 -36.57 2.98
N PRO C 96 -22.30 -35.81 1.88
CA PRO C 96 -21.16 -35.32 1.10
C PRO C 96 -20.32 -34.27 1.86
N ALA C 97 -20.93 -33.40 2.66
CA ALA C 97 -20.22 -32.43 3.52
C ALA C 97 -19.17 -31.65 2.73
N ALA C 98 -19.56 -31.12 1.56
CA ALA C 98 -18.71 -30.27 0.68
C ALA C 98 -17.45 -31.02 0.23
N LEU C 99 -17.51 -32.35 0.13
CA LEU C 99 -16.33 -33.17 -0.27
C LEU C 99 -15.79 -32.65 -1.59
N THR C 100 -14.47 -32.44 -1.67
CA THR C 100 -13.69 -32.24 -2.92
C THR C 100 -12.52 -33.23 -2.93
N VAL C 101 -12.16 -33.69 -4.13
CA VAL C 101 -10.91 -34.45 -4.40
C VAL C 101 -10.20 -33.69 -5.50
N THR C 102 -8.96 -33.26 -5.26
CA THR C 102 -8.09 -32.59 -6.25
C THR C 102 -6.94 -33.55 -6.58
N VAL C 103 -6.77 -33.86 -7.86
CA VAL C 103 -5.72 -34.81 -8.35
C VAL C 103 -4.52 -34.01 -8.87
N GLY C 104 -3.33 -34.36 -8.40
CA GLY C 104 -2.06 -33.79 -8.86
C GLY C 104 -1.14 -34.89 -9.32
N PHE C 105 -0.33 -34.61 -10.34
CA PHE C 105 0.62 -35.58 -10.93
C PHE C 105 2.03 -35.13 -10.60
N GLY C 106 2.81 -36.03 -10.03
CA GLY C 106 4.26 -35.88 -9.82
C GLY C 106 4.99 -36.33 -11.08
N PRO C 107 6.29 -35.98 -11.21
CA PRO C 107 7.05 -36.32 -12.41
C PRO C 107 7.01 -37.81 -12.75
N GLY C 108 7.05 -38.66 -11.72
CA GLY C 108 7.07 -40.13 -11.85
C GLY C 108 5.85 -40.65 -12.58
N LEU C 109 4.71 -39.97 -12.47
CA LEU C 109 3.49 -40.38 -13.21
C LEU C 109 3.74 -40.20 -14.71
N LEU C 110 4.30 -39.06 -15.12
CA LEU C 110 4.57 -38.77 -16.55
C LEU C 110 5.62 -39.74 -17.08
N THR C 111 6.66 -40.00 -16.30
CA THR C 111 7.70 -41.01 -16.61
C THR C 111 7.03 -42.36 -16.87
N ALA C 112 6.20 -42.83 -15.93
CA ALA C 112 5.60 -44.18 -15.97
C ALA C 112 4.69 -44.30 -17.19
N ALA C 113 3.97 -43.22 -17.55
CA ALA C 113 3.06 -43.18 -18.72
C ALA C 113 3.82 -43.01 -20.04
N GLY C 114 5.13 -42.73 -20.01
CA GLY C 114 5.93 -42.49 -21.22
C GLY C 114 5.65 -41.11 -21.80
N LEU C 115 5.56 -40.09 -20.93
CA LEU C 115 5.10 -38.73 -21.30
C LEU C 115 6.04 -37.68 -20.70
N ARG C 116 7.31 -38.02 -20.50
CA ARG C 116 8.31 -37.06 -19.95
C ARG C 116 8.33 -35.80 -20.84
N HIS C 117 8.17 -35.97 -22.15
CA HIS C 117 8.15 -34.88 -23.16
C HIS C 117 6.96 -33.93 -22.93
N ARG C 118 5.97 -34.31 -22.11
CA ARG C 118 4.78 -33.47 -21.81
C ARG C 118 4.95 -32.78 -20.44
N ALA C 119 6.03 -33.07 -19.71
CA ALA C 119 6.32 -32.49 -18.38
C ALA C 119 6.59 -31.00 -18.56
N PRO C 120 5.90 -30.10 -17.82
CA PRO C 120 6.34 -28.71 -17.76
C PRO C 120 7.73 -28.59 -17.11
N ALA C 121 8.49 -27.55 -17.46
CA ALA C 121 9.84 -27.26 -16.94
C ALA C 121 9.86 -27.22 -15.40
N TRP C 122 8.73 -26.85 -14.77
CA TRP C 122 8.66 -26.64 -13.30
C TRP C 122 8.25 -27.92 -12.55
N LEU C 123 8.05 -29.05 -13.23
CA LEU C 123 7.61 -30.29 -12.55
C LEU C 123 8.83 -31.08 -12.08
N HIS C 124 9.35 -30.73 -10.91
CA HIS C 124 10.56 -31.32 -10.27
C HIS C 124 10.56 -30.91 -8.80
N PRO C 125 11.24 -31.65 -7.90
CA PRO C 125 11.39 -31.21 -6.51
C PRO C 125 11.92 -29.77 -6.45
N LEU C 126 11.51 -29.00 -5.44
CA LEU C 126 12.11 -27.66 -5.21
C LEU C 126 13.61 -27.84 -5.08
N PRO C 127 14.44 -26.85 -5.47
CA PRO C 127 15.88 -26.92 -5.19
C PRO C 127 16.09 -26.94 -3.68
N PRO C 128 17.24 -27.41 -3.18
CA PRO C 128 17.48 -27.47 -1.73
C PRO C 128 17.69 -26.08 -1.14
N PHE C 129 17.24 -25.88 0.11
CA PHE C 129 17.43 -24.62 0.88
C PHE C 129 18.15 -24.94 2.18
N GLY C 130 18.99 -24.01 2.66
CA GLY C 130 19.70 -24.14 3.95
C GLY C 130 18.76 -24.51 5.11
N ILE C 131 17.53 -24.00 5.10
CA ILE C 131 16.53 -24.21 6.20
C ILE C 131 15.91 -25.61 6.14
N ASP C 132 16.04 -26.31 5.01
CA ASP C 132 15.39 -27.64 4.78
C ASP C 132 15.85 -28.64 5.83
N ARG C 133 14.91 -29.31 6.51
CA ARG C 133 15.18 -30.54 7.30
C ARG C 133 14.34 -31.67 6.71
N LEU C 134 14.38 -31.85 5.39
CA LEU C 134 13.41 -32.67 4.63
C LEU C 134 13.57 -34.15 4.98
N ASP C 135 12.47 -34.74 5.44
CA ASP C 135 12.31 -36.19 5.76
C ASP C 135 11.70 -36.86 4.52
N PRO C 136 12.46 -37.75 3.82
CA PRO C 136 11.98 -38.37 2.59
C PRO C 136 10.57 -38.97 2.66
N ALA C 137 10.13 -39.42 3.84
CA ALA C 137 8.79 -40.04 4.09
C ALA C 137 7.68 -39.00 3.94
N TRP C 138 8.00 -37.71 3.94
CA TRP C 138 6.99 -36.62 3.73
C TRP C 138 7.27 -35.91 2.40
N CYS C 139 8.10 -36.50 1.53
CA CYS C 139 8.55 -35.86 0.27
C CYS C 139 8.01 -36.62 -0.95
N ASP C 140 7.83 -35.89 -2.05
CA ASP C 140 7.59 -36.39 -3.42
C ASP C 140 6.29 -37.23 -3.44
N GLY C 141 6.19 -38.19 -4.36
CA GLY C 141 4.95 -38.91 -4.71
C GLY C 141 4.67 -38.79 -6.21
N ASP C 142 4.35 -39.91 -6.86
CA ASP C 142 3.98 -39.96 -8.31
C ASP C 142 2.62 -39.29 -8.51
N VAL C 143 1.71 -39.40 -7.56
CA VAL C 143 0.35 -38.79 -7.67
C VAL C 143 -0.15 -38.44 -6.27
N VAL C 144 -1.01 -37.43 -6.18
CA VAL C 144 -1.60 -36.98 -4.90
C VAL C 144 -3.10 -36.80 -5.07
N LEU C 145 -3.85 -37.19 -4.03
CA LEU C 145 -5.27 -36.81 -3.85
C LEU C 145 -5.36 -35.83 -2.69
N GLN C 146 -5.66 -34.56 -2.95
CA GLN C 146 -6.08 -33.63 -1.87
C GLN C 146 -7.56 -33.87 -1.63
N VAL C 147 -7.88 -34.51 -0.50
CA VAL C 147 -9.28 -34.83 -0.10
C VAL C 147 -9.68 -33.88 1.03
N CYS C 148 -10.70 -33.07 0.76
CA CYS C 148 -11.19 -32.01 1.67
C CYS C 148 -12.68 -32.22 1.94
N ALA C 149 -13.11 -32.04 3.19
CA ALA C 149 -14.53 -32.10 3.60
C ALA C 149 -14.75 -31.41 4.95
N ASP C 150 -16.01 -31.08 5.24
CA ASP C 150 -16.45 -30.45 6.50
C ASP C 150 -16.79 -31.52 7.54
N ASP C 151 -16.47 -32.79 7.26
CA ASP C 151 -16.79 -33.94 8.15
C ASP C 151 -15.70 -35.01 8.02
N ARG C 152 -15.23 -35.53 9.16
CA ARG C 152 -14.06 -36.44 9.27
C ARG C 152 -14.43 -37.87 8.86
N THR C 153 -15.67 -38.27 9.09
CA THR C 153 -16.18 -39.62 8.71
C THR C 153 -16.30 -39.67 7.18
N THR C 154 -16.89 -38.62 6.58
CA THR C 154 -16.99 -38.45 5.11
C THR C 154 -15.60 -38.54 4.48
N LEU C 155 -14.62 -37.87 5.11
CA LEU C 155 -13.23 -37.79 4.60
C LEU C 155 -12.58 -39.17 4.73
N ALA C 156 -12.70 -39.80 5.90
CA ALA C 156 -12.16 -41.15 6.18
C ALA C 156 -12.69 -42.12 5.13
N HIS C 157 -13.99 -42.05 4.84
CA HIS C 157 -14.64 -42.97 3.86
C HIS C 157 -14.05 -42.72 2.46
N ALA C 158 -14.09 -41.47 2.00
CA ALA C 158 -13.58 -41.08 0.67
C ALA C 158 -12.16 -41.61 0.49
N VAL C 159 -11.30 -41.36 1.47
CA VAL C 159 -9.87 -41.79 1.45
C VAL C 159 -9.82 -43.31 1.33
N ARG C 160 -10.64 -44.03 2.09
CA ARG C 160 -10.67 -45.52 2.08
C ARG C 160 -11.06 -45.98 0.65
N VAL C 161 -12.09 -45.38 0.06
CA VAL C 161 -12.62 -45.80 -1.28
C VAL C 161 -11.55 -45.52 -2.34
N LEU C 162 -10.99 -44.31 -2.36
CA LEU C 162 -10.01 -43.91 -3.41
C LEU C 162 -8.74 -44.77 -3.29
N THR C 163 -8.33 -45.07 -2.06
CA THR C 163 -7.11 -45.87 -1.77
C THR C 163 -7.31 -47.29 -2.27
N LYS C 164 -8.42 -47.91 -1.91
CA LYS C 164 -8.81 -49.28 -2.36
C LYS C 164 -8.86 -49.36 -3.89
N GLU C 165 -9.37 -48.34 -4.55
CA GLU C 165 -9.56 -48.32 -6.02
C GLU C 165 -8.20 -48.43 -6.73
N ALA C 166 -7.14 -47.89 -6.12
CA ALA C 166 -5.77 -47.85 -6.67
C ALA C 166 -5.00 -49.14 -6.35
N GLN C 167 -5.60 -50.08 -5.61
CA GLN C 167 -4.94 -51.35 -5.21
C GLN C 167 -4.45 -52.04 -6.50
N GLY C 168 -3.16 -52.35 -6.57
CA GLY C 168 -2.53 -53.00 -7.74
C GLY C 168 -1.99 -52.01 -8.77
N LEU C 169 -2.39 -50.73 -8.72
CA LEU C 169 -1.95 -49.67 -9.66
C LEU C 169 -1.01 -48.69 -8.97
N ALA C 170 -1.30 -48.37 -7.71
CA ALA C 170 -0.51 -47.43 -6.90
C ALA C 170 -0.72 -47.75 -5.43
N SER C 171 0.31 -47.53 -4.61
CA SER C 171 0.26 -47.76 -3.16
C SER C 171 0.55 -46.44 -2.42
N VAL C 172 0.06 -46.33 -1.20
CA VAL C 172 0.18 -45.08 -0.37
C VAL C 172 1.66 -44.88 -0.03
N ARG C 173 2.14 -43.64 -0.21
CA ARG C 173 3.51 -43.24 0.16
C ARG C 173 3.45 -42.49 1.49
N TRP C 174 2.57 -41.50 1.56
CA TRP C 174 2.27 -40.75 2.80
C TRP C 174 0.85 -40.21 2.75
N VAL C 175 0.34 -39.88 3.93
CA VAL C 175 -0.94 -39.18 4.18
C VAL C 175 -0.66 -38.09 5.21
N GLN C 176 -0.95 -36.85 4.85
CA GLN C 176 -0.86 -35.68 5.76
C GLN C 176 -2.29 -35.21 6.03
N ARG C 177 -2.66 -35.16 7.31
CA ARG C 177 -4.03 -34.82 7.77
C ARG C 177 -3.95 -33.44 8.41
N GLY C 178 -4.92 -32.58 8.17
CA GLY C 178 -4.95 -31.23 8.75
C GLY C 178 -6.37 -30.77 9.01
N PHE C 179 -6.50 -29.61 9.66
CA PHE C 179 -7.79 -29.07 10.16
C PHE C 179 -7.74 -27.55 10.26
N ARG C 180 -8.92 -26.95 10.15
CA ARG C 180 -9.24 -25.58 10.60
C ARG C 180 -10.39 -25.73 11.60
N ARG C 181 -11.11 -24.65 11.85
CA ARG C 181 -12.32 -24.68 12.72
C ARG C 181 -13.42 -25.46 12.01
N SER C 182 -14.38 -25.97 12.79
CA SER C 182 -15.48 -26.84 12.34
C SER C 182 -16.48 -26.00 11.54
N PRO C 183 -17.34 -26.62 10.71
CA PRO C 183 -18.42 -25.87 10.05
C PRO C 183 -19.31 -25.16 11.08
N GLY C 184 -19.71 -23.93 10.76
CA GLY C 184 -20.55 -23.06 11.61
C GLY C 184 -19.74 -22.40 12.70
N ILE C 185 -18.43 -22.61 12.71
CA ILE C 185 -17.50 -22.03 13.73
C ILE C 185 -16.49 -21.14 13.00
N SER C 186 -16.61 -19.83 13.24
CA SER C 186 -15.75 -18.75 12.72
C SER C 186 -14.73 -18.37 13.80
N GLU C 187 -13.55 -17.91 13.39
CA GLU C 187 -12.45 -17.51 14.32
C GLU C 187 -12.94 -16.36 15.18
N PRO C 188 -12.25 -16.06 16.32
CA PRO C 188 -12.48 -14.82 17.05
C PRO C 188 -12.38 -13.57 16.15
N ASP C 189 -13.46 -12.77 16.10
CA ASP C 189 -13.57 -11.49 15.37
C ASP C 189 -13.51 -11.73 13.85
N GLY C 190 -14.12 -12.82 13.38
CA GLY C 190 -14.31 -13.15 11.94
C GLY C 190 -13.02 -13.14 11.14
N THR C 191 -11.89 -13.51 11.74
CA THR C 191 -10.55 -13.57 11.08
C THR C 191 -10.49 -14.82 10.18
N SER C 192 -9.45 -14.92 9.34
CA SER C 192 -9.39 -15.82 8.14
C SER C 192 -9.16 -17.29 8.56
N MET C 193 -8.04 -17.55 9.24
CA MET C 193 -7.68 -18.86 9.85
C MET C 193 -6.67 -18.58 10.97
N ARG C 194 -6.77 -19.35 12.07
CA ARG C 194 -5.82 -19.34 13.20
C ARG C 194 -4.94 -20.58 13.06
N ASN C 195 -3.62 -20.40 13.12
CA ASN C 195 -2.63 -21.51 13.10
C ASN C 195 -2.24 -21.79 14.55
N LEU C 196 -1.44 -22.84 14.77
CA LEU C 196 -1.14 -23.35 16.13
C LEU C 196 0.01 -22.56 16.75
N MET C 197 0.55 -21.57 16.03
CA MET C 197 1.39 -20.52 16.65
C MET C 197 0.48 -19.43 17.25
N GLY C 198 -0.83 -19.53 17.01
CA GLY C 198 -1.84 -18.59 17.51
C GLY C 198 -2.04 -17.42 16.57
N GLN C 199 -1.47 -17.48 15.35
CA GLN C 199 -1.45 -16.34 14.40
C GLN C 199 -2.66 -16.42 13.46
N VAL C 200 -3.04 -15.28 12.89
CA VAL C 200 -4.00 -15.18 11.76
C VAL C 200 -3.19 -15.46 10.49
N GLU C 201 -3.65 -16.40 9.67
CA GLU C 201 -3.00 -16.87 8.41
C GLU C 201 -4.03 -16.71 7.29
N GLY C 202 -3.65 -16.07 6.18
CA GLY C 202 -4.44 -16.05 4.93
C GLY C 202 -4.89 -14.65 4.52
N THR C 203 -4.44 -13.62 5.24
CA THR C 203 -4.86 -12.22 5.06
C THR C 203 -4.49 -11.70 3.66
N ALA C 204 -3.20 -11.69 3.34
CA ALA C 204 -2.66 -11.15 2.05
C ALA C 204 -2.42 -12.32 1.09
N ASN C 205 -3.51 -12.91 0.60
CA ASN C 205 -3.48 -14.07 -0.32
C ASN C 205 -3.68 -13.58 -1.76
N LEU C 206 -3.29 -14.41 -2.73
CA LEU C 206 -3.59 -14.20 -4.17
C LEU C 206 -5.12 -14.16 -4.33
N ASP C 207 -5.64 -13.15 -5.02
CA ASP C 207 -7.07 -13.10 -5.46
C ASP C 207 -7.18 -13.65 -6.87
N PRO C 208 -7.65 -14.90 -7.04
CA PRO C 208 -7.80 -15.48 -8.38
C PRO C 208 -8.92 -14.86 -9.23
N ARG C 209 -9.80 -14.03 -8.64
CA ARG C 209 -10.87 -13.31 -9.38
C ARG C 209 -10.26 -12.12 -10.12
N THR C 210 -9.25 -11.48 -9.54
CA THR C 210 -8.55 -10.32 -10.13
C THR C 210 -7.35 -10.80 -10.96
N ASP C 211 -6.66 -11.84 -10.50
CA ASP C 211 -5.34 -12.26 -11.07
C ASP C 211 -5.38 -13.74 -11.46
N PRO C 212 -6.36 -14.18 -12.30
CA PRO C 212 -6.50 -15.58 -12.65
C PRO C 212 -5.28 -16.15 -13.40
N ASP C 213 -4.54 -15.31 -14.12
CA ASP C 213 -3.37 -15.73 -14.94
C ASP C 213 -2.21 -16.15 -14.04
N LEU C 214 -2.24 -15.80 -12.75
CA LEU C 214 -1.16 -16.16 -11.79
C LEU C 214 -1.46 -17.48 -11.08
N LEU C 215 -2.63 -18.07 -11.33
CA LEU C 215 -3.06 -19.35 -10.73
C LEU C 215 -3.20 -20.42 -11.82
N TRP C 216 -3.96 -20.07 -12.87
CA TRP C 216 -4.47 -21.01 -13.90
C TRP C 216 -3.58 -20.95 -15.14
N HIS C 217 -3.15 -22.12 -15.64
CA HIS C 217 -2.51 -22.29 -16.97
C HIS C 217 -3.61 -22.13 -18.03
N ARG C 218 -3.41 -21.27 -19.04
CA ARG C 218 -4.40 -21.08 -20.13
C ARG C 218 -3.79 -21.57 -21.47
N ASP C 219 -3.04 -20.72 -22.15
CA ASP C 219 -2.70 -20.87 -23.60
C ASP C 219 -1.42 -21.69 -23.75
N GLY C 220 -0.46 -21.53 -22.83
CA GLY C 220 0.95 -21.94 -23.03
C GLY C 220 1.11 -23.43 -23.29
N GLU C 221 2.35 -23.82 -23.61
CA GLU C 221 2.80 -25.23 -23.68
C GLU C 221 3.19 -25.65 -22.26
N PRO C 222 2.86 -26.88 -21.76
CA PRO C 222 2.14 -27.90 -22.51
C PRO C 222 0.61 -27.75 -22.48
N GLY C 223 -0.04 -28.09 -23.60
CA GLY C 223 -1.47 -27.84 -23.86
C GLY C 223 -2.38 -28.59 -22.90
N TRP C 224 -1.95 -29.74 -22.39
CA TRP C 224 -2.79 -30.61 -21.50
C TRP C 224 -3.07 -29.93 -20.16
N LEU C 225 -2.31 -28.89 -19.77
CA LEU C 225 -2.48 -28.20 -18.47
C LEU C 225 -3.49 -27.05 -18.56
N THR C 226 -4.16 -26.82 -19.69
CA THR C 226 -5.24 -25.81 -19.81
C THR C 226 -6.28 -26.02 -18.71
N GLY C 227 -6.58 -24.97 -17.93
CA GLY C 227 -7.51 -25.01 -16.78
C GLY C 227 -6.84 -25.56 -15.53
N GLY C 228 -5.57 -25.94 -15.63
CA GLY C 228 -4.80 -26.59 -14.57
C GLY C 228 -3.88 -25.63 -13.87
N THR C 229 -2.99 -26.15 -13.04
CA THR C 229 -2.15 -25.35 -12.13
C THR C 229 -1.01 -26.26 -11.62
N SER C 230 -0.19 -25.72 -10.74
CA SER C 230 0.87 -26.45 -10.02
C SER C 230 0.51 -26.40 -8.54
N MET C 231 0.92 -27.42 -7.80
CA MET C 231 0.62 -27.60 -6.36
C MET C 231 1.94 -27.85 -5.64
N VAL C 232 2.21 -27.08 -4.59
CA VAL C 232 3.34 -27.29 -3.64
C VAL C 232 2.75 -27.72 -2.30
N VAL C 233 3.30 -28.77 -1.70
CA VAL C 233 3.01 -29.20 -0.30
C VAL C 233 4.32 -29.16 0.47
N ARG C 234 4.47 -28.19 1.37
CA ARG C 234 5.52 -28.15 2.40
C ARG C 234 4.88 -28.51 3.75
N ARG C 235 5.34 -29.59 4.38
CA ARG C 235 5.05 -29.91 5.79
C ARG C 235 6.03 -29.08 6.62
N ILE C 236 5.55 -28.06 7.33
CA ILE C 236 6.45 -27.12 8.05
C ILE C 236 6.15 -27.26 9.54
N ALA C 237 7.11 -27.81 10.29
CA ALA C 237 7.03 -28.06 11.73
C ALA C 237 7.18 -26.73 12.47
N MET C 238 6.41 -26.54 13.56
CA MET C 238 6.53 -25.40 14.48
C MET C 238 7.22 -25.89 15.75
N ASN C 239 8.32 -25.25 16.13
CA ASN C 239 8.96 -25.51 17.45
C ASN C 239 8.17 -24.69 18.49
N LEU C 240 7.04 -25.20 18.94
CA LEU C 240 6.19 -24.47 19.92
C LEU C 240 6.91 -24.33 21.27
N ASP C 241 7.80 -25.26 21.62
CA ASP C 241 8.57 -25.20 22.89
C ASP C 241 9.45 -23.95 22.93
N THR C 242 10.20 -23.64 21.85
CA THR C 242 11.06 -22.43 21.77
C THR C 242 10.20 -21.19 21.46
N TRP C 243 9.14 -21.32 20.67
CA TRP C 243 8.17 -20.23 20.40
C TRP C 243 7.62 -19.67 21.72
N ASP C 244 7.43 -20.55 22.71
CA ASP C 244 6.89 -20.19 24.05
C ASP C 244 7.86 -19.28 24.83
N GLU C 245 9.14 -19.25 24.45
CA GLU C 245 10.20 -18.43 25.10
C GLU C 245 10.09 -16.96 24.67
N LEU C 246 9.26 -16.65 23.66
CA LEU C 246 9.15 -15.26 23.10
C LEU C 246 7.98 -14.54 23.78
N SER C 247 8.20 -13.29 24.18
CA SER C 247 7.12 -12.33 24.50
C SER C 247 6.19 -12.20 23.28
N ARG C 248 4.98 -11.75 23.53
CA ARG C 248 4.00 -11.30 22.50
C ARG C 248 4.65 -10.34 21.50
N GLY C 249 5.40 -9.35 21.97
CA GLY C 249 6.03 -8.31 21.15
C GLY C 249 7.03 -8.90 20.15
N ALA C 250 7.83 -9.86 20.61
CA ALA C 250 8.85 -10.57 19.80
C ALA C 250 8.16 -11.47 18.76
N ARG C 251 7.02 -12.07 19.11
CA ARG C 251 6.25 -12.93 18.17
C ARG C 251 5.62 -12.09 17.07
N GLU C 252 5.12 -10.91 17.44
CA GLU C 252 4.48 -9.97 16.49
C GLU C 252 5.56 -9.39 15.58
N ALA C 253 6.72 -9.06 16.12
CA ALA C 253 7.87 -8.52 15.35
C ALA C 253 8.30 -9.57 14.31
N THR C 254 8.25 -10.85 14.67
CA THR C 254 8.71 -12.00 13.85
C THR C 254 7.91 -12.04 12.54
N ILE C 255 6.60 -11.78 12.61
CA ILE C 255 5.65 -11.85 11.47
C ILE C 255 5.52 -10.47 10.82
N GLY C 256 5.42 -9.41 11.62
CA GLY C 256 5.08 -8.04 11.22
C GLY C 256 3.61 -7.71 11.40
N ARG C 257 2.85 -8.58 12.07
CA ARG C 257 1.40 -8.36 12.35
C ARG C 257 1.08 -8.78 13.79
N THR C 258 0.02 -8.20 14.37
CA THR C 258 -0.38 -8.44 15.79
C THR C 258 -1.14 -9.76 15.89
N LEU C 259 -1.14 -10.37 17.07
CA LEU C 259 -1.78 -11.69 17.28
C LEU C 259 -3.27 -11.51 17.53
N ARG C 260 -3.65 -10.43 18.22
CA ARG C 260 -5.06 -10.19 18.60
C ARG C 260 -5.86 -9.93 17.31
N THR C 261 -5.61 -8.83 16.61
CA THR C 261 -6.44 -8.33 15.48
C THR C 261 -5.95 -8.92 14.16
N GLY C 262 -4.65 -9.22 14.05
CA GLY C 262 -4.01 -9.67 12.79
C GLY C 262 -3.61 -8.49 11.91
N ALA C 263 -3.58 -7.29 12.50
CA ALA C 263 -3.24 -6.02 11.83
C ALA C 263 -1.73 -5.94 11.69
N PRO C 264 -1.21 -5.19 10.70
CA PRO C 264 0.21 -4.91 10.65
C PRO C 264 0.59 -4.07 11.89
N LEU C 265 1.86 -4.13 12.29
CA LEU C 265 2.38 -3.32 13.43
C LEU C 265 2.07 -1.84 13.21
N THR C 266 1.90 -1.42 11.95
CA THR C 266 1.74 0.00 11.53
C THR C 266 0.25 0.39 11.41
N GLY C 267 -0.67 -0.57 11.52
CA GLY C 267 -2.11 -0.34 11.26
C GLY C 267 -2.97 -0.65 12.46
N ARG C 268 -4.30 -0.73 12.28
CA ARG C 268 -5.32 -0.92 13.37
C ARG C 268 -6.18 -2.16 13.08
N ALA C 269 -6.42 -2.52 11.81
CA ALA C 269 -7.32 -3.63 11.39
C ALA C 269 -6.57 -4.65 10.52
N GLU C 270 -7.11 -5.87 10.44
CA GLU C 270 -6.50 -7.02 9.72
C GLU C 270 -6.06 -6.59 8.31
N HIS C 271 -6.93 -5.89 7.60
CA HIS C 271 -6.88 -5.72 6.12
C HIS C 271 -6.18 -4.41 5.74
N ASP C 272 -5.78 -3.60 6.72
CA ASP C 272 -4.89 -2.43 6.51
C ASP C 272 -3.65 -2.89 5.73
N GLU C 273 -3.15 -2.04 4.83
CA GLU C 273 -1.89 -2.25 4.08
C GLU C 273 -0.73 -2.05 5.04
N PRO C 274 0.20 -3.01 5.17
CA PRO C 274 1.42 -2.80 5.92
C PRO C 274 2.20 -1.60 5.36
N ASP C 275 2.69 -0.72 6.24
CA ASP C 275 3.56 0.42 5.86
C ASP C 275 5.02 0.02 6.13
N LEU C 276 5.69 -0.48 5.11
CA LEU C 276 7.08 -1.02 5.16
C LEU C 276 8.09 0.13 5.14
N GLU C 277 7.63 1.37 4.97
CA GLU C 277 8.53 2.57 4.98
C GLU C 277 8.53 3.22 6.37
N ALA C 278 7.63 2.79 7.26
CA ALA C 278 7.40 3.40 8.60
C ALA C 278 8.61 3.16 9.52
N LEU C 279 9.13 4.23 10.13
CA LEU C 279 10.25 4.18 11.11
C LEU C 279 9.71 4.55 12.50
N ASP C 280 10.36 4.05 13.56
CA ASP C 280 10.11 4.43 14.96
C ASP C 280 10.93 5.69 15.26
N ASP C 281 10.81 6.24 16.49
CA ASP C 281 11.46 7.51 16.89
C ASP C 281 12.99 7.39 16.73
N HIS C 282 13.55 6.18 16.78
CA HIS C 282 15.02 5.92 16.67
C HIS C 282 15.45 5.60 15.23
N GLY C 283 14.53 5.70 14.26
CA GLY C 283 14.84 5.51 12.82
C GLY C 283 14.97 4.04 12.42
N ARG C 284 14.54 3.11 13.29
CA ARG C 284 14.45 1.65 12.99
C ARG C 284 13.12 1.37 12.30
N PRO C 285 13.07 0.46 11.30
CA PRO C 285 11.81 0.07 10.68
C PRO C 285 10.81 -0.50 11.70
N VAL C 286 9.55 -0.08 11.65
CA VAL C 286 8.48 -0.56 12.58
C VAL C 286 8.25 -2.04 12.31
N ILE C 287 8.12 -2.43 11.04
CA ILE C 287 8.13 -3.85 10.61
C ILE C 287 9.59 -4.21 10.31
N ASP C 288 10.09 -5.24 10.97
CA ASP C 288 11.54 -5.61 10.94
C ASP C 288 11.96 -5.87 9.48
N LEU C 289 13.23 -5.63 9.16
CA LEU C 289 13.81 -5.89 7.81
C LEU C 289 13.69 -7.38 7.47
N GLU C 290 13.59 -8.25 8.49
CA GLU C 290 13.58 -9.72 8.34
C GLU C 290 12.26 -10.30 8.84
N ALA C 291 11.25 -9.46 9.02
CA ALA C 291 9.85 -9.85 9.36
C ALA C 291 9.27 -10.68 8.22
N HIS C 292 8.49 -11.71 8.55
CA HIS C 292 7.96 -12.72 7.59
C HIS C 292 7.28 -12.01 6.42
N ILE C 293 6.42 -11.03 6.70
CA ILE C 293 5.51 -10.45 5.65
C ILE C 293 6.30 -9.47 4.79
N ARG C 294 7.43 -8.96 5.29
CA ARG C 294 8.33 -8.12 4.47
C ARG C 294 9.05 -9.05 3.47
N ARG C 295 9.61 -10.15 3.96
CA ARG C 295 10.47 -11.06 3.17
C ARG C 295 9.61 -11.90 2.20
N ALA C 296 8.34 -12.13 2.53
CA ALA C 296 7.43 -13.02 1.78
C ALA C 296 6.64 -12.23 0.73
N ARG C 297 6.56 -10.90 0.90
CA ARG C 297 5.82 -9.99 0.00
C ARG C 297 6.28 -10.21 -1.45
N PRO C 298 5.38 -10.10 -2.45
CA PRO C 298 5.79 -10.09 -3.86
C PRO C 298 6.81 -8.98 -4.16
N THR C 299 7.90 -9.36 -4.84
CA THR C 299 8.95 -8.44 -5.38
C THR C 299 8.59 -8.07 -6.83
N GLN C 300 7.94 -8.99 -7.53
CA GLN C 300 7.40 -8.79 -8.92
C GLN C 300 5.97 -9.33 -8.92
N ARG C 301 5.13 -8.84 -9.83
CA ARG C 301 3.71 -9.25 -9.92
C ARG C 301 3.57 -10.75 -9.70
N GLU C 302 4.44 -11.57 -10.33
CA GLU C 302 4.22 -13.03 -10.46
C GLU C 302 4.66 -13.77 -9.18
N GLU C 303 5.36 -13.10 -8.26
CA GLU C 303 5.90 -13.73 -7.01
C GLU C 303 4.81 -13.79 -5.93
N THR C 304 3.72 -14.47 -6.24
CA THR C 304 2.52 -14.65 -5.39
C THR C 304 1.91 -16.01 -5.71
N PHE C 305 1.05 -16.53 -4.85
CA PHE C 305 0.43 -17.88 -5.01
C PHE C 305 -0.76 -17.98 -4.06
N LEU C 306 -1.72 -18.86 -4.39
CA LEU C 306 -2.90 -19.15 -3.55
C LEU C 306 -2.46 -20.09 -2.43
N ARG C 307 -2.25 -19.55 -1.24
CA ARG C 307 -2.00 -20.37 -0.03
C ARG C 307 -3.35 -20.95 0.38
N ARG C 308 -3.35 -22.23 0.71
CA ARG C 308 -4.57 -22.97 1.12
C ARG C 308 -4.15 -23.95 2.22
N ALA C 309 -3.59 -23.39 3.31
CA ALA C 309 -2.90 -24.14 4.37
C ALA C 309 -3.90 -24.68 5.41
N TYR C 310 -3.48 -25.72 6.10
CA TYR C 310 -4.22 -26.43 7.16
C TYR C 310 -3.27 -26.65 8.35
N ASN C 311 -3.81 -26.71 9.56
CA ASN C 311 -3.03 -27.05 10.78
C ASN C 311 -2.82 -28.57 10.81
N TYR C 312 -1.65 -29.01 11.25
CA TYR C 312 -1.43 -30.42 11.63
C TYR C 312 -0.99 -30.47 13.08
N ASP C 313 -1.45 -31.51 13.77
CA ASP C 313 -1.24 -31.74 15.21
C ASP C 313 -1.22 -33.26 15.41
N GLU C 314 -0.05 -33.86 15.57
CA GLU C 314 0.12 -35.34 15.65
C GLU C 314 0.34 -35.74 17.10
N ALA C 315 0.04 -37.00 17.44
CA ALA C 315 0.54 -37.65 18.67
C ALA C 315 2.04 -37.38 18.70
N PRO C 316 2.58 -36.75 19.76
CA PRO C 316 3.99 -36.35 19.80
C PRO C 316 4.97 -37.51 19.90
N PRO C 317 6.22 -37.33 19.41
CA PRO C 317 7.25 -38.37 19.52
C PRO C 317 7.70 -38.48 20.97
N PRO C 318 8.43 -39.56 21.33
CA PRO C 318 8.74 -39.85 22.73
C PRO C 318 9.11 -38.69 23.65
N GLY C 319 10.02 -37.78 23.29
CA GLY C 319 10.57 -36.80 24.25
C GLY C 319 9.75 -35.52 24.42
N ARG C 320 8.71 -35.33 23.61
CA ARG C 320 8.15 -33.98 23.31
C ARG C 320 6.68 -33.87 23.75
N ALA C 321 6.24 -32.64 24.02
CA ALA C 321 4.86 -32.27 24.41
C ALA C 321 3.93 -32.31 23.18
N SER C 322 4.41 -31.80 22.03
CA SER C 322 3.57 -31.56 20.83
C SER C 322 4.34 -31.91 19.56
N ASP C 323 3.62 -32.31 18.51
CA ASP C 323 4.13 -32.35 17.11
C ASP C 323 3.11 -31.60 16.26
N SER C 324 3.28 -30.27 16.22
CA SER C 324 2.34 -29.33 15.58
C SER C 324 3.05 -28.63 14.43
N GLY C 325 2.28 -28.21 13.43
CA GLY C 325 2.85 -27.42 12.33
C GLY C 325 1.79 -27.01 11.32
N LEU C 326 2.26 -26.59 10.15
CA LEU C 326 1.42 -26.10 9.03
C LEU C 326 1.55 -27.09 7.85
N LEU C 327 0.42 -27.58 7.35
CA LEU C 327 0.34 -28.23 6.02
C LEU C 327 0.25 -27.08 5.02
N PHE C 328 1.41 -26.62 4.57
CA PHE C 328 1.51 -25.45 3.67
C PHE C 328 1.30 -25.93 2.23
N VAL C 329 0.07 -25.79 1.74
CA VAL C 329 -0.35 -26.16 0.35
C VAL C 329 -0.50 -24.85 -0.42
N THR C 330 0.20 -24.70 -1.55
CA THR C 330 0.09 -23.51 -2.44
C THR C 330 -0.22 -23.97 -3.87
N TYR C 331 -0.98 -23.14 -4.59
CA TYR C 331 -1.33 -23.31 -6.01
C TYR C 331 -0.88 -22.06 -6.79
N GLN C 332 -0.27 -22.27 -7.95
CA GLN C 332 0.28 -21.20 -8.82
C GLN C 332 0.46 -21.75 -10.25
N ARG C 333 0.47 -20.88 -11.27
CA ARG C 333 0.66 -21.30 -12.69
C ARG C 333 2.01 -22.01 -12.82
N ASP C 334 3.07 -21.46 -12.23
CA ASP C 334 4.48 -21.90 -12.47
C ASP C 334 5.26 -21.83 -11.16
N VAL C 335 5.67 -22.99 -10.63
CA VAL C 335 6.37 -23.12 -9.32
C VAL C 335 7.67 -22.29 -9.35
N ASP C 336 8.48 -22.47 -10.39
CA ASP C 336 9.83 -21.87 -10.55
C ASP C 336 9.76 -20.34 -10.62
N ALA C 337 8.75 -19.80 -11.30
CA ALA C 337 8.59 -18.34 -11.53
C ALA C 337 7.94 -17.66 -10.32
N GLN C 338 7.12 -18.38 -9.54
CA GLN C 338 6.14 -17.78 -8.59
C GLN C 338 6.48 -18.17 -7.15
N PHE C 339 6.56 -19.46 -6.84
CA PHE C 339 6.78 -19.96 -5.46
C PHE C 339 8.27 -19.89 -5.08
N THR C 340 9.11 -20.56 -5.86
CA THR C 340 10.54 -20.82 -5.54
C THR C 340 11.30 -19.52 -5.26
N PRO C 341 11.09 -18.42 -6.00
CA PRO C 341 11.76 -17.16 -5.70
C PRO C 341 11.39 -16.60 -4.32
N VAL C 342 10.14 -16.85 -3.87
CA VAL C 342 9.69 -16.42 -2.51
C VAL C 342 10.36 -17.33 -1.47
N GLN C 343 10.26 -18.65 -1.65
CA GLN C 343 10.94 -19.63 -0.77
C GLN C 343 12.43 -19.30 -0.67
N ARG C 344 13.06 -18.92 -1.78
CA ARG C 344 14.52 -18.60 -1.84
C ARG C 344 14.79 -17.34 -1.01
N ARG C 345 13.89 -16.36 -1.05
CA ARG C 345 14.05 -15.08 -0.30
C ARG C 345 13.90 -15.35 1.21
N LEU C 346 12.98 -16.22 1.61
CA LEU C 346 12.79 -16.62 3.04
C LEU C 346 13.98 -17.41 3.52
N ASP C 347 14.54 -18.29 2.69
CA ASP C 347 15.76 -19.06 3.05
C ASP C 347 16.88 -18.07 3.40
N ALA C 348 17.04 -17.00 2.61
CA ALA C 348 18.15 -16.02 2.73
C ALA C 348 18.00 -15.25 4.07
N ALA C 349 16.78 -14.86 4.44
CA ALA C 349 16.49 -14.18 5.71
C ALA C 349 14.99 -14.17 6.00
N ASP C 350 14.62 -14.63 7.20
CA ASP C 350 13.25 -14.58 7.78
C ASP C 350 13.37 -14.93 9.27
N LEU C 351 12.92 -14.03 10.16
CA LEU C 351 12.97 -14.24 11.63
C LEU C 351 12.23 -15.54 12.01
N LEU C 352 11.15 -15.84 11.29
CA LEU C 352 10.27 -17.02 11.50
C LEU C 352 11.05 -18.33 11.35
N ASN C 353 12.11 -18.35 10.56
CA ASN C 353 12.95 -19.57 10.33
C ASN C 353 13.53 -20.08 11.65
N GLU C 354 13.58 -19.26 12.71
CA GLU C 354 14.17 -19.67 14.02
C GLU C 354 13.21 -20.61 14.76
N TRP C 355 11.92 -20.63 14.41
CA TRP C 355 10.84 -21.36 15.15
C TRP C 355 10.02 -22.26 14.22
N THR C 356 10.39 -22.35 12.94
CA THR C 356 9.76 -23.24 11.93
C THR C 356 10.88 -23.96 11.19
N PHE C 357 10.59 -25.10 10.59
CA PHE C 357 11.53 -25.81 9.70
C PHE C 357 10.75 -26.74 8.78
N PRO C 358 11.06 -26.76 7.46
CA PRO C 358 10.40 -27.67 6.53
C PRO C 358 10.89 -29.10 6.75
N VAL C 359 9.95 -30.05 6.90
CA VAL C 359 10.27 -31.50 7.08
C VAL C 359 9.73 -32.31 5.89
N GLY C 360 9.00 -31.69 4.97
CA GLY C 360 8.44 -32.34 3.78
C GLY C 360 8.26 -31.38 2.62
N SER C 361 8.53 -31.83 1.41
CA SER C 361 8.39 -31.03 0.15
C SER C 361 7.90 -31.92 -0.97
N ALA C 362 6.85 -31.49 -1.67
CA ALA C 362 6.30 -32.21 -2.84
C ALA C 362 5.75 -31.23 -3.86
N VAL C 363 6.06 -31.45 -5.14
CA VAL C 363 5.57 -30.60 -6.27
C VAL C 363 4.74 -31.48 -7.19
N PHE C 364 3.59 -30.98 -7.62
CA PHE C 364 2.63 -31.70 -8.50
C PHE C 364 2.09 -30.76 -9.57
N ALA C 365 1.83 -31.32 -10.75
CA ALA C 365 1.11 -30.67 -11.86
C ALA C 365 -0.35 -31.08 -11.75
N VAL C 366 -1.24 -30.10 -11.78
CA VAL C 366 -2.69 -30.31 -11.52
C VAL C 366 -3.43 -30.14 -12.85
N PRO C 367 -3.99 -31.22 -13.41
CA PRO C 367 -4.80 -31.10 -14.61
C PRO C 367 -5.92 -30.07 -14.42
N GLY C 368 -6.46 -29.61 -15.54
CA GLY C 368 -7.67 -28.78 -15.60
C GLY C 368 -8.85 -29.60 -15.16
N GLY C 369 -10.02 -28.99 -15.12
CA GLY C 369 -11.29 -29.68 -14.79
C GLY C 369 -11.76 -30.51 -15.96
N TRP C 370 -12.96 -31.08 -15.81
CA TRP C 370 -13.60 -32.01 -16.79
C TRP C 370 -15.10 -31.91 -16.64
N SER C 371 -15.82 -32.40 -17.66
CA SER C 371 -17.30 -32.40 -17.77
C SER C 371 -17.80 -33.85 -17.79
N ALA C 372 -19.09 -34.03 -17.57
CA ALA C 372 -19.77 -35.35 -17.61
C ALA C 372 -19.27 -36.09 -18.85
N GLY C 373 -18.68 -37.29 -18.69
CA GLY C 373 -18.21 -38.13 -19.80
C GLY C 373 -16.71 -38.05 -20.01
N GLU C 374 -16.03 -37.09 -19.39
CA GLU C 374 -14.55 -36.97 -19.46
C GLU C 374 -13.97 -37.62 -18.19
N TYR C 375 -12.64 -37.65 -18.07
CA TYR C 375 -11.93 -38.13 -16.85
C TYR C 375 -10.74 -37.23 -16.57
N VAL C 376 -10.39 -37.11 -15.28
CA VAL C 376 -9.33 -36.17 -14.82
C VAL C 376 -7.99 -36.61 -15.44
N GLY C 377 -7.31 -35.67 -16.11
CA GLY C 377 -5.97 -35.86 -16.69
C GLY C 377 -6.03 -36.43 -18.08
N GLN C 378 -7.23 -36.51 -18.64
CA GLN C 378 -7.50 -37.10 -19.97
C GLN C 378 -6.62 -36.44 -21.05
N ARG C 379 -6.51 -35.11 -21.06
CA ARG C 379 -5.76 -34.34 -22.08
C ARG C 379 -4.28 -34.74 -22.04
N LEU C 380 -3.76 -35.14 -20.87
CA LEU C 380 -2.36 -35.65 -20.77
C LEU C 380 -2.27 -37.03 -21.42
N LEU C 381 -3.13 -37.98 -21.02
CA LEU C 381 -2.96 -39.42 -21.32
C LEU C 381 -3.39 -39.77 -22.77
N GLU C 382 -3.91 -38.78 -23.52
CA GLU C 382 -4.10 -38.86 -24.99
C GLU C 382 -2.78 -39.10 -25.73
N GLY C 383 -1.60 -38.84 -25.16
CA GLY C 383 -0.30 -39.14 -25.78
C GLY C 383 0.69 -37.98 -25.66
N ALA D 23 -26.39 -17.59 18.15
CA ALA D 23 -25.65 -18.68 18.83
C ALA D 23 -25.23 -19.72 17.79
N GLY D 24 -23.96 -20.17 17.85
CA GLY D 24 -23.44 -21.32 17.10
C GLY D 24 -22.78 -22.35 18.03
N PRO D 25 -22.42 -23.54 17.50
CA PRO D 25 -21.86 -24.60 18.34
C PRO D 25 -20.52 -24.21 18.99
N GLY D 26 -19.87 -23.16 18.48
CA GLY D 26 -18.62 -22.61 19.06
C GLY D 26 -18.83 -21.93 20.41
N ASP D 27 -20.04 -21.40 20.66
CA ASP D 27 -20.36 -20.57 21.85
C ASP D 27 -20.74 -21.46 23.04
N VAL D 28 -20.97 -22.76 22.81
CA VAL D 28 -21.55 -23.65 23.85
C VAL D 28 -20.51 -23.83 24.96
N VAL D 29 -20.89 -23.52 26.19
CA VAL D 29 -20.13 -23.81 27.45
C VAL D 29 -20.82 -24.97 28.17
N VAL D 30 -20.10 -26.06 28.40
CA VAL D 30 -20.55 -27.18 29.27
C VAL D 30 -19.97 -26.95 30.66
N PRO D 31 -20.81 -26.84 31.72
CA PRO D 31 -20.31 -26.58 33.07
C PRO D 31 -19.33 -27.69 33.49
N CYS D 32 -18.19 -27.29 34.03
CA CYS D 32 -17.14 -28.24 34.51
C CYS D 32 -17.39 -28.61 35.98
N HIS D 33 -18.25 -27.84 36.66
CA HIS D 33 -18.64 -28.05 38.09
C HIS D 33 -19.92 -28.86 38.20
N GLY D 34 -19.97 -29.78 39.16
CA GLY D 34 -21.18 -30.52 39.53
C GLY D 34 -20.84 -31.68 40.45
N GLU D 35 -21.85 -32.46 40.82
CA GLU D 35 -21.73 -33.76 41.52
C GLU D 35 -20.70 -34.63 40.80
N HIS D 36 -20.69 -34.62 39.47
CA HIS D 36 -19.79 -35.47 38.63
C HIS D 36 -18.92 -34.58 37.74
N GLN D 37 -17.79 -35.12 37.26
CA GLN D 37 -16.98 -34.51 36.18
C GLN D 37 -17.83 -34.49 34.90
N ALA D 38 -17.71 -33.46 34.08
CA ALA D 38 -18.32 -33.40 32.73
C ALA D 38 -17.54 -34.34 31.81
N GLY D 39 -18.10 -34.68 30.65
CA GLY D 39 -17.43 -35.46 29.61
C GLY D 39 -17.71 -36.94 29.76
N ILE D 40 -18.68 -37.30 30.60
CA ILE D 40 -19.11 -38.71 30.84
C ILE D 40 -20.56 -38.88 30.40
N VAL D 41 -21.52 -38.20 31.05
CA VAL D 41 -22.94 -38.22 30.62
C VAL D 41 -23.22 -37.01 29.71
N THR D 42 -22.29 -36.05 29.64
CA THR D 42 -22.34 -34.96 28.65
C THR D 42 -22.53 -35.58 27.27
N PRO D 43 -23.54 -35.13 26.47
CA PRO D 43 -23.73 -35.66 25.12
C PRO D 43 -22.39 -35.60 24.38
N PRO D 44 -21.93 -36.71 23.76
CA PRO D 44 -20.61 -36.71 23.12
C PRO D 44 -20.50 -35.72 21.96
N PRO D 45 -19.52 -34.79 21.99
CA PRO D 45 -19.29 -33.88 20.88
C PRO D 45 -18.40 -34.55 19.82
N SER D 46 -18.06 -33.80 18.77
CA SER D 46 -17.46 -34.35 17.52
C SER D 46 -16.07 -34.95 17.74
N PHE D 47 -15.24 -34.39 18.62
CA PHE D 47 -13.81 -34.79 18.70
C PHE D 47 -13.37 -35.13 20.12
N ILE D 48 -12.34 -35.99 20.20
CA ILE D 48 -11.72 -36.50 21.45
C ILE D 48 -10.20 -36.62 21.26
N ALA D 49 -9.45 -36.26 22.29
CA ALA D 49 -8.03 -36.62 22.47
C ALA D 49 -7.89 -37.18 23.88
N LEU D 50 -7.55 -38.44 24.00
CA LEU D 50 -7.20 -39.05 25.31
C LEU D 50 -5.68 -38.92 25.45
N VAL D 51 -5.24 -38.13 26.41
CA VAL D 51 -3.81 -37.87 26.70
C VAL D 51 -3.44 -38.60 28.00
N ALA D 52 -2.74 -39.72 27.88
CA ALA D 52 -2.13 -40.45 29.00
C ALA D 52 -0.78 -39.80 29.31
N LEU D 53 -0.53 -39.52 30.59
CA LEU D 53 0.75 -38.98 31.06
C LEU D 53 1.32 -39.93 32.11
N ASP D 54 2.64 -39.97 32.22
CA ASP D 54 3.37 -40.70 33.26
C ASP D 54 4.03 -39.68 34.21
N LEU D 55 3.91 -39.89 35.51
CA LEU D 55 4.50 -38.97 36.52
C LEU D 55 6.03 -39.00 36.43
N ALA D 56 6.69 -37.89 36.73
CA ALA D 56 8.16 -37.80 36.86
C ALA D 56 8.63 -38.74 37.97
N SER D 57 9.86 -39.25 37.83
CA SER D 57 10.55 -40.13 38.80
C SER D 57 10.60 -39.49 40.19
N THR D 58 10.63 -38.15 40.25
CA THR D 58 10.79 -37.36 41.50
C THR D 58 9.43 -37.16 42.19
N SER D 59 8.32 -37.54 41.56
CA SER D 59 6.94 -37.23 42.01
C SER D 59 6.67 -37.74 43.43
N ASP D 60 5.92 -36.96 44.22
CA ASP D 60 5.37 -37.35 45.54
C ASP D 60 3.95 -36.80 45.64
N ARG D 61 3.30 -36.94 46.79
CA ARG D 61 1.92 -36.45 47.04
C ARG D 61 1.81 -34.98 46.63
N ALA D 62 2.82 -34.18 46.95
CA ALA D 62 2.78 -32.70 46.79
C ALA D 62 2.79 -32.37 45.30
N SER D 63 3.65 -33.05 44.52
CA SER D 63 3.75 -32.96 43.04
C SER D 63 2.37 -33.23 42.42
N VAL D 64 1.78 -34.37 42.77
CA VAL D 64 0.50 -34.83 42.18
C VAL D 64 -0.56 -33.79 42.51
N GLU D 65 -0.59 -33.32 43.76
CA GLU D 65 -1.58 -32.30 44.20
C GLU D 65 -1.44 -31.02 43.37
N ARG D 66 -0.23 -30.48 43.30
CA ARG D 66 0.09 -29.26 42.49
C ARG D 66 -0.44 -29.46 41.06
N LEU D 67 -0.11 -30.59 40.43
CA LEU D 67 -0.52 -30.90 39.04
C LEU D 67 -2.03 -30.81 38.90
N LEU D 68 -2.77 -31.48 39.77
CA LEU D 68 -4.26 -31.49 39.75
C LEU D 68 -4.82 -30.08 39.98
N ARG D 69 -4.13 -29.28 40.80
CA ARG D 69 -4.59 -27.92 41.14
C ARG D 69 -4.38 -26.99 39.94
N VAL D 70 -3.20 -27.03 39.29
CA VAL D 70 -2.95 -26.16 38.11
C VAL D 70 -3.90 -26.58 36.98
N TRP D 71 -4.16 -27.88 36.82
CA TRP D 71 -5.08 -28.41 35.78
C TRP D 71 -6.50 -27.93 36.06
N THR D 72 -6.91 -27.92 37.33
CA THR D 72 -8.26 -27.45 37.72
C THR D 72 -8.46 -26.01 37.23
N VAL D 73 -7.47 -25.14 37.47
CA VAL D 73 -7.51 -23.74 36.97
C VAL D 73 -7.73 -23.75 35.45
N ASP D 74 -6.90 -24.50 34.72
CA ASP D 74 -6.90 -24.54 33.24
C ASP D 74 -8.22 -25.11 32.72
N ILE D 75 -8.75 -26.14 33.37
CA ILE D 75 -10.07 -26.74 32.98
C ILE D 75 -11.15 -25.69 33.17
N GLU D 76 -11.17 -25.01 34.32
CA GLU D 76 -12.24 -24.03 34.65
C GLU D 76 -12.20 -22.88 33.64
N ARG D 77 -10.99 -22.50 33.19
CA ARG D 77 -10.78 -21.39 32.23
C ARG D 77 -11.10 -21.83 30.81
N LEU D 78 -10.42 -22.86 30.29
CA LEU D 78 -10.52 -23.27 28.87
C LEU D 78 -11.99 -23.59 28.54
N THR D 79 -12.70 -24.29 29.43
CA THR D 79 -14.10 -24.77 29.20
C THR D 79 -15.07 -23.59 29.17
N THR D 80 -14.68 -22.40 29.66
CA THR D 80 -15.52 -21.18 29.66
C THR D 80 -14.98 -20.19 28.64
N GLY D 81 -14.04 -20.63 27.80
CA GLY D 81 -13.49 -19.82 26.69
C GLY D 81 -12.58 -18.73 27.20
N ARG D 82 -11.91 -18.96 28.34
CA ARG D 82 -10.85 -18.07 28.86
C ARG D 82 -9.53 -18.78 28.70
N PRO D 83 -8.44 -18.04 28.39
CA PRO D 83 -7.10 -18.62 28.32
C PRO D 83 -6.71 -19.33 29.62
N GLY D 84 -5.88 -20.36 29.50
CA GLY D 84 -5.31 -21.09 30.64
C GLY D 84 -4.24 -20.27 31.35
N LEU D 85 -3.61 -20.86 32.35
CA LEU D 85 -2.57 -20.22 33.18
C LEU D 85 -1.26 -20.21 32.37
N ALA D 86 -0.82 -21.38 31.88
CA ALA D 86 0.34 -21.54 30.98
C ALA D 86 -0.16 -21.48 29.53
N ASP D 87 -0.70 -20.32 29.14
CA ASP D 87 -1.40 -20.13 27.84
C ASP D 87 -0.85 -18.85 27.17
N SER D 88 0.04 -19.05 26.21
CA SER D 88 0.70 -17.99 25.40
C SER D 88 -0.09 -17.71 24.11
N GLU D 89 -1.15 -18.48 23.81
CA GLU D 89 -2.01 -18.28 22.61
C GLU D 89 -3.46 -18.11 23.04
N PRO D 90 -3.78 -17.04 23.79
CA PRO D 90 -5.13 -16.85 24.34
C PRO D 90 -6.25 -16.83 23.30
N GLU D 91 -5.99 -16.30 22.11
CA GLU D 91 -6.98 -16.21 21.00
C GLU D 91 -7.46 -17.61 20.58
N LEU D 92 -6.63 -18.64 20.78
CA LEU D 92 -6.97 -20.04 20.43
C LEU D 92 -7.90 -20.62 21.50
N ALA D 93 -8.17 -19.89 22.59
CA ALA D 93 -9.00 -20.34 23.72
C ALA D 93 -10.40 -19.73 23.68
N LEU D 94 -10.63 -18.68 22.90
CA LEU D 94 -11.84 -17.82 23.03
C LEU D 94 -13.11 -18.58 22.61
N VAL D 95 -12.96 -19.68 21.86
CA VAL D 95 -14.12 -20.45 21.32
C VAL D 95 -14.17 -21.77 22.08
N PRO D 96 -15.03 -21.90 23.11
CA PRO D 96 -15.03 -23.09 23.96
C PRO D 96 -15.52 -24.36 23.25
N ALA D 97 -16.50 -24.24 22.36
CA ALA D 97 -16.98 -25.36 21.51
C ALA D 97 -17.29 -26.61 22.34
N ALA D 98 -18.03 -26.43 23.45
CA ALA D 98 -18.49 -27.51 24.35
C ALA D 98 -17.31 -28.29 24.94
N LEU D 99 -16.14 -27.65 25.10
CA LEU D 99 -14.92 -28.32 25.62
C LEU D 99 -15.26 -28.96 26.96
N THR D 100 -14.87 -30.23 27.15
CA THR D 100 -14.79 -30.94 28.44
C THR D 100 -13.39 -31.54 28.59
N VAL D 101 -12.90 -31.60 29.84
CA VAL D 101 -11.69 -32.37 30.25
C VAL D 101 -12.15 -33.29 31.35
N THR D 102 -11.95 -34.60 31.20
CA THR D 102 -12.25 -35.63 32.22
C THR D 102 -10.91 -36.21 32.68
N VAL D 103 -10.64 -36.16 33.98
CA VAL D 103 -9.36 -36.62 34.60
C VAL D 103 -9.57 -38.00 35.20
N GLY D 104 -8.71 -38.94 34.84
CA GLY D 104 -8.68 -40.30 35.39
C GLY D 104 -7.31 -40.61 35.97
N PHE D 105 -7.27 -41.40 37.03
CA PHE D 105 -6.03 -41.80 37.75
C PHE D 105 -5.78 -43.28 37.52
N GLY D 106 -4.57 -43.59 37.06
CA GLY D 106 -4.05 -44.96 36.99
C GLY D 106 -3.41 -45.34 38.32
N PRO D 107 -3.17 -46.65 38.55
CA PRO D 107 -2.62 -47.11 39.82
C PRO D 107 -1.30 -46.39 40.19
N GLY D 108 -0.45 -46.11 39.20
CA GLY D 108 0.86 -45.46 39.39
C GLY D 108 0.72 -44.09 40.06
N LEU D 109 -0.38 -43.38 39.81
CA LEU D 109 -0.61 -42.07 40.48
C LEU D 109 -0.76 -42.30 41.98
N LEU D 110 -1.55 -43.29 42.38
CA LEU D 110 -1.82 -43.58 43.82
C LEU D 110 -0.52 -44.05 44.48
N THR D 111 0.23 -44.91 43.79
CA THR D 111 1.57 -45.36 44.25
C THR D 111 2.47 -44.13 44.51
N ALA D 112 2.59 -43.23 43.52
CA ALA D 112 3.53 -42.09 43.57
C ALA D 112 3.12 -41.15 44.72
N ALA D 113 1.82 -40.98 44.95
CA ALA D 113 1.27 -40.13 46.03
C ALA D 113 1.35 -40.80 47.40
N GLY D 114 1.68 -42.09 47.48
CA GLY D 114 1.69 -42.85 48.75
C GLY D 114 0.28 -43.17 49.23
N LEU D 115 -0.57 -43.61 48.31
CA LEU D 115 -2.04 -43.76 48.53
C LEU D 115 -2.52 -45.12 48.00
N ARG D 116 -1.63 -46.12 47.94
CA ARG D 116 -2.02 -47.49 47.49
C ARG D 116 -3.21 -48.00 48.31
N HIS D 117 -3.23 -47.68 49.60
CA HIS D 117 -4.31 -48.07 50.56
C HIS D 117 -5.67 -47.46 50.15
N ARG D 118 -5.68 -46.47 49.25
CA ARG D 118 -6.95 -45.83 48.78
C ARG D 118 -7.37 -46.40 47.41
N ALA D 119 -6.59 -47.30 46.83
CA ALA D 119 -6.88 -47.94 45.52
C ALA D 119 -8.13 -48.79 45.62
N PRO D 120 -9.16 -48.61 44.78
CA PRO D 120 -10.22 -49.61 44.68
C PRO D 120 -9.66 -50.94 44.15
N ALA D 121 -10.33 -52.05 44.50
CA ALA D 121 -9.98 -53.43 44.08
C ALA D 121 -9.86 -53.55 42.55
N TRP D 122 -10.60 -52.73 41.80
CA TRP D 122 -10.69 -52.83 40.32
C TRP D 122 -9.66 -51.95 39.62
N LEU D 123 -8.78 -51.24 40.33
CA LEU D 123 -7.81 -50.32 39.68
C LEU D 123 -6.54 -51.09 39.34
N HIS D 124 -6.54 -51.77 38.19
CA HIS D 124 -5.45 -52.63 37.68
C HIS D 124 -5.68 -52.87 36.20
N PRO D 125 -4.64 -53.20 35.41
CA PRO D 125 -4.83 -53.63 34.02
C PRO D 125 -5.90 -54.72 33.89
N LEU D 126 -6.69 -54.71 32.81
CA LEU D 126 -7.62 -55.83 32.53
C LEU D 126 -6.80 -57.11 32.50
N PRO D 127 -7.36 -58.28 32.87
CA PRO D 127 -6.64 -59.54 32.70
C PRO D 127 -6.38 -59.75 31.22
N PRO D 128 -5.38 -60.58 30.83
CA PRO D 128 -5.11 -60.83 29.41
C PRO D 128 -6.19 -61.72 28.79
N PHE D 129 -6.49 -61.50 27.51
CA PHE D 129 -7.47 -62.28 26.71
C PHE D 129 -6.77 -62.84 25.48
N GLY D 130 -7.19 -64.03 25.02
CA GLY D 130 -6.66 -64.67 23.80
C GLY D 130 -6.68 -63.73 22.60
N ILE D 131 -7.69 -62.87 22.49
CA ILE D 131 -7.90 -61.94 21.34
C ILE D 131 -6.93 -60.74 21.41
N ASP D 132 -6.33 -60.48 22.57
CA ASP D 132 -5.45 -59.30 22.79
C ASP D 132 -4.27 -59.33 21.82
N ARG D 133 -4.02 -58.22 21.11
CA ARG D 133 -2.73 -57.95 20.40
C ARG D 133 -2.14 -56.67 20.98
N LEU D 134 -2.04 -56.58 22.31
CA LEU D 134 -1.79 -55.29 23.01
C LEU D 134 -0.38 -54.79 22.71
N ASP D 135 -0.29 -53.56 22.21
CA ASP D 135 0.94 -52.76 22.04
C ASP D 135 1.15 -51.88 23.29
N PRO D 136 2.19 -52.15 24.11
CA PRO D 136 2.44 -51.38 25.34
C PRO D 136 2.38 -49.85 25.19
N ALA D 137 2.71 -49.32 24.01
CA ALA D 137 2.70 -47.87 23.68
C ALA D 137 1.27 -47.31 23.67
N TRP D 138 0.25 -48.17 23.63
CA TRP D 138 -1.17 -47.75 23.71
C TRP D 138 -1.80 -48.23 25.02
N CYS D 139 -0.98 -48.66 25.98
CA CYS D 139 -1.44 -49.29 27.25
C CYS D 139 -1.09 -48.42 28.46
N ASP D 140 -1.92 -48.52 29.49
CA ASP D 140 -1.68 -48.00 30.87
C ASP D 140 -1.51 -46.47 30.82
N GLY D 141 -0.76 -45.91 31.77
CA GLY D 141 -0.67 -44.47 32.07
C GLY D 141 -1.01 -44.19 33.53
N ASP D 142 -0.20 -43.36 34.21
CA ASP D 142 -0.43 -42.92 35.60
C ASP D 142 -1.65 -42.02 35.67
N VAL D 143 -1.90 -41.20 34.64
CA VAL D 143 -3.06 -40.28 34.62
C VAL D 143 -3.50 -40.06 33.17
N VAL D 144 -4.76 -39.74 32.95
CA VAL D 144 -5.33 -39.51 31.61
C VAL D 144 -6.18 -38.25 31.63
N LEU D 145 -6.10 -37.46 30.57
CA LEU D 145 -7.06 -36.37 30.27
C LEU D 145 -7.88 -36.79 29.04
N GLN D 146 -9.17 -37.09 29.22
CA GLN D 146 -10.10 -37.19 28.08
C GLN D 146 -10.53 -35.77 27.73
N VAL D 147 -10.04 -35.25 26.60
CA VAL D 147 -10.33 -33.88 26.12
C VAL D 147 -11.27 -34.01 24.92
N CYS D 148 -12.46 -33.44 25.05
CA CYS D 148 -13.56 -33.53 24.06
C CYS D 148 -14.02 -32.12 23.67
N ALA D 149 -14.29 -31.90 22.39
CA ALA D 149 -14.82 -30.61 21.87
C ALA D 149 -15.43 -30.79 20.47
N ASP D 150 -16.26 -29.83 20.06
CA ASP D 150 -16.90 -29.77 18.74
C ASP D 150 -16.00 -29.03 17.74
N ASP D 151 -14.74 -28.75 18.11
CA ASP D 151 -13.79 -28.01 17.25
C ASP D 151 -12.36 -28.48 17.50
N ARG D 152 -11.61 -28.74 16.43
CA ARG D 152 -10.28 -29.40 16.48
C ARG D 152 -9.18 -28.40 16.91
N THR D 153 -9.35 -27.12 16.59
CA THR D 153 -8.40 -26.06 17.00
C THR D 153 -8.52 -25.84 18.51
N THR D 154 -9.76 -25.75 19.01
CA THR D 154 -10.07 -25.66 20.47
C THR D 154 -9.42 -26.84 21.21
N LEU D 155 -9.52 -28.03 20.63
CA LEU D 155 -9.02 -29.30 21.23
C LEU D 155 -7.49 -29.27 21.23
N ALA D 156 -6.90 -28.91 20.07
CA ALA D 156 -5.43 -28.82 19.91
C ALA D 156 -4.88 -27.85 20.97
N HIS D 157 -5.54 -26.70 21.13
CA HIS D 157 -5.10 -25.67 22.10
C HIS D 157 -5.18 -26.22 23.53
N ALA D 158 -6.33 -26.73 23.93
CA ALA D 158 -6.56 -27.30 25.28
C ALA D 158 -5.47 -28.31 25.60
N VAL D 159 -5.23 -29.25 24.69
CA VAL D 159 -4.19 -30.31 24.85
C VAL D 159 -2.82 -29.65 25.06
N ARG D 160 -2.49 -28.64 24.26
CA ARG D 160 -1.18 -27.93 24.35
C ARG D 160 -1.07 -27.28 25.75
N VAL D 161 -2.12 -26.62 26.21
CA VAL D 161 -2.10 -25.88 27.51
C VAL D 161 -1.94 -26.90 28.66
N LEU D 162 -2.76 -27.95 28.67
CA LEU D 162 -2.77 -28.93 29.79
C LEU D 162 -1.43 -29.66 29.83
N THR D 163 -0.87 -29.98 28.66
CA THR D 163 0.42 -30.71 28.53
C THR D 163 1.55 -29.85 29.09
N LYS D 164 1.63 -28.60 28.65
CA LYS D 164 2.64 -27.61 29.12
C LYS D 164 2.56 -27.43 30.64
N GLU D 165 1.35 -27.39 31.19
CA GLU D 165 1.12 -27.15 32.64
C GLU D 165 1.78 -28.26 33.48
N ALA D 166 1.83 -29.48 32.95
CA ALA D 166 2.36 -30.69 33.64
C ALA D 166 3.88 -30.81 33.43
N GLN D 167 4.51 -29.89 32.69
CA GLN D 167 5.96 -29.95 32.39
C GLN D 167 6.72 -30.03 33.73
N GLY D 168 7.55 -31.06 33.90
CA GLY D 168 8.31 -31.30 35.14
C GLY D 168 7.57 -32.18 36.15
N LEU D 169 6.25 -32.36 36.01
CA LEU D 169 5.39 -33.14 36.95
C LEU D 169 4.92 -34.43 36.29
N ALA D 170 4.62 -34.38 35.00
CA ALA D 170 4.22 -35.56 34.19
C ALA D 170 4.56 -35.29 32.72
N SER D 171 4.90 -36.34 31.97
CA SER D 171 5.19 -36.29 30.52
C SER D 171 4.20 -37.19 29.77
N VAL D 172 3.97 -36.89 28.49
CA VAL D 172 3.00 -37.60 27.63
C VAL D 172 3.50 -39.04 27.42
N ARG D 173 2.60 -40.01 27.57
CA ARG D 173 2.88 -41.45 27.30
C ARG D 173 2.30 -41.80 25.93
N TRP D 174 1.02 -41.45 25.74
CA TRP D 174 0.31 -41.61 24.45
C TRP D 174 -0.80 -40.59 24.34
N VAL D 175 -1.25 -40.38 23.10
CA VAL D 175 -2.42 -39.55 22.72
C VAL D 175 -3.20 -40.34 21.66
N GLN D 176 -4.46 -40.63 21.94
CA GLN D 176 -5.40 -41.28 21.00
C GLN D 176 -6.44 -40.25 20.59
N ARG D 177 -6.56 -40.01 19.29
CA ARG D 177 -7.43 -38.96 18.70
C ARG D 177 -8.58 -39.70 18.01
N GLY D 178 -9.79 -39.19 18.13
CA GLY D 178 -10.96 -39.81 17.49
C GLY D 178 -11.98 -38.75 17.11
N PHE D 179 -13.02 -39.19 16.40
CA PHE D 179 -14.03 -38.31 15.77
C PHE D 179 -15.35 -39.04 15.58
N ARG D 180 -16.42 -38.25 15.57
CA ARG D 180 -17.76 -38.62 15.04
C ARG D 180 -18.07 -37.57 13.96
N ARG D 181 -19.33 -37.42 13.56
CA ARG D 181 -19.69 -36.39 12.56
C ARG D 181 -19.53 -35.01 13.22
N SER D 182 -19.40 -33.96 12.38
CA SER D 182 -19.17 -32.57 12.81
C SER D 182 -20.45 -32.02 13.44
N PRO D 183 -20.37 -30.92 14.23
CA PRO D 183 -21.59 -30.29 14.73
C PRO D 183 -22.50 -29.86 13.56
N GLY D 184 -23.81 -30.05 13.72
CA GLY D 184 -24.83 -29.72 12.71
C GLY D 184 -24.93 -30.80 11.65
N ILE D 185 -24.17 -31.88 11.80
CA ILE D 185 -24.18 -33.04 10.85
C ILE D 185 -24.61 -34.28 11.62
N SER D 186 -25.83 -34.75 11.30
CA SER D 186 -26.47 -35.97 11.85
C SER D 186 -26.28 -37.11 10.86
N GLU D 187 -26.19 -38.34 11.38
CA GLU D 187 -25.97 -39.57 10.55
C GLU D 187 -27.14 -39.72 9.59
N PRO D 188 -27.00 -40.56 8.54
CA PRO D 188 -28.16 -40.98 7.74
C PRO D 188 -29.31 -41.53 8.60
N ASP D 189 -30.50 -40.90 8.49
CA ASP D 189 -31.77 -41.27 9.16
C ASP D 189 -31.65 -41.10 10.69
N GLY D 190 -30.96 -40.03 11.13
CA GLY D 190 -30.86 -39.59 12.53
C GLY D 190 -30.37 -40.69 13.48
N THR D 191 -29.51 -41.60 13.02
CA THR D 191 -28.95 -42.73 13.82
C THR D 191 -27.87 -42.17 14.78
N SER D 192 -27.41 -42.99 15.74
CA SER D 192 -26.65 -42.59 16.95
C SER D 192 -25.20 -42.21 16.60
N MET D 193 -24.44 -43.14 16.02
CA MET D 193 -23.05 -42.94 15.51
C MET D 193 -22.78 -44.02 14.47
N ARG D 194 -22.05 -43.66 13.42
CA ARG D 194 -21.55 -44.58 12.37
C ARG D 194 -20.07 -44.81 12.64
N ASN D 195 -19.65 -46.07 12.69
CA ASN D 195 -18.23 -46.45 12.85
C ASN D 195 -17.68 -46.76 11.45
N LEU D 196 -16.38 -47.02 11.35
CA LEU D 196 -15.69 -47.12 10.04
C LEU D 196 -15.84 -48.52 9.48
N MET D 197 -16.55 -49.42 10.18
CA MET D 197 -17.06 -50.68 9.58
C MET D 197 -18.38 -50.38 8.86
N GLY D 198 -18.89 -49.15 9.01
CA GLY D 198 -20.14 -48.70 8.38
C GLY D 198 -21.35 -49.00 9.25
N GLN D 199 -21.14 -49.43 10.50
CA GLN D 199 -22.23 -49.90 11.41
C GLN D 199 -22.75 -48.73 12.25
N VAL D 200 -23.99 -48.87 12.74
CA VAL D 200 -24.59 -48.00 13.79
C VAL D 200 -24.07 -48.50 15.12
N GLU D 201 -23.50 -47.61 15.95
CA GLU D 201 -22.91 -47.91 17.28
C GLU D 201 -23.58 -46.99 18.30
N GLY D 202 -24.06 -47.55 19.42
CA GLY D 202 -24.53 -46.77 20.59
C GLY D 202 -25.99 -47.01 20.92
N THR D 203 -26.67 -47.88 20.17
CA THR D 203 -28.13 -48.10 20.24
C THR D 203 -28.56 -48.59 21.63
N ALA D 204 -28.04 -49.74 22.07
CA ALA D 204 -28.40 -50.38 23.36
C ALA D 204 -27.33 -50.03 24.40
N ASN D 205 -27.33 -48.78 24.85
CA ASN D 205 -26.34 -48.27 25.83
C ASN D 205 -26.97 -48.24 27.23
N LEU D 206 -26.13 -48.22 28.27
CA LEU D 206 -26.55 -47.95 29.67
C LEU D 206 -27.24 -46.59 29.71
N ASP D 207 -28.43 -46.52 30.31
CA ASP D 207 -29.13 -45.25 30.60
C ASP D 207 -28.81 -44.82 32.02
N PRO D 208 -27.91 -43.82 32.22
CA PRO D 208 -27.59 -43.35 33.57
C PRO D 208 -28.73 -42.61 34.29
N ARG D 209 -29.80 -42.25 33.60
CA ARG D 209 -31.00 -41.58 34.17
C ARG D 209 -31.83 -42.64 34.90
N THR D 210 -31.91 -43.87 34.36
CA THR D 210 -32.64 -45.00 34.98
C THR D 210 -31.74 -45.77 35.94
N ASP D 211 -30.46 -45.94 35.60
CA ASP D 211 -29.53 -46.88 36.29
C ASP D 211 -28.27 -46.16 36.76
N PRO D 212 -28.40 -45.05 37.52
CA PRO D 212 -27.23 -44.27 37.95
C PRO D 212 -26.24 -45.07 38.82
N ASP D 213 -26.73 -46.06 39.56
CA ASP D 213 -25.90 -46.88 40.49
C ASP D 213 -24.93 -47.79 39.73
N LEU D 214 -25.15 -48.00 38.42
CA LEU D 214 -24.29 -48.85 37.56
C LEU D 214 -23.18 -48.02 36.90
N LEU D 215 -23.19 -46.70 37.07
CA LEU D 215 -22.18 -45.77 36.48
C LEU D 215 -21.38 -45.11 37.60
N TRP D 216 -22.10 -44.54 38.57
CA TRP D 216 -21.56 -43.61 39.60
C TRP D 216 -21.30 -44.37 40.90
N HIS D 217 -20.11 -44.19 41.47
CA HIS D 217 -19.76 -44.62 42.84
C HIS D 217 -20.47 -43.69 43.83
N ARG D 218 -21.21 -44.22 44.80
CA ARG D 218 -21.90 -43.39 45.83
C ARG D 218 -21.29 -43.68 47.22
N ASP D 219 -21.77 -44.70 47.91
CA ASP D 219 -21.61 -44.86 49.38
C ASP D 219 -20.32 -45.64 49.70
N GLY D 220 -19.95 -46.60 48.85
CA GLY D 220 -18.96 -47.64 49.18
C GLY D 220 -17.59 -47.08 49.53
N GLU D 221 -16.69 -47.96 49.96
CA GLU D 221 -15.25 -47.70 50.12
C GLU D 221 -14.61 -47.91 48.75
N PRO D 222 -13.63 -47.09 48.28
CA PRO D 222 -13.09 -45.95 49.01
C PRO D 222 -13.92 -44.67 48.87
N GLY D 223 -13.99 -43.87 49.93
CA GLY D 223 -14.88 -42.68 50.06
C GLY D 223 -14.54 -41.59 49.06
N TRP D 224 -13.27 -41.50 48.63
CA TRP D 224 -12.80 -40.41 47.72
C TRP D 224 -13.43 -40.53 46.32
N LEU D 225 -13.99 -41.68 45.96
CA LEU D 225 -14.60 -41.91 44.62
C LEU D 225 -16.07 -41.51 44.57
N THR D 226 -16.65 -40.95 45.64
CA THR D 226 -18.06 -40.47 45.63
C THR D 226 -18.28 -39.50 44.47
N GLY D 227 -19.27 -39.75 43.62
CA GLY D 227 -19.58 -38.97 42.40
C GLY D 227 -18.70 -39.37 41.23
N GLY D 228 -17.79 -40.32 41.46
CA GLY D 228 -16.78 -40.77 40.48
C GLY D 228 -17.17 -42.07 39.83
N THR D 229 -16.24 -42.68 39.10
CA THR D 229 -16.51 -43.85 38.24
C THR D 229 -15.17 -44.48 37.87
N SER D 230 -15.23 -45.50 37.03
CA SER D 230 -14.04 -46.16 36.42
C SER D 230 -14.14 -45.94 34.92
N MET D 231 -12.98 -45.88 34.27
CA MET D 231 -12.85 -45.61 32.82
C MET D 231 -11.98 -46.70 32.22
N VAL D 232 -12.48 -47.33 31.15
CA VAL D 232 -11.70 -48.30 30.32
C VAL D 232 -11.49 -47.65 28.95
N VAL D 233 -10.27 -47.71 28.45
CA VAL D 233 -9.91 -47.34 27.05
C VAL D 233 -9.31 -48.57 26.39
N ARG D 234 -10.04 -49.19 25.46
CA ARG D 234 -9.50 -50.18 24.50
C ARG D 234 -9.39 -49.49 23.13
N ARG D 235 -8.18 -49.44 22.58
CA ARG D 235 -7.92 -49.13 21.16
C ARG D 235 -8.16 -50.43 20.39
N ILE D 236 -9.23 -50.50 19.60
CA ILE D 236 -9.61 -51.76 18.91
C ILE D 236 -9.51 -51.51 17.41
N ALA D 237 -8.54 -52.16 16.77
CA ALA D 237 -8.25 -52.05 15.32
C ALA D 237 -9.31 -52.83 14.54
N MET D 238 -9.74 -52.27 13.40
CA MET D 238 -10.64 -52.95 12.43
C MET D 238 -9.79 -53.42 11.25
N ASN D 239 -9.86 -54.71 10.95
CA ASN D 239 -9.23 -55.26 9.71
C ASN D 239 -10.20 -54.99 8.57
N LEU D 240 -10.21 -53.77 8.03
CA LEU D 240 -11.15 -53.39 6.95
C LEU D 240 -10.83 -54.18 5.68
N ASP D 241 -9.57 -54.58 5.46
CA ASP D 241 -9.15 -55.36 4.27
C ASP D 241 -9.87 -56.72 4.25
N THR D 242 -9.90 -57.46 5.37
CA THR D 242 -10.63 -58.77 5.46
C THR D 242 -12.15 -58.54 5.61
N TRP D 243 -12.57 -57.48 6.31
CA TRP D 243 -14.00 -57.09 6.44
C TRP D 243 -14.61 -56.93 5.04
N ASP D 244 -13.83 -56.43 4.09
CA ASP D 244 -14.27 -56.19 2.68
C ASP D 244 -14.61 -57.52 1.97
N GLU D 245 -14.10 -58.64 2.45
CA GLU D 245 -14.33 -60.00 1.87
C GLU D 245 -15.72 -60.52 2.23
N LEU D 246 -16.45 -59.86 3.14
CA LEU D 246 -17.79 -60.33 3.60
C LEU D 246 -18.89 -59.63 2.78
N SER D 247 -19.87 -60.38 2.32
CA SER D 247 -21.19 -59.85 1.88
C SER D 247 -21.80 -59.00 3.00
N ARG D 248 -22.73 -58.12 2.63
CA ARG D 248 -23.63 -57.38 3.54
C ARG D 248 -24.30 -58.32 4.56
N GLY D 249 -24.82 -59.46 4.11
CA GLY D 249 -25.56 -60.43 4.94
C GLY D 249 -24.68 -61.02 6.03
N ALA D 250 -23.43 -61.35 5.69
CA ALA D 250 -22.42 -61.91 6.61
C ALA D 250 -22.01 -60.85 7.63
N ARG D 251 -21.93 -59.58 7.22
CA ARG D 251 -21.57 -58.45 8.13
C ARG D 251 -22.70 -58.21 9.14
N GLU D 252 -23.93 -58.30 8.69
CA GLU D 252 -25.14 -58.09 9.52
C GLU D 252 -25.27 -59.28 10.48
N ALA D 253 -25.02 -60.49 10.01
CA ALA D 253 -25.06 -61.72 10.86
C ALA D 253 -24.01 -61.60 11.98
N THR D 254 -22.85 -61.00 11.68
CA THR D 254 -21.68 -60.85 12.59
C THR D 254 -22.10 -60.05 13.83
N ILE D 255 -22.90 -59.00 13.64
CA ILE D 255 -23.36 -58.07 14.70
C ILE D 255 -24.70 -58.54 15.28
N GLY D 256 -25.63 -58.96 14.41
CA GLY D 256 -27.04 -59.25 14.72
C GLY D 256 -27.97 -58.08 14.42
N ARG D 257 -27.48 -57.03 13.74
CA ARG D 257 -28.28 -55.84 13.33
C ARG D 257 -27.94 -55.43 11.89
N THR D 258 -28.87 -54.77 11.20
CA THR D 258 -28.73 -54.39 9.76
C THR D 258 -27.86 -53.14 9.66
N LEU D 259 -27.21 -52.93 8.53
CA LEU D 259 -26.29 -51.78 8.34
C LEU D 259 -27.10 -50.53 7.97
N ARG D 260 -28.17 -50.70 7.18
CA ARG D 260 -28.97 -49.57 6.67
C ARG D 260 -29.67 -48.90 7.85
N THR D 261 -30.61 -49.58 8.51
CA THR D 261 -31.50 -48.99 9.55
C THR D 261 -30.85 -49.09 10.94
N GLY D 262 -30.02 -50.12 11.17
CA GLY D 262 -29.44 -50.43 12.49
C GLY D 262 -30.39 -51.26 13.34
N ALA D 263 -31.42 -51.85 12.71
CA ALA D 263 -32.46 -52.68 13.36
C ALA D 263 -31.88 -54.06 13.61
N PRO D 264 -32.39 -54.80 14.62
CA PRO D 264 -32.02 -56.20 14.79
C PRO D 264 -32.52 -56.98 13.56
N LEU D 265 -31.88 -58.12 13.26
CA LEU D 265 -32.30 -58.99 12.12
C LEU D 265 -33.78 -59.36 12.26
N THR D 266 -34.32 -59.32 13.48
CA THR D 266 -35.68 -59.78 13.84
C THR D 266 -36.69 -58.62 13.83
N GLY D 267 -36.23 -57.38 13.69
CA GLY D 267 -37.08 -56.17 13.83
C GLY D 267 -37.09 -55.34 12.56
N ARG D 268 -37.65 -54.13 12.65
CA ARG D 268 -37.85 -53.20 11.49
C ARG D 268 -37.13 -51.86 11.72
N ALA D 269 -37.01 -51.40 12.99
CA ALA D 269 -36.43 -50.09 13.36
C ALA D 269 -35.24 -50.25 14.32
N GLU D 270 -34.41 -49.21 14.41
CA GLU D 270 -33.16 -49.20 15.21
C GLU D 270 -33.45 -49.68 16.64
N HIS D 271 -34.53 -49.18 17.25
CA HIS D 271 -34.74 -49.22 18.73
C HIS D 271 -35.62 -50.41 19.14
N ASP D 272 -36.09 -51.19 18.16
CA ASP D 272 -36.76 -52.49 18.42
C ASP D 272 -35.86 -53.34 19.32
N GLU D 273 -36.48 -54.11 20.21
CA GLU D 273 -35.80 -55.11 21.08
C GLU D 273 -35.40 -56.29 20.21
N PRO D 274 -34.12 -56.71 20.21
CA PRO D 274 -33.72 -57.93 19.53
C PRO D 274 -34.49 -59.14 20.10
N ASP D 275 -34.99 -60.02 19.24
CA ASP D 275 -35.66 -61.28 19.63
C ASP D 275 -34.67 -62.43 19.50
N LEU D 276 -33.99 -62.77 20.59
CA LEU D 276 -32.91 -63.79 20.63
C LEU D 276 -33.49 -65.20 20.69
N GLU D 277 -34.81 -65.33 20.78
CA GLU D 277 -35.52 -66.65 20.79
C GLU D 277 -36.00 -67.00 19.38
N ALA D 278 -35.96 -66.04 18.44
CA ALA D 278 -36.53 -66.16 17.08
C ALA D 278 -35.72 -67.14 16.24
N LEU D 279 -36.41 -68.08 15.60
CA LEU D 279 -35.82 -69.08 14.66
C LEU D 279 -36.31 -68.77 13.25
N ASP D 280 -35.51 -69.16 12.24
CA ASP D 280 -35.87 -69.06 10.80
C ASP D 280 -36.65 -70.33 10.43
N ASP D 281 -37.11 -70.45 9.18
CA ASP D 281 -37.95 -71.58 8.70
C ASP D 281 -37.23 -72.92 8.92
N HIS D 282 -35.89 -72.92 8.98
CA HIS D 282 -35.05 -74.14 9.13
C HIS D 282 -34.70 -74.41 10.60
N GLY D 283 -35.23 -73.62 11.54
CA GLY D 283 -35.03 -73.81 12.99
C GLY D 283 -33.67 -73.34 13.48
N ARG D 284 -32.95 -72.54 12.68
CA ARG D 284 -31.67 -71.87 13.07
C ARG D 284 -32.02 -70.53 13.74
N PRO D 285 -31.28 -70.10 14.78
CA PRO D 285 -31.49 -68.78 15.37
C PRO D 285 -31.33 -67.65 14.35
N VAL D 286 -32.25 -66.68 14.29
CA VAL D 286 -32.21 -65.56 13.31
C VAL D 286 -30.98 -64.71 13.63
N ILE D 287 -30.78 -64.38 14.90
CA ILE D 287 -29.52 -63.77 15.41
C ILE D 287 -28.60 -64.91 15.80
N ASP D 288 -27.40 -64.95 15.23
CA ASP D 288 -26.43 -66.06 15.39
C ASP D 288 -26.12 -66.25 16.89
N LEU D 289 -25.81 -67.46 17.30
CA LEU D 289 -25.41 -67.82 18.70
C LEU D 289 -24.15 -67.04 19.10
N GLU D 290 -23.33 -66.63 18.12
CA GLU D 290 -22.03 -65.95 18.34
C GLU D 290 -22.06 -64.53 17.78
N ALA D 291 -23.25 -64.00 17.48
CA ALA D 291 -23.47 -62.61 17.04
C ALA D 291 -23.08 -61.66 18.17
N HIS D 292 -22.46 -60.53 17.83
CA HIS D 292 -21.87 -59.56 18.78
C HIS D 292 -22.90 -59.20 19.86
N ILE D 293 -24.12 -58.88 19.47
CA ILE D 293 -25.10 -58.26 20.42
C ILE D 293 -25.72 -59.36 21.29
N ARG D 294 -25.63 -60.63 20.86
CA ARG D 294 -26.07 -61.76 21.71
C ARG D 294 -25.01 -61.96 22.79
N ARG D 295 -23.74 -62.00 22.40
CA ARG D 295 -22.61 -62.33 23.31
C ARG D 295 -22.32 -61.15 24.25
N ALA D 296 -22.64 -59.92 23.84
CA ALA D 296 -22.30 -58.68 24.57
C ALA D 296 -23.44 -58.27 25.51
N ARG D 297 -24.64 -58.79 25.27
CA ARG D 297 -25.85 -58.49 26.07
C ARG D 297 -25.55 -58.71 27.56
N PRO D 298 -26.12 -57.89 28.49
CA PRO D 298 -26.05 -58.19 29.92
C PRO D 298 -26.62 -59.58 30.26
N THR D 299 -25.87 -60.35 31.02
CA THR D 299 -26.27 -61.67 31.61
C THR D 299 -26.85 -61.44 33.01
N GLN D 300 -26.38 -60.41 33.71
CA GLN D 300 -26.91 -59.92 35.01
C GLN D 300 -27.06 -58.41 34.91
N ARG D 301 -27.95 -57.82 35.71
CA ARG D 301 -28.23 -56.36 35.69
C ARG D 301 -26.91 -55.57 35.55
N GLU D 302 -25.87 -55.95 36.29
CA GLU D 302 -24.65 -55.12 36.49
C GLU D 302 -23.69 -55.26 35.29
N GLU D 303 -23.91 -56.23 34.39
CA GLU D 303 -23.00 -56.50 33.24
C GLU D 303 -23.34 -55.55 32.07
N THR D 304 -23.24 -54.25 32.35
CA THR D 304 -23.54 -53.14 31.42
C THR D 304 -22.61 -51.98 31.77
N PHE D 305 -22.46 -51.02 30.87
CA PHE D 305 -21.54 -49.86 31.04
C PHE D 305 -21.90 -48.81 29.99
N LEU D 306 -21.56 -47.55 30.29
CA LEU D 306 -21.76 -46.41 29.36
C LEU D 306 -20.64 -46.44 28.33
N ARG D 307 -20.95 -46.96 27.13
CA ARG D 307 -20.02 -46.86 25.98
C ARG D 307 -20.07 -45.41 25.50
N ARG D 308 -18.89 -44.84 25.24
CA ARG D 308 -18.73 -43.44 24.75
C ARG D 308 -17.62 -43.46 23.71
N ALA D 309 -17.81 -44.24 22.65
CA ALA D 309 -16.76 -44.59 21.66
C ALA D 309 -16.64 -43.51 20.57
N TYR D 310 -15.45 -43.46 19.97
CA TYR D 310 -15.07 -42.53 18.89
C TYR D 310 -14.37 -43.33 17.79
N ASN D 311 -14.42 -42.88 16.55
CA ASN D 311 -13.68 -43.48 15.42
C ASN D 311 -12.23 -42.99 15.49
N TYR D 312 -11.27 -43.87 15.17
CA TYR D 312 -9.88 -43.45 14.89
C TYR D 312 -9.53 -43.90 13.47
N ASP D 313 -8.75 -43.06 12.82
CA ASP D 313 -8.30 -43.22 11.43
C ASP D 313 -6.93 -42.56 11.34
N GLU D 314 -5.85 -43.35 11.33
CA GLU D 314 -4.47 -42.81 11.34
C GLU D 314 -3.88 -42.88 9.93
N ALA D 315 -2.87 -42.06 9.63
CA ALA D 315 -1.96 -42.27 8.49
C ALA D 315 -1.54 -43.73 8.55
N PRO D 316 -1.78 -44.54 7.50
CA PRO D 316 -1.51 -45.97 7.58
C PRO D 316 -0.04 -46.34 7.64
N PRO D 317 0.31 -47.52 8.21
CA PRO D 317 1.70 -47.95 8.31
C PRO D 317 2.19 -48.36 6.92
N PRO D 318 3.52 -48.52 6.72
CA PRO D 318 4.10 -48.62 5.39
C PRO D 318 3.36 -49.46 4.34
N GLY D 319 2.92 -50.69 4.61
CA GLY D 319 2.46 -51.58 3.51
C GLY D 319 0.96 -51.49 3.22
N ARG D 320 0.21 -50.68 3.97
CA ARG D 320 -1.26 -50.90 4.20
C ARG D 320 -2.05 -49.68 3.72
N ALA D 321 -3.32 -49.91 3.37
CA ALA D 321 -4.28 -48.89 2.88
C ALA D 321 -4.79 -48.03 4.04
N SER D 322 -5.07 -48.64 5.19
CA SER D 322 -5.79 -47.99 6.32
C SER D 322 -5.17 -48.41 7.67
N ASP D 323 -5.27 -47.51 8.64
CA ASP D 323 -5.15 -47.82 10.09
C ASP D 323 -6.38 -47.21 10.76
N SER D 324 -7.49 -47.93 10.74
CA SER D 324 -8.81 -47.48 11.23
C SER D 324 -9.24 -48.38 12.37
N GLY D 325 -10.08 -47.84 13.28
CA GLY D 325 -10.62 -48.63 14.37
C GLY D 325 -11.54 -47.84 15.27
N LEU D 326 -11.78 -48.37 16.47
CA LEU D 326 -12.69 -47.80 17.49
C LEU D 326 -11.86 -47.42 18.71
N LEU D 327 -11.96 -46.15 19.14
CA LEU D 327 -11.54 -45.71 20.50
C LEU D 327 -12.67 -46.12 21.41
N PHE D 328 -12.59 -47.34 21.95
CA PHE D 328 -13.64 -47.90 22.80
C PHE D 328 -13.41 -47.42 24.24
N VAL D 329 -14.11 -46.36 24.62
CA VAL D 329 -14.09 -45.75 25.97
C VAL D 329 -15.37 -46.18 26.68
N THR D 330 -15.27 -46.81 27.85
CA THR D 330 -16.46 -47.19 28.68
C THR D 330 -16.29 -46.63 30.10
N TYR D 331 -17.41 -46.29 30.72
CA TYR D 331 -17.52 -45.83 32.12
C TYR D 331 -18.49 -46.73 32.87
N GLN D 332 -18.12 -47.12 34.10
CA GLN D 332 -18.91 -48.04 34.95
C GLN D 332 -18.45 -47.89 36.42
N ARG D 333 -19.31 -48.23 37.39
CA ARG D 333 -18.96 -48.14 38.83
C ARG D 333 -17.73 -49.03 39.11
N ASP D 334 -17.72 -50.26 38.58
CA ASP D 334 -16.72 -51.31 38.95
C ASP D 334 -16.34 -52.10 37.69
N VAL D 335 -15.07 -51.98 37.25
CA VAL D 335 -14.56 -52.61 35.99
C VAL D 335 -14.73 -54.13 36.08
N ASP D 336 -14.27 -54.72 37.19
CA ASP D 336 -14.23 -56.19 37.43
C ASP D 336 -15.63 -56.80 37.41
N ALA D 337 -16.63 -56.10 37.99
CA ALA D 337 -18.01 -56.61 38.15
C ALA D 337 -18.83 -56.40 36.87
N GLN D 338 -18.49 -55.39 36.06
CA GLN D 338 -19.40 -54.83 35.01
C GLN D 338 -18.79 -55.04 33.62
N PHE D 339 -17.57 -54.55 33.37
CA PHE D 339 -16.94 -54.60 32.02
C PHE D 339 -16.31 -55.97 31.78
N THR D 340 -15.40 -56.38 32.64
CA THR D 340 -14.51 -57.55 32.46
C THR D 340 -15.31 -58.83 32.17
N PRO D 341 -16.44 -59.10 32.85
CA PRO D 341 -17.25 -60.28 32.54
C PRO D 341 -17.80 -60.26 31.10
N VAL D 342 -18.10 -59.08 30.57
CA VAL D 342 -18.58 -58.93 29.16
C VAL D 342 -17.38 -59.17 28.22
N GLN D 343 -16.26 -58.48 28.46
CA GLN D 343 -15.01 -58.67 27.67
C GLN D 343 -14.63 -60.15 27.70
N ARG D 344 -14.77 -60.83 28.83
CA ARG D 344 -14.42 -62.27 28.99
C ARG D 344 -15.35 -63.13 28.13
N ARG D 345 -16.63 -62.77 28.05
CA ARG D 345 -17.64 -63.53 27.26
C ARG D 345 -17.35 -63.35 25.77
N LEU D 346 -16.95 -62.16 25.33
CA LEU D 346 -16.58 -61.89 23.91
C LEU D 346 -15.29 -62.62 23.56
N ASP D 347 -14.31 -62.67 24.48
CA ASP D 347 -13.06 -63.43 24.24
C ASP D 347 -13.41 -64.88 23.97
N ALA D 348 -14.35 -65.46 24.73
CA ALA D 348 -14.73 -66.90 24.64
C ALA D 348 -15.37 -67.19 23.28
N ALA D 349 -16.25 -66.30 22.79
CA ALA D 349 -16.90 -66.42 21.45
C ALA D 349 -17.54 -65.10 21.02
N ASP D 350 -17.19 -64.63 19.83
CA ASP D 350 -17.81 -63.48 19.14
C ASP D 350 -17.36 -63.49 17.67
N LEU D 351 -18.29 -63.56 16.72
CA LEU D 351 -17.97 -63.57 15.26
C LEU D 351 -17.10 -62.36 14.90
N LEU D 352 -17.37 -61.21 15.54
CA LEU D 352 -16.70 -59.90 15.30
C LEU D 352 -15.19 -59.99 15.57
N ASN D 353 -14.76 -60.89 16.45
CA ASN D 353 -13.33 -61.08 16.82
C ASN D 353 -12.49 -61.44 15.58
N GLU D 354 -13.12 -61.91 14.50
CA GLU D 354 -12.39 -62.33 13.27
C GLU D 354 -11.92 -61.09 12.49
N TRP D 355 -12.51 -59.91 12.73
CA TRP D 355 -12.26 -58.66 11.95
C TRP D 355 -11.91 -57.47 12.84
N THR D 356 -11.75 -57.69 14.13
CA THR D 356 -11.34 -56.67 15.13
C THR D 356 -10.26 -57.30 16.01
N PHE D 357 -9.41 -56.49 16.62
CA PHE D 357 -8.41 -56.96 17.61
C PHE D 357 -7.98 -55.79 18.49
N PRO D 358 -7.90 -55.99 19.83
CA PRO D 358 -7.46 -54.93 20.74
C PRO D 358 -5.95 -54.72 20.61
N VAL D 359 -5.52 -53.48 20.43
CA VAL D 359 -4.08 -53.12 20.33
C VAL D 359 -3.66 -52.21 21.50
N GLY D 360 -4.60 -51.80 22.35
CA GLY D 360 -4.32 -50.96 23.53
C GLY D 360 -5.38 -51.16 24.61
N SER D 361 -4.95 -51.14 25.88
CA SER D 361 -5.82 -51.32 27.07
C SER D 361 -5.34 -50.41 28.22
N ALA D 362 -6.25 -49.64 28.80
CA ALA D 362 -5.95 -48.78 29.98
C ALA D 362 -7.16 -48.69 30.89
N VAL D 363 -6.92 -48.80 32.20
CA VAL D 363 -7.96 -48.69 33.27
C VAL D 363 -7.60 -47.50 34.15
N PHE D 364 -8.60 -46.68 34.47
CA PHE D 364 -8.42 -45.45 35.31
C PHE D 364 -9.59 -45.34 36.27
N ALA D 365 -9.29 -44.80 37.46
CA ALA D 365 -10.29 -44.37 38.47
C ALA D 365 -10.57 -42.89 38.22
N VAL D 366 -11.84 -42.53 38.14
CA VAL D 366 -12.28 -41.15 37.79
C VAL D 366 -12.86 -40.51 39.03
N PRO D 367 -12.19 -39.48 39.61
CA PRO D 367 -12.76 -38.76 40.73
C PRO D 367 -14.15 -38.21 40.41
N GLY D 368 -14.89 -37.89 41.47
CA GLY D 368 -16.18 -37.19 41.39
C GLY D 368 -15.94 -35.78 40.93
N GLY D 369 -17.01 -35.00 40.76
CA GLY D 369 -16.94 -33.60 40.39
C GLY D 369 -16.50 -32.73 41.55
N TRP D 370 -16.50 -31.42 41.31
CA TRP D 370 -16.04 -30.38 42.27
C TRP D 370 -16.78 -29.09 41.99
N SER D 371 -16.74 -28.16 42.96
CA SER D 371 -17.42 -26.84 42.92
C SER D 371 -16.36 -25.74 42.97
N ALA D 372 -16.76 -24.51 42.63
CA ALA D 372 -15.89 -23.31 42.63
C ALA D 372 -15.06 -23.34 43.92
N GLY D 373 -13.73 -23.37 43.82
CA GLY D 373 -12.82 -23.31 44.98
C GLY D 373 -12.26 -24.66 45.38
N GLU D 374 -12.78 -25.75 44.83
CA GLU D 374 -12.22 -27.11 45.03
C GLU D 374 -11.30 -27.44 43.85
N TYR D 375 -10.66 -28.61 43.85
CA TYR D 375 -9.83 -29.12 42.73
C TYR D 375 -10.08 -30.60 42.50
N VAL D 376 -9.93 -31.04 41.25
CA VAL D 376 -10.27 -32.42 40.82
C VAL D 376 -9.33 -33.38 41.57
N GLY D 377 -9.92 -34.39 42.24
CA GLY D 377 -9.18 -35.46 42.92
C GLY D 377 -8.79 -35.07 44.33
N GLN D 378 -9.32 -33.95 44.80
CA GLN D 378 -9.01 -33.37 46.14
C GLN D 378 -9.27 -34.40 47.24
N ARG D 379 -10.42 -35.10 47.20
CA ARG D 379 -10.84 -36.08 48.24
C ARG D 379 -9.81 -37.22 48.32
N LEU D 380 -9.14 -37.56 47.22
CA LEU D 380 -8.06 -38.58 47.25
C LEU D 380 -6.82 -38.03 47.95
N LEU D 381 -6.34 -36.84 47.54
CA LEU D 381 -4.99 -36.35 47.92
C LEU D 381 -4.97 -35.75 49.32
N GLU D 382 -6.13 -35.70 50.00
CA GLU D 382 -6.25 -35.42 51.47
C GLU D 382 -5.41 -36.39 52.30
N GLY D 383 -5.31 -37.65 51.88
CA GLY D 383 -4.50 -38.68 52.57
C GLY D 383 -5.11 -40.06 52.45
N ALA E 23 -26.85 -11.07 55.75
CA ALA E 23 -25.62 -10.55 55.05
C ALA E 23 -24.83 -9.66 56.01
N GLY E 24 -23.51 -9.90 56.12
CA GLY E 24 -22.61 -9.11 57.00
C GLY E 24 -21.34 -8.68 56.28
N PRO E 25 -20.48 -7.86 56.93
CA PRO E 25 -19.30 -7.32 56.26
C PRO E 25 -18.31 -8.40 55.81
N GLY E 26 -18.42 -9.62 56.35
CA GLY E 26 -17.58 -10.77 55.92
C GLY E 26 -17.91 -11.26 54.51
N ASP E 27 -19.15 -11.06 54.05
CA ASP E 27 -19.70 -11.60 52.78
C ASP E 27 -19.37 -10.66 51.61
N VAL E 28 -18.87 -9.46 51.89
CA VAL E 28 -18.70 -8.42 50.83
C VAL E 28 -17.58 -8.87 49.89
N VAL E 29 -17.90 -8.95 48.59
CA VAL E 29 -16.95 -9.17 47.47
C VAL E 29 -16.75 -7.83 46.73
N VAL E 30 -15.52 -7.35 46.67
CA VAL E 30 -15.12 -6.20 45.81
C VAL E 30 -14.60 -6.77 44.49
N PRO E 31 -15.20 -6.41 43.32
CA PRO E 31 -14.75 -6.96 42.05
C PRO E 31 -13.27 -6.59 41.83
N CYS E 32 -12.47 -7.56 41.44
CA CYS E 32 -11.02 -7.40 41.15
C CYS E 32 -10.82 -7.06 39.67
N HIS E 33 -11.85 -7.21 38.83
CA HIS E 33 -11.87 -6.87 37.40
C HIS E 33 -12.46 -5.47 37.17
N GLY E 34 -11.85 -4.72 36.25
CA GLY E 34 -12.38 -3.44 35.76
C GLY E 34 -11.34 -2.70 34.94
N GLU E 35 -11.69 -1.48 34.50
CA GLU E 35 -10.76 -0.51 33.86
C GLU E 35 -9.53 -0.35 34.76
N HIS E 36 -9.70 -0.33 36.08
CA HIS E 36 -8.61 -0.10 37.05
C HIS E 36 -8.50 -1.28 38.02
N GLN E 37 -7.34 -1.41 38.68
CA GLN E 37 -7.16 -2.34 39.82
C GLN E 37 -8.05 -1.83 40.96
N ALA E 38 -8.64 -2.75 41.74
CA ALA E 38 -9.36 -2.41 42.98
C ALA E 38 -8.32 -2.05 44.04
N GLY E 39 -8.76 -1.43 45.13
CA GLY E 39 -7.90 -1.12 46.30
C GLY E 39 -7.28 0.25 46.20
N ILE E 40 -7.76 1.07 45.25
CA ILE E 40 -7.26 2.45 45.02
C ILE E 40 -8.42 3.43 45.28
N VAL E 41 -9.48 3.37 44.45
CA VAL E 41 -10.70 4.22 44.69
C VAL E 41 -11.73 3.43 45.49
N THR E 42 -11.52 2.12 45.63
CA THR E 42 -12.32 1.28 46.55
C THR E 42 -12.33 1.96 47.93
N PRO E 43 -13.52 2.18 48.55
CA PRO E 43 -13.58 2.75 49.89
C PRO E 43 -12.64 1.96 50.80
N PRO E 44 -11.72 2.64 51.54
CA PRO E 44 -10.72 1.92 52.34
C PRO E 44 -11.34 1.07 53.43
N PRO E 45 -11.05 -0.25 53.48
CA PRO E 45 -11.51 -1.11 54.55
C PRO E 45 -10.57 -1.03 55.75
N SER E 46 -10.86 -1.78 56.81
CA SER E 46 -10.26 -1.62 58.16
C SER E 46 -8.74 -1.89 58.17
N PHE E 47 -8.25 -2.85 57.40
CA PHE E 47 -6.84 -3.33 57.54
C PHE E 47 -6.09 -3.32 56.21
N ILE E 48 -4.77 -3.20 56.32
CA ILE E 48 -3.77 -3.17 55.20
C ILE E 48 -2.51 -3.91 55.61
N ALA E 49 -1.93 -4.66 54.66
CA ALA E 49 -0.55 -5.15 54.72
C ALA E 49 0.08 -4.81 53.37
N LEU E 50 1.09 -3.97 53.37
CA LEU E 50 1.89 -3.70 52.16
C LEU E 50 3.07 -4.66 52.20
N VAL E 51 3.11 -5.62 51.27
CA VAL E 51 4.21 -6.61 51.16
C VAL E 51 5.09 -6.24 49.96
N ALA E 52 6.27 -5.70 50.23
CA ALA E 52 7.33 -5.46 49.24
C ALA E 52 8.12 -6.75 49.06
N LEU E 53 8.35 -7.16 47.82
CA LEU E 53 9.16 -8.34 47.51
C LEU E 53 10.30 -7.91 46.61
N ASP E 54 11.42 -8.63 46.68
CA ASP E 54 12.57 -8.46 45.75
C ASP E 54 12.66 -9.70 44.86
N LEU E 55 12.81 -9.50 43.56
CA LEU E 55 12.92 -10.61 42.57
C LEU E 55 14.20 -11.40 42.84
N ALA E 56 14.16 -12.71 42.58
CA ALA E 56 15.35 -13.60 42.64
C ALA E 56 16.38 -13.10 41.63
N SER E 57 17.66 -13.35 41.93
CA SER E 57 18.84 -13.05 41.07
C SER E 57 18.67 -13.68 39.69
N THR E 58 17.97 -14.81 39.60
CA THR E 58 17.80 -15.63 38.38
C THR E 58 16.66 -15.09 37.51
N SER E 59 15.88 -14.12 38.01
CA SER E 59 14.65 -13.61 37.35
C SER E 59 14.92 -13.11 35.93
N ASP E 60 13.97 -13.37 35.01
CA ASP E 60 13.92 -12.82 33.64
C ASP E 60 12.47 -12.48 33.34
N ARG E 61 12.17 -12.04 32.13
CA ARG E 61 10.79 -11.68 31.69
C ARG E 61 9.83 -12.83 32.00
N ALA E 62 10.24 -14.07 31.77
CA ALA E 62 9.38 -15.26 31.87
C ALA E 62 8.99 -15.49 33.36
N SER E 63 9.97 -15.36 34.25
CA SER E 63 9.81 -15.44 35.73
C SER E 63 8.76 -14.42 36.18
N VAL E 64 8.95 -13.17 35.80
CA VAL E 64 8.07 -12.04 36.23
C VAL E 64 6.66 -12.35 35.72
N GLU E 65 6.55 -12.75 34.47
CA GLU E 65 5.24 -13.08 33.85
C GLU E 65 4.53 -14.18 34.64
N ARG E 66 5.22 -15.30 34.86
CA ARG E 66 4.69 -16.45 35.64
C ARG E 66 4.18 -15.97 36.99
N LEU E 67 4.99 -15.20 37.71
CA LEU E 67 4.66 -14.65 39.04
C LEU E 67 3.34 -13.88 38.99
N LEU E 68 3.22 -12.94 38.06
CA LEU E 68 2.00 -12.10 37.88
C LEU E 68 0.80 -12.97 37.52
N ARG E 69 1.03 -14.05 36.77
CA ARG E 69 -0.07 -14.92 36.31
C ARG E 69 -0.57 -15.77 37.48
N VAL E 70 0.33 -16.37 38.27
CA VAL E 70 -0.10 -17.18 39.45
C VAL E 70 -0.78 -16.25 40.46
N TRP E 71 -0.29 -15.03 40.64
CA TRP E 71 -0.90 -14.03 41.56
C TRP E 71 -2.30 -13.65 41.07
N THR E 72 -2.49 -13.49 39.77
CA THR E 72 -3.79 -13.13 39.18
C THR E 72 -4.81 -14.19 39.55
N VAL E 73 -4.46 -15.47 39.41
CA VAL E 73 -5.33 -16.60 39.84
C VAL E 73 -5.71 -16.41 41.30
N ASP E 74 -4.72 -16.22 42.18
CA ASP E 74 -4.90 -16.14 43.65
C ASP E 74 -5.76 -14.93 43.99
N ILE E 75 -5.52 -13.79 43.34
CA ILE E 75 -6.33 -12.54 43.57
C ILE E 75 -7.77 -12.84 43.16
N GLU E 76 -8.00 -13.43 42.00
CA GLU E 76 -9.37 -13.65 41.47
C GLU E 76 -10.12 -14.60 42.42
N ARG E 77 -9.42 -15.57 43.00
CA ARG E 77 -9.99 -16.58 43.93
C ARG E 77 -10.21 -15.98 45.32
N LEU E 78 -9.15 -15.50 45.96
CA LEU E 78 -9.21 -15.05 47.38
C LEU E 78 -10.27 -13.94 47.53
N THR E 79 -10.34 -13.01 46.58
CA THR E 79 -11.24 -11.82 46.63
C THR E 79 -12.71 -12.24 46.47
N THR E 80 -12.98 -13.46 45.98
CA THR E 80 -14.35 -14.01 45.82
C THR E 80 -14.60 -15.10 46.87
N GLY E 81 -13.70 -15.23 47.83
CA GLY E 81 -13.85 -16.18 48.95
C GLY E 81 -13.66 -17.62 48.52
N ARG E 82 -12.82 -17.83 47.49
CA ARG E 82 -12.37 -19.19 47.07
C ARG E 82 -10.90 -19.33 47.46
N PRO E 83 -10.46 -20.53 47.87
CA PRO E 83 -9.05 -20.78 48.16
C PRO E 83 -8.16 -20.44 46.96
N GLY E 84 -6.92 -20.04 47.24
CA GLY E 84 -5.89 -19.81 46.23
C GLY E 84 -5.36 -21.11 45.65
N LEU E 85 -4.38 -21.00 44.77
CA LEU E 85 -3.75 -22.13 44.05
C LEU E 85 -2.80 -22.83 45.03
N ALA E 86 -1.86 -22.09 45.62
CA ALA E 86 -0.94 -22.59 46.68
C ALA E 86 -1.56 -22.31 48.05
N ASP E 87 -2.72 -22.93 48.31
CA ASP E 87 -3.57 -22.66 49.51
C ASP E 87 -3.89 -23.97 50.20
N SER E 88 -3.17 -24.24 51.30
CA SER E 88 -3.32 -25.46 52.15
C SER E 88 -4.30 -25.21 53.31
N GLU E 89 -4.81 -23.98 53.47
CA GLU E 89 -5.79 -23.61 54.54
C GLU E 89 -7.04 -23.00 53.90
N PRO E 90 -7.77 -23.76 53.05
CA PRO E 90 -8.91 -23.21 52.30
C PRO E 90 -10.00 -22.55 53.17
N GLU E 91 -10.25 -23.08 54.35
CA GLU E 91 -11.29 -22.57 55.28
C GLU E 91 -10.96 -21.14 55.73
N LEU E 92 -9.68 -20.75 55.69
CA LEU E 92 -9.24 -19.37 56.06
C LEU E 92 -9.53 -18.41 54.90
N ALA E 93 -10.01 -18.92 53.76
CA ALA E 93 -10.27 -18.12 52.53
C ALA E 93 -11.76 -17.85 52.34
N LEU E 94 -12.64 -18.58 53.02
CA LEU E 94 -14.09 -18.63 52.70
C LEU E 94 -14.77 -17.29 52.99
N VAL E 95 -14.16 -16.43 53.78
CA VAL E 95 -14.73 -15.11 54.19
C VAL E 95 -13.93 -14.03 53.49
N PRO E 96 -14.42 -13.47 52.35
CA PRO E 96 -13.64 -12.51 51.58
C PRO E 96 -13.45 -11.16 52.29
N ALA E 97 -14.44 -10.68 53.02
CA ALA E 97 -14.35 -9.45 53.86
C ALA E 97 -13.78 -8.28 53.05
N ALA E 98 -14.30 -8.06 51.83
CA ALA E 98 -13.95 -6.94 50.93
C ALA E 98 -12.47 -6.97 50.56
N LEU E 99 -11.84 -8.15 50.55
CA LEU E 99 -10.40 -8.29 50.22
C LEU E 99 -10.11 -7.61 48.89
N THR E 100 -9.06 -6.80 48.83
CA THR E 100 -8.40 -6.29 47.60
C THR E 100 -6.91 -6.57 47.66
N VAL E 101 -6.30 -6.84 46.51
CA VAL E 101 -4.83 -6.90 46.31
C VAL E 101 -4.53 -5.92 45.19
N THR E 102 -3.66 -4.95 45.43
CA THR E 102 -3.21 -3.96 44.43
C THR E 102 -1.73 -4.24 44.17
N VAL E 103 -1.35 -4.49 42.90
CA VAL E 103 0.04 -4.83 42.49
C VAL E 103 0.71 -3.56 41.96
N GLY E 104 1.90 -3.25 42.48
CA GLY E 104 2.75 -2.17 42.00
C GLY E 104 4.10 -2.71 41.62
N PHE E 105 4.72 -2.11 40.59
CA PHE E 105 6.05 -2.49 40.07
C PHE E 105 7.04 -1.39 40.41
N GLY E 106 8.15 -1.76 41.04
CA GLY E 106 9.33 -0.91 41.26
C GLY E 106 10.23 -0.98 40.04
N PRO E 107 11.21 -0.06 39.91
CA PRO E 107 12.10 -0.02 38.75
C PRO E 107 12.77 -1.36 38.50
N GLY E 108 13.17 -2.06 39.57
CA GLY E 108 13.91 -3.33 39.52
C GLY E 108 13.12 -4.40 38.80
N LEU E 109 11.78 -4.35 38.86
CA LEU E 109 10.95 -5.33 38.12
C LEU E 109 11.16 -5.12 36.61
N LEU E 110 11.11 -3.87 36.15
CA LEU E 110 11.26 -3.55 34.71
C LEU E 110 12.66 -3.91 34.24
N THR E 111 13.66 -3.59 35.06
CA THR E 111 15.08 -3.98 34.81
C THR E 111 15.16 -5.50 34.63
N ALA E 112 14.63 -6.27 35.58
CA ALA E 112 14.75 -7.75 35.61
C ALA E 112 14.05 -8.35 34.38
N ALA E 113 12.93 -7.78 33.97
CA ALA E 113 12.14 -8.23 32.78
C ALA E 113 12.77 -7.77 31.47
N GLY E 114 13.79 -6.88 31.50
CA GLY E 114 14.41 -6.33 30.28
C GLY E 114 13.51 -5.31 29.62
N LEU E 115 12.90 -4.42 30.42
CA LEU E 115 11.84 -3.48 29.99
C LEU E 115 12.13 -2.08 30.51
N ARG E 116 13.41 -1.74 30.74
CA ARG E 116 13.82 -0.38 31.20
C ARG E 116 13.23 0.68 30.25
N HIS E 117 13.21 0.39 28.95
CA HIS E 117 12.70 1.30 27.89
C HIS E 117 11.20 1.57 28.06
N ARG E 118 10.49 0.77 28.88
CA ARG E 118 9.03 0.96 29.14
C ARG E 118 8.80 1.70 30.46
N ALA E 119 9.85 2.01 31.22
CA ALA E 119 9.78 2.72 32.51
C ALA E 119 9.31 4.13 32.26
N PRO E 120 8.24 4.63 32.93
CA PRO E 120 7.96 6.06 32.96
C PRO E 120 9.11 6.83 33.63
N ALA E 121 9.29 8.10 33.25
CA ALA E 121 10.31 9.04 33.79
C ALA E 121 10.21 9.14 35.32
N TRP E 122 9.02 8.92 35.91
CA TRP E 122 8.79 9.12 37.37
C TRP E 122 9.03 7.83 38.17
N LEU E 123 9.44 6.73 37.53
CA LEU E 123 9.63 5.45 38.28
C LEU E 123 11.05 5.38 38.83
N HIS E 124 11.26 6.00 40.00
CA HIS E 124 12.57 6.09 40.71
C HIS E 124 12.29 6.48 42.16
N PRO E 125 13.21 6.21 43.11
CA PRO E 125 13.04 6.70 44.48
C PRO E 125 12.79 8.22 44.50
N LEU E 126 12.00 8.71 45.45
CA LEU E 126 11.85 10.17 45.66
C LEU E 126 13.24 10.74 45.87
N PRO E 127 13.51 12.01 45.49
CA PRO E 127 14.78 12.64 45.83
C PRO E 127 14.88 12.74 47.35
N PRO E 128 16.09 12.91 47.93
CA PRO E 128 16.25 13.04 49.38
C PRO E 128 15.73 14.40 49.86
N PHE E 129 15.18 14.41 51.08
CA PHE E 129 14.70 15.63 51.77
C PHE E 129 15.42 15.76 53.11
N GLY E 130 15.67 16.99 53.56
CA GLY E 130 16.29 17.29 54.87
C GLY E 130 15.60 16.56 56.02
N ILE E 131 14.27 16.40 55.95
CA ILE E 131 13.44 15.78 57.02
C ILE E 131 13.61 14.25 57.04
N ASP E 132 14.11 13.65 55.97
CA ASP E 132 14.22 12.18 55.82
C ASP E 132 15.08 11.59 56.94
N ARG E 133 14.58 10.57 57.63
CA ARG E 133 15.37 9.66 58.51
C ARG E 133 15.23 8.24 57.94
N LEU E 134 15.44 8.06 56.64
CA LEU E 134 15.03 6.84 55.91
C LEU E 134 15.88 5.65 56.37
N ASP E 135 15.18 4.60 56.79
CA ASP E 135 15.74 3.27 57.15
C ASP E 135 15.61 2.35 55.93
N PRO E 136 16.73 1.95 55.29
CA PRO E 136 16.68 1.11 54.09
C PRO E 136 15.74 -0.12 54.16
N ALA E 137 15.53 -0.68 55.36
CA ALA E 137 14.66 -1.85 55.61
C ALA E 137 13.18 -1.51 55.35
N TRP E 138 12.83 -0.22 55.27
CA TRP E 138 11.45 0.22 54.98
C TRP E 138 11.39 0.93 53.62
N CYS E 139 12.46 0.78 52.81
CA CYS E 139 12.61 1.51 51.52
C CYS E 139 12.57 0.55 50.33
N ASP E 140 12.10 1.06 49.20
CA ASP E 140 12.19 0.46 47.84
C ASP E 140 11.47 -0.88 47.82
N GLY E 141 11.89 -1.79 46.94
CA GLY E 141 11.19 -3.04 46.56
C GLY E 141 10.96 -3.12 45.06
N ASP E 142 11.23 -4.27 44.47
CA ASP E 142 11.00 -4.57 43.03
C ASP E 142 9.49 -4.62 42.77
N VAL E 143 8.71 -5.13 43.71
CA VAL E 143 7.24 -5.27 43.51
C VAL E 143 6.55 -5.19 44.87
N VAL E 144 5.30 -4.75 44.89
CA VAL E 144 4.53 -4.58 46.15
C VAL E 144 3.14 -5.16 45.94
N LEU E 145 2.61 -5.81 46.98
CA LEU E 145 1.19 -6.16 47.10
C LEU E 145 0.58 -5.29 48.22
N GLN E 146 -0.29 -4.34 47.88
CA GLN E 146 -1.15 -3.71 48.89
C GLN E 146 -2.34 -4.62 49.11
N VAL E 147 -2.38 -5.29 50.26
CA VAL E 147 -3.45 -6.26 50.63
C VAL E 147 -4.31 -5.59 51.70
N CYS E 148 -5.59 -5.40 51.39
CA CYS E 148 -6.58 -4.67 52.21
C CYS E 148 -7.79 -5.58 52.46
N ALA E 149 -8.32 -5.58 53.68
CA ALA E 149 -9.54 -6.33 54.04
C ALA E 149 -10.15 -5.78 55.35
N ASP E 150 -11.41 -6.11 55.58
CA ASP E 150 -12.17 -5.75 56.80
C ASP E 150 -12.00 -6.82 57.88
N ASP E 151 -11.08 -7.78 57.66
CA ASP E 151 -10.83 -8.91 58.61
C ASP E 151 -9.36 -9.31 58.59
N ARG E 152 -8.77 -9.50 59.76
CA ARG E 152 -7.31 -9.70 59.96
C ARG E 152 -6.92 -11.14 59.61
N THR E 153 -7.83 -12.10 59.82
CA THR E 153 -7.57 -13.52 59.49
C THR E 153 -7.56 -13.67 57.96
N THR E 154 -8.54 -13.07 57.28
CA THR E 154 -8.62 -13.01 55.80
C THR E 154 -7.33 -12.42 55.24
N LEU E 155 -6.84 -11.35 55.87
CA LEU E 155 -5.63 -10.60 55.42
C LEU E 155 -4.40 -11.50 55.64
N ALA E 156 -4.29 -12.10 56.83
CA ALA E 156 -3.16 -12.98 57.19
C ALA E 156 -3.09 -14.12 56.19
N HIS E 157 -4.24 -14.70 55.86
CA HIS E 157 -4.32 -15.82 54.91
C HIS E 157 -3.86 -15.37 53.52
N ALA E 158 -4.48 -14.31 52.99
CA ALA E 158 -4.15 -13.77 51.65
C ALA E 158 -2.64 -13.55 51.54
N VAL E 159 -2.05 -12.88 52.52
CA VAL E 159 -0.60 -12.58 52.58
C VAL E 159 0.19 -13.90 52.52
N ARG E 160 -0.23 -14.90 53.31
CA ARG E 160 0.46 -16.21 53.35
C ARG E 160 0.41 -16.84 51.94
N VAL E 161 -0.76 -16.85 51.31
CA VAL E 161 -0.96 -17.51 49.98
C VAL E 161 -0.12 -16.78 48.93
N LEU E 162 -0.21 -15.47 48.85
CA LEU E 162 0.49 -14.68 47.80
C LEU E 162 1.99 -14.80 47.98
N THR E 163 2.47 -14.81 49.22
CA THR E 163 3.92 -14.89 49.58
C THR E 163 4.45 -16.26 49.14
N LYS E 164 3.76 -17.33 49.51
CA LYS E 164 4.12 -18.73 49.13
C LYS E 164 4.15 -18.88 47.61
N GLU E 165 3.20 -18.26 46.90
CA GLU E 165 3.08 -18.38 45.42
C GLU E 165 4.35 -17.85 44.74
N ALA E 166 5.01 -16.86 45.34
CA ALA E 166 6.20 -16.18 44.80
C ALA E 166 7.48 -16.93 45.19
N GLN E 167 7.38 -18.00 45.96
CA GLN E 167 8.57 -18.78 46.42
C GLN E 167 9.41 -19.18 45.20
N GLY E 168 10.69 -18.79 45.18
CA GLY E 168 11.62 -19.05 44.06
C GLY E 168 11.63 -17.96 42.99
N LEU E 169 10.62 -17.07 42.98
CA LEU E 169 10.49 -15.96 41.98
C LEU E 169 10.75 -14.60 42.65
N ALA E 170 10.35 -14.46 43.91
CA ALA E 170 10.55 -13.24 44.73
C ALA E 170 10.50 -13.62 46.20
N SER E 171 11.25 -12.89 47.04
CA SER E 171 11.24 -13.06 48.51
C SER E 171 10.81 -11.73 49.15
N VAL E 172 10.27 -11.81 50.36
CA VAL E 172 9.77 -10.65 51.15
C VAL E 172 10.95 -9.73 51.47
N ARG E 173 10.78 -8.43 51.26
CA ARG E 173 11.77 -7.39 51.62
C ARG E 173 11.30 -6.72 52.91
N TRP E 174 10.05 -6.29 52.93
CA TRP E 174 9.38 -5.74 54.14
C TRP E 174 7.87 -5.95 54.04
N VAL E 175 7.21 -5.85 55.21
CA VAL E 175 5.74 -5.87 55.38
C VAL E 175 5.39 -4.76 56.37
N GLN E 176 4.54 -3.83 55.94
CA GLN E 176 4.01 -2.74 56.79
C GLN E 176 2.53 -3.01 57.01
N ARG E 177 2.10 -3.09 58.25
CA ARG E 177 0.71 -3.43 58.66
C ARG E 177 0.07 -2.16 59.23
N GLY E 178 -1.19 -1.90 58.90
CA GLY E 178 -1.90 -0.72 59.40
C GLY E 178 -3.37 -1.00 59.59
N PHE E 179 -4.09 -0.04 60.16
CA PHE E 179 -5.51 -0.17 60.59
C PHE E 179 -6.22 1.18 60.61
N ARG E 180 -7.53 1.11 60.43
CA ARG E 180 -8.52 2.16 60.79
C ARG E 180 -9.51 1.49 61.75
N ARG E 181 -10.69 2.07 61.92
CA ARG E 181 -11.75 1.48 62.77
C ARG E 181 -12.27 0.21 62.08
N SER E 182 -12.89 -0.67 62.86
CA SER E 182 -13.44 -1.97 62.39
C SER E 182 -14.67 -1.74 61.51
N PRO E 183 -15.07 -2.73 60.68
CA PRO E 183 -16.32 -2.64 59.94
C PRO E 183 -17.51 -2.40 60.88
N GLY E 184 -18.43 -1.54 60.46
CA GLY E 184 -19.65 -1.18 61.21
C GLY E 184 -19.34 -0.14 62.28
N ILE E 185 -18.09 0.32 62.36
CA ILE E 185 -17.65 1.33 63.36
C ILE E 185 -17.14 2.56 62.60
N SER E 186 -17.92 3.65 62.68
CA SER E 186 -17.62 4.98 62.12
C SER E 186 -17.06 5.86 63.25
N GLU E 187 -16.20 6.82 62.90
CA GLU E 187 -15.53 7.74 63.85
C GLU E 187 -16.61 8.54 64.57
N PRO E 188 -16.28 9.19 65.72
CA PRO E 188 -17.16 10.19 66.32
C PRO E 188 -17.61 11.28 65.32
N ASP E 189 -18.92 11.41 65.15
CA ASP E 189 -19.61 12.43 64.31
C ASP E 189 -19.30 12.19 62.82
N GLY E 190 -19.25 10.92 62.41
CA GLY E 190 -19.13 10.48 61.01
C GLY E 190 -17.93 11.07 60.29
N THR E 191 -16.83 11.34 60.99
CA THR E 191 -15.57 11.93 60.42
C THR E 191 -14.84 10.83 59.62
N SER E 192 -13.84 11.23 58.81
CA SER E 192 -13.28 10.42 57.69
C SER E 192 -12.39 9.28 58.20
N MET E 193 -11.32 9.62 58.92
CA MET E 193 -10.43 8.70 59.66
C MET E 193 -9.75 9.48 60.78
N ARG E 194 -9.53 8.82 61.93
CA ARG E 194 -8.76 9.35 63.08
C ARG E 194 -7.38 8.70 63.05
N ASN E 195 -6.33 9.50 63.13
CA ASN E 195 -4.93 9.02 63.21
C ASN E 195 -4.51 9.01 64.68
N LEU E 196 -3.33 8.50 64.99
CA LEU E 196 -2.89 8.26 66.39
C LEU E 196 -2.29 9.55 66.97
N MET E 197 -2.27 10.64 66.20
CA MET E 197 -2.09 12.00 66.78
C MET E 197 -3.44 12.52 67.27
N GLY E 198 -4.52 11.80 67.00
CA GLY E 198 -5.90 12.14 67.41
C GLY E 198 -6.59 13.02 66.39
N GLN E 199 -6.00 13.19 65.21
CA GLN E 199 -6.49 14.14 64.17
C GLN E 199 -7.44 13.44 63.21
N VAL E 200 -8.31 14.21 62.56
CA VAL E 200 -9.12 13.79 61.40
C VAL E 200 -8.21 13.87 60.17
N GLU E 201 -8.11 12.79 59.39
CA GLU E 201 -7.24 12.66 58.20
C GLU E 201 -8.15 12.23 57.03
N GLY E 202 -8.05 12.92 55.89
CA GLY E 202 -8.71 12.51 54.63
C GLY E 202 -9.73 13.52 54.12
N THR E 203 -9.89 14.64 54.80
CA THR E 203 -10.96 15.63 54.53
C THR E 203 -10.82 16.23 53.13
N ALA E 204 -9.67 16.88 52.85
CA ALA E 204 -9.39 17.57 51.56
C ALA E 204 -8.56 16.63 50.68
N ASN E 205 -9.21 15.59 50.17
CA ASN E 205 -8.56 14.55 49.34
C ASN E 205 -8.90 14.81 47.86
N LEU E 206 -8.08 14.27 46.95
CA LEU E 206 -8.38 14.24 45.50
C LEU E 206 -9.70 13.50 45.30
N ASP E 207 -10.62 14.10 44.55
CA ASP E 207 -11.88 13.46 44.11
C ASP E 207 -11.67 12.87 42.72
N PRO E 208 -11.50 11.53 42.59
CA PRO E 208 -11.31 10.91 41.28
C PRO E 208 -12.56 10.92 40.38
N ARG E 209 -13.74 11.26 40.91
CA ARG E 209 -14.99 11.38 40.12
C ARG E 209 -14.97 12.70 39.35
N THR E 210 -14.40 13.75 39.93
CA THR E 210 -14.29 15.11 39.31
C THR E 210 -12.97 15.19 38.52
N ASP E 211 -11.89 14.62 39.04
CA ASP E 211 -10.52 14.86 38.52
C ASP E 211 -9.83 13.53 38.20
N PRO E 212 -10.45 12.65 37.37
CA PRO E 212 -9.87 11.33 37.07
C PRO E 212 -8.49 11.41 36.39
N ASP E 213 -8.22 12.46 35.63
CA ASP E 213 -6.97 12.65 34.85
C ASP E 213 -5.78 12.89 35.79
N LEU E 214 -6.02 13.25 37.05
CA LEU E 214 -4.95 13.51 38.05
C LEU E 214 -4.60 12.24 38.84
N LEU E 215 -5.32 11.15 38.63
CA LEU E 215 -5.10 9.85 39.31
C LEU E 215 -4.65 8.79 38.29
N TRP E 216 -5.42 8.68 37.21
CA TRP E 216 -5.37 7.58 36.22
C TRP E 216 -4.57 8.02 35.00
N HIS E 217 -3.61 7.19 34.57
CA HIS E 217 -2.91 7.30 33.27
C HIS E 217 -3.88 6.88 32.16
N ARG E 218 -4.06 7.69 31.12
CA ARG E 218 -5.03 7.37 30.02
C ARG E 218 -4.29 7.17 28.70
N ASP E 219 -4.00 8.24 27.96
CA ASP E 219 -3.54 8.18 26.53
C ASP E 219 -2.01 8.06 26.46
N GLY E 220 -1.30 8.69 27.40
CA GLY E 220 0.13 9.01 27.26
C GLY E 220 1.01 7.79 27.08
N GLU E 221 2.29 8.04 26.79
CA GLU E 221 3.39 7.03 26.76
C GLU E 221 3.89 6.91 28.19
N PRO E 222 4.19 5.71 28.75
CA PRO E 222 4.07 4.43 28.05
C PRO E 222 2.66 3.82 28.08
N GLY E 223 2.28 3.15 26.99
CA GLY E 223 0.92 2.66 26.71
C GLY E 223 0.47 1.61 27.71
N TRP E 224 1.39 0.85 28.29
CA TRP E 224 1.06 -0.27 29.22
C TRP E 224 0.43 0.24 30.52
N LEU E 225 0.57 1.53 30.85
CA LEU E 225 0.03 2.11 32.10
C LEU E 225 -1.40 2.61 31.94
N THR E 226 -2.05 2.43 30.78
CA THR E 226 -3.47 2.81 30.59
C THR E 226 -4.34 2.16 31.68
N GLY E 227 -5.14 2.97 32.40
CA GLY E 227 -5.97 2.54 33.54
C GLY E 227 -5.18 2.42 34.83
N GLY E 228 -3.88 2.71 34.76
CA GLY E 228 -2.92 2.54 35.86
C GLY E 228 -2.61 3.86 36.52
N THR E 229 -1.62 3.87 37.40
CA THR E 229 -1.30 5.03 38.28
C THR E 229 0.09 4.80 38.85
N SER E 230 0.52 5.69 39.74
CA SER E 230 1.78 5.60 40.50
C SER E 230 1.39 5.54 41.97
N MET E 231 2.21 4.88 42.79
CA MET E 231 1.98 4.64 44.21
C MET E 231 3.22 5.09 44.98
N VAL E 232 3.03 5.91 46.01
CA VAL E 232 4.07 6.30 47.00
C VAL E 232 3.69 5.67 48.35
N VAL E 233 4.66 5.05 49.01
CA VAL E 233 4.55 4.59 50.42
C VAL E 233 5.64 5.29 51.24
N ARG E 234 5.23 6.23 52.10
CA ARG E 234 6.08 6.80 53.17
C ARG E 234 5.63 6.22 54.50
N ARG E 235 6.51 5.54 55.21
CA ARG E 235 6.36 5.17 56.64
C ARG E 235 6.76 6.41 57.45
N ILE E 236 5.80 7.09 58.08
CA ILE E 236 6.08 8.37 58.78
C ILE E 236 5.81 8.17 60.26
N ALA E 237 6.87 8.19 61.07
CA ALA E 237 6.83 8.00 62.54
C ALA E 237 6.30 9.26 63.21
N MET E 238 5.47 9.08 64.24
CA MET E 238 4.93 10.18 65.09
C MET E 238 5.68 10.17 66.42
N ASN E 239 6.27 11.30 66.78
CA ASN E 239 6.87 11.47 68.13
C ASN E 239 5.72 11.84 69.08
N LEU E 240 4.97 10.85 69.55
CA LEU E 240 3.80 11.12 70.44
C LEU E 240 4.28 11.66 71.79
N ASP E 241 5.50 11.31 72.24
CA ASP E 241 6.04 11.80 73.53
C ASP E 241 6.21 13.31 73.50
N THR E 242 6.78 13.90 72.43
CA THR E 242 6.94 15.38 72.29
C THR E 242 5.60 16.02 71.88
N TRP E 243 4.79 15.35 71.07
CA TRP E 243 3.41 15.82 70.70
C TRP E 243 2.59 16.07 71.96
N ASP E 244 2.80 15.27 73.00
CA ASP E 244 2.07 15.37 74.31
C ASP E 244 2.43 16.67 75.04
N GLU E 245 3.55 17.32 74.69
CA GLU E 245 4.01 18.58 75.33
C GLU E 245 3.21 19.77 74.80
N LEU E 246 2.41 19.60 73.73
CA LEU E 246 1.64 20.71 73.12
C LEU E 246 0.23 20.78 73.73
N SER E 247 -0.21 21.99 74.03
CA SER E 247 -1.64 22.32 74.24
C SER E 247 -2.43 21.91 72.99
N ARG E 248 -3.73 21.73 73.18
CA ARG E 248 -4.73 21.56 72.09
C ARG E 248 -4.57 22.65 71.02
N GLY E 249 -4.44 23.91 71.45
CA GLY E 249 -4.35 25.09 70.55
C GLY E 249 -3.15 25.02 69.63
N ALA E 250 -2.00 24.61 70.19
CA ALA E 250 -0.72 24.45 69.45
C ALA E 250 -0.82 23.29 68.46
N ARG E 251 -1.53 22.23 68.81
CA ARG E 251 -1.74 21.05 67.92
C ARG E 251 -2.63 21.42 66.75
N GLU E 252 -3.66 22.21 67.02
CA GLU E 252 -4.62 22.67 65.99
C GLU E 252 -3.91 23.67 65.07
N ALA E 253 -3.11 24.57 65.64
CA ALA E 253 -2.34 25.56 64.85
C ALA E 253 -1.37 24.83 63.90
N THR E 254 -0.80 23.71 64.35
CA THR E 254 0.21 22.89 63.61
C THR E 254 -0.38 22.42 62.28
N ILE E 255 -1.65 21.99 62.29
CA ILE E 255 -2.37 21.43 61.12
C ILE E 255 -3.12 22.54 60.39
N GLY E 256 -3.78 23.45 61.12
CA GLY E 256 -4.72 24.45 60.62
C GLY E 256 -6.18 24.01 60.73
N ARG E 257 -6.46 22.91 61.44
CA ARG E 257 -7.85 22.40 61.67
C ARG E 257 -8.03 21.95 63.12
N THR E 258 -9.26 21.96 63.63
CA THR E 258 -9.58 21.63 65.05
C THR E 258 -9.60 20.11 65.21
N LEU E 259 -9.36 19.62 66.42
CA LEU E 259 -9.28 18.17 66.69
C LEU E 259 -10.69 17.61 66.91
N ARG E 260 -11.58 18.40 67.50
CA ARG E 260 -12.95 17.91 67.84
C ARG E 260 -13.71 17.69 66.53
N THR E 261 -14.00 18.77 65.78
CA THR E 261 -14.88 18.72 64.58
C THR E 261 -14.08 18.38 63.31
N GLY E 262 -12.81 18.76 63.26
CA GLY E 262 -11.95 18.63 62.06
C GLY E 262 -12.12 19.81 61.11
N ALA E 263 -12.73 20.89 61.60
CA ALA E 263 -13.01 22.14 60.85
C ALA E 263 -11.73 22.94 60.74
N PRO E 264 -11.58 23.78 59.71
CA PRO E 264 -10.46 24.73 59.67
C PRO E 264 -10.61 25.71 60.84
N LEU E 265 -9.51 26.31 61.30
CA LEU E 265 -9.52 27.32 62.39
C LEU E 265 -10.48 28.45 62.03
N THR E 266 -10.76 28.66 60.73
CA THR E 266 -11.56 29.80 60.19
C THR E 266 -13.03 29.39 60.01
N GLY E 267 -13.38 28.12 60.17
CA GLY E 267 -14.72 27.58 59.84
C GLY E 267 -15.39 26.97 61.06
N ARG E 268 -16.51 26.26 60.85
CA ARG E 268 -17.37 25.66 61.93
C ARG E 268 -17.51 24.15 61.73
N ALA E 269 -17.48 23.64 60.49
CA ALA E 269 -17.69 22.21 60.14
C ALA E 269 -16.50 21.63 59.37
N GLU E 270 -16.37 20.30 59.37
CA GLU E 270 -15.24 19.55 58.76
C GLU E 270 -15.01 20.04 57.32
N HIS E 271 -16.08 20.19 56.54
CA HIS E 271 -16.02 20.28 55.06
C HIS E 271 -16.04 21.74 54.59
N ASP E 272 -16.13 22.69 55.51
CA ASP E 272 -15.89 24.14 55.21
C ASP E 272 -14.54 24.28 54.50
N GLU E 273 -14.48 25.21 53.53
CA GLU E 273 -13.24 25.62 52.83
C GLU E 273 -12.38 26.43 53.79
N PRO E 274 -11.11 26.04 54.01
CA PRO E 274 -10.19 26.86 54.80
C PRO E 274 -10.05 28.25 54.17
N ASP E 275 -10.10 29.32 54.98
CA ASP E 275 -9.89 30.71 54.53
C ASP E 275 -8.44 31.13 54.87
N LEU E 276 -7.54 30.97 53.92
CA LEU E 276 -6.08 31.23 54.07
C LEU E 276 -5.77 32.73 53.94
N GLU E 277 -6.77 33.56 53.68
CA GLU E 277 -6.62 35.04 53.64
C GLU E 277 -7.03 35.65 54.98
N ALA E 278 -7.66 34.87 55.88
CA ALA E 278 -8.28 35.37 57.13
C ALA E 278 -7.19 35.80 58.13
N LEU E 279 -7.34 37.01 58.68
CA LEU E 279 -6.44 37.58 59.71
C LEU E 279 -7.19 37.68 61.04
N ASP E 280 -6.45 37.61 62.16
CA ASP E 280 -6.98 37.83 63.53
C ASP E 280 -6.95 39.35 63.80
N ASP E 281 -7.40 39.78 64.99
CA ASP E 281 -7.50 41.22 65.34
C ASP E 281 -6.12 41.88 65.28
N HIS E 282 -5.03 41.12 65.41
CA HIS E 282 -3.63 41.64 65.39
C HIS E 282 -3.01 41.57 63.99
N GLY E 283 -3.77 41.17 62.97
CA GLY E 283 -3.32 41.13 61.57
C GLY E 283 -2.42 39.92 61.25
N ARG E 284 -2.38 38.92 62.16
CA ARG E 284 -1.70 37.62 61.93
C ARG E 284 -2.64 36.68 61.20
N PRO E 285 -2.12 35.83 60.28
CA PRO E 285 -2.96 34.82 59.64
C PRO E 285 -3.59 33.87 60.67
N VAL E 286 -4.90 33.59 60.54
CA VAL E 286 -5.63 32.70 61.50
C VAL E 286 -5.06 31.28 61.35
N ILE E 287 -4.90 30.81 60.12
CA ILE E 287 -4.14 29.58 59.79
C ILE E 287 -2.68 29.99 59.58
N ASP E 288 -1.77 29.38 60.35
CA ASP E 288 -0.33 29.77 60.38
C ASP E 288 0.26 29.68 58.96
N LEU E 289 1.25 30.51 58.67
CA LEU E 289 1.99 30.52 57.38
C LEU E 289 2.64 29.16 57.13
N GLU E 290 2.92 28.39 58.19
CA GLU E 290 3.65 27.10 58.14
C GLU E 290 2.75 25.96 58.61
N ALA E 291 1.45 26.19 58.71
CA ALA E 291 0.43 25.18 59.06
C ALA E 291 0.38 24.14 57.94
N HIS E 292 0.18 22.87 58.30
CA HIS E 292 0.29 21.70 57.39
C HIS E 292 -0.59 21.94 56.16
N ILE E 293 -1.84 22.37 56.35
CA ILE E 293 -2.82 22.36 55.22
C ILE E 293 -2.58 23.59 54.35
N ARG E 294 -1.88 24.61 54.84
CA ARG E 294 -1.47 25.76 54.00
C ARG E 294 -0.31 25.30 53.09
N ARG E 295 0.69 24.63 53.67
CA ARG E 295 1.92 24.24 52.95
C ARG E 295 1.65 23.07 52.00
N ALA E 296 0.63 22.25 52.30
CA ALA E 296 0.31 21.00 51.57
C ALA E 296 -0.70 21.27 50.46
N ARG E 297 -1.42 22.38 50.54
CA ARG E 297 -2.47 22.79 49.57
C ARG E 297 -1.88 22.76 48.15
N PRO E 298 -2.69 22.37 47.13
CA PRO E 298 -2.25 22.51 45.73
C PRO E 298 -1.90 23.96 45.38
N THR E 299 -0.74 24.15 44.77
CA THR E 299 -0.23 25.43 44.19
C THR E 299 -0.64 25.50 42.71
N GLN E 300 -0.72 24.34 42.05
CA GLN E 300 -1.25 24.19 40.66
C GLN E 300 -2.25 23.05 40.66
N ARG E 301 -3.17 23.01 39.70
CA ARG E 301 -4.20 21.95 39.59
C ARG E 301 -3.59 20.57 39.90
N GLU E 302 -2.40 20.28 39.36
CA GLU E 302 -1.84 18.90 39.31
C GLU E 302 -1.17 18.53 40.65
N GLU E 303 -0.95 19.50 41.55
CA GLU E 303 -0.24 19.28 42.84
C GLU E 303 -1.20 18.72 43.90
N THR E 304 -1.82 17.58 43.59
CA THR E 304 -2.81 16.87 44.44
C THR E 304 -2.66 15.37 44.18
N PHE E 305 -3.19 14.54 45.07
CA PHE E 305 -3.05 13.05 44.97
C PHE E 305 -4.07 12.40 45.91
N LEU E 306 -4.44 11.16 45.63
CA LEU E 306 -5.36 10.34 46.47
C LEU E 306 -4.56 9.79 47.64
N ARG E 307 -4.69 10.41 48.80
CA ARG E 307 -4.16 9.86 50.07
C ARG E 307 -5.06 8.71 50.47
N ARG E 308 -4.45 7.59 50.88
CA ARG E 308 -5.17 6.37 51.31
C ARG E 308 -4.39 5.78 52.48
N ALA E 309 -4.24 6.57 53.54
CA ALA E 309 -3.32 6.30 54.68
C ALA E 309 -4.00 5.40 55.72
N TYR E 310 -3.15 4.71 56.47
CA TYR E 310 -3.52 3.76 57.55
C TYR E 310 -2.65 4.06 58.78
N ASN E 311 -3.15 3.79 59.97
CA ASN E 311 -2.37 3.94 61.23
C ASN E 311 -1.46 2.71 61.37
N TYR E 312 -0.24 2.91 61.87
CA TYR E 312 0.62 1.80 62.34
C TYR E 312 0.95 2.04 63.82
N ASP E 313 1.01 0.94 64.57
CA ASP E 313 1.26 0.92 66.02
C ASP E 313 1.99 -0.38 66.33
N GLU E 314 3.30 -0.32 66.54
CA GLU E 314 4.16 -1.54 66.72
C GLU E 314 4.47 -1.74 68.20
N ALA E 315 4.81 -2.96 68.60
CA ALA E 315 5.45 -3.23 69.90
C ALA E 315 6.63 -2.24 69.99
N PRO E 316 6.69 -1.39 71.03
CA PRO E 316 7.70 -0.35 71.10
C PRO E 316 9.12 -0.85 71.35
N PRO E 317 10.16 -0.10 70.92
CA PRO E 317 11.54 -0.50 71.14
C PRO E 317 11.90 -0.36 72.62
N PRO E 318 13.05 -0.95 73.03
CA PRO E 318 13.53 -0.78 74.41
C PRO E 318 13.51 0.71 74.86
N GLY E 319 12.73 0.91 75.91
CA GLY E 319 12.79 2.17 76.70
C GLY E 319 11.80 3.22 76.24
N ARG E 320 10.94 2.91 75.26
CA ARG E 320 9.90 3.85 74.77
C ARG E 320 8.49 3.27 75.05
N ALA E 321 7.50 4.16 75.17
CA ALA E 321 6.08 3.80 75.42
C ALA E 321 5.42 3.28 74.13
N SER E 322 5.73 3.92 72.99
CA SER E 322 5.00 3.72 71.72
C SER E 322 5.97 3.69 70.53
N ASP E 323 5.60 2.95 69.48
CA ASP E 323 6.14 3.08 68.11
C ASP E 323 4.93 3.19 67.19
N SER E 324 4.43 4.42 67.05
CA SER E 324 3.18 4.75 66.31
C SER E 324 3.53 5.65 65.14
N GLY E 325 2.71 5.61 64.09
CA GLY E 325 2.86 6.53 62.96
C GLY E 325 1.80 6.34 61.90
N LEU E 326 2.08 6.85 60.70
CA LEU E 326 1.17 6.82 59.54
C LEU E 326 1.81 6.00 58.42
N LEU E 327 1.10 4.99 57.93
CA LEU E 327 1.40 4.34 56.63
C LEU E 327 0.84 5.26 55.56
N PHE E 328 1.64 6.21 55.12
CA PHE E 328 1.21 7.25 54.15
C PHE E 328 1.33 6.68 52.74
N VAL E 329 0.20 6.19 52.21
CA VAL E 329 0.09 5.64 50.83
C VAL E 329 -0.62 6.69 49.98
N THR E 330 -0.01 7.12 48.86
CA THR E 330 -0.65 8.06 47.90
C THR E 330 -0.64 7.47 46.49
N TYR E 331 -1.67 7.79 45.70
CA TYR E 331 -1.82 7.42 44.29
C TYR E 331 -2.03 8.69 43.45
N GLN E 332 -1.34 8.77 42.31
CA GLN E 332 -1.37 9.94 41.39
C GLN E 332 -0.87 9.50 40.00
N ARG E 333 -1.24 10.22 38.94
CA ARG E 333 -0.81 9.88 37.55
C ARG E 333 0.74 9.91 37.47
N ASP E 334 1.37 10.94 38.05
CA ASP E 334 2.81 11.24 37.87
C ASP E 334 3.40 11.72 39.21
N VAL E 335 4.30 10.94 39.80
CA VAL E 335 4.90 11.22 41.14
C VAL E 335 5.62 12.58 41.10
N ASP E 336 6.47 12.76 40.09
CA ASP E 336 7.36 13.96 39.93
C ASP E 336 6.55 15.24 39.78
N ALA E 337 5.44 15.20 39.06
CA ALA E 337 4.62 16.38 38.72
C ALA E 337 3.64 16.72 39.86
N GLN E 338 3.24 15.71 40.66
CA GLN E 338 2.05 15.79 41.54
C GLN E 338 2.46 15.68 43.02
N PHE E 339 3.16 14.62 43.41
CA PHE E 339 3.51 14.36 44.82
C PHE E 339 4.75 15.16 45.22
N THR E 340 5.84 14.96 44.50
CA THR E 340 7.20 15.43 44.88
C THR E 340 7.23 16.94 45.13
N PRO E 341 6.56 17.78 44.30
CA PRO E 341 6.52 19.21 44.54
C PRO E 341 5.84 19.57 45.89
N VAL E 342 4.85 18.78 46.31
CA VAL E 342 4.16 18.98 47.62
C VAL E 342 5.12 18.55 48.74
N GLN E 343 5.68 17.34 48.64
CA GLN E 343 6.69 16.83 49.62
C GLN E 343 7.84 17.84 49.74
N ARG E 344 8.28 18.43 48.62
CA ARG E 344 9.41 19.40 48.59
C ARG E 344 8.99 20.69 49.34
N ARG E 345 7.73 21.12 49.20
CA ARG E 345 7.23 22.35 49.87
C ARG E 345 7.13 22.10 51.39
N LEU E 346 6.71 20.90 51.81
CA LEU E 346 6.64 20.51 53.25
C LEU E 346 8.05 20.40 53.83
N ASP E 347 9.01 19.87 53.06
CA ASP E 347 10.42 19.79 53.53
C ASP E 347 10.91 21.20 53.85
N ALA E 348 10.59 22.18 53.00
CA ALA E 348 11.09 23.58 53.12
C ALA E 348 10.51 24.23 54.40
N ALA E 349 9.22 24.01 54.70
CA ALA E 349 8.56 24.51 55.92
C ALA E 349 7.23 23.79 56.15
N ASP E 350 7.08 23.23 57.36
CA ASP E 350 5.82 22.65 57.87
C ASP E 350 5.97 22.46 59.38
N LEU E 351 5.09 23.06 60.19
CA LEU E 351 5.15 22.97 61.68
C LEU E 351 5.12 21.49 62.10
N LEU E 352 4.37 20.66 61.38
CA LEU E 352 4.16 19.21 61.64
C LEU E 352 5.49 18.44 61.62
N ASN E 353 6.47 18.91 60.85
CA ASN E 353 7.80 18.24 60.72
C ASN E 353 8.49 18.15 62.10
N GLU E 354 8.08 18.94 63.09
CA GLU E 354 8.71 18.93 64.44
C GLU E 354 8.29 17.67 65.23
N TRP E 355 7.20 17.01 64.83
CA TRP E 355 6.61 15.87 65.59
C TRP E 355 6.37 14.64 64.71
N THR E 356 6.83 14.68 63.46
CA THR E 356 6.78 13.55 62.50
C THR E 356 8.15 13.44 61.83
N PHE E 357 8.50 12.27 61.29
CA PHE E 357 9.72 12.09 60.47
C PHE E 357 9.59 10.85 59.60
N PRO E 358 9.95 10.92 58.30
CA PRO E 358 9.86 9.77 57.41
C PRO E 358 10.97 8.77 57.71
N VAL E 359 10.62 7.50 57.89
CA VAL E 359 11.60 6.39 58.16
C VAL E 359 11.57 5.38 57.01
N GLY E 360 10.69 5.54 56.03
CA GLY E 360 10.61 4.65 54.85
C GLY E 360 10.03 5.35 53.64
N SER E 361 10.54 5.05 52.45
CA SER E 361 10.10 5.64 51.15
C SER E 361 10.17 4.58 50.04
N ALA E 362 9.08 4.43 49.27
CA ALA E 362 9.02 3.51 48.13
C ALA E 362 8.10 4.08 47.05
N VAL E 363 8.51 3.98 45.78
CA VAL E 363 7.72 4.42 44.60
C VAL E 363 7.47 3.22 43.72
N PHE E 364 6.24 3.07 43.23
CA PHE E 364 5.79 1.95 42.36
C PHE E 364 4.93 2.48 41.23
N ALA E 365 5.02 1.82 40.07
CA ALA E 365 4.12 1.98 38.91
C ALA E 365 3.03 0.93 39.03
N VAL E 366 1.77 1.34 38.94
CA VAL E 366 0.59 0.46 39.16
C VAL E 366 -0.06 0.20 37.82
N PRO E 367 -0.01 -1.04 37.30
CA PRO E 367 -0.74 -1.38 36.09
C PRO E 367 -2.23 -1.04 36.20
N GLY E 368 -2.87 -0.93 35.04
CA GLY E 368 -4.32 -0.79 34.91
C GLY E 368 -4.98 -2.07 35.35
N GLY E 369 -6.31 -2.11 35.31
CA GLY E 369 -7.10 -3.31 35.62
C GLY E 369 -7.04 -4.31 34.48
N TRP E 370 -7.83 -5.38 34.63
CA TRP E 370 -7.91 -6.53 33.69
C TRP E 370 -9.28 -7.18 33.82
N SER E 371 -9.65 -8.00 32.84
CA SER E 371 -10.93 -8.72 32.71
C SER E 371 -10.68 -10.21 32.75
N ALA E 372 -11.73 -11.00 32.98
CA ALA E 372 -11.69 -12.48 33.00
C ALA E 372 -10.83 -12.96 31.82
N GLY E 373 -9.75 -13.69 32.08
CA GLY E 373 -8.87 -14.27 31.05
C GLY E 373 -7.60 -13.47 30.82
N GLU E 374 -7.48 -12.27 31.38
CA GLU E 374 -6.24 -11.45 31.33
C GLU E 374 -5.47 -11.67 32.63
N TYR E 375 -4.31 -11.02 32.80
CA TYR E 375 -3.51 -11.06 34.06
C TYR E 375 -2.91 -9.68 34.32
N VAL E 376 -2.71 -9.35 35.61
CA VAL E 376 -2.26 -8.00 36.04
C VAL E 376 -0.86 -7.75 35.46
N GLY E 377 -0.69 -6.63 34.77
CA GLY E 377 0.62 -6.18 34.24
C GLY E 377 0.90 -6.76 32.87
N GLN E 378 -0.10 -7.42 32.29
CA GLN E 378 0.00 -8.12 30.99
C GLN E 378 0.49 -7.17 29.91
N ARG E 379 -0.06 -5.95 29.83
CA ARG E 379 0.29 -4.96 28.77
C ARG E 379 1.78 -4.60 28.87
N LEU E 380 2.38 -4.64 30.06
CA LEU E 380 3.84 -4.42 30.22
C LEU E 380 4.62 -5.61 29.65
N LEU E 381 4.30 -6.83 30.08
CA LEU E 381 5.16 -8.04 29.87
C LEU E 381 5.02 -8.59 28.43
N GLU E 382 4.13 -8.02 27.62
CA GLU E 382 4.05 -8.24 26.14
C GLU E 382 5.37 -7.88 25.46
N GLY E 383 6.10 -6.87 25.92
CA GLY E 383 7.45 -6.56 25.42
C GLY E 383 7.75 -5.07 25.52
N ALA F 23 -27.41 1.59 66.25
CA ALA F 23 -26.56 0.80 67.22
C ALA F 23 -25.52 -0.03 66.45
N GLY F 24 -24.26 0.05 66.87
CA GLY F 24 -23.14 -0.66 66.23
C GLY F 24 -22.24 -1.33 67.27
N PRO F 25 -21.34 -2.23 66.84
CA PRO F 25 -20.41 -2.88 67.76
C PRO F 25 -19.46 -1.89 68.46
N GLY F 26 -19.36 -0.66 67.93
CA GLY F 26 -18.58 0.43 68.55
C GLY F 26 -19.18 0.95 69.84
N ASP F 27 -20.50 0.84 70.01
CA ASP F 27 -21.26 1.43 71.14
C ASP F 27 -21.28 0.48 72.34
N VAL F 28 -20.82 -0.76 72.17
CA VAL F 28 -20.95 -1.81 73.22
C VAL F 28 -20.03 -1.44 74.38
N VAL F 29 -20.62 -1.32 75.58
CA VAL F 29 -19.91 -1.18 76.89
C VAL F 29 -19.99 -2.52 77.63
N VAL F 30 -18.83 -3.12 77.93
CA VAL F 30 -18.71 -4.29 78.85
C VAL F 30 -18.44 -3.75 80.24
N PRO F 31 -19.30 -4.06 81.25
CA PRO F 31 -19.09 -3.53 82.59
C PRO F 31 -17.73 -4.00 83.13
N CYS F 32 -16.96 -3.08 83.69
CA CYS F 32 -15.64 -3.38 84.31
C CYS F 32 -15.81 -3.76 85.79
N HIS F 33 -16.99 -3.51 86.36
CA HIS F 33 -17.36 -3.83 87.77
C HIS F 33 -18.10 -5.16 87.86
N GLY F 34 -17.78 -5.93 88.89
CA GLY F 34 -18.49 -7.18 89.23
C GLY F 34 -17.71 -7.99 90.26
N GLU F 35 -18.24 -9.16 90.62
CA GLU F 35 -17.55 -10.20 91.43
C GLU F 35 -16.16 -10.47 90.83
N HIS F 36 -16.05 -10.49 89.49
CA HIS F 36 -14.79 -10.80 88.78
C HIS F 36 -14.38 -9.64 87.87
N GLN F 37 -13.10 -9.58 87.50
CA GLN F 37 -12.60 -8.66 86.43
C GLN F 37 -13.25 -9.10 85.11
N ALA F 38 -13.56 -8.15 84.22
CA ALA F 38 -14.02 -8.46 82.86
C ALA F 38 -12.81 -8.94 82.05
N GLY F 39 -13.04 -9.53 80.87
CA GLY F 39 -11.98 -9.90 79.92
C GLY F 39 -11.49 -11.32 80.15
N ILE F 40 -12.23 -12.09 80.96
CA ILE F 40 -11.90 -13.51 81.27
C ILE F 40 -13.05 -14.40 80.77
N VAL F 41 -14.25 -14.27 81.33
CA VAL F 41 -15.44 -15.04 80.83
C VAL F 41 -16.22 -14.15 79.84
N THR F 42 -15.88 -12.87 79.75
CA THR F 42 -16.40 -11.97 78.69
C THR F 42 -16.15 -12.66 77.35
N PRO F 43 -17.17 -12.79 76.46
CA PRO F 43 -16.98 -13.37 75.13
C PRO F 43 -15.78 -12.67 74.49
N PRO F 44 -14.79 -13.42 73.96
CA PRO F 44 -13.60 -12.79 73.39
C PRO F 44 -13.90 -11.90 72.20
N PRO F 45 -13.50 -10.61 72.23
CA PRO F 45 -13.67 -9.72 71.08
C PRO F 45 -12.49 -9.88 70.11
N SER F 46 -12.48 -9.10 69.04
CA SER F 46 -11.62 -9.32 67.84
C SER F 46 -10.13 -9.15 68.17
N PHE F 47 -9.75 -8.21 69.04
CA PHE F 47 -8.32 -7.83 69.22
C PHE F 47 -7.89 -7.89 70.68
N ILE F 48 -6.57 -8.11 70.85
CA ILE F 48 -5.85 -8.19 72.15
C ILE F 48 -4.47 -7.53 72.04
N ALA F 49 -4.07 -6.82 73.09
CA ALA F 49 -2.67 -6.45 73.36
C ALA F 49 -2.38 -6.81 74.81
N LEU F 50 -1.47 -7.72 75.03
CA LEU F 50 -0.97 -8.05 76.38
C LEU F 50 0.27 -7.18 76.61
N VAL F 51 0.17 -6.22 77.54
CA VAL F 51 1.28 -5.29 77.89
C VAL F 51 1.84 -5.72 79.26
N ALA F 52 3.01 -6.34 79.25
CA ALA F 52 3.80 -6.65 80.45
C ALA F 52 4.63 -5.44 80.82
N LEU F 53 4.61 -5.04 82.09
CA LEU F 53 5.42 -3.92 82.59
C LEU F 53 6.30 -4.42 83.74
N ASP F 54 7.43 -3.77 83.93
CA ASP F 54 8.34 -4.01 85.09
C ASP F 54 8.33 -2.78 86.00
N LEU F 55 8.18 -2.98 87.30
CA LEU F 55 8.15 -1.88 88.30
C LEU F 55 9.52 -1.19 88.34
N ALA F 56 9.53 0.11 88.59
CA ALA F 56 10.76 0.91 88.79
C ALA F 56 11.50 0.36 90.02
N SER F 57 12.83 0.50 90.02
CA SER F 57 13.73 0.06 91.12
C SER F 57 13.33 0.74 92.44
N THR F 58 12.74 1.93 92.37
CA THR F 58 12.37 2.79 93.53
C THR F 58 11.00 2.38 94.08
N SER F 59 10.28 1.48 93.42
CA SER F 59 8.90 1.06 93.79
C SER F 59 8.81 0.56 95.24
N ASP F 60 7.70 0.87 95.92
CA ASP F 60 7.31 0.31 97.25
C ASP F 60 5.80 0.08 97.21
N ARG F 61 5.21 -0.33 98.34
CA ARG F 61 3.75 -0.59 98.46
C ARG F 61 2.96 0.62 97.94
N ALA F 62 3.40 1.83 98.27
CA ALA F 62 2.65 3.07 97.98
C ALA F 62 2.62 3.31 96.46
N SER F 63 3.77 3.12 95.80
CA SER F 63 3.94 3.19 94.32
C SER F 63 2.96 2.25 93.64
N VAL F 64 2.96 0.99 94.05
CA VAL F 64 2.13 -0.07 93.42
C VAL F 64 0.67 0.33 93.59
N GLU F 65 0.31 0.76 94.80
CA GLU F 65 -1.08 1.18 95.11
C GLU F 65 -1.51 2.32 94.18
N ARG F 66 -0.72 3.40 94.14
CA ARG F 66 -0.97 4.59 93.27
C ARG F 66 -1.19 4.12 91.83
N LEU F 67 -0.29 3.28 91.30
CA LEU F 67 -0.35 2.76 89.91
C LEU F 67 -1.70 2.08 89.66
N LEU F 68 -2.10 1.16 90.55
CA LEU F 68 -3.38 0.41 90.44
C LEU F 68 -4.56 1.37 90.52
N ARG F 69 -4.44 2.43 91.32
CA ARG F 69 -5.53 3.41 91.53
C ARG F 69 -5.68 4.28 90.28
N VAL F 70 -4.60 4.79 89.71
CA VAL F 70 -4.70 5.63 88.47
C VAL F 70 -5.20 4.75 87.32
N TRP F 71 -4.77 3.50 87.24
CA TRP F 71 -5.23 2.53 86.20
C TRP F 71 -6.72 2.26 86.37
N THR F 72 -7.19 2.12 87.61
CA THR F 72 -8.63 1.86 87.88
C THR F 72 -9.46 3.00 87.28
N VAL F 73 -9.05 4.24 87.52
CA VAL F 73 -9.74 5.43 86.92
C VAL F 73 -9.79 5.26 85.39
N ASP F 74 -8.63 4.97 84.76
CA ASP F 74 -8.49 4.89 83.28
C ASP F 74 -9.33 3.72 82.75
N ILE F 75 -9.33 2.59 83.43
CA ILE F 75 -10.15 1.41 83.03
C ILE F 75 -11.62 1.81 83.09
N GLU F 76 -12.06 2.43 84.18
CA GLU F 76 -13.50 2.75 84.41
C GLU F 76 -13.95 3.75 83.33
N ARG F 77 -13.06 4.65 82.92
CA ARG F 77 -13.35 5.71 81.90
C ARG F 77 -13.30 5.11 80.49
N LEU F 78 -12.15 4.55 80.09
CA LEU F 78 -11.95 4.08 78.69
C LEU F 78 -13.04 3.06 78.33
N THR F 79 -13.37 2.14 79.23
CA THR F 79 -14.34 1.03 78.96
C THR F 79 -15.76 1.57 78.81
N THR F 80 -16.03 2.81 79.24
CA THR F 80 -17.37 3.46 79.11
C THR F 80 -17.30 4.55 78.04
N GLY F 81 -16.21 4.62 77.29
CA GLY F 81 -16.04 5.56 76.17
C GLY F 81 -15.84 6.98 76.65
N ARG F 82 -15.23 7.14 77.83
CA ARG F 82 -14.78 8.46 78.35
C ARG F 82 -13.26 8.48 78.27
N PRO F 83 -12.65 9.65 77.98
CA PRO F 83 -11.20 9.79 78.01
C PRO F 83 -10.62 9.40 79.36
N GLY F 84 -9.38 8.91 79.35
CA GLY F 84 -8.59 8.59 80.55
C GLY F 84 -8.12 9.86 81.24
N LEU F 85 -7.35 9.67 82.31
CA LEU F 85 -6.82 10.78 83.16
C LEU F 85 -5.64 11.41 82.41
N ALA F 86 -4.66 10.59 82.02
CA ALA F 86 -3.49 11.00 81.17
C ALA F 86 -3.85 10.78 79.69
N ASP F 87 -4.87 11.50 79.21
CA ASP F 87 -5.48 11.28 77.87
C ASP F 87 -5.56 12.61 77.13
N SER F 88 -4.61 12.83 76.21
CA SER F 88 -4.48 14.05 75.39
C SER F 88 -5.19 13.87 74.04
N GLU F 89 -5.74 12.68 73.76
CA GLU F 89 -6.49 12.37 72.49
C GLU F 89 -7.87 11.85 72.84
N PRO F 90 -8.73 12.67 73.49
CA PRO F 90 -10.03 12.21 73.98
C PRO F 90 -10.95 11.61 72.90
N GLU F 91 -10.91 12.16 71.69
CA GLU F 91 -11.74 11.71 70.54
C GLU F 91 -11.43 10.26 70.18
N LEU F 92 -10.21 9.78 70.48
CA LEU F 92 -9.81 8.37 70.21
C LEU F 92 -10.41 7.45 71.28
N ALA F 93 -11.07 7.99 72.30
CA ALA F 93 -11.65 7.24 73.44
C ALA F 93 -13.16 7.07 73.31
N LEU F 94 -13.82 7.85 72.46
CA LEU F 94 -15.30 8.00 72.48
C LEU F 94 -15.99 6.70 72.05
N VAL F 95 -15.27 5.79 71.40
CA VAL F 95 -15.84 4.52 70.86
C VAL F 95 -15.31 3.38 71.70
N PRO F 96 -16.08 2.88 72.70
CA PRO F 96 -15.56 1.88 73.63
C PRO F 96 -15.32 0.51 72.98
N ALA F 97 -16.16 0.09 72.03
CA ALA F 97 -15.97 -1.13 71.22
C ALA F 97 -15.69 -2.34 72.13
N ALA F 98 -16.49 -2.51 73.19
CA ALA F 98 -16.44 -3.67 74.12
C ALA F 98 -15.07 -3.74 74.82
N LEU F 99 -14.39 -2.61 75.00
CA LEU F 99 -13.03 -2.57 75.62
C LEU F 99 -13.10 -3.27 76.98
N THR F 100 -12.14 -4.16 77.26
CA THR F 100 -11.82 -4.70 78.60
C THR F 100 -10.33 -4.51 78.86
N VAL F 101 -9.97 -4.28 80.13
CA VAL F 101 -8.58 -4.32 80.64
C VAL F 101 -8.61 -5.32 81.79
N THR F 102 -7.79 -6.36 81.73
CA THR F 102 -7.62 -7.37 82.80
C THR F 102 -6.22 -7.19 83.37
N VAL F 103 -6.11 -6.99 84.68
CA VAL F 103 -4.83 -6.75 85.39
C VAL F 103 -4.38 -8.05 86.05
N GLY F 104 -3.14 -8.44 85.81
CA GLY F 104 -2.49 -9.58 86.45
C GLY F 104 -1.22 -9.15 87.13
N PHE F 105 -0.90 -9.78 88.27
CA PHE F 105 0.31 -9.48 89.08
C PHE F 105 1.27 -10.65 88.96
N GLY F 106 2.51 -10.35 88.60
CA GLY F 106 3.64 -11.29 88.64
C GLY F 106 4.26 -11.26 90.04
N PRO F 107 5.12 -12.25 90.38
CA PRO F 107 5.70 -12.33 91.72
C PRO F 107 6.41 -11.04 92.13
N GLY F 108 7.10 -10.39 91.18
CA GLY F 108 7.88 -9.17 91.40
C GLY F 108 7.04 -8.04 91.93
N LEU F 109 5.75 -8.00 91.58
CA LEU F 109 4.84 -6.95 92.12
C LEU F 109 4.69 -7.15 93.62
N LEU F 110 4.45 -8.39 94.05
CA LEU F 110 4.23 -8.72 95.49
C LEU F 110 5.52 -8.46 96.25
N THR F 111 6.66 -8.86 95.68
CA THR F 111 8.01 -8.58 96.24
C THR F 111 8.16 -7.08 96.46
N ALA F 112 7.93 -6.27 95.43
CA ALA F 112 8.18 -4.81 95.44
C ALA F 112 7.27 -4.15 96.50
N ALA F 113 6.03 -4.64 96.66
CA ALA F 113 5.05 -4.13 97.65
C ALA F 113 5.36 -4.64 99.08
N GLY F 114 6.28 -5.59 99.24
CA GLY F 114 6.58 -6.21 100.55
C GLY F 114 5.48 -7.15 100.98
N LEU F 115 4.98 -7.98 100.04
CA LEU F 115 3.78 -8.83 100.21
C LEU F 115 4.07 -10.26 99.73
N ARG F 116 5.33 -10.69 99.78
CA ARG F 116 5.75 -12.06 99.39
C ARG F 116 4.91 -13.08 100.15
N HIS F 117 4.63 -12.80 101.43
CA HIS F 117 3.85 -13.66 102.35
C HIS F 117 2.40 -13.82 101.87
N ARG F 118 1.94 -12.98 100.91
CA ARG F 118 0.56 -13.08 100.36
C ARG F 118 0.56 -13.81 99.00
N ALA F 119 1.74 -14.21 98.50
CA ALA F 119 1.88 -14.91 97.20
C ALA F 119 1.25 -16.30 97.32
N PRO F 120 0.32 -16.69 96.42
CA PRO F 120 -0.07 -18.10 96.33
C PRO F 120 1.13 -18.97 95.91
N ALA F 121 1.09 -20.25 96.31
CA ALA F 121 2.13 -21.27 96.00
C ALA F 121 2.40 -21.36 94.49
N TRP F 122 1.42 -21.06 93.65
CA TRP F 122 1.52 -21.25 92.18
C TRP F 122 2.03 -19.99 91.47
N LEU F 123 2.37 -18.92 92.19
CA LEU F 123 2.81 -17.67 91.52
C LEU F 123 4.33 -17.70 91.29
N HIS F 124 4.75 -18.34 90.19
CA HIS F 124 6.17 -18.54 89.80
C HIS F 124 6.20 -18.94 88.33
N PRO F 125 7.33 -18.72 87.62
CA PRO F 125 7.45 -19.23 86.25
C PRO F 125 7.10 -20.72 86.16
N LEU F 126 6.50 -21.16 85.05
CA LEU F 126 6.29 -22.60 84.79
C LEU F 126 7.65 -23.28 84.89
N PRO F 127 7.74 -24.57 85.29
CA PRO F 127 8.99 -25.29 85.23
C PRO F 127 9.44 -25.38 83.77
N PRO F 128 10.74 -25.60 83.47
CA PRO F 128 11.21 -25.70 82.09
C PRO F 128 10.77 -27.03 81.46
N PHE F 129 10.50 -27.01 80.15
CA PHE F 129 10.09 -28.20 79.35
C PHE F 129 11.07 -28.39 78.20
N GLY F 130 11.33 -29.64 77.81
CA GLY F 130 12.20 -29.98 76.66
C GLY F 130 11.82 -29.22 75.39
N ILE F 131 10.53 -28.98 75.17
CA ILE F 131 9.99 -28.30 73.95
C ILE F 131 10.25 -26.78 73.99
N ASP F 132 10.55 -26.22 75.16
CA ASP F 132 10.72 -24.76 75.36
C ASP F 132 11.85 -24.23 74.47
N ARG F 133 11.59 -23.17 73.71
CA ARG F 133 12.62 -22.32 73.05
C ARG F 133 12.46 -20.90 73.57
N LEU F 134 12.39 -20.73 74.89
CA LEU F 134 11.92 -19.47 75.53
C LEU F 134 12.93 -18.34 75.26
N ASP F 135 12.42 -17.25 74.70
CA ASP F 135 13.12 -15.95 74.52
C ASP F 135 12.78 -15.04 75.69
N PRO F 136 13.75 -14.71 76.58
CA PRO F 136 13.48 -13.90 77.77
C PRO F 136 12.67 -12.62 77.52
N ALA F 137 12.77 -12.02 76.33
CA ALA F 137 12.06 -10.78 75.92
C ALA F 137 10.55 -11.04 75.80
N TRP F 138 10.10 -12.29 75.76
CA TRP F 138 8.65 -12.65 75.74
C TRP F 138 8.26 -13.34 77.04
N CYS F 139 9.11 -13.27 78.07
CA CYS F 139 8.91 -14.00 79.35
C CYS F 139 8.68 -13.05 80.53
N ASP F 140 7.93 -13.53 81.52
CA ASP F 140 7.75 -12.92 82.87
C ASP F 140 7.15 -11.52 82.74
N GLY F 141 7.45 -10.63 83.71
CA GLY F 141 6.77 -9.34 83.92
C GLY F 141 6.22 -9.22 85.32
N ASP F 142 6.45 -8.08 85.99
CA ASP F 142 5.92 -7.78 87.33
C ASP F 142 4.41 -7.61 87.26
N VAL F 143 3.89 -7.05 86.17
CA VAL F 143 2.43 -6.82 86.01
C VAL F 143 2.08 -6.89 84.53
N VAL F 144 0.84 -7.24 84.23
CA VAL F 144 0.35 -7.34 82.82
C VAL F 144 -1.01 -6.65 82.73
N LEU F 145 -1.24 -5.96 81.61
CA LEU F 145 -2.58 -5.52 81.17
C LEU F 145 -2.97 -6.33 79.95
N GLN F 146 -3.97 -7.21 80.08
CA GLN F 146 -4.64 -7.78 78.89
C GLN F 146 -5.67 -6.76 78.43
N VAL F 147 -5.40 -6.10 77.30
CA VAL F 147 -6.31 -5.08 76.71
C VAL F 147 -6.97 -5.70 75.48
N CYS F 148 -8.29 -5.81 75.51
CA CYS F 148 -9.13 -6.46 74.49
C CYS F 148 -10.19 -5.47 73.99
N ALA F 149 -10.44 -5.46 72.68
CA ALA F 149 -11.51 -4.63 72.06
C ALA F 149 -11.85 -5.14 70.66
N ASP F 150 -13.00 -4.71 70.15
CA ASP F 150 -13.49 -5.03 68.79
C ASP F 150 -13.00 -3.98 67.79
N ASP F 151 -12.09 -3.10 68.19
CA ASP F 151 -11.55 -2.01 67.34
C ASP F 151 -10.10 -1.71 67.68
N ARG F 152 -9.25 -1.59 66.68
CA ARG F 152 -7.77 -1.52 66.81
C ARG F 152 -7.35 -0.10 67.24
N THR F 153 -8.10 0.93 66.83
CA THR F 153 -7.81 2.33 67.21
C THR F 153 -8.15 2.51 68.70
N THR F 154 -9.30 1.99 69.14
CA THR F 154 -9.73 1.98 70.55
C THR F 154 -8.63 1.30 71.40
N LEU F 155 -8.10 0.18 70.90
CA LEU F 155 -7.09 -0.63 71.61
C LEU F 155 -5.77 0.15 71.67
N ALA F 156 -5.35 0.71 70.52
CA ALA F 156 -4.10 1.50 70.42
C ALA F 156 -4.17 2.66 71.42
N HIS F 157 -5.32 3.32 71.48
CA HIS F 157 -5.51 4.47 72.40
C HIS F 157 -5.41 4.01 73.85
N ALA F 158 -6.21 3.01 74.23
CA ALA F 158 -6.23 2.45 75.60
C ALA F 158 -4.80 2.12 76.04
N VAL F 159 -4.06 1.39 75.20
CA VAL F 159 -2.66 0.99 75.48
C VAL F 159 -1.80 2.23 75.71
N ARG F 160 -1.96 3.25 74.88
CA ARG F 160 -1.18 4.51 74.98
C ARG F 160 -1.50 5.16 76.34
N VAL F 161 -2.77 5.25 76.71
CA VAL F 161 -3.21 5.93 77.95
C VAL F 161 -2.67 5.17 79.17
N LEU F 162 -2.86 3.85 79.21
CA LEU F 162 -2.48 3.03 80.39
C LEU F 162 -0.96 3.04 80.54
N THR F 163 -0.23 3.02 79.43
CA THR F 163 1.26 3.00 79.40
C THR F 163 1.78 4.33 79.97
N LYS F 164 1.27 5.44 79.45
CA LYS F 164 1.63 6.81 79.91
C LYS F 164 1.35 6.97 81.41
N GLU F 165 0.23 6.44 81.90
CA GLU F 165 -0.19 6.58 83.31
C GLU F 165 0.84 5.97 84.26
N ALA F 166 1.54 4.92 83.81
CA ALA F 166 2.52 4.15 84.60
C ALA F 166 3.91 4.79 84.51
N GLN F 167 4.08 5.87 83.74
CA GLN F 167 5.38 6.56 83.59
C GLN F 167 5.93 6.89 84.99
N GLY F 168 7.14 6.43 85.28
CA GLY F 168 7.82 6.64 86.57
C GLY F 168 7.54 5.53 87.59
N LEU F 169 6.49 4.72 87.39
CA LEU F 169 6.06 3.64 88.34
C LEU F 169 6.35 2.27 87.74
N ALA F 170 6.19 2.13 86.44
CA ALA F 170 6.48 0.89 85.68
C ALA F 170 6.77 1.25 84.23
N SER F 171 7.64 0.48 83.57
CA SER F 171 7.98 0.63 82.14
C SER F 171 7.62 -0.65 81.39
N VAL F 172 7.37 -0.52 80.09
CA VAL F 172 6.95 -1.67 79.22
C VAL F 172 8.11 -2.67 79.14
N ARG F 173 7.81 -3.95 79.29
CA ARG F 173 8.78 -5.07 79.16
C ARG F 173 8.57 -5.70 77.78
N TRP F 174 7.31 -6.05 77.49
CA TRP F 174 6.89 -6.55 76.16
C TRP F 174 5.42 -6.23 75.90
N VAL F 175 5.03 -6.30 74.62
CA VAL F 175 3.63 -6.18 74.11
C VAL F 175 3.43 -7.26 73.07
N GLN F 176 2.45 -8.13 73.29
CA GLN F 176 2.05 -9.20 72.33
C GLN F 176 0.66 -8.84 71.81
N ARG F 177 0.52 -8.74 70.48
CA ARG F 177 -0.72 -8.29 69.80
C ARG F 177 -1.30 -9.51 69.09
N GLY F 178 -2.62 -9.67 69.12
CA GLY F 178 -3.28 -10.80 68.46
C GLY F 178 -4.66 -10.42 67.95
N PHE F 179 -5.29 -11.34 67.22
CA PHE F 179 -6.57 -11.10 66.50
C PHE F 179 -7.35 -12.39 66.31
N ARG F 180 -8.66 -12.24 66.21
CA ARG F 180 -9.62 -13.22 65.65
C ARG F 180 -10.33 -12.50 64.49
N ARG F 181 -11.50 -13.00 64.08
CA ARG F 181 -12.30 -12.35 63.01
C ARG F 181 -12.86 -11.03 63.57
N SER F 182 -13.24 -10.11 62.68
CA SER F 182 -13.76 -8.77 63.03
C SER F 182 -15.16 -8.89 63.61
N PRO F 183 -15.66 -7.87 64.36
CA PRO F 183 -17.05 -7.87 64.79
C PRO F 183 -18.02 -8.01 63.61
N GLY F 184 -19.06 -8.83 63.79
CA GLY F 184 -20.10 -9.10 62.78
C GLY F 184 -19.62 -10.11 61.76
N ILE F 185 -18.41 -10.67 61.96
CA ILE F 185 -17.83 -11.70 61.07
C ILE F 185 -17.62 -12.98 61.89
N SER F 186 -18.42 -14.00 61.58
CA SER F 186 -18.35 -15.36 62.16
C SER F 186 -17.59 -16.27 61.19
N GLU F 187 -16.91 -17.28 61.74
CA GLU F 187 -16.10 -18.27 60.98
C GLU F 187 -17.03 -19.01 60.01
N PRO F 188 -16.46 -19.68 58.98
CA PRO F 188 -17.25 -20.63 58.16
C PRO F 188 -18.00 -21.68 59.01
N ASP F 189 -19.33 -21.71 58.86
CA ASP F 189 -20.26 -22.67 59.51
C ASP F 189 -20.30 -22.43 61.02
N GLY F 190 -20.26 -21.16 61.45
CA GLY F 190 -20.46 -20.71 62.85
C GLY F 190 -19.52 -21.39 63.85
N THR F 191 -18.30 -21.76 63.43
CA THR F 191 -17.29 -22.44 64.30
C THR F 191 -16.67 -21.40 65.26
N SER F 192 -15.91 -21.87 66.26
CA SER F 192 -15.54 -21.12 67.49
C SER F 192 -14.46 -20.05 67.19
N MET F 193 -13.30 -20.49 66.69
CA MET F 193 -12.18 -19.62 66.22
C MET F 193 -11.32 -20.45 65.26
N ARG F 194 -10.81 -19.81 64.22
CA ARG F 194 -9.85 -20.39 63.26
C ARG F 194 -8.47 -19.83 63.59
N ASN F 195 -7.48 -20.70 63.72
CA ASN F 195 -6.06 -20.32 63.95
C ASN F 195 -5.35 -20.35 62.59
N LEU F 196 -4.10 -19.91 62.56
CA LEU F 196 -3.35 -19.70 61.29
C LEU F 196 -2.73 -21.02 60.82
N MET F 197 -2.95 -22.12 61.55
CA MET F 197 -2.71 -23.49 61.02
C MET F 197 -3.96 -23.92 60.23
N GLY F 198 -5.03 -23.11 60.28
CA GLY F 198 -6.29 -23.37 59.58
C GLY F 198 -7.25 -24.22 60.41
N GLN F 199 -6.94 -24.42 61.69
CA GLN F 199 -7.70 -25.33 62.59
C GLN F 199 -8.79 -24.57 63.33
N VAL F 200 -9.83 -25.29 63.77
CA VAL F 200 -10.85 -24.81 64.73
C VAL F 200 -10.24 -24.94 66.13
N GLU F 201 -10.25 -23.87 66.92
CA GLU F 201 -9.65 -23.79 68.28
C GLU F 201 -10.77 -23.30 69.22
N GLY F 202 -10.98 -23.99 70.34
CA GLY F 202 -11.86 -23.54 71.45
C GLY F 202 -13.05 -24.46 71.69
N THR F 203 -13.13 -25.58 70.97
CA THR F 203 -14.29 -26.50 70.98
C THR F 203 -14.51 -27.11 72.38
N ALA F 204 -13.51 -27.82 72.90
CA ALA F 204 -13.58 -28.52 74.22
C ALA F 204 -12.91 -27.64 75.28
N ASN F 205 -13.57 -26.53 75.62
CA ASN F 205 -13.06 -25.54 76.59
C ASN F 205 -13.73 -25.78 77.94
N LEU F 206 -13.10 -25.29 79.02
CA LEU F 206 -13.72 -25.23 80.37
C LEU F 206 -14.99 -24.38 80.27
N ASP F 207 -16.10 -24.90 80.79
CA ASP F 207 -17.38 -24.16 80.93
C ASP F 207 -17.44 -23.58 82.35
N PRO F 208 -17.18 -22.27 82.53
CA PRO F 208 -17.23 -21.66 83.86
C PRO F 208 -18.65 -21.55 84.45
N ARG F 209 -19.70 -21.79 83.66
CA ARG F 209 -21.12 -21.78 84.13
C ARG F 209 -21.39 -23.09 84.88
N THR F 210 -20.80 -24.20 84.43
CA THR F 210 -20.95 -25.53 85.06
C THR F 210 -19.86 -25.73 86.13
N ASP F 211 -18.64 -25.25 85.87
CA ASP F 211 -17.43 -25.62 86.67
C ASP F 211 -16.73 -24.34 87.15
N PRO F 212 -17.44 -23.42 87.84
CA PRO F 212 -16.84 -22.16 88.27
C PRO F 212 -15.66 -22.33 89.23
N ASP F 213 -15.65 -23.41 90.02
CA ASP F 213 -14.61 -23.68 91.06
C ASP F 213 -13.26 -24.01 90.41
N LEU F 214 -13.25 -24.35 89.10
CA LEU F 214 -12.00 -24.68 88.36
C LEU F 214 -11.38 -23.44 87.71
N LEU F 215 -12.06 -22.29 87.77
CA LEU F 215 -11.58 -21.02 87.19
C LEU F 215 -11.32 -20.00 88.30
N TRP F 216 -12.31 -19.82 89.17
CA TRP F 216 -12.38 -18.72 90.15
C TRP F 216 -11.90 -19.21 91.52
N HIS F 217 -11.01 -18.44 92.15
CA HIS F 217 -10.61 -18.60 93.58
C HIS F 217 -11.78 -18.12 94.43
N ARG F 218 -12.24 -18.93 95.39
CA ARG F 218 -13.35 -18.54 96.30
C ARG F 218 -12.83 -18.42 97.75
N ASP F 219 -12.79 -19.54 98.48
CA ASP F 219 -12.73 -19.55 99.97
C ASP F 219 -11.27 -19.52 100.43
N GLY F 220 -10.37 -20.19 99.71
CA GLY F 220 -9.04 -20.58 100.20
C GLY F 220 -8.18 -19.38 100.58
N GLU F 221 -7.00 -19.68 101.14
CA GLU F 221 -5.87 -18.75 101.36
C GLU F 221 -5.11 -18.67 100.04
N PRO F 222 -4.64 -17.50 99.56
CA PRO F 222 -4.80 -16.21 100.25
C PRO F 222 -6.12 -15.51 99.95
N GLY F 223 -6.69 -14.81 100.95
CA GLY F 223 -8.04 -14.22 100.93
C GLY F 223 -8.19 -13.14 99.88
N TRP F 224 -7.10 -12.45 99.51
CA TRP F 224 -7.14 -11.31 98.55
C TRP F 224 -7.49 -11.77 97.14
N LEU F 225 -7.37 -13.07 96.83
CA LEU F 225 -7.64 -13.62 95.47
C LEU F 225 -9.12 -14.03 95.31
N THR F 226 -9.99 -13.80 96.29
CA THR F 226 -11.45 -14.09 96.15
C THR F 226 -11.99 -13.38 94.91
N GLY F 227 -12.66 -14.12 94.02
CA GLY F 227 -13.19 -13.61 92.74
C GLY F 227 -12.12 -13.56 91.66
N GLY F 228 -10.90 -13.95 92.00
CA GLY F 228 -9.71 -13.86 91.14
C GLY F 228 -9.36 -15.20 90.53
N THR F 229 -8.19 -15.28 89.91
CA THR F 229 -7.78 -16.46 89.11
C THR F 229 -6.28 -16.34 88.86
N SER F 230 -5.74 -17.29 88.10
CA SER F 230 -4.34 -17.29 87.61
C SER F 230 -4.39 -17.19 86.09
N MET F 231 -3.36 -16.60 85.50
CA MET F 231 -3.25 -16.34 84.04
C MET F 231 -1.91 -16.89 83.58
N VAL F 232 -1.93 -17.70 82.52
CA VAL F 232 -0.72 -18.17 81.78
C VAL F 232 -0.75 -17.53 80.40
N VAL F 233 0.39 -16.97 79.97
CA VAL F 233 0.63 -16.51 78.57
C VAL F 233 1.82 -17.28 78.01
N ARG F 234 1.56 -18.19 77.07
CA ARG F 234 2.58 -18.83 76.22
C ARG F 234 2.48 -18.24 74.82
N ARG F 235 3.55 -17.61 74.33
CA ARG F 235 3.72 -17.25 72.91
C ARG F 235 4.22 -18.50 72.19
N ILE F 236 3.38 -19.11 71.36
CA ILE F 236 3.72 -20.41 70.71
C ILE F 236 3.80 -20.20 69.20
N ALA F 237 5.01 -20.30 68.65
CA ALA F 237 5.31 -20.13 67.22
C ALA F 237 4.82 -21.35 66.43
N MET F 238 4.26 -21.10 65.24
CA MET F 238 3.86 -22.17 64.28
C MET F 238 4.90 -22.21 63.14
N ASN F 239 5.50 -23.36 62.91
CA ASN F 239 6.37 -23.57 61.73
C ASN F 239 5.45 -23.86 60.54
N LEU F 240 4.86 -22.84 59.94
CA LEU F 240 3.91 -23.03 58.80
C LEU F 240 4.65 -23.61 57.59
N ASP F 241 5.95 -23.34 57.43
CA ASP F 241 6.73 -23.86 56.28
C ASP F 241 6.80 -25.40 56.33
N THR F 242 7.08 -26.00 57.48
CA THR F 242 7.11 -27.49 57.64
C THR F 242 5.67 -28.04 57.74
N TRP F 243 4.74 -27.30 58.36
CA TRP F 243 3.29 -27.68 58.41
C TRP F 243 2.75 -27.89 56.99
N ASP F 244 3.25 -27.11 56.03
CA ASP F 244 2.83 -27.16 54.60
C ASP F 244 3.24 -28.49 53.95
N GLU F 245 4.21 -29.21 54.53
CA GLU F 245 4.72 -30.51 54.00
C GLU F 245 3.73 -31.64 54.33
N LEU F 246 2.73 -31.40 55.20
CA LEU F 246 1.76 -32.45 55.60
C LEU F 246 0.53 -32.42 54.69
N SER F 247 0.08 -33.59 54.26
CA SER F 247 -1.29 -33.82 53.73
C SER F 247 -2.31 -33.36 54.78
N ARG F 248 -3.52 -33.10 54.32
CA ARG F 248 -4.73 -32.86 55.15
C ARG F 248 -4.88 -33.97 56.20
N GLY F 249 -4.74 -35.24 55.80
CA GLY F 249 -4.94 -36.41 56.66
C GLY F 249 -3.96 -36.43 57.82
N ALA F 250 -2.70 -36.11 57.55
CA ALA F 250 -1.61 -36.04 58.55
C ALA F 250 -1.84 -34.87 59.51
N ARG F 251 -2.39 -33.75 59.03
CA ARG F 251 -2.70 -32.56 59.87
C ARG F 251 -3.86 -32.88 60.82
N GLU F 252 -4.85 -33.59 60.32
CA GLU F 252 -6.05 -34.00 61.09
C GLU F 252 -5.62 -35.04 62.12
N ALA F 253 -4.77 -35.99 61.75
CA ALA F 253 -4.25 -37.03 62.67
C ALA F 253 -3.48 -36.36 63.81
N THR F 254 -2.75 -35.27 63.52
CA THR F 254 -1.88 -34.52 64.47
C THR F 254 -2.72 -34.00 65.63
N ILE F 255 -3.92 -33.49 65.35
CA ILE F 255 -4.85 -32.88 66.34
C ILE F 255 -5.82 -33.94 66.88
N GLY F 256 -6.35 -34.80 66.01
CA GLY F 256 -7.44 -35.75 66.30
C GLY F 256 -8.80 -35.22 65.88
N ARG F 257 -8.86 -34.12 65.13
CA ARG F 257 -10.12 -33.52 64.61
C ARG F 257 -9.93 -33.04 63.16
N THR F 258 -11.03 -32.97 62.40
CA THR F 258 -11.00 -32.63 60.95
C THR F 258 -10.88 -31.10 60.81
N LEU F 259 -10.35 -30.63 59.69
CA LEU F 259 -10.12 -29.19 59.47
C LEU F 259 -11.42 -28.53 58.99
N ARG F 260 -12.20 -29.24 58.18
CA ARG F 260 -13.42 -28.67 57.57
C ARG F 260 -14.43 -28.40 58.69
N THR F 261 -14.94 -29.45 59.33
CA THR F 261 -16.09 -29.36 60.29
C THR F 261 -15.57 -29.09 61.70
N GLY F 262 -14.36 -29.54 62.04
CA GLY F 262 -13.78 -29.47 63.40
C GLY F 262 -14.24 -30.64 64.26
N ALA F 263 -14.79 -31.69 63.63
CA ALA F 263 -15.31 -32.90 64.28
C ALA F 263 -14.14 -33.80 64.65
N PRO F 264 -14.28 -34.65 65.69
CA PRO F 264 -13.26 -35.65 65.96
C PRO F 264 -13.22 -36.63 64.77
N LEU F 265 -12.08 -37.30 64.57
CA LEU F 265 -11.91 -38.31 63.48
C LEU F 265 -13.02 -39.37 63.59
N THR F 266 -13.59 -39.56 64.79
CA THR F 266 -14.57 -40.63 65.11
C THR F 266 -16.01 -40.15 64.98
N GLY F 267 -16.24 -38.84 64.77
CA GLY F 267 -17.59 -38.24 64.79
C GLY F 267 -17.94 -37.59 63.47
N ARG F 268 -19.04 -36.82 63.44
CA ARG F 268 -19.59 -36.13 62.23
C ARG F 268 -19.64 -34.60 62.43
N ALA F 269 -19.83 -34.11 63.66
CA ALA F 269 -20.03 -32.67 63.98
C ALA F 269 -18.99 -32.16 64.98
N GLU F 270 -18.79 -30.85 65.02
CA GLU F 270 -17.77 -30.17 65.88
C GLU F 270 -17.88 -30.68 67.33
N HIS F 271 -19.10 -30.77 67.85
CA HIS F 271 -19.38 -30.85 69.31
C HIS F 271 -19.58 -32.30 69.76
N ASP F 272 -19.54 -33.26 68.82
CA ASP F 272 -19.47 -34.71 69.14
C ASP F 272 -18.34 -34.96 70.12
N GLU F 273 -18.54 -35.88 71.07
CA GLU F 273 -17.50 -36.35 72.02
C GLU F 273 -16.50 -37.23 71.26
N PRO F 274 -15.20 -36.92 71.33
CA PRO F 274 -14.20 -37.80 70.74
C PRO F 274 -14.27 -39.20 71.37
N ASP F 275 -14.22 -40.26 70.54
CA ASP F 275 -14.20 -41.66 71.00
C ASP F 275 -12.75 -42.16 70.98
N LEU F 276 -12.07 -42.09 72.12
CA LEU F 276 -10.63 -42.41 72.27
C LEU F 276 -10.44 -43.93 72.39
N GLU F 277 -11.53 -44.70 72.43
CA GLU F 277 -11.48 -46.19 72.51
C GLU F 277 -11.64 -46.78 71.10
N ALA F 278 -12.00 -45.97 70.10
CA ALA F 278 -12.35 -46.42 68.73
C ALA F 278 -11.11 -46.91 67.99
N LEU F 279 -11.21 -48.10 67.39
CA LEU F 279 -10.12 -48.73 66.58
C LEU F 279 -10.53 -48.77 65.11
N ASP F 280 -9.55 -48.75 64.20
CA ASP F 280 -9.73 -48.92 62.74
C ASP F 280 -9.74 -50.42 62.44
N ASP F 281 -9.91 -50.81 61.17
CA ASP F 281 -10.02 -52.21 60.70
C ASP F 281 -8.77 -53.01 61.13
N HIS F 282 -7.63 -52.35 61.33
CA HIS F 282 -6.32 -52.98 61.67
C HIS F 282 -6.07 -52.97 63.19
N GLY F 283 -7.04 -52.49 64.00
CA GLY F 283 -6.92 -52.48 65.47
C GLY F 283 -6.03 -51.37 66.00
N ARG F 284 -5.71 -50.36 65.17
CA ARG F 284 -4.99 -49.13 65.55
C ARG F 284 -6.01 -48.10 66.06
N PRO F 285 -5.68 -47.28 67.07
CA PRO F 285 -6.57 -46.20 67.51
C PRO F 285 -6.90 -45.22 66.37
N VAL F 286 -8.18 -44.85 66.21
CA VAL F 286 -8.62 -43.92 65.13
C VAL F 286 -8.00 -42.54 65.40
N ILE F 287 -8.09 -42.09 66.65
CA ILE F 287 -7.37 -40.88 67.16
C ILE F 287 -6.02 -41.38 67.67
N ASP F 288 -4.93 -40.82 67.15
CA ASP F 288 -3.55 -41.30 67.42
C ASP F 288 -3.29 -41.26 68.93
N LEU F 289 -2.43 -42.16 69.43
CA LEU F 289 -2.02 -42.21 70.86
C LEU F 289 -1.33 -40.89 71.26
N GLU F 290 -0.78 -40.16 70.30
CA GLU F 290 0.00 -38.90 70.52
C GLU F 290 -0.70 -37.70 69.88
N ALA F 291 -1.97 -37.86 69.49
CA ALA F 291 -2.83 -36.78 68.95
C ALA F 291 -3.05 -35.73 70.03
N HIS F 292 -3.05 -34.45 69.64
CA HIS F 292 -3.09 -33.28 70.56
C HIS F 292 -4.23 -33.46 71.57
N ILE F 293 -5.42 -33.79 71.11
CA ILE F 293 -6.64 -33.71 71.98
C ILE F 293 -6.68 -34.94 72.89
N ARG F 294 -5.97 -36.01 72.55
CA ARG F 294 -5.83 -37.19 73.43
C ARG F 294 -4.89 -36.80 74.58
N ARG F 295 -3.74 -36.21 74.25
CA ARG F 295 -2.66 -35.90 75.22
C ARG F 295 -3.07 -34.72 76.10
N ALA F 296 -3.93 -33.82 75.60
CA ALA F 296 -4.31 -32.56 76.26
C ALA F 296 -5.57 -32.75 77.12
N ARG F 297 -6.32 -33.81 76.86
CA ARG F 297 -7.58 -34.14 77.59
C ARG F 297 -7.32 -34.12 79.10
N PRO F 298 -8.29 -33.68 79.93
CA PRO F 298 -8.21 -33.86 81.38
C PRO F 298 -8.04 -35.33 81.78
N THR F 299 -7.05 -35.60 82.65
CA THR F 299 -6.79 -36.92 83.30
C THR F 299 -7.54 -36.97 84.64
N GLN F 300 -7.72 -35.82 85.29
CA GLN F 300 -8.54 -35.64 86.52
C GLN F 300 -9.42 -34.41 86.30
N ARG F 301 -10.55 -34.31 87.00
CA ARG F 301 -11.52 -33.20 86.83
C ARG F 301 -10.78 -31.86 86.74
N GLU F 302 -9.76 -31.64 87.57
CA GLU F 302 -9.13 -30.30 87.76
C GLU F 302 -8.14 -29.97 86.63
N GLU F 303 -7.75 -30.95 85.80
CA GLU F 303 -6.74 -30.77 84.73
C GLU F 303 -7.38 -30.16 83.46
N THR F 304 -7.97 -28.98 83.64
CA THR F 304 -8.71 -28.19 82.61
C THR F 304 -8.50 -26.72 82.93
N PHE F 305 -8.75 -25.83 81.98
CA PHE F 305 -8.54 -24.38 82.10
C PHE F 305 -9.29 -23.67 80.96
N LEU F 306 -9.65 -22.41 81.19
CA LEU F 306 -10.30 -21.54 80.17
C LEU F 306 -9.22 -21.05 79.20
N ARG F 307 -9.13 -21.68 78.04
CA ARG F 307 -8.28 -21.18 76.93
C ARG F 307 -8.98 -19.96 76.35
N ARG F 308 -8.22 -18.90 76.10
CA ARG F 308 -8.74 -17.61 75.55
C ARG F 308 -7.67 -17.10 74.59
N ALA F 309 -7.36 -17.90 73.57
CA ALA F 309 -6.21 -17.70 72.66
C ALA F 309 -6.56 -16.73 71.51
N TYR F 310 -5.52 -16.11 70.97
CA TYR F 310 -5.57 -15.15 69.85
C TYR F 310 -4.48 -15.53 68.84
N ASN F 311 -4.69 -15.22 67.56
CA ASN F 311 -3.67 -15.41 66.50
C ASN F 311 -2.66 -14.26 66.59
N TYR F 312 -1.38 -14.55 66.36
CA TYR F 312 -0.36 -13.50 66.11
C TYR F 312 0.27 -13.76 64.74
N ASP F 313 0.57 -12.69 64.04
CA ASP F 313 1.11 -12.68 62.66
C ASP F 313 1.98 -11.44 62.52
N GLU F 314 3.30 -11.58 62.62
CA GLU F 314 4.25 -10.44 62.67
C GLU F 314 4.91 -10.28 61.29
N ALA F 315 5.43 -9.09 60.99
CA ALA F 315 6.38 -8.89 59.88
C ALA F 315 7.45 -9.95 60.05
N PRO F 316 7.69 -10.81 59.04
CA PRO F 316 8.63 -11.92 59.19
C PRO F 316 10.09 -11.51 59.30
N PRO F 317 10.96 -12.33 59.93
CA PRO F 317 12.39 -12.05 60.03
C PRO F 317 13.04 -12.21 58.66
N PRO F 318 14.28 -11.71 58.47
CA PRO F 318 14.90 -11.62 57.15
C PRO F 318 14.70 -12.80 56.18
N GLY F 319 14.88 -14.06 56.56
CA GLY F 319 14.97 -15.17 55.59
C GLY F 319 13.61 -15.80 55.25
N ARG F 320 12.53 -15.39 55.91
CA ARG F 320 11.32 -16.24 56.07
C ARG F 320 10.08 -15.56 55.46
N ALA F 321 9.09 -16.37 55.10
CA ALA F 321 7.77 -15.95 54.56
C ALA F 321 6.88 -15.41 55.69
N SER F 322 6.89 -16.07 56.85
CA SER F 322 5.89 -15.81 57.93
C SER F 322 6.55 -15.82 59.31
N ASP F 323 5.98 -15.05 60.24
CA ASP F 323 6.18 -15.19 61.71
C ASP F 323 4.79 -15.20 62.32
N SER F 324 4.17 -16.38 62.33
CA SER F 324 2.78 -16.62 62.76
C SER F 324 2.80 -17.55 63.97
N GLY F 325 1.77 -17.44 64.81
CA GLY F 325 1.62 -18.37 65.95
C GLY F 325 0.38 -18.10 66.75
N LEU F 326 0.36 -18.65 67.97
CA LEU F 326 -0.79 -18.56 68.90
C LEU F 326 -0.35 -17.77 70.14
N LEU F 327 -1.10 -16.72 70.48
CA LEU F 327 -1.05 -16.09 71.83
C LEU F 327 -1.90 -16.97 72.72
N PHE F 328 -1.28 -17.98 73.33
CA PHE F 328 -1.97 -18.97 74.17
C PHE F 328 -2.13 -18.41 75.57
N VAL F 329 -3.31 -17.84 75.85
CA VAL F 329 -3.69 -17.26 77.16
C VAL F 329 -4.64 -18.23 77.83
N THR F 330 -4.34 -18.69 79.05
CA THR F 330 -5.25 -19.59 79.83
C THR F 330 -5.50 -18.99 81.22
N TYR F 331 -6.71 -19.23 81.75
CA TYR F 331 -7.13 -18.85 83.11
C TYR F 331 -7.60 -20.10 83.87
N GLN F 332 -7.20 -20.22 85.13
CA GLN F 332 -7.49 -21.39 86.01
C GLN F 332 -7.29 -20.98 87.47
N ARG F 333 -7.96 -21.67 88.41
CA ARG F 333 -7.82 -21.36 89.87
C ARG F 333 -6.35 -21.50 90.28
N ASP F 334 -5.68 -22.57 89.85
CA ASP F 334 -4.33 -22.97 90.34
C ASP F 334 -3.50 -23.51 89.17
N VAL F 335 -2.43 -22.79 88.78
CA VAL F 335 -1.56 -23.12 87.62
C VAL F 335 -0.97 -24.52 87.80
N ASP F 336 -0.38 -24.76 88.97
CA ASP F 336 0.38 -26.00 89.32
C ASP F 336 -0.53 -27.23 89.27
N ALA F 337 -1.77 -27.11 89.73
CA ALA F 337 -2.73 -28.23 89.86
C ALA F 337 -3.45 -28.50 88.54
N GLN F 338 -3.60 -27.49 87.67
CA GLN F 338 -4.57 -27.51 86.54
C GLN F 338 -3.82 -27.43 85.20
N PHE F 339 -2.99 -26.40 84.99
CA PHE F 339 -2.32 -26.18 83.68
C PHE F 339 -1.07 -27.06 83.56
N THR F 340 -0.15 -26.92 84.52
CA THR F 340 1.23 -27.49 84.44
C THR F 340 1.21 -29.00 84.20
N PRO F 341 0.31 -29.79 84.84
CA PRO F 341 0.23 -31.23 84.56
C PRO F 341 -0.14 -31.53 83.10
N VAL F 342 -0.96 -30.67 82.48
CA VAL F 342 -1.34 -30.83 81.04
C VAL F 342 -0.12 -30.45 80.17
N GLN F 343 0.48 -29.28 80.42
CA GLN F 343 1.71 -28.85 79.72
C GLN F 343 2.78 -29.94 79.84
N ARG F 344 2.91 -30.57 81.01
CA ARG F 344 3.93 -31.62 81.27
C ARG F 344 3.62 -32.85 80.42
N ARG F 345 2.35 -33.20 80.25
CA ARG F 345 1.92 -34.39 79.46
C ARG F 345 2.19 -34.12 77.96
N LEU F 346 1.95 -32.88 77.48
CA LEU F 346 2.24 -32.50 76.07
C LEU F 346 3.75 -32.49 75.83
N ASP F 347 4.54 -32.02 76.79
CA ASP F 347 6.02 -32.04 76.66
C ASP F 347 6.47 -33.49 76.44
N ALA F 348 5.90 -34.44 77.19
CA ALA F 348 6.31 -35.87 77.17
C ALA F 348 6.00 -36.49 75.79
N ALA F 349 4.83 -36.17 75.21
CA ALA F 349 4.44 -36.63 73.86
C ALA F 349 3.24 -35.84 73.32
N ASP F 350 3.39 -35.28 72.13
CA ASP F 350 2.32 -34.61 71.33
C ASP F 350 2.83 -34.45 69.89
N LEU F 351 2.12 -35.00 68.91
CA LEU F 351 2.52 -34.91 67.47
C LEU F 351 2.68 -33.44 67.06
N LEU F 352 1.83 -32.55 67.61
CA LEU F 352 1.80 -31.09 67.31
C LEU F 352 3.14 -30.42 67.65
N ASN F 353 3.88 -30.95 68.62
CA ASN F 353 5.19 -30.39 69.04
C ASN F 353 6.18 -30.36 67.87
N GLU F 354 5.95 -31.12 66.80
CA GLU F 354 6.87 -31.16 65.62
C GLU F 354 6.72 -29.88 64.78
N TRP F 355 5.61 -29.13 64.92
CA TRP F 355 5.27 -27.95 64.07
C TRP F 355 4.96 -26.71 64.91
N THR F 356 5.12 -26.77 66.23
CA THR F 356 4.92 -25.65 67.17
C THR F 356 6.10 -25.62 68.13
N PHE F 357 6.38 -24.47 68.75
CA PHE F 357 7.39 -24.39 69.85
C PHE F 357 7.12 -23.12 70.68
N PRO F 358 7.19 -23.22 72.03
CA PRO F 358 6.99 -22.06 72.89
C PRO F 358 8.22 -21.14 72.85
N VAL F 359 7.99 -19.85 72.62
CA VAL F 359 9.08 -18.81 72.59
C VAL F 359 8.88 -17.79 73.72
N GLY F 360 7.78 -17.88 74.48
CA GLY F 360 7.50 -17.00 75.62
C GLY F 360 6.63 -17.66 76.66
N SER F 361 6.90 -17.40 77.95
CA SER F 361 6.14 -17.96 79.10
C SER F 361 6.02 -16.92 80.22
N ALA F 362 4.80 -16.69 80.71
CA ALA F 362 4.53 -15.75 81.82
C ALA F 362 3.35 -16.25 82.67
N VAL F 363 3.49 -16.17 84.00
CA VAL F 363 2.44 -16.55 84.97
C VAL F 363 2.08 -15.32 85.79
N PHE F 364 0.78 -15.08 86.00
CA PHE F 364 0.26 -13.92 86.75
C PHE F 364 -0.89 -14.37 87.66
N ALA F 365 -1.02 -13.70 88.80
CA ALA F 365 -2.16 -13.79 89.73
C ALA F 365 -3.11 -12.67 89.37
N VAL F 366 -4.39 -13.00 89.18
CA VAL F 366 -5.42 -12.04 88.71
C VAL F 366 -6.35 -11.73 89.89
N PRO F 367 -6.31 -10.49 90.42
CA PRO F 367 -7.26 -10.10 91.45
C PRO F 367 -8.71 -10.33 91.01
N GLY F 368 -9.59 -10.39 92.01
CA GLY F 368 -11.05 -10.41 91.83
C GLY F 368 -11.49 -9.08 91.28
N GLY F 369 -12.78 -8.95 91.03
CA GLY F 369 -13.39 -7.70 90.54
C GLY F 369 -13.52 -6.68 91.65
N TRP F 370 -14.16 -5.56 91.34
CA TRP F 370 -14.37 -4.41 92.24
C TRP F 370 -15.63 -3.66 91.80
N SER F 371 -16.14 -2.82 92.70
CA SER F 371 -17.37 -2.00 92.55
C SER F 371 -17.00 -0.52 92.57
N ALA F 372 -17.93 0.33 92.12
CA ALA F 372 -17.79 1.79 92.10
C ALA F 372 -17.18 2.22 93.45
N GLY F 373 -16.03 2.88 93.45
CA GLY F 373 -15.37 3.39 94.67
C GLY F 373 -14.23 2.53 95.14
N GLU F 374 -14.07 1.32 94.62
CA GLU F 374 -12.93 0.41 94.95
C GLU F 374 -11.87 0.55 93.85
N TYR F 375 -10.75 -0.18 93.94
CA TYR F 375 -9.69 -0.21 92.90
C TYR F 375 -9.14 -1.64 92.75
N VAL F 376 -8.68 -1.96 91.55
CA VAL F 376 -8.24 -3.35 91.20
C VAL F 376 -7.03 -3.70 92.08
N GLY F 377 -7.10 -4.84 92.77
CA GLY F 377 -5.99 -5.38 93.59
C GLY F 377 -6.02 -4.82 95.00
N GLN F 378 -7.08 -4.08 95.33
CA GLN F 378 -7.22 -3.39 96.65
C GLN F 378 -7.06 -4.37 97.81
N ARG F 379 -7.69 -5.55 97.75
CA ARG F 379 -7.67 -6.56 98.85
C ARG F 379 -6.22 -7.03 99.09
N LEU F 380 -5.37 -7.03 98.06
CA LEU F 380 -3.92 -7.36 98.25
C LEU F 380 -3.22 -6.20 98.99
N LEU F 381 -3.36 -4.97 98.50
CA LEU F 381 -2.49 -3.82 98.90
C LEU F 381 -2.92 -3.24 100.26
N GLU F 382 -4.04 -3.70 100.82
CA GLU F 382 -4.42 -3.44 102.25
C GLU F 382 -3.63 -4.48 103.01
N GLY F 383 -2.44 -4.11 103.44
CA GLY F 383 -1.64 -4.92 104.38
C GLY F 383 -1.06 -6.12 103.66
N ALA G 23 -11.30 0.22 -71.34
CA ALA G 23 -10.05 0.79 -71.96
C ALA G 23 -9.24 1.53 -70.88
N GLY G 24 -7.93 1.28 -70.83
CA GLY G 24 -7.01 1.97 -69.91
C GLY G 24 -5.75 2.45 -70.63
N PRO G 25 -4.91 3.27 -69.96
CA PRO G 25 -3.71 3.81 -70.60
C PRO G 25 -2.71 2.73 -71.03
N GLY G 26 -2.84 1.51 -70.51
CA GLY G 26 -2.00 0.36 -70.92
C GLY G 26 -2.29 -0.12 -72.34
N ASP G 27 -3.52 0.08 -72.82
CA ASP G 27 -4.02 -0.47 -74.11
C ASP G 27 -3.66 0.47 -75.27
N VAL G 28 -3.18 1.69 -74.97
CA VAL G 28 -2.98 2.73 -76.01
C VAL G 28 -1.84 2.27 -76.94
N VAL G 29 -2.13 2.20 -78.24
CA VAL G 29 -1.17 1.98 -79.36
C VAL G 29 -0.98 3.32 -80.08
N VAL G 30 0.25 3.81 -80.13
CA VAL G 30 0.67 4.96 -80.98
C VAL G 30 1.20 4.40 -82.29
N PRO G 31 0.62 4.77 -83.45
CA PRO G 31 1.09 4.24 -84.74
C PRO G 31 2.57 4.59 -84.93
N CYS G 32 3.37 3.60 -85.32
CA CYS G 32 4.83 3.76 -85.57
C CYS G 32 5.05 4.13 -87.06
N HIS G 33 4.01 3.95 -87.90
CA HIS G 33 4.02 4.31 -89.35
C HIS G 33 3.44 5.70 -89.58
N GLY G 34 4.07 6.45 -90.49
CA GLY G 34 3.55 7.72 -90.99
C GLY G 34 4.60 8.47 -91.80
N GLU G 35 4.25 9.67 -92.27
CA GLU G 35 5.18 10.67 -92.87
C GLU G 35 6.40 10.83 -91.95
N HIS G 36 6.20 10.85 -90.63
CA HIS G 36 7.29 11.07 -89.63
C HIS G 36 7.39 9.88 -88.68
N GLN G 37 8.53 9.73 -88.01
CA GLN G 37 8.70 8.79 -86.86
C GLN G 37 7.80 9.30 -85.73
N ALA G 38 7.21 8.38 -84.95
CA ALA G 38 6.47 8.72 -83.72
C ALA G 38 7.49 9.09 -82.65
N GLY G 39 7.05 9.71 -81.56
CA GLY G 39 7.89 10.02 -80.39
C GLY G 39 8.51 11.38 -80.48
N ILE G 40 8.05 12.20 -81.43
CA ILE G 40 8.55 13.60 -81.65
C ILE G 40 7.40 14.58 -81.42
N VAL G 41 6.34 14.53 -82.25
CA VAL G 41 5.12 15.38 -82.03
C VAL G 41 4.07 14.58 -81.26
N THR G 42 4.29 13.27 -81.09
CA THR G 42 3.47 12.43 -80.17
C THR G 42 3.45 13.12 -78.81
N PRO G 43 2.27 13.34 -78.19
CA PRO G 43 2.20 13.91 -76.84
C PRO G 43 3.13 13.11 -75.94
N PRO G 44 4.04 13.79 -75.18
CA PRO G 44 5.01 13.06 -74.37
C PRO G 44 4.38 12.21 -73.27
N PRO G 45 4.66 10.90 -73.23
CA PRO G 45 4.18 10.03 -72.16
C PRO G 45 5.11 10.10 -70.95
N SER G 46 4.82 9.33 -69.90
CA SER G 46 5.40 9.49 -68.55
C SER G 46 6.91 9.20 -68.52
N PHE G 47 7.41 8.23 -69.30
CA PHE G 47 8.80 7.74 -69.14
C PHE G 47 9.57 7.74 -70.45
N ILE G 48 10.90 7.87 -70.32
CA ILE G 48 11.90 7.90 -71.41
C ILE G 48 13.16 7.15 -71.00
N ALA G 49 13.74 6.40 -71.94
CA ALA G 49 15.13 5.91 -71.88
C ALA G 49 15.77 6.26 -73.22
N LEU G 50 16.79 7.10 -73.21
CA LEU G 50 17.61 7.38 -74.41
C LEU G 50 18.78 6.40 -74.35
N VAL G 51 18.83 5.46 -75.29
CA VAL G 51 19.91 4.44 -75.39
C VAL G 51 20.81 4.80 -76.58
N ALA G 52 21.99 5.32 -76.29
CA ALA G 52 23.07 5.57 -77.27
C ALA G 52 23.85 4.28 -77.44
N LEU G 53 24.09 3.87 -78.68
CA LEU G 53 24.91 2.69 -79.00
C LEU G 53 26.06 3.12 -79.90
N ASP G 54 27.17 2.39 -79.84
CA ASP G 54 28.34 2.56 -80.74
C ASP G 54 28.44 1.31 -81.63
N LEU G 55 28.61 1.51 -82.93
CA LEU G 55 28.72 0.40 -83.92
C LEU G 55 29.99 -0.39 -83.65
N ALA G 56 29.97 -1.69 -83.92
CA ALA G 56 31.15 -2.58 -83.87
C ALA G 56 32.20 -2.08 -84.87
N SER G 57 33.48 -2.31 -84.55
CA SER G 57 34.66 -2.00 -85.39
C SER G 57 34.52 -2.63 -86.77
N THR G 58 33.81 -3.76 -86.87
CA THR G 58 33.66 -4.58 -88.10
C THR G 58 32.52 -4.04 -88.97
N SER G 59 31.76 -3.05 -88.50
CA SER G 59 30.55 -2.50 -89.17
C SER G 59 30.84 -2.07 -90.63
N ASP G 60 29.88 -2.32 -91.52
CA ASP G 60 29.83 -1.77 -92.91
C ASP G 60 28.36 -1.44 -93.20
N ARG G 61 28.07 -0.99 -94.41
CA ARG G 61 26.68 -0.62 -94.84
C ARG G 61 25.72 -1.78 -94.54
N ALA G 62 26.14 -3.02 -94.77
CA ALA G 62 25.27 -4.21 -94.65
C ALA G 62 24.89 -4.43 -93.18
N SER G 63 25.87 -4.31 -92.27
CA SER G 63 25.70 -4.37 -90.80
C SER G 63 24.64 -3.36 -90.36
N VAL G 64 24.84 -2.10 -90.75
CA VAL G 64 23.96 -0.98 -90.31
C VAL G 64 22.55 -1.27 -90.82
N GLU G 65 22.44 -1.70 -92.09
CA GLU G 65 21.14 -2.00 -92.70
C GLU G 65 20.43 -3.10 -91.92
N ARG G 66 21.10 -4.23 -91.70
CA ARG G 66 20.56 -5.38 -90.92
C ARG G 66 20.05 -4.88 -89.57
N LEU G 67 20.87 -4.11 -88.85
CA LEU G 67 20.52 -3.58 -87.51
C LEU G 67 19.21 -2.78 -87.58
N LEU G 68 19.10 -1.84 -88.52
CA LEU G 68 17.89 -1.00 -88.70
C LEU G 68 16.68 -1.87 -89.07
N ARG G 69 16.90 -2.93 -89.82
CA ARG G 69 15.81 -3.82 -90.28
C ARG G 69 15.30 -4.67 -89.12
N VAL G 70 16.19 -5.26 -88.31
CA VAL G 70 15.75 -6.09 -87.13
C VAL G 70 15.05 -5.15 -86.13
N TRP G 71 15.55 -3.93 -85.95
CA TRP G 71 14.93 -2.94 -85.04
C TRP G 71 13.54 -2.55 -85.54
N THR G 72 13.38 -2.37 -86.85
CA THR G 72 12.07 -2.00 -87.45
C THR G 72 11.04 -3.07 -87.08
N VAL G 73 11.40 -4.35 -87.23
CA VAL G 73 10.50 -5.47 -86.82
C VAL G 73 10.10 -5.29 -85.35
N ASP G 74 11.10 -5.11 -84.47
CA ASP G 74 10.89 -5.02 -82.99
C ASP G 74 10.04 -3.80 -82.67
N ILE G 75 10.28 -2.66 -83.32
CA ILE G 75 9.50 -1.42 -83.08
C ILE G 75 8.06 -1.69 -83.51
N GLU G 76 7.83 -2.27 -84.68
CA GLU G 76 6.47 -2.49 -85.22
C GLU G 76 5.70 -3.43 -84.28
N ARG G 77 6.39 -4.41 -83.70
CA ARG G 77 5.80 -5.42 -82.78
C ARG G 77 5.56 -4.83 -81.39
N LEU G 78 6.62 -4.35 -80.73
CA LEU G 78 6.54 -3.90 -79.31
C LEU G 78 5.49 -2.79 -79.19
N THR G 79 5.44 -1.85 -80.14
CA THR G 79 4.53 -0.67 -80.09
C THR G 79 3.07 -1.08 -80.27
N THR G 80 2.80 -2.30 -80.75
CA THR G 80 1.43 -2.85 -80.96
C THR G 80 1.17 -3.94 -79.92
N GLY G 81 2.06 -4.08 -78.93
CA GLY G 81 1.88 -5.03 -77.81
C GLY G 81 2.06 -6.47 -78.25
N ARG G 82 2.91 -6.69 -79.27
CA ARG G 82 3.37 -8.04 -79.68
C ARG G 82 4.82 -8.18 -79.25
N PRO G 83 5.25 -9.38 -78.83
CA PRO G 83 6.66 -9.63 -78.54
C PRO G 83 7.58 -9.30 -79.71
N GLY G 84 8.80 -8.91 -79.41
CA GLY G 84 9.87 -8.66 -80.40
C GLY G 84 10.39 -9.96 -80.98
N LEU G 85 11.41 -9.86 -81.83
CA LEU G 85 12.02 -11.00 -82.56
C LEU G 85 12.94 -11.73 -81.58
N ALA G 86 13.89 -11.00 -80.98
CA ALA G 86 14.80 -11.51 -79.92
C ALA G 86 14.15 -11.21 -78.54
N ASP G 87 12.99 -11.81 -78.29
CA ASP G 87 12.13 -11.55 -77.11
C ASP G 87 11.78 -12.88 -76.45
N SER G 88 12.47 -13.18 -75.36
CA SER G 88 12.29 -14.40 -74.52
C SER G 88 11.30 -14.15 -73.38
N GLU G 89 10.80 -12.91 -73.21
CA GLU G 89 9.80 -12.56 -72.16
C GLU G 89 8.59 -11.92 -72.82
N PRO G 90 7.85 -12.66 -73.67
CA PRO G 90 6.72 -12.11 -74.41
C PRO G 90 5.63 -11.45 -73.56
N GLU G 91 5.36 -12.00 -72.39
CA GLU G 91 4.31 -11.50 -71.45
C GLU G 91 4.65 -10.06 -71.01
N LEU G 92 5.92 -9.67 -71.02
CA LEU G 92 6.37 -8.30 -70.64
C LEU G 92 6.09 -7.33 -71.79
N ALA G 93 5.63 -7.83 -72.95
CA ALA G 93 5.40 -7.03 -74.18
C ALA G 93 3.91 -6.74 -74.39
N LEU G 94 3.01 -7.46 -73.72
CA LEU G 94 1.57 -7.48 -74.09
C LEU G 94 0.90 -6.14 -73.80
N VAL G 95 1.51 -5.28 -73.00
CA VAL G 95 0.93 -3.97 -72.60
C VAL G 95 1.75 -2.88 -73.29
N PRO G 96 1.26 -2.32 -74.43
CA PRO G 96 2.05 -1.35 -75.20
C PRO G 96 2.23 -0.02 -74.47
N ALA G 97 1.22 0.46 -73.75
CA ALA G 97 1.30 1.68 -72.91
C ALA G 97 1.88 2.87 -73.72
N ALA G 98 1.38 3.09 -74.93
CA ALA G 98 1.74 4.22 -75.82
C ALA G 98 3.25 4.18 -76.17
N LEU G 99 3.86 2.99 -76.18
CA LEU G 99 5.32 2.84 -76.50
C LEU G 99 5.60 3.53 -77.83
N THR G 100 6.67 4.34 -77.88
CA THR G 100 7.34 4.84 -79.11
C THR G 100 8.83 4.54 -79.01
N VAL G 101 9.47 4.26 -80.15
CA VAL G 101 10.95 4.22 -80.33
C VAL G 101 11.25 5.20 -81.45
N THR G 102 12.11 6.17 -81.19
CA THR G 102 12.59 7.16 -82.19
C THR G 102 14.07 6.88 -82.43
N VAL G 103 14.46 6.65 -83.69
CA VAL G 103 15.85 6.30 -84.08
C VAL G 103 16.54 7.56 -84.60
N GLY G 104 17.72 7.85 -84.06
CA GLY G 104 18.59 8.93 -84.54
C GLY G 104 19.95 8.39 -84.91
N PHE G 105 20.57 8.99 -85.92
CA PHE G 105 21.90 8.58 -86.43
C PHE G 105 22.91 9.67 -86.09
N GLY G 106 24.01 9.28 -85.45
CA GLY G 106 25.18 10.12 -85.23
C GLY G 106 26.10 10.05 -86.43
N PRO G 107 27.08 10.96 -86.56
CA PRO G 107 27.97 11.00 -87.72
C PRO G 107 28.66 9.66 -87.99
N GLY G 108 29.06 8.96 -86.90
CA GLY G 108 29.78 7.69 -86.93
C GLY G 108 29.00 6.62 -87.68
N LEU G 109 27.66 6.67 -87.62
CA LEU G 109 26.83 5.69 -88.36
C LEU G 109 27.04 5.90 -89.87
N LEU G 110 27.00 7.16 -90.32
CA LEU G 110 27.14 7.47 -91.77
C LEU G 110 28.56 7.12 -92.23
N THR G 111 29.56 7.43 -91.41
CA THR G 111 30.96 7.05 -91.65
C THR G 111 31.05 5.53 -91.84
N ALA G 112 30.52 4.75 -90.89
CA ALA G 112 30.64 3.28 -90.87
C ALA G 112 29.95 2.68 -92.10
N ALA G 113 28.82 3.27 -92.53
CA ALA G 113 28.05 2.81 -93.72
C ALA G 113 28.70 3.29 -95.03
N GLY G 114 29.70 4.16 -94.99
CA GLY G 114 30.35 4.73 -96.19
C GLY G 114 29.46 5.76 -96.85
N LEU G 115 28.84 6.64 -96.04
CA LEU G 115 27.79 7.59 -96.49
C LEU G 115 28.08 8.99 -95.93
N ARG G 116 29.36 9.32 -95.69
CA ARG G 116 29.78 10.64 -95.19
C ARG G 116 29.21 11.73 -96.11
N HIS G 117 29.21 11.47 -97.42
CA HIS G 117 28.73 12.40 -98.48
C HIS G 117 27.22 12.67 -98.32
N ARG G 118 26.49 11.88 -97.53
CA ARG G 118 25.04 12.06 -97.28
C ARG G 118 24.79 12.79 -95.96
N ALA G 119 25.84 13.08 -95.19
CA ALA G 119 25.75 13.79 -93.88
C ALA G 119 25.29 15.22 -94.15
N PRO G 120 24.22 15.72 -93.49
CA PRO G 120 23.95 17.16 -93.49
C PRO G 120 25.09 17.93 -92.81
N ALA G 121 25.26 19.19 -93.19
CA ALA G 121 26.28 20.12 -92.63
C ALA G 121 26.16 20.23 -91.10
N TRP G 122 24.97 20.02 -90.53
CA TRP G 122 24.73 20.22 -89.07
C TRP G 122 24.95 18.92 -88.27
N LEU G 123 25.36 17.82 -88.89
CA LEU G 123 25.55 16.54 -88.15
C LEU G 123 26.97 16.47 -87.58
N HIS G 124 27.17 17.08 -86.42
CA HIS G 124 28.48 17.18 -85.70
C HIS G 124 28.18 17.58 -84.26
N PRO G 125 29.09 17.29 -83.30
CA PRO G 125 28.92 17.77 -81.94
C PRO G 125 28.68 19.29 -81.92
N LEU G 126 27.88 19.78 -80.96
CA LEU G 126 27.73 21.23 -80.74
C LEU G 126 29.13 21.80 -80.52
N PRO G 127 29.39 23.08 -80.86
CA PRO G 127 30.65 23.71 -80.50
C PRO G 127 30.76 23.77 -78.98
N PRO G 128 31.97 23.89 -78.39
CA PRO G 128 32.11 24.00 -76.94
C PRO G 128 31.63 25.37 -76.44
N PHE G 129 31.06 25.40 -75.23
CA PHE G 129 30.57 26.61 -74.54
C PHE G 129 31.29 26.73 -73.19
N GLY G 130 31.53 27.97 -72.73
CA GLY G 130 32.14 28.26 -71.42
C GLY G 130 31.44 27.51 -70.28
N ILE G 131 30.12 27.36 -70.37
CA ILE G 131 29.27 26.75 -69.31
C ILE G 131 29.41 25.22 -69.29
N ASP G 132 29.93 24.62 -70.37
CA ASP G 132 30.01 23.14 -70.53
C ASP G 132 30.85 22.53 -69.40
N ARG G 133 30.33 21.51 -68.73
CA ARG G 133 31.10 20.59 -67.84
C ARG G 133 30.97 19.17 -68.39
N LEU G 134 31.20 19.00 -69.69
CA LEU G 134 30.80 17.77 -70.43
C LEU G 134 31.62 16.58 -69.97
N ASP G 135 30.91 15.53 -69.55
CA ASP G 135 31.45 14.18 -69.21
C ASP G 135 31.32 13.29 -70.45
N PRO G 136 32.45 12.88 -71.07
CA PRO G 136 32.41 12.07 -72.29
C PRO G 136 31.45 10.86 -72.26
N ALA G 137 31.22 10.28 -71.08
CA ALA G 137 30.34 9.09 -70.87
C ALA G 137 28.88 9.46 -71.11
N TRP G 138 28.53 10.74 -71.17
CA TRP G 138 27.15 11.21 -71.47
C TRP G 138 27.12 11.91 -72.84
N CYS G 139 28.18 11.77 -73.63
CA CYS G 139 28.35 12.52 -74.92
C CYS G 139 28.32 11.55 -76.12
N ASP G 140 27.86 12.07 -77.25
CA ASP G 140 27.96 11.47 -78.61
C ASP G 140 27.23 10.13 -78.65
N GLY G 141 27.66 9.22 -79.52
CA GLY G 141 26.97 7.98 -79.91
C GLY G 141 26.77 7.91 -81.42
N ASP G 142 27.07 6.75 -82.02
CA ASP G 142 26.83 6.47 -83.46
C ASP G 142 25.32 6.40 -83.73
N VAL G 143 24.52 5.91 -82.78
CA VAL G 143 23.04 5.80 -82.99
C VAL G 143 22.36 5.89 -81.63
N VAL G 144 21.10 6.35 -81.62
CA VAL G 144 20.32 6.51 -80.38
C VAL G 144 18.92 5.94 -80.60
N LEU G 145 18.38 5.28 -79.57
CA LEU G 145 16.94 4.93 -79.47
C LEU G 145 16.33 5.80 -78.36
N GLN G 146 15.46 6.74 -78.71
CA GLN G 146 14.59 7.38 -77.70
C GLN G 146 13.40 6.47 -77.49
N VAL G 147 13.34 5.79 -76.35
CA VAL G 147 12.26 4.83 -75.99
C VAL G 147 11.38 5.50 -74.93
N CYS G 148 10.12 5.69 -75.26
CA CYS G 148 9.12 6.42 -74.45
C CYS G 148 7.89 5.53 -74.23
N ALA G 149 7.33 5.54 -73.02
CA ALA G 149 6.11 4.79 -72.66
C ALA G 149 5.50 5.33 -71.36
N ASP G 150 4.23 5.01 -71.14
CA ASP G 150 3.47 5.38 -69.92
C ASP G 150 3.63 4.29 -68.86
N ASP G 151 4.54 3.33 -69.05
CA ASP G 151 4.77 2.20 -68.12
C ASP G 151 6.24 1.80 -68.12
N ARG G 152 6.81 1.60 -66.92
CA ARG G 152 8.27 1.40 -66.71
C ARG G 152 8.67 -0.05 -67.05
N THR G 153 7.76 -1.01 -66.86
CA THR G 153 8.03 -2.43 -67.19
C THR G 153 8.04 -2.57 -68.71
N THR G 154 7.07 -1.97 -69.40
CA THR G 154 7.01 -1.92 -70.89
C THR G 154 8.32 -1.33 -71.43
N LEU G 155 8.80 -0.26 -70.80
CA LEU G 155 10.02 0.47 -71.23
C LEU G 155 11.24 -0.41 -71.00
N ALA G 156 11.34 -1.01 -69.80
CA ALA G 156 12.45 -1.88 -69.41
C ALA G 156 12.53 -3.04 -70.40
N HIS G 157 11.39 -3.62 -70.74
CA HIS G 157 11.33 -4.75 -71.71
C HIS G 157 11.81 -4.30 -73.08
N ALA G 158 11.21 -3.25 -73.63
CA ALA G 158 11.55 -2.71 -74.97
C ALA G 158 13.06 -2.49 -75.05
N VAL G 159 13.64 -1.81 -74.05
CA VAL G 159 15.10 -1.52 -73.99
C VAL G 159 15.88 -2.84 -74.02
N ARG G 160 15.46 -3.83 -73.25
CA ARG G 160 16.14 -5.15 -73.19
C ARG G 160 16.10 -5.79 -74.59
N VAL G 161 14.94 -5.78 -75.25
CA VAL G 161 14.76 -6.44 -76.58
C VAL G 161 15.62 -5.72 -77.61
N LEU G 162 15.53 -4.40 -77.69
CA LEU G 162 16.24 -3.60 -78.74
C LEU G 162 17.75 -3.73 -78.54
N THR G 163 18.21 -3.77 -77.28
CA THR G 163 19.64 -3.87 -76.93
C THR G 163 20.17 -5.25 -77.37
N LYS G 164 19.47 -6.30 -77.00
CA LYS G 164 19.81 -7.71 -77.38
C LYS G 164 19.85 -7.86 -78.91
N GLU G 165 18.94 -7.23 -79.63
CA GLU G 165 18.82 -7.35 -81.10
C GLU G 165 20.12 -6.84 -81.77
N ALA G 166 20.76 -5.84 -81.16
CA ALA G 166 21.97 -5.16 -81.69
C ALA G 166 23.24 -5.92 -81.29
N GLN G 167 23.12 -7.01 -80.51
CA GLN G 167 24.30 -7.82 -80.08
C GLN G 167 25.13 -8.17 -81.32
N GLY G 168 26.42 -7.81 -81.29
CA GLY G 168 27.37 -8.07 -82.39
C GLY G 168 27.44 -6.94 -83.41
N LEU G 169 26.43 -6.05 -83.47
CA LEU G 169 26.31 -4.97 -84.48
C LEU G 169 26.54 -3.60 -83.82
N ALA G 170 26.10 -3.44 -82.58
CA ALA G 170 26.32 -2.22 -81.77
C ALA G 170 26.27 -2.59 -80.29
N SER G 171 26.99 -1.87 -79.45
CA SER G 171 26.99 -2.02 -77.98
C SER G 171 26.53 -0.70 -77.34
N VAL G 172 25.98 -0.79 -76.13
CA VAL G 172 25.46 0.38 -75.36
C VAL G 172 26.63 1.29 -75.01
N ARG G 173 26.48 2.59 -75.22
CA ARG G 173 27.47 3.61 -74.84
C ARG G 173 26.99 4.29 -73.56
N TRP G 174 25.73 4.73 -73.57
CA TRP G 174 25.04 5.27 -72.37
C TRP G 174 23.53 5.07 -72.47
N VAL G 175 22.87 5.16 -71.32
CA VAL G 175 21.39 5.15 -71.16
C VAL G 175 21.04 6.25 -70.17
N GLN G 176 20.22 7.20 -70.59
CA GLN G 176 19.67 8.29 -69.74
C GLN G 176 18.19 8.03 -69.55
N ARG G 177 17.74 7.95 -68.31
CA ARG G 177 16.35 7.61 -67.92
C ARG G 177 15.72 8.87 -67.34
N GLY G 178 14.46 9.13 -67.68
CA GLY G 178 13.74 10.32 -67.18
C GLY G 178 12.27 10.05 -67.03
N PHE G 179 11.54 11.03 -66.47
CA PHE G 179 10.12 10.89 -66.06
C PHE G 179 9.42 12.25 -66.04
N ARG G 180 8.11 12.19 -66.23
CA ARG G 180 7.12 13.24 -65.88
C ARG G 180 6.13 12.58 -64.92
N ARG G 181 4.95 13.16 -64.76
CA ARG G 181 3.87 12.57 -63.93
C ARG G 181 3.36 11.30 -64.63
N SER G 182 2.71 10.42 -63.87
CA SER G 182 2.16 9.13 -64.36
C SER G 182 0.95 9.37 -65.27
N PRO G 183 0.56 8.39 -66.11
CA PRO G 183 -0.68 8.48 -66.88
C PRO G 183 -1.89 8.75 -65.98
N GLY G 184 -2.77 9.65 -66.42
CA GLY G 184 -4.00 10.03 -65.71
C GLY G 184 -3.71 11.01 -64.59
N ILE G 185 -2.46 11.45 -64.47
CA ILE G 185 -2.02 12.45 -63.44
C ILE G 185 -1.51 13.69 -64.17
N SER G 186 -2.28 14.77 -64.08
CA SER G 186 -2.01 16.10 -64.65
C SER G 186 -1.44 17.00 -63.54
N GLU G 187 -0.58 17.95 -63.91
CA GLU G 187 0.07 18.88 -62.96
C GLU G 187 -1.01 19.70 -62.25
N PRO G 188 -0.68 20.34 -61.10
CA PRO G 188 -1.59 21.31 -60.48
C PRO G 188 -2.05 22.41 -61.47
N ASP G 189 -3.36 22.53 -61.66
CA ASP G 189 -4.05 23.55 -62.50
C ASP G 189 -3.70 23.33 -63.99
N GLY G 190 -3.64 22.06 -64.41
CA GLY G 190 -3.51 21.62 -65.82
C GLY G 190 -2.30 22.21 -66.52
N THR G 191 -1.19 22.49 -65.79
CA THR G 191 0.06 23.07 -66.37
C THR G 191 0.80 21.99 -67.17
N SER G 192 1.83 22.37 -67.94
CA SER G 192 2.42 21.56 -69.05
C SER G 192 3.32 20.44 -68.50
N MET G 193 4.36 20.80 -67.73
CA MET G 193 5.28 19.86 -67.02
C MET G 193 5.95 20.62 -65.88
N ARG G 194 6.14 19.95 -64.75
CA ARG G 194 6.87 20.47 -63.57
C ARG G 194 8.25 19.81 -63.57
N ASN G 195 9.31 20.60 -63.45
CA ASN G 195 10.71 20.09 -63.36
C ASN G 195 11.09 20.09 -61.88
N LEU G 196 12.27 19.56 -61.56
CA LEU G 196 12.70 19.31 -60.16
C LEU G 196 13.29 20.59 -59.57
N MET G 197 13.32 21.68 -60.32
CA MET G 197 13.53 23.04 -59.75
C MET G 197 12.17 23.58 -59.26
N GLY G 198 11.08 22.86 -59.56
CA GLY G 198 9.72 23.23 -59.16
C GLY G 198 9.05 24.12 -60.18
N GLN G 199 9.66 24.29 -61.36
CA GLN G 199 9.20 25.25 -62.40
C GLN G 199 8.25 24.55 -63.38
N VAL G 200 7.40 25.34 -64.04
CA VAL G 200 6.59 24.93 -65.22
C VAL G 200 7.51 25.01 -66.44
N GLU G 201 7.61 23.93 -67.22
CA GLU G 201 8.51 23.79 -68.40
C GLU G 201 7.63 23.39 -69.58
N GLY G 202 7.75 24.07 -70.72
CA GLY G 202 7.11 23.70 -71.99
C GLY G 202 6.09 24.72 -72.49
N THR G 203 5.95 25.84 -71.81
CA THR G 203 4.87 26.85 -72.09
C THR G 203 5.03 27.45 -73.49
N ALA G 204 6.19 28.08 -73.76
CA ALA G 204 6.48 28.74 -75.06
C ALA G 204 7.33 27.79 -75.90
N ASN G 205 6.69 26.74 -76.42
CA ASN G 205 7.32 25.70 -77.26
C ASN G 205 6.99 25.98 -78.73
N LEU G 206 7.80 25.44 -79.64
CA LEU G 206 7.51 25.40 -81.08
C LEU G 206 6.18 24.68 -81.29
N ASP G 207 5.27 25.29 -82.05
CA ASP G 207 4.01 24.65 -82.50
C ASP G 207 4.23 24.09 -83.90
N PRO G 208 4.42 22.76 -84.04
CA PRO G 208 4.61 22.16 -85.36
C PRO G 208 3.37 22.17 -86.27
N ARG G 209 2.19 22.51 -85.75
CA ARG G 209 0.94 22.65 -86.55
C ARG G 209 0.97 23.98 -87.31
N THR G 210 1.54 25.03 -86.71
CA THR G 210 1.68 26.37 -87.32
C THR G 210 2.99 26.45 -88.10
N ASP G 211 4.07 25.86 -87.57
CA ASP G 211 5.45 26.10 -88.07
C ASP G 211 6.14 24.77 -88.39
N PRO G 212 5.52 23.90 -89.24
CA PRO G 212 6.09 22.57 -89.53
C PRO G 212 7.48 22.64 -90.19
N ASP G 213 7.76 23.70 -90.94
CA ASP G 213 9.02 23.87 -91.72
C ASP G 213 10.21 24.09 -90.77
N LEU G 214 9.95 24.45 -89.51
CA LEU G 214 11.02 24.69 -88.49
C LEU G 214 11.35 23.42 -87.70
N LEU G 215 10.62 22.33 -87.94
CA LEU G 215 10.84 21.02 -87.27
C LEU G 215 11.28 19.97 -88.30
N TRP G 216 10.50 19.86 -89.38
CA TRP G 216 10.56 18.76 -90.37
C TRP G 216 11.39 19.21 -91.58
N HIS G 217 12.35 18.37 -92.00
CA HIS G 217 13.07 18.49 -93.30
C HIS G 217 12.10 18.08 -94.42
N ARG G 218 11.92 18.89 -95.45
CA ARG G 218 11.00 18.58 -96.58
C ARG G 218 11.81 18.41 -97.87
N ASP G 219 12.11 19.49 -98.59
CA ASP G 219 12.57 19.44 -100.00
C ASP G 219 14.10 19.32 -100.08
N GLY G 220 14.82 19.93 -99.14
CA GLY G 220 16.27 20.22 -99.25
C GLY G 220 17.12 18.99 -99.47
N GLU G 221 18.40 19.21 -99.74
CA GLU G 221 19.49 18.20 -99.73
C GLU G 221 19.94 18.07 -98.27
N PRO G 222 20.23 16.86 -97.73
CA PRO G 222 20.13 15.59 -98.45
C PRO G 222 18.70 14.99 -98.45
N GLY G 223 18.33 14.33 -99.56
CA GLY G 223 16.98 13.85 -99.86
C GLY G 223 16.50 12.80 -98.86
N TRP G 224 17.41 12.03 -98.27
CA TRP G 224 17.06 10.91 -97.36
C TRP G 224 16.41 11.41 -96.05
N LEU G 225 16.56 12.70 -95.72
CA LEU G 225 16.01 13.28 -94.47
C LEU G 225 14.58 13.79 -94.64
N THR G 226 13.94 13.60 -95.80
CA THR G 226 12.52 14.00 -96.01
C THR G 226 11.64 13.36 -94.94
N GLY G 227 10.84 14.16 -94.22
CA GLY G 227 9.98 13.72 -93.11
C GLY G 227 10.75 13.59 -91.81
N GLY G 228 12.06 13.89 -91.85
CA GLY G 228 12.99 13.70 -90.72
C GLY G 228 13.31 15.02 -90.06
N THR G 229 14.30 15.02 -89.19
CA THR G 229 14.61 16.16 -88.29
C THR G 229 16.00 15.94 -87.71
N SER G 230 16.42 16.83 -86.82
CA SER G 230 17.66 16.72 -86.02
C SER G 230 17.25 16.64 -84.56
N MET G 231 18.07 15.98 -83.75
CA MET G 231 17.82 15.73 -82.32
C MET G 231 19.05 16.17 -81.53
N VAL G 232 18.85 16.99 -80.50
CA VAL G 232 19.88 17.37 -79.50
C VAL G 232 19.49 16.74 -78.16
N VAL G 233 20.45 16.11 -77.48
CA VAL G 233 20.34 15.65 -76.08
C VAL G 233 21.42 16.35 -75.26
N ARG G 234 21.01 17.28 -74.39
CA ARG G 234 21.86 17.83 -73.30
C ARG G 234 21.38 17.24 -71.99
N ARG G 235 22.27 16.54 -71.28
CA ARG G 235 22.08 16.19 -69.86
C ARG G 235 22.48 17.40 -69.03
N ILE G 236 21.52 18.08 -68.41
CA ILE G 236 21.81 19.35 -67.69
C ILE G 236 21.50 19.14 -66.21
N ALA G 237 22.56 19.15 -65.39
CA ALA G 237 22.50 18.96 -63.93
C ALA G 237 21.96 20.22 -63.25
N MET G 238 21.11 20.04 -62.22
CA MET G 238 20.58 21.14 -61.39
C MET G 238 21.31 21.12 -60.04
N ASN G 239 21.91 22.24 -59.67
CA ASN G 239 22.51 22.40 -58.31
C ASN G 239 21.37 22.76 -57.36
N LEU G 240 20.60 21.77 -56.91
CA LEU G 240 19.43 22.03 -56.02
C LEU G 240 19.90 22.57 -54.67
N ASP G 241 21.12 22.21 -54.22
CA ASP G 241 21.66 22.68 -52.92
C ASP G 241 21.83 24.21 -52.94
N THR G 242 22.41 24.79 -54.00
CA THR G 242 22.57 26.28 -54.14
C THR G 242 21.24 26.92 -54.55
N TRP G 243 20.43 26.26 -55.37
CA TRP G 243 19.07 26.72 -55.76
C TRP G 243 18.23 27.00 -54.51
N ASP G 244 18.42 26.19 -53.47
CA ASP G 244 17.69 26.27 -52.18
C ASP G 244 18.04 27.57 -51.43
N GLU G 245 19.16 28.20 -51.75
CA GLU G 245 19.62 29.46 -51.10
C GLU G 245 18.83 30.67 -51.63
N LEU G 246 18.05 30.51 -52.71
CA LEU G 246 17.29 31.63 -53.33
C LEU G 246 15.87 31.71 -52.74
N SER G 247 15.44 32.92 -52.41
CA SER G 247 14.01 33.26 -52.23
C SER G 247 13.23 32.88 -53.49
N ARG G 248 11.92 32.72 -53.33
CA ARG G 248 10.94 32.58 -54.42
C ARG G 248 11.11 33.68 -55.48
N GLY G 249 11.27 34.94 -55.04
CA GLY G 249 11.37 36.13 -55.90
C GLY G 249 12.59 36.05 -56.81
N ALA G 250 13.73 35.61 -56.26
CA ALA G 250 15.01 35.46 -56.98
C ALA G 250 14.91 34.30 -57.98
N ARG G 251 14.18 33.25 -57.66
CA ARG G 251 13.99 32.08 -58.56
C ARG G 251 13.10 32.47 -59.73
N GLU G 252 12.07 33.27 -59.47
CA GLU G 252 11.12 33.75 -60.49
C GLU G 252 11.85 34.75 -61.40
N ALA G 253 12.67 35.62 -60.83
CA ALA G 253 13.46 36.63 -61.59
C ALA G 253 14.42 35.89 -62.54
N THR G 254 14.97 34.75 -62.09
CA THR G 254 15.98 33.93 -62.83
C THR G 254 15.40 33.47 -64.16
N ILE G 255 14.12 33.05 -64.15
CA ILE G 255 13.41 32.50 -65.34
C ILE G 255 12.67 33.62 -66.08
N GLY G 256 12.02 34.53 -65.34
CA GLY G 256 11.10 35.56 -65.86
C GLY G 256 9.65 35.14 -65.78
N ARG G 257 9.35 34.03 -65.09
CA ARG G 257 7.96 33.53 -64.89
C ARG G 257 7.77 33.05 -63.43
N THR G 258 6.53 33.08 -62.94
CA THR G 258 6.19 32.75 -61.53
C THR G 258 6.17 31.23 -61.38
N LEU G 259 6.39 30.73 -60.16
CA LEU G 259 6.43 29.27 -59.89
C LEU G 259 5.00 28.73 -59.73
N ARG G 260 4.12 29.52 -59.12
CA ARG G 260 2.75 29.07 -58.83
C ARG G 260 2.00 28.86 -60.14
N THR G 261 1.74 29.92 -60.89
CA THR G 261 0.86 29.90 -62.10
C THR G 261 1.67 29.55 -63.35
N GLY G 262 2.96 29.92 -63.39
CA GLY G 262 3.83 29.79 -64.59
C GLY G 262 3.66 30.97 -65.53
N ALA G 263 3.07 32.06 -65.03
CA ALA G 263 2.81 33.31 -65.78
C ALA G 263 4.10 34.10 -65.84
N PRO G 264 4.27 34.97 -66.88
CA PRO G 264 5.39 35.89 -66.89
C PRO G 264 5.22 36.87 -65.71
N LEU G 265 6.32 37.45 -65.24
CA LEU G 265 6.30 38.45 -64.13
C LEU G 265 5.34 39.59 -64.48
N THR G 266 5.07 39.82 -65.78
CA THR G 266 4.28 40.96 -66.30
C THR G 266 2.80 40.59 -66.50
N GLY G 267 2.44 39.30 -66.36
CA GLY G 267 1.09 38.80 -66.68
C GLY G 267 0.40 38.17 -65.50
N ARG G 268 -0.73 37.49 -65.73
CA ARG G 268 -1.59 36.84 -64.69
C ARG G 268 -1.70 35.33 -64.92
N ALA G 269 -1.65 34.86 -66.16
CA ALA G 269 -1.87 33.43 -66.54
C ALA G 269 -0.67 32.86 -67.30
N GLU G 270 -0.56 31.53 -67.32
CA GLU G 270 0.58 30.78 -67.92
C GLU G 270 0.83 31.28 -69.35
N HIS G 271 -0.23 31.47 -70.15
CA HIS G 271 -0.15 31.56 -71.63
C HIS G 271 -0.14 33.03 -72.08
N ASP G 272 -0.23 33.98 -71.15
CA ASP G 272 0.01 35.42 -71.42
C ASP G 272 1.36 35.57 -72.12
N GLU G 273 1.44 36.52 -73.06
CA GLU G 273 2.69 36.95 -73.72
C GLU G 273 3.55 37.70 -72.71
N PRO G 274 4.82 37.30 -72.51
CA PRO G 274 5.74 38.10 -71.71
C PRO G 274 5.89 39.51 -72.32
N ASP G 275 5.84 40.55 -71.49
CA ASP G 275 6.06 41.95 -71.92
C ASP G 275 7.49 42.35 -71.56
N LEU G 276 8.41 42.19 -72.53
CA LEU G 276 9.86 42.42 -72.34
C LEU G 276 10.19 43.91 -72.40
N GLU G 277 9.20 44.77 -72.69
CA GLU G 277 9.38 46.25 -72.74
C GLU G 277 8.95 46.87 -71.39
N ALA G 278 8.30 46.09 -70.52
CA ALA G 278 7.69 46.57 -69.25
C ALA G 278 8.77 46.96 -68.24
N LEU G 279 8.65 48.16 -67.67
CA LEU G 279 9.54 48.71 -66.63
C LEU G 279 8.76 48.80 -65.31
N ASP G 280 9.46 48.71 -64.18
CA ASP G 280 8.91 48.89 -62.82
C ASP G 280 8.94 50.39 -62.51
N ASP G 281 8.46 50.80 -61.33
CA ASP G 281 8.33 52.22 -60.92
C ASP G 281 9.71 52.90 -60.96
N HIS G 282 10.81 52.15 -60.83
CA HIS G 282 12.21 52.66 -60.79
C HIS G 282 12.87 52.60 -62.18
N GLY G 283 12.14 52.22 -63.22
CA GLY G 283 12.64 52.19 -64.62
C GLY G 283 13.54 51.00 -64.92
N ARG G 284 13.54 49.98 -64.06
CA ARG G 284 14.23 48.68 -64.26
C ARG G 284 13.30 47.76 -65.05
N PRO G 285 13.82 46.92 -65.99
CA PRO G 285 12.98 45.92 -66.66
C PRO G 285 12.31 44.96 -65.66
N VAL G 286 11.01 44.70 -65.82
CA VAL G 286 10.25 43.80 -64.89
C VAL G 286 10.81 42.39 -65.05
N ILE G 287 10.98 41.93 -66.29
CA ILE G 287 11.73 40.69 -66.63
C ILE G 287 13.20 41.08 -66.81
N ASP G 288 14.09 40.45 -66.05
CA ASP G 288 15.53 40.81 -66.01
C ASP G 288 16.13 40.73 -67.43
N LEU G 289 17.14 41.56 -67.71
CA LEU G 289 17.87 41.56 -69.00
C LEU G 289 18.53 40.19 -69.25
N GLU G 290 18.79 39.43 -68.18
CA GLU G 290 19.51 38.13 -68.24
C GLU G 290 18.60 36.98 -67.78
N ALA G 291 17.30 37.24 -67.69
CA ALA G 291 16.26 36.23 -67.38
C ALA G 291 16.23 35.18 -68.48
N HIS G 292 16.02 33.92 -68.12
CA HIS G 292 16.12 32.75 -69.04
C HIS G 292 15.25 33.00 -70.27
N ILE G 293 14.02 33.43 -70.11
CA ILE G 293 13.04 33.44 -71.24
C ILE G 293 13.28 34.68 -72.10
N ARG G 294 13.98 35.70 -71.59
CA ARG G 294 14.42 36.84 -72.42
C ARG G 294 15.57 36.37 -73.32
N ARG G 295 16.56 35.70 -72.74
CA ARG G 295 17.80 35.31 -73.44
C ARG G 295 17.52 34.13 -74.39
N ALA G 296 16.50 33.31 -74.11
CA ALA G 296 16.19 32.07 -74.84
C ALA G 296 15.18 32.33 -75.95
N ARG G 297 14.47 33.45 -75.87
CA ARG G 297 13.43 33.87 -76.85
C ARG G 297 14.02 33.82 -78.26
N PRO G 298 13.23 33.44 -79.30
CA PRO G 298 13.67 33.60 -80.69
C PRO G 298 14.03 35.05 -81.03
N THR G 299 15.21 35.24 -81.62
CA THR G 299 15.71 36.54 -82.17
C THR G 299 15.31 36.63 -83.65
N GLN G 300 15.24 35.49 -84.33
CA GLN G 300 14.73 35.35 -85.73
C GLN G 300 13.75 34.19 -85.75
N ARG G 301 12.82 34.18 -86.70
CA ARG G 301 11.77 33.13 -86.81
C ARG G 301 12.37 31.74 -86.53
N GLU G 302 13.55 31.44 -87.09
CA GLU G 302 14.10 30.06 -87.15
C GLU G 302 14.78 29.69 -85.82
N GLU G 303 15.02 30.63 -84.91
CA GLU G 303 15.73 30.40 -83.62
C GLU G 303 14.75 29.83 -82.58
N THR G 304 14.13 28.70 -82.89
CA THR G 304 13.12 28.00 -82.07
C THR G 304 13.27 26.49 -82.34
N PHE G 305 12.73 25.65 -81.47
CA PHE G 305 12.85 24.17 -81.58
C PHE G 305 11.82 23.53 -80.65
N LEU G 306 11.43 22.29 -80.95
CA LEU G 306 10.50 21.48 -80.14
C LEU G 306 11.28 20.92 -78.95
N ARG G 307 11.13 21.54 -77.79
CA ARG G 307 11.65 20.98 -76.52
C ARG G 307 10.73 19.83 -76.12
N ARG G 308 11.33 18.71 -75.72
CA ARG G 308 10.61 17.48 -75.32
C ARG G 308 11.37 16.88 -74.13
N ALA G 309 11.50 17.66 -73.06
CA ALA G 309 12.41 17.38 -71.92
C ALA G 309 11.73 16.47 -70.89
N TYR G 310 12.57 15.77 -70.14
CA TYR G 310 12.18 14.83 -69.05
C TYR G 310 13.03 15.13 -67.82
N ASN G 311 12.51 14.86 -66.62
CA ASN G 311 13.26 14.99 -65.34
C ASN G 311 14.17 13.76 -65.20
N TYR G 312 15.38 13.94 -64.68
CA TYR G 312 16.23 12.82 -64.22
C TYR G 312 16.54 13.05 -62.73
N ASP G 313 16.59 11.96 -61.99
CA ASP G 313 16.81 11.92 -60.52
C ASP G 313 17.52 10.61 -60.21
N GLU G 314 18.83 10.65 -59.99
CA GLU G 314 19.66 9.43 -59.82
C GLU G 314 19.96 9.21 -58.33
N ALA G 315 20.27 7.98 -57.94
CA ALA G 315 20.91 7.68 -56.65
C ALA G 315 22.09 8.64 -56.53
N PRO G 316 22.17 9.49 -55.49
CA PRO G 316 23.22 10.51 -55.42
C PRO G 316 24.61 9.95 -55.16
N PRO G 317 25.68 10.67 -55.59
CA PRO G 317 27.06 10.23 -55.35
C PRO G 317 27.40 10.37 -53.87
N PRO G 318 28.52 9.78 -53.40
CA PRO G 318 28.79 9.65 -51.98
C PRO G 318 28.47 10.84 -51.07
N GLY G 319 28.87 12.09 -51.38
CA GLY G 319 28.82 13.19 -50.40
C GLY G 319 27.49 13.95 -50.39
N ARG G 320 26.57 13.65 -51.31
CA ARG G 320 25.54 14.62 -51.79
C ARG G 320 24.12 14.09 -51.51
N ALA G 321 23.16 14.99 -51.39
CA ALA G 321 21.74 14.71 -51.10
C ALA G 321 21.03 14.20 -52.36
N SER G 322 21.32 14.82 -53.50
CA SER G 322 20.58 14.63 -54.77
C SER G 322 21.53 14.62 -55.97
N ASP G 323 21.15 13.88 -57.01
CA ASP G 323 21.70 14.00 -58.38
C ASP G 323 20.49 14.13 -59.32
N SER G 324 19.99 15.35 -59.46
CA SER G 324 18.77 15.70 -60.20
C SER G 324 19.13 16.62 -61.36
N GLY G 325 18.33 16.60 -62.41
CA GLY G 325 18.51 17.52 -63.55
C GLY G 325 17.46 17.35 -64.62
N LEU G 326 17.76 17.85 -65.81
CA LEU G 326 16.87 17.85 -67.00
C LEU G 326 17.52 17.02 -68.10
N LEU G 327 16.80 16.03 -68.62
CA LEU G 327 17.11 15.39 -69.93
C LEU G 327 16.56 16.32 -70.99
N PHE G 328 17.37 17.28 -71.41
CA PHE G 328 16.97 18.32 -72.37
C PHE G 328 17.09 17.76 -73.79
N VAL G 329 15.97 17.29 -74.32
CA VAL G 329 15.86 16.73 -75.71
C VAL G 329 15.17 17.79 -76.56
N THR G 330 15.79 18.20 -77.67
CA THR G 330 15.15 19.15 -78.65
C THR G 330 15.18 18.55 -80.06
N TYR G 331 14.17 18.89 -80.86
CA TYR G 331 14.03 18.53 -82.29
C TYR G 331 13.86 19.81 -83.11
N GLN G 332 14.55 19.89 -84.24
CA GLN G 332 14.56 21.07 -85.15
C GLN G 332 15.06 20.64 -86.55
N ARG G 333 14.70 21.37 -87.61
CA ARG G 333 15.14 21.03 -88.99
C ARG G 333 16.68 21.05 -89.05
N ASP G 334 17.31 22.08 -88.45
CA ASP G 334 18.77 22.37 -88.61
C ASP G 334 19.34 22.85 -87.28
N VAL G 335 20.23 22.06 -86.67
CA VAL G 335 20.82 22.33 -85.32
C VAL G 335 21.55 23.68 -85.36
N ASP G 336 22.42 23.87 -86.36
CA ASP G 336 23.32 25.05 -86.51
C ASP G 336 22.51 26.35 -86.65
N ALA G 337 21.40 26.30 -87.40
CA ALA G 337 20.58 27.50 -87.73
C ALA G 337 19.61 27.84 -86.60
N GLN G 338 19.20 26.83 -85.80
CA GLN G 338 17.99 26.91 -84.92
C GLN G 338 18.40 26.80 -83.46
N PHE G 339 19.08 25.72 -83.06
CA PHE G 339 19.42 25.45 -81.64
C PHE G 339 20.66 26.24 -81.23
N THR G 340 21.76 26.04 -81.94
CA THR G 340 23.12 26.51 -81.55
C THR G 340 23.15 28.02 -81.31
N PRO G 341 22.49 28.86 -82.12
CA PRO G 341 22.44 30.30 -81.86
C PRO G 341 21.77 30.64 -80.51
N VAL G 342 20.78 29.85 -80.11
CA VAL G 342 20.08 30.05 -78.79
C VAL G 342 21.03 29.60 -77.67
N GLN G 343 21.58 28.38 -77.79
CA GLN G 343 22.59 27.86 -76.81
C GLN G 343 23.74 28.87 -76.67
N ARG G 344 24.19 29.48 -77.78
CA ARG G 344 25.31 30.45 -77.79
C ARG G 344 24.90 31.72 -77.03
N ARG G 345 23.64 32.15 -77.16
CA ARG G 345 23.14 33.37 -76.49
C ARG G 345 23.03 33.11 -74.97
N LEU G 346 22.60 31.91 -74.56
CA LEU G 346 22.52 31.52 -73.13
C LEU G 346 23.93 31.39 -72.54
N ASP G 347 24.90 30.87 -73.30
CA ASP G 347 26.31 30.79 -72.84
C ASP G 347 26.79 32.21 -72.51
N ALA G 348 26.48 33.19 -73.35
CA ALA G 348 26.96 34.59 -73.22
C ALA G 348 26.37 35.24 -71.95
N ALA G 349 25.08 35.01 -71.66
CA ALA G 349 24.41 35.50 -70.43
C ALA G 349 23.08 34.78 -70.21
N ASP G 350 22.91 34.21 -69.01
CA ASP G 350 21.65 33.63 -68.50
C ASP G 350 21.79 33.44 -66.99
N LEU G 351 20.91 34.07 -66.19
CA LEU G 351 20.95 33.95 -64.70
C LEU G 351 20.90 32.47 -64.28
N LEU G 352 20.15 31.65 -65.02
CA LEU G 352 19.92 30.20 -64.75
C LEU G 352 21.25 29.41 -64.78
N ASN G 353 22.25 29.88 -65.55
CA ASN G 353 23.57 29.20 -65.65
C ASN G 353 24.24 29.09 -64.29
N GLU G 354 23.83 29.88 -63.28
CA GLU G 354 24.45 29.87 -61.93
C GLU G 354 24.01 28.61 -61.15
N TRP G 355 22.91 27.95 -61.56
CA TRP G 355 22.30 26.81 -60.82
C TRP G 355 22.07 25.59 -61.71
N THR G 356 22.55 25.63 -62.95
CA THR G 356 22.49 24.51 -63.91
C THR G 356 23.87 24.39 -64.57
N PHE G 357 24.22 23.22 -65.10
CA PHE G 357 25.45 23.03 -65.92
C PHE G 357 25.31 21.79 -66.81
N PRO G 358 25.69 21.88 -68.10
CA PRO G 358 25.61 20.75 -69.00
C PRO G 358 26.72 19.73 -68.69
N VAL G 359 26.35 18.46 -68.53
CA VAL G 359 27.31 17.36 -68.25
C VAL G 359 27.31 16.34 -69.40
N GLY G 360 26.43 16.51 -70.41
CA GLY G 360 26.37 15.64 -71.59
C GLY G 360 25.81 16.37 -72.80
N SER G 361 26.33 16.07 -73.99
CA SER G 361 25.91 16.66 -75.29
C SER G 361 25.96 15.61 -76.40
N ALA G 362 24.89 15.48 -77.18
CA ALA G 362 24.81 14.57 -78.34
C ALA G 362 23.91 15.15 -79.43
N VAL G 363 24.34 15.05 -80.68
CA VAL G 363 23.58 15.51 -81.87
C VAL G 363 23.32 14.29 -82.77
N PHE G 364 22.10 14.16 -83.27
CA PHE G 364 21.66 13.04 -84.15
C PHE G 364 20.80 13.57 -85.29
N ALA G 365 20.90 12.91 -86.44
CA ALA G 365 20.01 13.09 -87.61
C ALA G 365 18.91 12.03 -87.50
N VAL G 366 17.66 12.46 -87.62
CA VAL G 366 16.48 11.59 -87.41
C VAL G 366 15.84 11.34 -88.77
N PRO G 367 15.88 10.09 -89.28
CA PRO G 367 15.18 9.76 -90.51
C PRO G 367 13.69 10.12 -90.42
N GLY G 368 13.06 10.24 -91.59
CA GLY G 368 11.61 10.38 -91.73
C GLY G 368 10.94 9.10 -91.33
N GLY G 369 9.62 9.07 -91.38
CA GLY G 369 8.83 7.87 -91.07
C GLY G 369 8.89 6.86 -92.21
N TRP G 370 8.10 5.79 -92.07
CA TRP G 370 8.04 4.64 -93.00
C TRP G 370 6.66 4.00 -92.89
N SER G 371 6.30 3.18 -93.89
CA SER G 371 5.01 2.46 -94.03
C SER G 371 5.27 0.96 -93.98
N ALA G 372 4.19 0.19 -93.77
CA ALA G 372 4.22 -1.29 -93.72
C ALA G 372 5.10 -1.79 -94.88
N GLY G 373 6.16 -2.53 -94.59
CA GLY G 373 7.05 -3.12 -95.61
C GLY G 373 8.34 -2.34 -95.82
N GLU G 374 8.45 -1.14 -95.28
CA GLU G 374 9.70 -0.32 -95.32
C GLU G 374 10.45 -0.54 -94.00
N TYR G 375 11.61 0.09 -93.83
CA TYR G 375 12.40 0.07 -92.56
C TYR G 375 13.00 1.45 -92.29
N VAL G 376 13.19 1.79 -91.02
CA VAL G 376 13.63 3.14 -90.57
C VAL G 376 15.03 3.37 -91.14
N GLY G 377 15.22 4.50 -91.83
CA GLY G 377 16.53 4.94 -92.34
C GLY G 377 16.80 4.36 -93.72
N GLN G 378 15.81 3.71 -94.31
CA GLN G 378 15.91 3.02 -95.62
C GLN G 378 16.41 3.99 -96.70
N ARG G 379 15.86 5.21 -96.79
CA ARG G 379 16.24 6.20 -97.84
C ARG G 379 17.74 6.55 -97.73
N LEU G 380 18.32 6.49 -96.53
CA LEU G 380 19.78 6.72 -96.36
C LEU G 380 20.56 5.52 -96.92
N LEU G 381 20.23 4.30 -96.50
CA LEU G 381 21.07 3.10 -96.72
C LEU G 381 20.93 2.55 -98.17
N GLU G 382 20.03 3.12 -98.97
CA GLU G 382 20.01 3.02 -100.46
C GLU G 382 21.18 3.85 -100.95
N GLY G 383 22.36 3.27 -101.02
CA GLY G 383 23.66 4.00 -101.00
C GLY G 383 23.62 5.29 -101.81
N ALA H 23 -12.03 12.58 -60.37
CA ALA H 23 -11.11 11.88 -59.40
C ALA H 23 -10.15 10.96 -60.18
N GLY H 24 -8.85 11.08 -59.92
CA GLY H 24 -7.79 10.29 -60.58
C GLY H 24 -6.79 9.72 -59.58
N PRO H 25 -5.88 8.84 -60.01
CA PRO H 25 -4.95 8.18 -59.09
C PRO H 25 -4.00 9.17 -58.39
N GLY H 26 -3.89 10.40 -58.93
CA GLY H 26 -3.09 11.48 -58.31
C GLY H 26 -3.70 12.01 -57.02
N ASP H 27 -5.02 11.91 -56.86
CA ASP H 27 -5.79 12.51 -55.74
C ASP H 27 -5.83 11.56 -54.54
N VAL H 28 -5.38 10.32 -54.70
CA VAL H 28 -5.51 9.28 -53.64
C VAL H 28 -4.59 9.66 -52.48
N VAL H 29 -5.19 9.79 -51.28
CA VAL H 29 -4.51 9.94 -49.97
C VAL H 29 -4.61 8.61 -49.23
N VAL H 30 -3.46 8.01 -48.89
CA VAL H 30 -3.38 6.84 -47.98
C VAL H 30 -3.12 7.39 -46.57
N PRO H 31 -4.00 7.10 -45.57
CA PRO H 31 -3.81 7.64 -44.23
C PRO H 31 -2.46 7.17 -43.67
N CYS H 32 -1.71 8.10 -43.10
CA CYS H 32 -0.39 7.81 -42.46
C CYS H 32 -0.57 7.45 -40.98
N HIS H 33 -1.76 7.72 -40.42
CA HIS H 33 -2.14 7.41 -39.02
C HIS H 33 -2.89 6.07 -38.93
N GLY H 34 -2.55 5.27 -37.91
CA GLY H 34 -3.28 4.04 -37.59
C GLY H 34 -2.51 3.24 -36.55
N GLU H 35 -3.05 2.07 -36.21
CA GLU H 35 -2.37 1.03 -35.38
C GLU H 35 -0.98 0.77 -35.95
N HIS H 36 -0.84 0.73 -37.28
CA HIS H 36 0.43 0.40 -37.98
C HIS H 36 0.85 1.56 -38.88
N GLN H 37 2.13 1.59 -39.25
CA GLN H 37 2.64 2.50 -40.31
C GLN H 37 2.00 2.06 -41.63
N ALA H 38 1.70 3.01 -42.51
CA ALA H 38 1.25 2.69 -43.90
C ALA H 38 2.48 2.22 -44.70
N GLY H 39 2.26 1.63 -45.86
CA GLY H 39 3.33 1.24 -46.79
C GLY H 39 3.80 -0.17 -46.55
N ILE H 40 3.04 -0.95 -45.76
CA ILE H 40 3.35 -2.36 -45.43
C ILE H 40 2.22 -3.25 -45.97
N VAL H 41 0.99 -3.12 -45.44
CA VAL H 41 -0.19 -3.87 -45.95
C VAL H 41 -0.94 -3.00 -46.96
N THR H 42 -0.60 -1.72 -47.05
CA THR H 42 -1.09 -0.80 -48.11
C THR H 42 -0.83 -1.50 -49.46
N PRO H 43 -1.84 -1.62 -50.35
CA PRO H 43 -1.63 -2.22 -51.66
C PRO H 43 -0.43 -1.53 -52.30
N PRO H 44 0.58 -2.29 -52.82
CA PRO H 44 1.79 -1.65 -53.35
C PRO H 44 1.52 -0.77 -54.56
N PRO H 45 1.90 0.53 -54.52
CA PRO H 45 1.77 1.41 -55.66
C PRO H 45 2.96 1.25 -56.61
N SER H 46 2.99 2.02 -57.70
CA SER H 46 3.86 1.79 -58.87
C SER H 46 5.35 1.95 -58.54
N PHE H 47 5.73 2.89 -57.66
CA PHE H 47 7.15 3.25 -57.47
C PHE H 47 7.57 3.19 -56.00
N ILE H 48 8.89 2.96 -55.81
CA ILE H 48 9.57 2.87 -54.49
C ILE H 48 10.96 3.52 -54.59
N ALA H 49 11.35 4.23 -53.53
CA ALA H 49 12.74 4.61 -53.25
C ALA H 49 13.01 4.24 -51.79
N LEU H 50 13.92 3.32 -51.57
CA LEU H 50 14.40 2.99 -50.20
C LEU H 50 15.63 3.85 -49.97
N VAL H 51 15.52 4.81 -49.04
CA VAL H 51 16.63 5.72 -48.67
C VAL H 51 17.18 5.30 -47.30
N ALA H 52 18.34 4.66 -47.29
CA ALA H 52 19.12 4.35 -46.08
C ALA H 52 19.96 5.57 -45.72
N LEU H 53 19.92 5.97 -44.45
CA LEU H 53 20.73 7.10 -43.94
C LEU H 53 21.58 6.57 -42.79
N ASP H 54 22.74 7.20 -42.58
CA ASP H 54 23.64 6.94 -41.43
C ASP H 54 23.63 8.18 -40.52
N LEU H 55 23.48 7.97 -39.22
CA LEU H 55 23.43 9.08 -38.23
C LEU H 55 24.80 9.77 -38.19
N ALA H 56 24.81 11.07 -37.92
CA ALA H 56 26.04 11.87 -37.69
C ALA H 56 26.75 11.30 -36.45
N SER H 57 28.09 11.42 -36.42
CA SER H 57 28.96 10.99 -35.30
C SER H 57 28.53 11.67 -33.98
N THR H 58 27.94 12.87 -34.08
CA THR H 58 27.55 13.73 -32.95
C THR H 58 26.16 13.34 -32.42
N SER H 59 25.46 12.43 -33.09
CA SER H 59 24.08 12.00 -32.75
C SER H 59 23.97 11.49 -31.30
N ASP H 60 22.85 11.82 -30.64
CA ASP H 60 22.44 11.30 -29.30
C ASP H 60 20.93 11.07 -29.35
N ARG H 61 20.32 10.69 -28.24
CA ARG H 61 18.85 10.44 -28.15
C ARG H 61 18.09 11.67 -28.66
N ALA H 62 18.55 12.86 -28.33
CA ALA H 62 17.83 14.13 -28.63
C ALA H 62 17.82 14.37 -30.15
N SER H 63 18.97 14.15 -30.81
CA SER H 63 19.16 14.20 -32.28
C SER H 63 18.17 13.27 -32.96
N VAL H 64 18.16 12.01 -32.55
CA VAL H 64 17.30 10.96 -33.18
C VAL H 64 15.84 11.38 -33.01
N GLU H 65 15.48 11.83 -31.82
CA GLU H 65 14.10 12.27 -31.52
C GLU H 65 13.69 13.41 -32.45
N ARG H 66 14.50 14.47 -32.50
CA ARG H 66 14.27 15.65 -33.38
C ARG H 66 14.05 15.18 -34.82
N LEU H 67 14.95 14.32 -35.33
CA LEU H 67 14.89 13.79 -36.71
C LEU H 67 13.53 13.13 -36.96
N LEU H 68 13.12 12.22 -36.09
CA LEU H 68 11.83 11.48 -36.20
C LEU H 68 10.65 12.45 -36.13
N ARG H 69 10.78 13.52 -35.34
CA ARG H 69 9.69 14.51 -35.15
C ARG H 69 9.55 15.36 -36.40
N VAL H 70 10.65 15.88 -36.96
CA VAL H 70 10.58 16.70 -38.20
C VAL H 70 10.08 15.83 -39.35
N TRP H 71 10.50 14.57 -39.41
CA TRP H 71 10.04 13.60 -40.46
C TRP H 71 8.55 13.34 -40.31
N THR H 72 8.05 13.21 -39.08
CA THR H 72 6.61 12.97 -38.81
C THR H 72 5.80 14.11 -39.42
N VAL H 73 6.22 15.35 -39.20
CA VAL H 73 5.55 16.54 -39.81
C VAL H 73 5.52 16.36 -41.34
N ASP H 74 6.68 16.07 -41.95
CA ASP H 74 6.84 15.97 -43.42
C ASP H 74 5.98 14.82 -43.96
N ILE H 75 5.96 13.69 -43.27
CA ILE H 75 5.13 12.53 -43.68
C ILE H 75 3.66 12.94 -43.63
N GLU H 76 3.22 13.57 -42.55
CA GLU H 76 1.78 13.92 -42.36
C GLU H 76 1.35 14.88 -43.45
N ARG H 77 2.25 15.79 -43.85
CA ARG H 77 1.98 16.84 -44.86
C ARG H 77 2.05 16.24 -46.27
N LEU H 78 3.19 15.67 -46.65
CA LEU H 78 3.43 15.22 -48.05
C LEU H 78 2.35 14.19 -48.44
N THR H 79 1.98 13.27 -47.53
CA THR H 79 1.03 12.17 -47.82
C THR H 79 -0.39 12.70 -48.00
N THR H 80 -0.67 13.94 -47.59
CA THR H 80 -2.00 14.59 -47.75
C THR H 80 -1.92 15.68 -48.81
N GLY H 81 -0.80 15.74 -49.54
CA GLY H 81 -0.62 16.68 -50.65
C GLY H 81 -0.42 18.11 -50.18
N ARG H 82 0.18 18.26 -48.99
CA ARG H 82 0.61 19.59 -48.47
C ARG H 82 2.14 19.60 -48.49
N PRO H 83 2.75 20.77 -48.78
CA PRO H 83 4.21 20.90 -48.73
C PRO H 83 4.77 20.50 -47.37
N GLY H 84 6.00 20.00 -47.36
CA GLY H 84 6.76 19.66 -46.14
C GLY H 84 7.23 20.91 -45.44
N LEU H 85 7.98 20.73 -44.36
CA LEU H 85 8.50 21.82 -43.50
C LEU H 85 9.71 22.44 -44.21
N ALA H 86 10.70 21.61 -44.58
CA ALA H 86 11.88 22.02 -45.39
C ALA H 86 11.56 21.81 -46.89
N ASP H 87 10.55 22.54 -47.39
CA ASP H 87 9.97 22.32 -48.75
C ASP H 87 9.92 23.66 -49.48
N SER H 88 10.88 23.87 -50.38
CA SER H 88 11.02 25.10 -51.20
C SER H 88 10.31 24.94 -52.56
N GLU H 89 9.76 23.76 -52.86
CA GLU H 89 9.01 23.48 -54.13
C GLU H 89 7.63 22.94 -53.81
N PRO H 90 6.77 23.76 -53.16
CA PRO H 90 5.45 23.30 -52.71
C PRO H 90 4.57 22.70 -53.80
N GLU H 91 4.64 23.25 -55.01
CA GLU H 91 3.81 22.81 -56.16
C GLU H 91 4.13 21.35 -56.53
N LEU H 92 5.32 20.87 -56.21
CA LEU H 92 5.73 19.47 -56.47
C LEU H 92 5.11 18.54 -55.44
N ALA H 93 4.43 19.08 -54.42
CA ALA H 93 3.82 18.31 -53.30
C ALA H 93 2.31 18.15 -53.48
N LEU H 94 1.67 18.93 -54.34
CA LEU H 94 0.20 19.10 -54.33
C LEU H 94 -0.50 17.81 -54.79
N VAL H 95 0.22 16.89 -55.44
CA VAL H 95 -0.37 15.63 -55.97
C VAL H 95 0.16 14.49 -55.12
N PRO H 96 -0.63 13.99 -54.13
CA PRO H 96 -0.14 12.99 -53.20
C PRO H 96 0.12 11.62 -53.84
N ALA H 97 -0.71 11.20 -54.79
CA ALA H 97 -0.50 9.97 -55.60
C ALA H 97 -0.22 8.77 -54.69
N ALA H 98 -1.05 8.58 -53.64
CA ALA H 98 -1.00 7.45 -52.69
C ALA H 98 0.38 7.38 -51.99
N LEU H 99 1.05 8.51 -51.80
CA LEU H 99 2.39 8.55 -51.15
C LEU H 99 2.29 7.87 -49.78
N THR H 100 3.23 6.97 -49.48
CA THR H 100 3.53 6.42 -48.14
C THR H 100 5.03 6.58 -47.86
N VAL H 101 5.37 6.80 -46.60
CA VAL H 101 6.76 6.75 -46.05
C VAL H 101 6.69 5.78 -44.89
N THR H 102 7.54 4.74 -44.93
CA THR H 102 7.68 3.73 -43.86
C THR H 102 9.07 3.92 -43.28
N VAL H 103 9.16 4.13 -41.96
CA VAL H 103 10.44 4.35 -41.23
C VAL H 103 10.86 3.05 -40.56
N GLY H 104 12.11 2.64 -40.79
CA GLY H 104 12.74 1.48 -40.15
C GLY H 104 14.01 1.92 -39.45
N PHE H 105 14.32 1.28 -38.31
CA PHE H 105 15.51 1.56 -37.50
C PHE H 105 16.47 0.39 -37.59
N GLY H 106 17.71 0.68 -37.95
CA GLY H 106 18.84 -0.28 -37.88
C GLY H 106 19.44 -0.26 -36.49
N PRO H 107 20.28 -1.25 -36.14
CA PRO H 107 20.85 -1.35 -34.80
C PRO H 107 21.57 -0.06 -34.37
N GLY H 108 22.28 0.56 -35.32
CA GLY H 108 23.07 1.78 -35.10
C GLY H 108 22.22 2.92 -34.57
N LEU H 109 20.95 3.00 -34.94
CA LEU H 109 20.04 4.05 -34.41
C LEU H 109 19.87 3.84 -32.92
N LEU H 110 19.60 2.60 -32.49
CA LEU H 110 19.36 2.30 -31.05
C LEU H 110 20.64 2.54 -30.26
N THR H 111 21.79 2.13 -30.82
CA THR H 111 23.12 2.39 -30.24
C THR H 111 23.29 3.90 -30.03
N ALA H 112 23.08 4.70 -31.08
CA ALA H 112 23.33 6.16 -31.06
C ALA H 112 22.42 6.84 -30.03
N ALA H 113 21.18 6.36 -29.89
CA ALA H 113 20.18 6.89 -28.93
C ALA H 113 20.44 6.39 -27.50
N GLY H 114 21.36 5.43 -27.30
CA GLY H 114 21.64 4.83 -25.98
C GLY H 114 20.52 3.89 -25.56
N LEU H 115 20.06 3.04 -26.49
CA LEU H 115 18.84 2.20 -26.33
C LEU H 115 19.14 0.77 -26.79
N ARG H 116 20.40 0.33 -26.72
CA ARG H 116 20.81 -1.05 -27.04
C ARG H 116 19.93 -2.05 -26.27
N HIS H 117 19.62 -1.73 -25.02
CA HIS H 117 18.79 -2.57 -24.10
C HIS H 117 17.37 -2.72 -24.63
N ARG H 118 16.94 -1.91 -25.62
CA ARG H 118 15.58 -2.00 -26.21
C ARG H 118 15.63 -2.75 -27.56
N ALA H 119 16.80 -3.17 -28.01
CA ALA H 119 17.00 -3.88 -29.30
C ALA H 119 16.35 -5.26 -29.21
N PRO H 120 15.44 -5.64 -30.12
CA PRO H 120 15.03 -7.04 -30.22
C PRO H 120 16.23 -7.93 -30.60
N ALA H 121 16.18 -9.21 -30.21
CA ALA H 121 17.20 -10.24 -30.50
C ALA H 121 17.48 -10.34 -32.01
N TRP H 122 16.49 -10.02 -32.86
CA TRP H 122 16.60 -10.23 -34.34
C TRP H 122 17.14 -8.98 -35.04
N LEU H 123 17.48 -7.90 -34.32
CA LEU H 123 17.94 -6.65 -34.98
C LEU H 123 19.45 -6.70 -35.19
N HIS H 124 19.88 -7.35 -36.27
CA HIS H 124 21.30 -7.57 -36.64
C HIS H 124 21.35 -7.96 -38.12
N PRO H 125 22.48 -7.76 -38.83
CA PRO H 125 22.59 -8.24 -40.20
C PRO H 125 22.22 -9.73 -40.29
N LEU H 126 21.63 -10.15 -41.42
CA LEU H 126 21.41 -11.60 -41.67
C LEU H 126 22.76 -12.28 -41.56
N PRO H 127 22.82 -13.57 -41.14
CA PRO H 127 24.08 -14.30 -41.18
C PRO H 127 24.54 -14.40 -42.64
N PRO H 128 25.85 -14.63 -42.92
CA PRO H 128 26.31 -14.76 -44.29
C PRO H 128 25.87 -16.09 -44.92
N PHE H 129 25.60 -16.09 -46.21
CA PHE H 129 25.20 -17.28 -47.01
C PHE H 129 26.19 -17.49 -48.15
N GLY H 130 26.44 -18.73 -48.53
CA GLY H 130 27.33 -19.11 -49.66
C GLY H 130 26.98 -18.35 -50.94
N ILE H 131 25.70 -18.08 -51.18
CA ILE H 131 25.20 -17.41 -52.42
C ILE H 131 25.49 -15.89 -52.39
N ASP H 132 25.76 -15.32 -51.21
CA ASP H 132 25.93 -13.86 -51.02
C ASP H 132 27.09 -13.34 -51.88
N ARG H 133 26.84 -12.29 -52.67
CA ARG H 133 27.90 -11.45 -53.31
C ARG H 133 27.73 -10.02 -52.81
N LEU H 134 27.64 -9.84 -51.49
CA LEU H 134 27.18 -8.57 -50.88
C LEU H 134 28.20 -7.45 -51.13
N ASP H 135 27.71 -6.36 -51.71
CA ASP H 135 28.43 -5.06 -51.92
C ASP H 135 28.08 -4.13 -50.76
N PRO H 136 29.04 -3.81 -49.87
CA PRO H 136 28.78 -2.96 -48.69
C PRO H 136 27.99 -1.68 -48.95
N ALA H 137 28.11 -1.10 -50.16
CA ALA H 137 27.40 0.13 -50.59
C ALA H 137 25.89 -0.10 -50.70
N TRP H 138 25.44 -1.35 -50.72
CA TRP H 138 23.99 -1.70 -50.76
C TRP H 138 23.57 -2.38 -49.45
N CYS H 139 24.42 -2.31 -48.42
CA CYS H 139 24.21 -3.05 -47.13
C CYS H 139 23.97 -2.08 -45.97
N ASP H 140 23.19 -2.55 -44.99
CA ASP H 140 23.01 -1.94 -43.65
C ASP H 140 22.43 -0.54 -43.78
N GLY H 141 22.71 0.35 -42.82
CA GLY H 141 22.03 1.64 -42.64
C GLY H 141 21.47 1.76 -41.22
N ASP H 142 21.69 2.90 -40.56
CA ASP H 142 21.16 3.22 -39.21
C ASP H 142 19.65 3.39 -39.29
N VAL H 143 19.15 3.95 -40.39
CA VAL H 143 17.69 4.21 -40.54
C VAL H 143 17.34 4.15 -42.03
N VAL H 144 16.10 3.82 -42.34
CA VAL H 144 15.63 3.71 -43.74
C VAL H 144 14.28 4.39 -43.86
N LEU H 145 14.06 5.09 -44.98
CA LEU H 145 12.73 5.54 -45.43
C LEU H 145 12.34 4.71 -46.66
N GLN H 146 11.35 3.84 -46.54
CA GLN H 146 10.69 3.28 -47.74
C GLN H 146 9.66 4.30 -48.21
N VAL H 147 9.96 4.96 -49.33
CA VAL H 147 9.06 5.99 -49.94
C VAL H 147 8.43 5.38 -51.18
N CYS H 148 7.10 5.27 -51.17
CA CYS H 148 6.28 4.63 -52.22
C CYS H 148 5.23 5.62 -52.73
N ALA H 149 5.00 5.65 -54.04
CA ALA H 149 3.95 6.49 -54.68
C ALA H 149 3.64 5.98 -56.09
N ASP H 150 2.50 6.39 -56.62
CA ASP H 150 2.03 6.06 -57.99
C ASP H 150 2.50 7.13 -58.96
N ASP H 151 3.42 8.02 -58.55
CA ASP H 151 3.96 9.11 -59.41
C ASP H 151 5.42 9.40 -59.05
N ARG H 152 6.29 9.52 -60.05
CA ARG H 152 7.76 9.59 -59.90
C ARG H 152 8.18 11.01 -59.46
N THR H 153 7.44 12.04 -59.87
CA THR H 153 7.71 13.44 -59.48
C THR H 153 7.37 13.60 -58.00
N THR H 154 6.21 13.10 -57.57
CA THR H 154 5.78 13.07 -56.15
C THR H 154 6.86 12.38 -55.31
N LEU H 155 7.39 11.26 -55.80
CA LEU H 155 8.41 10.44 -55.08
C LEU H 155 9.72 11.23 -55.01
N ALA H 156 10.16 11.79 -56.14
CA ALA H 156 11.40 12.59 -56.23
C ALA H 156 11.34 13.73 -55.22
N HIS H 157 10.19 14.41 -55.18
CA HIS H 157 9.98 15.55 -54.26
C HIS H 157 10.06 15.08 -52.81
N ALA H 158 9.27 14.08 -52.44
CA ALA H 158 9.21 13.52 -51.06
C ALA H 158 10.63 13.19 -50.61
N VAL H 159 11.37 12.45 -51.44
CA VAL H 159 12.76 12.01 -51.13
C VAL H 159 13.62 13.26 -50.88
N ARG H 160 13.49 14.29 -51.74
CA ARG H 160 14.28 15.53 -51.61
C ARG H 160 13.96 16.19 -50.26
N VAL H 161 12.68 16.29 -49.91
CA VAL H 161 12.23 16.98 -48.66
C VAL H 161 12.74 16.21 -47.45
N LEU H 162 12.52 14.90 -47.40
CA LEU H 162 12.89 14.07 -46.22
C LEU H 162 14.41 14.07 -46.05
N THR H 163 15.16 14.04 -47.15
CA THR H 163 16.64 14.00 -47.15
C THR H 163 17.16 15.33 -46.58
N LYS H 164 16.68 16.45 -47.10
CA LYS H 164 17.04 17.82 -46.64
C LYS H 164 16.74 17.98 -45.14
N GLU H 165 15.61 17.45 -44.67
CA GLU H 165 15.16 17.59 -43.27
C GLU H 165 16.19 16.98 -42.31
N ALA H 166 16.87 15.91 -42.75
CA ALA H 166 17.84 15.14 -41.95
C ALA H 166 19.24 15.76 -42.01
N GLN H 167 19.43 16.84 -42.79
CA GLN H 167 20.75 17.52 -42.92
C GLN H 167 21.26 17.85 -41.50
N GLY H 168 22.47 17.38 -41.17
CA GLY H 168 23.13 17.57 -39.87
C GLY H 168 22.81 16.47 -38.87
N LEU H 169 21.76 15.67 -39.09
CA LEU H 169 21.31 14.59 -38.16
C LEU H 169 21.60 13.22 -38.76
N ALA H 170 21.46 13.08 -40.09
CA ALA H 170 21.79 11.85 -40.84
C ALA H 170 22.11 12.22 -42.27
N SER H 171 22.99 11.46 -42.92
CA SER H 171 23.34 11.61 -44.35
C SER H 171 23.00 10.32 -45.11
N VAL H 172 22.74 10.43 -46.40
CA VAL H 172 22.33 9.30 -47.29
C VAL H 172 23.48 8.30 -47.36
N ARG H 173 23.17 7.02 -47.22
CA ARG H 173 24.14 5.89 -47.35
C ARG H 173 23.92 5.26 -48.72
N TRP H 174 22.68 4.92 -49.02
CA TRP H 174 22.26 4.41 -50.36
C TRP H 174 20.80 4.74 -50.62
N VAL H 175 20.43 4.69 -51.91
CA VAL H 175 19.04 4.81 -52.41
C VAL H 175 18.84 3.73 -53.47
N GLN H 176 17.85 2.87 -53.27
CA GLN H 176 17.46 1.81 -54.21
C GLN H 176 16.08 2.18 -54.77
N ARG H 177 15.97 2.28 -56.08
CA ARG H 177 14.75 2.74 -56.80
C ARG H 177 14.17 1.52 -57.50
N GLY H 178 12.85 1.37 -57.49
CA GLY H 178 12.18 0.24 -58.15
C GLY H 178 10.82 0.64 -58.68
N PHE H 179 10.18 -0.27 -59.42
CA PHE H 179 8.91 -0.03 -60.16
C PHE H 179 8.14 -1.32 -60.36
N ARG H 180 6.82 -1.15 -60.49
CA ARG H 180 5.87 -2.13 -61.06
C ARG H 180 5.18 -1.41 -62.23
N ARG H 181 4.03 -1.90 -62.66
CA ARG H 181 3.23 -1.24 -63.72
C ARG H 181 2.65 0.06 -63.16
N SER H 182 2.28 0.98 -64.05
CA SER H 182 1.77 2.33 -63.71
C SER H 182 0.36 2.21 -63.15
N PRO H 183 -0.16 3.23 -62.43
CA PRO H 183 -1.56 3.24 -62.01
C PRO H 183 -2.49 3.09 -63.22
N GLY H 184 -3.55 2.29 -63.07
CA GLY H 184 -4.55 2.03 -64.12
C GLY H 184 -4.06 1.00 -65.11
N ILE H 185 -2.87 0.43 -64.87
CA ILE H 185 -2.26 -0.60 -65.75
C ILE H 185 -2.07 -1.88 -64.93
N SER H 186 -2.87 -2.90 -65.25
CA SER H 186 -2.84 -4.26 -64.68
C SER H 186 -2.07 -5.17 -65.62
N GLU H 187 -1.41 -6.20 -65.06
CA GLU H 187 -0.58 -7.18 -65.80
C GLU H 187 -1.47 -7.90 -66.82
N PRO H 188 -0.88 -8.56 -67.84
CA PRO H 188 -1.62 -9.46 -68.72
C PRO H 188 -2.45 -10.51 -67.95
N ASP H 189 -3.77 -10.51 -68.18
CA ASP H 189 -4.75 -11.48 -67.61
C ASP H 189 -4.88 -11.27 -66.09
N GLY H 190 -4.85 -10.01 -65.66
CA GLY H 190 -5.13 -9.57 -64.26
C GLY H 190 -4.23 -10.26 -63.23
N THR H 191 -2.99 -10.61 -63.60
CA THR H 191 -2.04 -11.32 -62.68
C THR H 191 -1.48 -10.32 -61.65
N SER H 192 -0.91 -10.84 -60.56
CA SER H 192 0.00 -10.08 -59.68
C SER H 192 1.27 -9.79 -60.51
N MET H 193 2.20 -9.09 -59.89
CA MET H 193 3.36 -8.40 -60.47
C MET H 193 4.17 -9.29 -61.42
N ARG H 194 4.68 -8.68 -62.47
CA ARG H 194 5.64 -9.29 -63.43
C ARG H 194 7.02 -8.75 -63.09
N ASN H 195 8.01 -9.63 -62.95
CA ASN H 195 9.42 -9.26 -62.69
C ASN H 195 10.15 -9.31 -64.04
N LEU H 196 11.40 -8.89 -64.06
CA LEU H 196 12.17 -8.69 -65.32
C LEU H 196 12.78 -10.02 -65.75
N MET H 197 12.56 -11.11 -65.00
CA MET H 197 12.76 -12.49 -65.53
C MET H 197 11.52 -12.91 -66.34
N GLY H 198 10.46 -12.09 -66.31
CA GLY H 198 9.21 -12.33 -67.04
C GLY H 198 8.22 -13.14 -66.21
N GLN H 199 8.50 -13.35 -64.93
CA GLN H 199 7.72 -14.25 -64.04
C GLN H 199 6.62 -13.47 -63.31
N VAL H 200 5.57 -14.16 -62.88
CA VAL H 200 4.54 -13.65 -61.95
C VAL H 200 5.12 -13.81 -60.54
N GLU H 201 5.12 -12.73 -59.75
CA GLU H 201 5.69 -12.67 -58.37
C GLU H 201 4.57 -12.16 -57.45
N GLY H 202 4.33 -12.87 -56.34
CA GLY H 202 3.47 -12.40 -55.23
C GLY H 202 2.24 -13.24 -55.00
N THR H 203 2.11 -14.34 -55.74
CA THR H 203 0.95 -15.27 -55.73
C THR H 203 0.74 -15.86 -54.34
N ALA H 204 1.73 -16.60 -53.80
CA ALA H 204 1.63 -17.32 -52.51
C ALA H 204 2.29 -16.48 -51.42
N ASN H 205 1.64 -15.38 -51.06
CA ASN H 205 2.14 -14.38 -50.08
C ASN H 205 1.44 -14.63 -48.74
N LEU H 206 2.05 -14.14 -47.65
CA LEU H 206 1.43 -14.06 -46.30
C LEU H 206 0.15 -13.25 -46.42
N ASP H 207 -0.97 -13.77 -45.90
CA ASP H 207 -2.25 -13.02 -45.76
C ASP H 207 -2.32 -12.42 -44.36
N PRO H 208 -2.05 -11.10 -44.20
CA PRO H 208 -2.13 -10.47 -42.89
C PRO H 208 -3.55 -10.34 -42.30
N ARG H 209 -4.60 -10.61 -43.09
CA ARG H 209 -6.01 -10.59 -42.62
C ARG H 209 -6.29 -11.88 -41.84
N THR H 210 -5.69 -13.00 -42.26
CA THR H 210 -5.84 -14.33 -41.63
C THR H 210 -4.77 -14.51 -40.55
N ASP H 211 -3.54 -14.05 -40.81
CA ASP H 211 -2.35 -14.39 -40.00
C ASP H 211 -1.64 -13.12 -39.53
N PRO H 212 -2.35 -12.17 -38.87
CA PRO H 212 -1.75 -10.91 -38.45
C PRO H 212 -0.57 -11.08 -37.47
N ASP H 213 -0.58 -12.15 -36.67
CA ASP H 213 0.46 -12.41 -35.62
C ASP H 213 1.80 -12.76 -36.26
N LEU H 214 1.83 -13.11 -37.55
CA LEU H 214 3.07 -13.47 -38.29
C LEU H 214 3.70 -12.25 -38.94
N LEU H 215 3.03 -11.10 -38.91
CA LEU H 215 3.53 -9.82 -39.49
C LEU H 215 3.80 -8.80 -38.38
N TRP H 216 2.81 -8.62 -37.51
CA TRP H 216 2.71 -7.52 -36.53
C TRP H 216 3.19 -7.99 -35.16
N HIS H 217 4.06 -7.24 -34.51
CA HIS H 217 4.44 -7.40 -33.08
C HIS H 217 3.27 -6.89 -32.22
N ARG H 218 2.78 -7.69 -31.27
CA ARG H 218 1.70 -7.26 -30.34
C ARG H 218 2.22 -7.14 -28.91
N ASP H 219 2.20 -8.23 -28.14
CA ASP H 219 2.29 -8.19 -26.65
C ASP H 219 3.74 -8.25 -26.19
N GLY H 220 4.59 -8.99 -26.92
CA GLY H 220 5.93 -9.42 -26.44
C GLY H 220 6.84 -8.26 -26.10
N GLU H 221 8.02 -8.59 -25.56
CA GLU H 221 9.17 -7.67 -25.31
C GLU H 221 9.93 -7.59 -26.62
N PRO H 222 10.43 -6.40 -27.09
CA PRO H 222 10.26 -5.13 -26.37
C PRO H 222 8.95 -4.41 -26.70
N GLY H 223 8.37 -3.72 -25.70
CA GLY H 223 7.03 -3.11 -25.73
C GLY H 223 6.90 -2.03 -26.78
N TRP H 224 8.00 -1.34 -27.14
CA TRP H 224 7.97 -0.20 -28.09
C TRP H 224 7.62 -0.65 -29.51
N LEU H 225 7.74 -1.95 -29.82
CA LEU H 225 7.47 -2.49 -31.17
C LEU H 225 5.99 -2.87 -31.37
N THR H 226 5.11 -2.64 -30.38
CA THR H 226 3.65 -2.87 -30.54
C THR H 226 3.13 -2.16 -31.80
N GLY H 227 2.46 -2.89 -32.69
CA GLY H 227 1.95 -2.40 -33.98
C GLY H 227 3.03 -2.36 -35.05
N GLY H 228 4.24 -2.76 -34.70
CA GLY H 228 5.44 -2.68 -35.54
C GLY H 228 5.78 -4.03 -36.13
N THR H 229 6.96 -4.13 -36.73
CA THR H 229 7.37 -5.30 -37.53
C THR H 229 8.87 -5.21 -37.76
N SER H 230 9.41 -6.14 -38.54
CA SER H 230 10.82 -6.17 -38.99
C SER H 230 10.78 -6.08 -40.52
N MET H 231 11.83 -5.51 -41.10
CA MET H 231 11.96 -5.25 -42.54
C MET H 231 13.29 -5.81 -43.01
N VAL H 232 13.28 -6.62 -44.06
CA VAL H 232 14.48 -7.12 -44.77
C VAL H 232 14.49 -6.48 -46.16
N VAL H 233 15.63 -5.94 -46.57
CA VAL H 233 15.90 -5.46 -47.96
C VAL H 233 17.08 -6.25 -48.51
N ARG H 234 16.82 -7.16 -49.45
CA ARG H 234 17.85 -7.81 -50.29
C ARG H 234 17.76 -7.22 -51.71
N ARG H 235 18.84 -6.61 -52.17
CA ARG H 235 19.05 -6.27 -53.59
C ARG H 235 19.54 -7.53 -54.29
N ILE H 236 18.71 -8.13 -55.14
CA ILE H 236 19.04 -9.45 -55.76
C ILE H 236 19.13 -9.25 -57.26
N ALA H 237 20.35 -9.36 -57.80
CA ALA H 237 20.68 -9.18 -59.23
C ALA H 237 20.20 -10.41 -60.01
N MET H 238 19.66 -10.17 -61.22
CA MET H 238 19.24 -11.23 -62.18
C MET H 238 20.29 -11.29 -63.29
N ASN H 239 20.88 -12.46 -63.51
CA ASN H 239 21.77 -12.68 -64.67
C ASN H 239 20.87 -12.97 -65.88
N LEU H 240 20.31 -11.93 -66.50
CA LEU H 240 19.39 -12.10 -67.65
C LEU H 240 20.15 -12.69 -68.85
N ASP H 241 21.45 -12.44 -68.98
CA ASP H 241 22.26 -12.97 -70.11
C ASP H 241 22.30 -14.49 -70.07
N THR H 242 22.55 -15.11 -68.91
CA THR H 242 22.55 -16.60 -68.74
C THR H 242 21.11 -17.14 -68.68
N TRP H 243 20.17 -16.39 -68.09
CA TRP H 243 18.73 -16.75 -68.06
C TRP H 243 18.20 -16.95 -69.50
N ASP H 244 18.72 -16.16 -70.45
CA ASP H 244 18.33 -16.21 -71.88
C ASP H 244 18.75 -17.53 -72.53
N GLU H 245 19.69 -18.27 -71.93
CA GLU H 245 20.19 -19.58 -72.45
C GLU H 245 19.19 -20.71 -72.13
N LEU H 246 18.17 -20.45 -71.28
CA LEU H 246 17.20 -21.50 -70.84
C LEU H 246 15.98 -21.49 -71.75
N SER H 247 15.53 -22.68 -72.17
CA SER H 247 14.18 -22.89 -72.72
C SER H 247 13.13 -22.40 -71.71
N ARG H 248 11.94 -22.13 -72.20
CA ARG H 248 10.72 -21.87 -71.39
C ARG H 248 10.53 -22.96 -70.32
N GLY H 249 10.67 -24.24 -70.71
CA GLY H 249 10.45 -25.40 -69.83
C GLY H 249 11.41 -25.42 -68.66
N ALA H 250 12.68 -25.09 -68.91
CA ALA H 250 13.76 -25.03 -67.91
C ALA H 250 13.51 -23.86 -66.96
N ARG H 251 12.97 -22.74 -67.46
CA ARG H 251 12.67 -21.55 -66.62
C ARG H 251 11.49 -21.86 -65.69
N GLU H 252 10.49 -22.57 -66.20
CA GLU H 252 9.28 -22.95 -65.45
C GLU H 252 9.68 -23.99 -64.39
N ALA H 253 10.53 -24.95 -64.75
CA ALA H 253 11.02 -25.99 -63.82
C ALA H 253 11.77 -25.32 -62.67
N THR H 254 12.53 -24.25 -62.96
CA THR H 254 13.38 -23.51 -61.99
C THR H 254 12.53 -22.97 -60.84
N ILE H 255 11.35 -22.45 -61.14
CA ILE H 255 10.41 -21.81 -60.18
C ILE H 255 9.42 -22.85 -59.64
N GLY H 256 8.89 -23.71 -60.52
CA GLY H 256 7.77 -24.63 -60.26
C GLY H 256 6.43 -24.09 -60.70
N ARG H 257 6.41 -22.98 -61.45
CA ARG H 257 5.16 -22.37 -61.99
C ARG H 257 5.38 -21.91 -63.44
N THR H 258 4.31 -21.82 -64.23
CA THR H 258 4.36 -21.49 -65.68
C THR H 258 4.50 -19.97 -65.83
N LEU H 259 5.05 -19.52 -66.96
CA LEU H 259 5.28 -18.08 -67.20
C LEU H 259 4.01 -17.42 -67.72
N ARG H 260 3.22 -18.14 -68.51
CA ARG H 260 2.02 -17.54 -69.15
C ARG H 260 0.99 -17.24 -68.06
N THR H 261 0.45 -18.28 -67.42
CA THR H 261 -0.67 -18.15 -66.44
C THR H 261 -0.16 -17.86 -65.03
N GLY H 262 1.04 -18.34 -64.69
CA GLY H 262 1.59 -18.27 -63.31
C GLY H 262 1.10 -19.41 -62.45
N ALA H 263 0.54 -20.46 -63.07
CA ALA H 263 0.00 -21.66 -62.43
C ALA H 263 1.14 -22.57 -62.03
N PRO H 264 0.97 -23.41 -60.99
CA PRO H 264 1.96 -24.43 -60.69
C PRO H 264 2.01 -25.42 -61.87
N LEU H 265 3.14 -26.10 -62.04
CA LEU H 265 3.30 -27.13 -63.11
C LEU H 265 2.18 -28.17 -63.02
N THR H 266 1.58 -28.34 -61.82
CA THR H 266 0.58 -29.40 -61.51
C THR H 266 -0.84 -28.88 -61.67
N GLY H 267 -1.05 -27.58 -61.89
CA GLY H 267 -2.38 -26.96 -61.92
C GLY H 267 -2.68 -26.30 -63.26
N ARG H 268 -3.77 -25.50 -63.32
CA ARG H 268 -4.28 -24.82 -64.55
C ARG H 268 -4.32 -23.30 -64.36
N ALA H 269 -4.55 -22.79 -63.14
CA ALA H 269 -4.72 -21.35 -62.83
C ALA H 269 -3.68 -20.87 -61.80
N GLU H 270 -3.46 -19.55 -61.76
CA GLU H 270 -2.45 -18.89 -60.89
C GLU H 270 -2.60 -19.37 -59.44
N HIS H 271 -3.83 -19.44 -58.93
CA HIS H 271 -4.15 -19.52 -57.49
C HIS H 271 -4.39 -20.96 -57.05
N ASP H 272 -4.33 -21.91 -57.97
CA ASP H 272 -4.30 -23.37 -57.64
C ASP H 272 -3.17 -23.61 -56.62
N GLU H 273 -3.41 -24.52 -55.67
CA GLU H 273 -2.39 -25.02 -54.71
C GLU H 273 -1.40 -25.90 -55.47
N PRO H 274 -0.08 -25.62 -55.38
CA PRO H 274 0.92 -26.53 -55.92
C PRO H 274 0.79 -27.91 -55.28
N ASP H 275 0.84 -28.97 -56.10
CA ASP H 275 0.80 -30.37 -55.61
C ASP H 275 2.24 -30.91 -55.59
N LEU H 276 2.89 -30.83 -54.43
CA LEU H 276 4.32 -31.20 -54.25
C LEU H 276 4.48 -32.73 -54.13
N GLU H 277 3.37 -33.46 -54.08
CA GLU H 277 3.36 -34.95 -54.00
C GLU H 277 3.19 -35.56 -55.40
N ALA H 278 2.89 -34.74 -56.41
CA ALA H 278 2.56 -35.19 -57.80
C ALA H 278 3.82 -35.73 -58.48
N LEU H 279 3.72 -36.92 -59.06
CA LEU H 279 4.83 -37.60 -59.80
C LEU H 279 4.43 -37.68 -61.27
N ASP H 280 5.44 -37.74 -62.16
CA ASP H 280 5.27 -37.97 -63.62
C ASP H 280 5.21 -39.50 -63.83
N ASP H 281 5.04 -39.94 -65.08
CA ASP H 281 4.88 -41.39 -65.43
C ASP H 281 6.12 -42.18 -64.97
N HIS H 282 7.27 -41.54 -64.81
CA HIS H 282 8.56 -42.18 -64.44
C HIS H 282 8.81 -42.10 -62.92
N GLY H 283 7.86 -41.56 -62.14
CA GLY H 283 7.94 -41.49 -60.68
C GLY H 283 8.85 -40.37 -60.18
N ARG H 284 9.19 -39.42 -61.05
CA ARG H 284 9.95 -38.18 -60.70
C ARG H 284 8.95 -37.10 -60.27
N PRO H 285 9.28 -36.25 -59.27
CA PRO H 285 8.40 -35.14 -58.89
C PRO H 285 8.11 -34.18 -60.05
N VAL H 286 6.85 -33.80 -60.26
CA VAL H 286 6.45 -32.86 -61.36
C VAL H 286 7.09 -31.50 -61.07
N ILE H 287 6.98 -31.02 -59.82
CA ILE H 287 7.71 -29.84 -59.33
C ILE H 287 9.04 -30.34 -58.79
N ASP H 288 10.15 -29.80 -59.29
CA ASP H 288 11.51 -30.28 -58.99
C ASP H 288 11.75 -30.23 -57.48
N LEU H 289 12.59 -31.13 -56.97
CA LEU H 289 13.00 -31.18 -55.53
C LEU H 289 13.67 -29.86 -55.13
N GLU H 290 14.26 -29.14 -56.10
CA GLU H 290 15.07 -27.91 -55.88
C GLU H 290 14.40 -26.70 -56.55
N ALA H 291 13.14 -26.83 -56.94
CA ALA H 291 12.30 -25.74 -57.51
C ALA H 291 12.09 -24.68 -56.43
N HIS H 292 12.11 -23.40 -56.83
CA HIS H 292 12.08 -22.24 -55.91
C HIS H 292 10.91 -22.39 -54.92
N ILE H 293 9.72 -22.70 -55.39
CA ILE H 293 8.50 -22.61 -54.55
C ILE H 293 8.41 -23.84 -53.65
N ARG H 294 9.12 -24.92 -53.98
CA ARG H 294 9.22 -26.10 -53.09
C ARG H 294 10.15 -25.72 -51.93
N ARG H 295 11.31 -25.16 -52.23
CA ARG H 295 12.37 -24.88 -51.24
C ARG H 295 11.97 -23.67 -50.37
N ALA H 296 11.13 -22.77 -50.88
CA ALA H 296 10.76 -21.50 -50.23
C ALA H 296 9.49 -21.67 -49.39
N ARG H 297 8.72 -22.72 -49.65
CA ARG H 297 7.45 -23.04 -48.95
C ARG H 297 7.69 -23.03 -47.43
N PRO H 298 6.71 -22.56 -46.61
CA PRO H 298 6.78 -22.75 -45.15
C PRO H 298 6.91 -24.22 -44.75
N THR H 299 7.87 -24.50 -43.87
CA THR H 299 8.11 -25.81 -43.21
C THR H 299 7.39 -25.81 -41.85
N GLN H 300 7.24 -24.64 -41.23
CA GLN H 300 6.44 -24.44 -39.99
C GLN H 300 5.56 -23.21 -40.23
N ARG H 301 4.44 -23.09 -39.52
CA ARG H 301 3.48 -21.96 -39.68
C ARG H 301 4.24 -20.64 -39.82
N GLU H 302 5.27 -20.41 -39.00
CA GLU H 302 5.90 -19.07 -38.82
C GLU H 302 6.92 -18.80 -39.95
N GLU H 303 7.29 -19.79 -40.75
CA GLU H 303 8.30 -19.64 -41.84
C GLU H 303 7.67 -19.03 -43.10
N THR H 304 7.09 -17.84 -42.95
CA THR H 304 6.38 -17.06 -43.98
C THR H 304 6.59 -15.58 -43.67
N PHE H 305 6.35 -14.70 -44.64
CA PHE H 305 6.58 -13.24 -44.51
C PHE H 305 5.86 -12.53 -45.66
N LEU H 306 5.51 -11.26 -45.44
CA LEU H 306 4.89 -10.39 -46.48
C LEU H 306 5.97 -9.91 -47.44
N ARG H 307 6.07 -10.55 -48.60
CA ARG H 307 6.94 -10.06 -49.70
C ARG H 307 6.26 -8.84 -50.29
N ARG H 308 7.04 -7.78 -50.54
CA ARG H 308 6.55 -6.51 -51.11
C ARG H 308 7.63 -6.00 -52.06
N ALA H 309 7.97 -6.83 -53.07
CA ALA H 309 9.12 -6.62 -53.96
C ALA H 309 8.80 -5.66 -55.12
N TYR H 310 9.85 -5.06 -55.66
CA TYR H 310 9.82 -4.09 -56.78
C TYR H 310 10.92 -4.46 -57.77
N ASN H 311 10.75 -4.16 -59.05
CA ASN H 311 11.78 -4.36 -60.09
C ASN H 311 12.80 -3.23 -59.99
N TYR H 312 14.08 -3.53 -60.20
CA TYR H 312 15.11 -2.49 -60.45
C TYR H 312 15.75 -2.78 -61.80
N ASP H 313 16.09 -1.69 -62.49
CA ASP H 313 16.65 -1.69 -63.86
C ASP H 313 17.54 -0.46 -63.96
N GLU H 314 18.85 -0.63 -63.85
CA GLU H 314 19.82 0.51 -63.81
C GLU H 314 20.48 0.68 -65.18
N ALA H 315 21.02 1.85 -65.47
CA ALA H 315 21.98 2.05 -66.58
C ALA H 315 23.02 0.96 -66.42
N PRO H 316 23.25 0.10 -67.43
CA PRO H 316 24.18 -1.02 -67.29
C PRO H 316 25.65 -0.62 -67.19
N PRO H 317 26.50 -1.46 -66.54
CA PRO H 317 27.93 -1.17 -66.43
C PRO H 317 28.60 -1.36 -67.79
N PRO H 318 29.84 -0.88 -67.97
CA PRO H 318 30.47 -0.82 -69.30
C PRO H 318 30.24 -1.99 -70.26
N GLY H 319 30.43 -3.26 -69.86
CA GLY H 319 30.50 -4.37 -70.83
C GLY H 319 29.15 -4.99 -71.17
N ARG H 320 28.07 -4.58 -70.51
CA ARG H 320 26.85 -5.42 -70.34
C ARG H 320 25.62 -4.72 -70.95
N ALA H 321 24.62 -5.53 -71.31
CA ALA H 321 23.34 -5.09 -71.91
C ALA H 321 22.42 -4.48 -70.84
N SER H 322 22.36 -5.12 -69.66
CA SER H 322 21.37 -4.83 -68.60
C SER H 322 22.01 -4.87 -67.21
N ASP H 323 21.47 -4.10 -66.26
CA ASP H 323 21.68 -4.26 -64.81
C ASP H 323 20.28 -4.28 -64.18
N SER H 324 19.66 -5.46 -64.18
CA SER H 324 18.27 -5.67 -63.75
C SER H 324 18.24 -6.61 -62.54
N GLY H 325 17.21 -6.49 -61.71
CA GLY H 325 17.03 -7.41 -60.57
C GLY H 325 15.78 -7.12 -59.78
N LEU H 326 15.73 -7.65 -58.56
CA LEU H 326 14.57 -7.54 -57.64
C LEU H 326 15.00 -6.76 -56.40
N LEU H 327 14.28 -5.69 -56.07
CA LEU H 327 14.32 -5.05 -54.73
C LEU H 327 13.44 -5.91 -53.84
N PHE H 328 14.04 -6.91 -53.22
CA PHE H 328 13.31 -7.91 -52.40
C PHE H 328 13.14 -7.33 -50.99
N VAL H 329 11.98 -6.75 -50.74
CA VAL H 329 11.59 -6.17 -49.41
C VAL H 329 10.61 -7.15 -48.77
N THR H 330 10.90 -7.62 -47.55
CA THR H 330 9.97 -8.51 -46.77
C THR H 330 9.70 -7.89 -45.39
N TYR H 331 8.49 -8.11 -44.87
CA TYR H 331 8.06 -7.72 -43.52
C TYR H 331 7.55 -8.95 -42.76
N GLN H 332 7.95 -9.07 -41.50
CA GLN H 332 7.63 -10.23 -40.62
C GLN H 332 7.81 -9.82 -39.15
N ARG H 333 7.14 -10.49 -38.21
CA ARG H 333 7.26 -10.17 -36.76
C ARG H 333 8.74 -10.33 -36.33
N ASP H 334 9.39 -11.41 -36.74
CA ASP H 334 10.73 -11.82 -36.24
C ASP H 334 11.56 -12.37 -37.41
N VAL H 335 12.65 -11.67 -37.77
CA VAL H 335 13.52 -12.03 -38.95
C VAL H 335 14.10 -13.43 -38.74
N ASP H 336 14.67 -13.68 -37.56
CA ASP H 336 15.40 -14.93 -37.20
C ASP H 336 14.48 -16.15 -37.25
N ALA H 337 13.23 -16.00 -36.79
CA ALA H 337 12.26 -17.12 -36.67
C ALA H 337 11.57 -17.39 -38.01
N GLN H 338 11.44 -16.37 -38.87
CA GLN H 338 10.48 -16.37 -40.01
C GLN H 338 11.24 -16.33 -41.35
N PHE H 339 12.08 -15.31 -41.56
CA PHE H 339 12.78 -15.10 -42.86
C PHE H 339 14.01 -16.01 -42.95
N THR H 340 14.93 -15.87 -42.00
CA THR H 340 16.30 -16.46 -42.05
C THR H 340 16.27 -17.96 -42.28
N PRO H 341 15.35 -18.74 -41.64
CA PRO H 341 15.27 -20.17 -41.91
C PRO H 341 14.90 -20.48 -43.38
N VAL H 342 14.11 -19.63 -44.01
CA VAL H 342 13.73 -19.78 -45.44
C VAL H 342 14.96 -19.43 -46.31
N GLN H 343 15.57 -18.27 -46.06
CA GLN H 343 16.80 -17.85 -46.76
C GLN H 343 17.87 -18.94 -46.61
N ARG H 344 17.98 -19.56 -45.44
CA ARG H 344 18.99 -20.63 -45.16
C ARG H 344 18.67 -21.87 -46.01
N ARG H 345 17.39 -22.19 -46.18
CA ARG H 345 16.95 -23.38 -46.98
C ARG H 345 17.25 -23.11 -48.48
N LEU H 346 17.05 -21.90 -48.97
CA LEU H 346 17.34 -21.52 -50.38
C LEU H 346 18.86 -21.51 -50.59
N ASP H 347 19.64 -21.06 -49.62
CA ASP H 347 21.13 -21.10 -49.72
C ASP H 347 21.56 -22.54 -49.94
N ALA H 348 20.97 -23.49 -49.20
CA ALA H 348 21.35 -24.92 -49.21
C ALA H 348 21.05 -25.54 -50.60
N ALA H 349 19.90 -25.21 -51.19
CA ALA H 349 19.52 -25.67 -52.55
C ALA H 349 18.34 -24.86 -53.08
N ASP H 350 18.52 -24.29 -54.29
CA ASP H 350 17.46 -23.63 -55.09
C ASP H 350 17.98 -23.49 -56.52
N LEU H 351 17.27 -24.03 -57.51
CA LEU H 351 17.69 -23.95 -58.94
C LEU H 351 17.89 -22.48 -59.36
N LEU H 352 17.06 -21.59 -58.83
CA LEU H 352 17.03 -20.13 -59.13
C LEU H 352 18.38 -19.47 -58.79
N ASN H 353 19.12 -20.00 -57.81
CA ASN H 353 20.43 -19.45 -57.37
C ASN H 353 21.43 -19.43 -58.53
N GLU H 354 21.20 -20.19 -59.61
CA GLU H 354 22.14 -20.25 -60.77
C GLU H 354 22.01 -18.96 -61.62
N TRP H 355 20.92 -18.21 -61.49
CA TRP H 355 20.61 -17.03 -62.35
C TRP H 355 20.26 -15.79 -61.51
N THR H 356 20.40 -15.85 -60.20
CA THR H 356 20.20 -14.71 -59.25
C THR H 356 21.37 -14.70 -58.27
N PHE H 357 21.67 -13.55 -57.66
CA PHE H 357 22.67 -13.47 -56.57
C PHE H 357 22.43 -12.20 -55.74
N PRO H 358 22.47 -12.29 -54.40
CA PRO H 358 22.28 -11.13 -53.55
C PRO H 358 23.51 -10.22 -53.58
N VAL H 359 23.29 -8.93 -53.82
CA VAL H 359 24.39 -7.91 -53.86
C VAL H 359 24.19 -6.87 -52.74
N GLY H 360 23.08 -6.95 -51.98
CA GLY H 360 22.79 -6.04 -50.86
C GLY H 360 21.89 -6.69 -49.83
N SER H 361 22.14 -6.43 -48.55
CA SER H 361 21.36 -6.96 -47.40
C SER H 361 21.25 -5.91 -46.31
N ALA H 362 20.02 -5.65 -45.81
CA ALA H 362 19.76 -4.74 -44.68
C ALA H 362 18.59 -5.24 -43.85
N VAL H 363 18.71 -5.17 -42.51
CA VAL H 363 17.63 -5.52 -41.55
C VAL H 363 17.28 -4.28 -40.75
N PHE H 364 15.98 -4.03 -40.56
CA PHE H 364 15.45 -2.86 -39.81
C PHE H 364 14.29 -3.30 -38.92
N ALA H 365 14.17 -2.64 -37.78
CA ALA H 365 13.01 -2.73 -36.85
C ALA H 365 12.07 -1.59 -37.22
N VAL H 366 10.79 -1.90 -37.42
CA VAL H 366 9.78 -0.94 -37.92
C VAL H 366 8.84 -0.61 -36.75
N PRO H 367 8.87 0.64 -36.24
CA PRO H 367 7.93 1.04 -35.20
C PRO H 367 6.48 0.83 -35.66
N GLY H 368 5.59 0.79 -34.67
CA GLY H 368 4.14 0.78 -34.88
C GLY H 368 3.70 2.11 -35.44
N GLY H 369 2.42 2.25 -35.72
CA GLY H 369 1.82 3.50 -36.21
C GLY H 369 1.69 4.52 -35.09
N TRP H 370 1.04 5.64 -35.42
CA TRP H 370 0.84 6.80 -34.51
C TRP H 370 -0.42 7.55 -34.95
N SER H 371 -0.94 8.40 -34.05
CA SER H 371 -2.16 9.22 -34.23
C SER H 371 -1.79 10.69 -34.20
N ALA H 372 -2.70 11.54 -34.66
CA ALA H 372 -2.53 13.02 -34.69
C ALA H 372 -1.94 13.45 -33.34
N GLY H 373 -0.77 14.09 -33.32
CA GLY H 373 -0.14 14.62 -32.10
C GLY H 373 1.00 13.74 -31.59
N GLU H 374 1.13 12.52 -32.11
CA GLU H 374 2.27 11.61 -31.79
C GLU H 374 3.33 11.74 -32.88
N TYR H 375 4.44 11.00 -32.77
CA TYR H 375 5.50 10.94 -33.81
C TYR H 375 6.02 9.51 -33.95
N VAL H 376 6.50 9.16 -35.14
CA VAL H 376 6.93 7.78 -35.48
C VAL H 376 8.12 7.43 -34.60
N GLY H 377 8.05 6.29 -33.90
CA GLY H 377 9.18 5.76 -33.09
C GLY H 377 9.14 6.30 -31.69
N GLN H 378 8.09 7.04 -31.35
CA GLN H 378 7.93 7.72 -30.04
C GLN H 378 8.09 6.73 -28.89
N ARG H 379 7.45 5.56 -28.94
CA ARG H 379 7.46 4.57 -27.84
C ARG H 379 8.89 4.08 -27.59
N LEU H 380 9.75 4.08 -28.62
CA LEU H 380 11.20 3.74 -28.41
C LEU H 380 11.90 4.88 -27.66
N LEU H 381 11.78 6.12 -28.14
CA LEU H 381 12.65 7.25 -27.71
C LEU H 381 12.20 7.83 -26.36
N GLU H 382 11.06 7.37 -25.83
CA GLU H 382 10.52 7.72 -24.48
C GLU H 382 11.52 7.26 -23.41
N GLY H 383 12.18 6.09 -23.60
CA GLY H 383 12.84 5.40 -22.48
C GLY H 383 14.08 4.65 -22.94
CHA HEM I . -13.53 54.64 -24.95
CHB HEM I . -10.97 53.75 -20.98
CHC HEM I . -6.90 54.72 -23.40
CHD HEM I . -9.44 55.20 -27.48
C1A HEM I . -13.18 54.34 -23.67
C2A HEM I . -14.11 54.16 -22.59
C3A HEM I . -13.38 53.93 -21.47
C4A HEM I . -12.01 53.93 -21.86
CMA HEM I . -13.89 53.68 -20.07
CAA HEM I . -15.62 54.27 -22.67
CBA HEM I . -16.31 52.95 -23.00
CGA HEM I . -16.08 52.62 -24.44
O1A HEM I . -15.08 51.87 -24.70
O2A HEM I . -16.83 53.08 -25.33
C1B HEM I . -9.64 53.95 -21.33
C2B HEM I . -8.59 53.82 -20.38
C3B HEM I . -7.42 54.10 -21.05
C4B HEM I . -7.83 54.40 -22.43
CMB HEM I . -8.75 53.42 -18.91
CAB HEM I . -6.02 54.03 -20.61
CBB HEM I . -5.62 53.47 -19.47
C1C HEM I . -7.22 54.92 -24.73
C2C HEM I . -6.28 55.21 -25.72
C3C HEM I . -6.96 55.36 -26.90
C4C HEM I . -8.37 55.14 -26.61
CMC HEM I . -4.80 55.36 -25.60
CAC HEM I . -6.14 55.67 -28.10
CBC HEM I . -6.59 55.84 -29.31
C1D HEM I . -10.79 55.08 -27.09
C2D HEM I . -11.90 55.18 -28.05
C3D HEM I . -13.04 55.05 -27.35
C4D HEM I . -12.60 54.85 -25.96
CMD HEM I . -11.86 55.43 -29.55
CAD HEM I . -14.47 55.08 -27.91
CBD HEM I . -15.01 56.52 -27.91
CGD HEM I . -16.41 56.69 -28.49
O1D HEM I . -16.58 56.74 -29.73
O2D HEM I . -17.43 56.84 -27.75
NA HEM I . -11.91 54.21 -23.19
NB HEM I . -9.15 54.30 -22.52
NC HEM I . -8.48 54.89 -25.26
ND HEM I . -11.28 54.89 -25.85
FE HEM I . -10.29 54.66 -24.25
CHA HEM J . 4.47 14.28 -4.38
CHB HEM J . 6.10 17.34 -7.77
CHC HEM J . 8.48 19.84 -4.41
CHD HEM J . 6.62 17.01 -0.98
C1A HEM J . 4.75 14.89 -5.60
C2A HEM J . 4.34 14.40 -6.86
C3A HEM J . 4.80 15.25 -7.79
C4A HEM J . 5.48 16.28 -7.13
CMA HEM J . 4.63 15.17 -9.28
CAA HEM J . 3.57 13.12 -7.12
CBA HEM J . 2.06 13.33 -7.17
CGA HEM J . 1.57 13.70 -5.80
O1A HEM J . 1.33 14.91 -5.59
O2A HEM J . 1.40 12.80 -4.91
C1B HEM J . 6.89 18.28 -7.11
C2B HEM J . 7.59 19.29 -7.83
C3B HEM J . 8.27 20.02 -6.89
C4B HEM J . 7.95 19.37 -5.60
CMB HEM J . 7.54 19.53 -9.32
CAB HEM J . 9.12 21.23 -7.02
CBB HEM J . 9.25 21.95 -8.13
C1C HEM J . 8.19 19.30 -3.17
C2C HEM J . 8.78 19.74 -1.98
C3C HEM J . 8.29 18.96 -0.97
C4C HEM J . 7.36 18.00 -1.58
CMC HEM J . 9.78 20.86 -1.78
CAC HEM J . 8.75 19.27 0.40
CBC HEM J . 8.29 18.68 1.46
C1D HEM J . 5.87 16.03 -1.68
C2D HEM J . 5.19 14.92 -0.99
C3D HEM J . 4.60 14.16 -1.92
C4D HEM J . 4.93 14.81 -3.19
CMD HEM J . 5.12 14.63 0.50
CAD HEM J . 3.75 12.91 -1.68
CBD HEM J . 4.63 11.64 -1.75
CGD HEM J . 3.81 10.38 -1.59
O1D HEM J . 3.38 10.04 -0.47
O2D HEM J . 3.57 9.63 -2.57
NA HEM J . 5.45 16.05 -5.79
NB HEM J . 7.14 18.35 -5.80
NC HEM J . 7.35 18.25 -2.94
ND HEM J . 5.69 15.90 -3.00
FE HEM J . 6.37 17.05 -4.34
CHA HEM K . 1.92 -14.42 5.30
CHB HEM K . 2.55 -17.58 8.86
CHC HEM K . 5.49 -20.20 6.03
CHD HEM K . 4.56 -17.20 2.34
C1A HEM K . 1.87 -15.05 6.51
C2A HEM K . 1.22 -14.51 7.64
C3A HEM K . 1.41 -15.38 8.65
C4A HEM K . 2.14 -16.48 8.15
CMA HEM K . 0.92 -15.23 10.07
CAA HEM K . 0.53 -13.15 7.74
CBA HEM K . -0.97 -13.18 7.49
CGA HEM K . -1.16 -13.45 6.04
O1A HEM K . -1.40 -14.64 5.71
O2A HEM K . -1.05 -12.51 5.19
C1B HEM K . 3.41 -18.57 8.38
C2B HEM K . 3.84 -19.67 9.17
C3B HEM K . 4.70 -20.41 8.40
C4B HEM K . 4.74 -19.72 7.10
CMB HEM K . 3.40 -19.93 10.60
CAB HEM K . 5.35 -21.72 8.65
CBB HEM K . 4.95 -22.57 9.61
C1C HEM K . 5.50 -19.62 4.78
C2C HEM K . 6.28 -20.09 3.73
C3C HEM K . 6.05 -19.27 2.65
C4C HEM K . 5.09 -18.26 3.07
CMC HEM K . 7.23 -21.27 3.72
CAC HEM K . 6.79 -19.60 1.41
CBC HEM K . 6.68 -18.96 0.28
C1D HEM K . 3.74 -16.19 2.89
C2D HEM K . 3.21 -15.04 2.11
C3D HEM K . 2.48 -14.28 2.94
C4D HEM K . 2.58 -14.95 4.22
CMD HEM K . 3.40 -14.69 0.66
CAD HEM K . 1.72 -12.99 2.62
CBD HEM K . 2.58 -11.79 3.00
CGD HEM K . 2.21 -10.49 2.31
O1D HEM K . 2.40 -10.34 1.10
O2D HEM K . 1.80 -9.51 2.97
NA HEM K . 2.43 -16.26 6.82
NB HEM K . 3.98 -18.64 7.17
NC HEM K . 4.79 -18.52 4.39
ND HEM K . 3.33 -16.07 4.16
FE HEM K . 3.67 -17.25 5.61
CHA HEM L . -23.25 -53.30 20.63
CHB HEM L . -19.84 -52.68 17.26
CHC HEM L . -16.43 -53.70 20.48
CHD HEM L . -19.79 -54.23 23.91
C1A HEM L . -22.60 -53.06 19.43
C2A HEM L . -23.26 -52.79 18.20
C3A HEM L . -22.29 -52.62 17.27
C4A HEM L . -21.05 -52.77 17.91
CMA HEM L . -22.45 -52.32 15.81
CAA HEM L . -24.76 -52.71 17.95
CBA HEM L . -25.31 -51.31 18.18
CGA HEM L . -25.38 -50.99 19.65
O1A HEM L . -24.41 -50.38 20.16
O2A HEM L . -26.37 -51.31 20.37
C1B HEM L . -18.62 -52.92 17.87
C2B HEM L . -17.39 -52.81 17.16
C3B HEM L . -16.40 -53.11 18.07
C4B HEM L . -17.11 -53.37 19.33
CMB HEM L . -17.22 -52.43 15.71
CAB HEM L . -14.93 -53.09 17.93
CBB HEM L . -14.28 -52.53 16.90
C1C HEM L . -17.04 -53.95 21.69
C2C HEM L . -16.35 -54.36 22.81
C3C HEM L . -17.25 -54.52 23.83
C4C HEM L . -18.56 -54.19 23.28
CMC HEM L . -14.86 -54.60 22.95
CAC HEM L . -16.70 -54.96 25.13
CBC HEM L . -17.43 -55.20 26.20
C1D HEM L . -21.02 -54.01 23.27
C2D HEM L . -22.32 -54.04 23.98
C3D HEM L . -23.28 -53.79 23.07
C4D HEM L . -22.57 -53.61 21.81
CMD HEM L . -22.61 -54.31 25.43
CAD HEM L . -24.79 -53.73 23.36
CBD HEM L . -25.45 -55.12 23.26
CGD HEM L . -26.94 -55.13 23.60
O1D HEM L . -27.31 -55.33 24.79
O2D HEM L . -27.82 -54.97 22.71
NA HEM L . -21.25 -53.04 19.23
NB HEM L . -18.41 -53.27 19.15
NC HEM L . -18.36 -53.85 21.96
ND HEM L . -21.24 -53.75 21.97
FE HEM L . -19.93 -53.56 20.61
CHA HEM M . -3.93 17.17 55.19
CHB HEM M . -2.01 14.85 58.92
CHC HEM M . 1.92 13.82 56.28
CHD HEM M . -0.18 15.78 52.40
C1A HEM M . -3.74 16.66 56.45
C2A HEM M . -4.62 16.85 57.54
C3A HEM M . -4.07 16.19 58.59
C4A HEM M . -2.86 15.60 58.13
CMA HEM M . -4.63 16.11 60.00
CAA HEM M . -5.91 17.68 57.56
CBA HEM M . -7.21 16.99 57.09
CGA HEM M . -7.11 16.40 55.70
O1A HEM M . -6.42 15.37 55.56
O2A HEM M . -7.72 16.86 54.69
C1B HEM M . -0.77 14.38 58.49
C2B HEM M . 0.12 13.67 59.36
C3B HEM M . 1.25 13.37 58.64
C4B HEM M . 1.00 13.95 57.30
CMB HEM M . -0.13 13.30 60.81
CAB HEM M . 2.47 12.60 58.98
CBB HEM M . 2.55 11.78 60.03
C1C HEM M . 1.69 14.25 55.00
C2C HEM M . 2.63 14.15 53.98
C3C HEM M . 2.09 14.69 52.85
C4C HEM M . 0.75 15.14 53.19
CMC HEM M . 4.01 13.56 54.06
CAC HEM M . 2.97 14.70 51.64
CBC HEM M . 2.72 15.39 50.55
C1D HEM M . -1.38 16.33 52.89
C2D HEM M . -2.34 17.06 52.03
C3D HEM M . -3.38 17.45 52.80
C4D HEM M . -3.05 16.96 54.13
CMD HEM M . -2.23 17.33 50.55
CAD HEM M . -4.62 18.25 52.34
CBD HEM M . -4.22 19.69 51.94
CGD HEM M . -5.37 20.64 51.67
O1D HEM M . -5.59 21.07 50.51
O2D HEM M . -6.07 21.04 52.61
NA HEM M . -2.66 15.91 56.82
NB HEM M . -0.21 14.53 57.28
NC HEM M . 0.57 14.86 54.53
ND HEM M . -1.86 16.31 54.13
FE HEM M . -1.09 15.50 55.63
CHA HEM N . -7.49 -28.42 71.93
CHB HEM N . -4.61 -26.28 68.69
CHC HEM N . -1.34 -25.43 72.12
CHD HEM N . -4.25 -27.44 75.40
C1A HEM N . -6.97 -27.93 70.75
C2A HEM N . -7.59 -28.07 69.48
C3A HEM N . -6.77 -27.46 68.57
C4A HEM N . -5.65 -26.96 69.28
CMA HEM N . -6.96 -27.33 67.09
CAA HEM N . -8.90 -28.78 69.17
CBA HEM N . -10.14 -27.88 69.31
CGA HEM N . -10.41 -27.60 70.76
O1A HEM N . -10.05 -26.49 71.22
O2A HEM N . -10.99 -28.45 71.50
C1B HEM N . -3.48 -25.88 69.37
C2B HEM N . -2.41 -25.18 68.72
C3B HEM N . -1.47 -24.93 69.68
C4B HEM N . -2.03 -25.51 70.93
CMB HEM N . -2.32 -24.79 67.26
CAB HEM N . -0.19 -24.21 69.60
CBB HEM N . 0.21 -23.46 68.58
C1C HEM N . -1.84 -25.90 73.31
C2C HEM N . -1.10 -25.94 74.49
C3C HEM N . -1.90 -26.51 75.45
C4C HEM N . -3.16 -26.83 74.82
CMC HEM N . 0.32 -25.46 74.71
CAC HEM N . -1.38 -26.71 76.82
CBC HEM N . -2.03 -27.37 77.76
C1D HEM N . -5.37 -27.86 74.68
C2D HEM N . -6.51 -28.51 75.34
C3D HEM N . -7.42 -28.79 74.39
C4D HEM N . -6.82 -28.30 73.15
CMD HEM N . -6.68 -28.83 76.82
CAD HEM N . -8.78 -29.47 74.60
CBD HEM N . -8.79 -30.93 74.10
CGD HEM N . -9.80 -31.80 74.83
O1D HEM N . -9.62 -32.08 76.03
O2D HEM N . -10.79 -32.30 74.25
NA HEM N . -5.78 -27.26 70.62
NB HEM N . -3.22 -26.06 70.67
NC HEM N . -3.06 -26.45 73.51
ND HEM N . -5.61 -27.76 73.37
FE HEM N . -4.47 -27.01 72.09
CHA HEM O . 11.86 28.33 -71.51
CHB HEM O . 13.63 25.97 -67.72
CHC HEM O . 17.63 24.89 -70.19
CHD HEM O . 15.72 26.93 -74.08
C1A HEM O . 12.02 27.81 -70.25
C2A HEM O . 11.14 28.04 -69.17
C3A HEM O . 11.65 27.39 -68.10
C4A HEM O . 12.83 26.73 -68.53
CMA HEM O . 11.07 27.33 -66.70
CAA HEM O . 9.89 28.90 -69.19
CBA HEM O . 8.64 28.07 -69.51
CGA HEM O . 8.62 27.61 -70.96
O1A HEM O . 9.09 26.48 -71.24
O2A HEM O . 8.17 28.36 -71.87
C1B HEM O . 14.88 25.48 -68.09
C2B HEM O . 15.71 24.73 -67.19
C3B HEM O . 16.86 24.42 -67.87
C4B HEM O . 16.67 25.00 -69.22
CMB HEM O . 15.39 24.36 -65.76
CAB HEM O . 18.05 23.61 -67.49
CBB HEM O . 18.09 22.79 -66.44
C1C HEM O . 17.47 25.34 -71.46
C2C HEM O . 18.42 25.17 -72.47
C3C HEM O . 17.90 25.75 -73.61
C4C HEM O . 16.60 26.27 -73.26
CMC HEM O . 19.77 24.52 -72.36
CAC HEM O . 18.70 25.77 -74.85
CBC HEM O . 18.38 26.49 -75.91
C1D HEM O . 14.51 27.47 -73.66
C2D HEM O . 13.63 28.21 -74.57
C3D HEM O . 12.57 28.62 -73.87
C4D HEM O . 12.79 28.12 -72.50
CMD HEM O . 13.87 28.48 -76.03
CAD HEM O . 11.39 29.43 -74.39
CBD HEM O . 11.70 30.95 -74.34
CGD HEM O . 10.55 31.76 -74.91
O1D HEM O . 10.54 32.14 -76.09
O2D HEM O . 9.57 32.06 -74.21
NA HEM O . 13.05 27.00 -69.85
NB HEM O . 15.48 25.62 -69.28
NC HEM O . 16.39 26.00 -71.94
ND HEM O . 13.95 27.46 -72.43
FE HEM O . 14.68 26.63 -70.94
CHA HEM P . 7.71 -17.45 -54.77
CHB HEM P . 10.69 -15.17 -57.85
CHC HEM P . 13.89 -14.41 -54.33
CHD HEM P . 10.82 -16.42 -51.18
C1A HEM P . 8.27 -16.91 -55.91
C2A HEM P . 7.69 -16.96 -57.19
C3A HEM P . 8.54 -16.32 -58.04
C4A HEM P . 9.64 -15.87 -57.31
CMA HEM P . 8.40 -16.08 -59.52
CAA HEM P . 6.36 -17.65 -57.52
CBA HEM P . 5.08 -16.81 -57.32
CGA HEM P . 4.87 -16.38 -55.90
O1A HEM P . 5.49 -15.37 -55.48
O2A HEM P . 4.09 -17.00 -55.11
C1B HEM P . 11.81 -14.77 -57.13
C2B HEM P . 12.91 -14.07 -57.74
C3B HEM P . 13.84 -13.84 -56.75
C4B HEM P . 13.24 -14.45 -55.53
CMB HEM P . 13.01 -13.67 -59.20
CAB HEM P . 15.15 -13.15 -56.78
CBB HEM P . 15.65 -12.47 -57.81
C1C HEM P . 13.33 -14.89 -53.16
C2C HEM P . 14.00 -14.90 -51.95
C3C HEM P . 13.15 -15.46 -51.02
C4C HEM P . 11.94 -15.82 -51.71
CMC HEM P . 15.39 -14.38 -51.66
CAC HEM P . 13.64 -15.63 -49.64
CBC HEM P . 13.08 -16.39 -48.74
C1D HEM P . 9.72 -16.85 -51.93
C2D HEM P . 8.57 -17.53 -51.31
C3D HEM P . 7.70 -17.84 -52.30
C4D HEM P . 8.33 -17.31 -53.53
CMD HEM P . 8.34 -17.86 -49.84
CAD HEM P . 6.35 -18.53 -52.11
CBD HEM P . 6.49 -20.07 -52.13
CGD HEM P . 5.20 -20.77 -51.72
O1D HEM P . 4.95 -21.14 -50.54
O2D HEM P . 4.35 -21.04 -52.57
NA HEM P . 9.48 -16.24 -56.01
NB HEM P . 12.04 -14.98 -55.83
NC HEM P . 12.10 -15.44 -53.02
ND HEM P . 9.53 -16.74 -53.26
FE HEM P . 10.74 -15.95 -54.50
C1 PGE Q . 15.75 -30.11 -64.00
O1 PGE Q . 16.85 -30.72 -64.66
C2 PGE Q . 16.09 -28.73 -63.53
O2 PGE Q . 15.79 -27.79 -64.56
C3 PGE Q . 16.18 -26.45 -64.24
C4 PGE Q . 16.52 -25.72 -65.50
O4 PGE Q . 20.20 -27.08 -66.75
C6 PGE Q . 19.45 -26.27 -67.64
C5 PGE Q . 18.01 -26.24 -67.29
O3 PGE Q . 17.85 -26.01 -65.89
#